data_6MVF
#
_entry.id   6MVF
#
_cell.length_a   129.556
_cell.length_b   106.815
_cell.length_c   183.823
_cell.angle_alpha   90.00
_cell.angle_beta   90.29
_cell.angle_gamma   90.00
#
_symmetry.space_group_name_H-M   'P 1 21 1'
#
loop_
_entity.id
_entity.type
_entity.pdbx_description
1 polymer Beta-galactosidase/beta-glucuronidase
2 non-polymer 'FLAVIN MONONUCLEOTIDE'
3 water water
#
_entity_poly.entity_id   1
_entity_poly.type   'polypeptide(L)'
_entity_poly.pdbx_seq_one_letter_code
;HHHHHHSSGVDLGTENLYFQSNAMREIISLNEGWTLRFPKGERAAETVTLPHTWNAVDGMDGNGSYLRTTGVYSRTFKKP
VQPLTGGRVYVEVLAAALDATVKVNGTVATTHEGGFSIFRADITDLCRDGDNELTIEVSNEDTPSMYPASADFTFYGGLY
RGVNLISVPNAHFDLDYYGGPGIMVTPKPTADGGATFEIKSFVTNPDDSFTVMYSIEDPYGCEVASAVRPSDNTAISIYV
PDAELWSMDEPNLYTVVARLQRNNEAFDEIYANVGVRSYTVTPDGGFSINGEATPLRGVSRHQDKLYKGNALTVEDHYQD
AQIIKELGANTIRLAHYQHSQDFYDACDELGFAVWAEIPFISVFKSGKDAHTHVMEEMKELIIQNYNHPSILFWGISNEI
LIGGISQELVDTHHDLQKLCKELDPTRLTTIAHVSHTPTSGPMHRITDVESYNHYFGWYGGKIEQNGPWLDKFHAENPDI
CLGISEYGCEGIINWHSNTPQCKDYSEEYQALYHEYMAQAFEDRPWIWASHVWNMFDFGCAARSEGGVKGRNNKGLVTID
RKTRKDSFYVYQAYWAKDPMVHIAGRRHAQRAGETTEVKVYSNQDTVTLYCNGKEVGTQTAHRVFKFDVALDEGFNVLMA
VADTVKDSITLEKVETEPACYTLPEFNERQEGVANWFKQMGSMDLTAPMEFPEGYYSIKDSLEELAKNEEAFAVTAKAVK
LATNFDIKPGEGMWGMMKKMTPEVMAGMISIMPDGFIESLNAKLIKIKK
;
_entity_poly.pdbx_strand_id   A,B,C,D,E,F
#
loop_
_chem_comp.id
_chem_comp.type
_chem_comp.name
_chem_comp.formula
FMN non-polymer 'FLAVIN MONONUCLEOTIDE' 'C17 H21 N4 O9 P'
#
# COMPACT_ATOMS: atom_id res chain seq x y z
N ASN A 22 29.94 3.49 -29.68
CA ASN A 22 28.89 3.09 -30.65
C ASN A 22 29.39 2.18 -31.80
N ALA A 23 29.49 0.88 -31.56
CA ALA A 23 30.11 -0.06 -32.53
C ALA A 23 31.51 0.47 -32.81
N MET A 24 31.97 0.45 -34.06
CA MET A 24 33.28 0.99 -34.38
C MET A 24 33.28 2.50 -34.53
N ARG A 25 32.13 3.17 -34.44
CA ARG A 25 32.10 4.63 -34.43
C ARG A 25 32.59 5.17 -33.08
N GLU A 26 33.58 6.06 -33.15
CA GLU A 26 34.18 6.70 -32.00
C GLU A 26 34.01 8.21 -32.12
N ILE A 27 33.46 8.84 -31.09
CA ILE A 27 33.32 10.29 -31.06
C ILE A 27 34.19 10.81 -29.94
N ILE A 28 35.17 11.65 -30.28
CA ILE A 28 36.09 12.23 -29.32
C ILE A 28 35.78 13.72 -29.18
N SER A 29 35.55 14.17 -27.96
CA SER A 29 35.37 15.59 -27.75
C SER A 29 36.71 16.32 -27.89
N LEU A 30 36.71 17.41 -28.66
CA LEU A 30 37.89 18.23 -28.78
C LEU A 30 37.61 19.62 -28.24
N ASN A 31 37.07 19.71 -27.02
CA ASN A 31 36.72 21.02 -26.51
C ASN A 31 37.87 21.69 -25.76
N GLU A 32 38.89 20.94 -25.38
CA GLU A 32 39.98 21.46 -24.56
C GLU A 32 41.19 21.86 -25.40
N GLY A 33 42.01 22.72 -24.83
CA GLY A 33 43.35 22.95 -25.35
C GLY A 33 43.48 23.89 -26.53
N TRP A 34 42.68 24.95 -26.58
CA TRP A 34 42.65 25.84 -27.72
C TRP A 34 43.37 27.13 -27.38
N THR A 35 44.02 27.70 -28.39
CA THR A 35 44.48 29.08 -28.34
C THR A 35 43.66 29.90 -29.31
N LEU A 36 43.13 31.02 -28.84
CA LEU A 36 42.40 31.97 -29.65
C LEU A 36 43.30 33.16 -29.94
N ARG A 37 43.61 33.38 -31.22
CA ARG A 37 44.33 34.58 -31.66
C ARG A 37 43.39 35.46 -32.47
N PHE A 38 43.76 36.74 -32.55
CA PHE A 38 43.01 37.73 -33.33
C PHE A 38 43.97 38.37 -34.33
N PRO A 39 43.90 37.99 -35.61
CA PRO A 39 44.89 38.49 -36.59
C PRO A 39 44.96 40.00 -36.71
N LYS A 40 43.84 40.71 -36.54
CA LYS A 40 43.85 42.18 -36.57
C LYS A 40 44.21 42.79 -35.22
N GLY A 41 44.71 41.99 -34.28
CA GLY A 41 45.36 42.47 -33.07
C GLY A 41 44.48 43.08 -32.00
N GLU A 42 43.17 42.85 -32.01
CA GLU A 42 42.32 43.50 -31.03
C GLU A 42 42.45 42.90 -29.63
N ARG A 43 43.04 41.72 -29.51
CA ARG A 43 43.18 41.06 -28.22
C ARG A 43 44.43 40.21 -28.25
N ALA A 44 45.16 40.20 -27.15
CA ALA A 44 46.31 39.31 -27.04
C ALA A 44 45.83 37.86 -27.11
N ALA A 45 46.69 36.98 -27.62
CA ALA A 45 46.36 35.56 -27.67
C ALA A 45 45.99 35.06 -26.28
N GLU A 46 45.13 34.05 -26.25
CA GLU A 46 44.61 33.49 -25.01
C GLU A 46 44.28 32.02 -25.21
N THR A 47 44.46 31.23 -24.17
CA THR A 47 44.02 29.84 -24.21
C THR A 47 42.62 29.74 -23.64
N VAL A 48 41.79 28.95 -24.30
CA VAL A 48 40.35 28.89 -24.05
C VAL A 48 39.92 27.44 -24.09
N THR A 49 38.81 27.16 -23.41
CA THR A 49 38.13 25.88 -23.53
C THR A 49 36.76 26.11 -24.17
N LEU A 50 36.38 25.22 -25.10
CA LEU A 50 35.04 25.28 -25.72
C LEU A 50 34.00 24.64 -24.81
N PRO A 51 32.74 25.14 -24.85
CA PRO A 51 32.13 26.22 -25.64
C PRO A 51 32.69 27.59 -25.38
N HIS A 52 32.83 28.39 -26.43
CA HIS A 52 33.47 29.69 -26.27
C HIS A 52 32.92 30.73 -27.22
N THR A 53 32.79 31.94 -26.72
CA THR A 53 32.60 33.10 -27.57
C THR A 53 33.46 34.23 -27.03
N TRP A 54 34.04 35.01 -27.93
CA TRP A 54 34.77 36.18 -27.48
C TRP A 54 33.84 37.35 -27.11
N ASN A 55 32.53 37.21 -27.33
CA ASN A 55 31.56 38.26 -27.00
C ASN A 55 30.81 37.97 -25.69
N ALA A 56 31.32 37.05 -24.87
CA ALA A 56 30.58 36.63 -23.68
C ALA A 56 30.32 37.76 -22.72
N VAL A 57 31.20 38.75 -22.67
CA VAL A 57 31.01 39.92 -21.81
C VAL A 57 30.61 41.15 -22.63
N ASP A 58 31.38 41.50 -23.66
CA ASP A 58 31.07 42.78 -24.31
C ASP A 58 29.76 42.72 -25.10
N GLY A 59 29.28 41.51 -25.44
CA GLY A 59 28.01 41.31 -26.09
C GLY A 59 26.80 41.59 -25.20
N MET A 60 27.02 41.90 -23.91
CA MET A 60 25.90 42.19 -23.02
C MET A 60 26.24 43.10 -21.84
N ASP A 61 27.40 43.76 -21.81
CA ASP A 61 27.71 44.62 -20.66
C ASP A 61 27.31 46.06 -20.89
N GLY A 62 26.82 46.41 -22.08
CA GLY A 62 26.40 47.77 -22.33
C GLY A 62 27.54 48.76 -22.52
N ASN A 63 28.71 48.31 -22.99
CA ASN A 63 29.78 49.25 -23.28
C ASN A 63 29.46 50.11 -24.49
N GLY A 64 28.66 49.59 -25.42
CA GLY A 64 28.20 50.39 -26.55
C GLY A 64 28.26 49.65 -27.88
N SER A 65 29.15 48.66 -27.94
CA SER A 65 29.38 47.87 -29.14
C SER A 65 29.71 46.45 -28.68
N TYR A 66 30.16 45.61 -29.62
CA TYR A 66 30.82 44.33 -29.30
C TYR A 66 31.74 43.97 -30.45
N LEU A 67 32.85 43.29 -30.11
CA LEU A 67 33.89 43.04 -31.10
C LEU A 67 33.38 42.09 -32.17
N ARG A 68 33.20 42.61 -33.39
CA ARG A 68 32.93 41.78 -34.56
C ARG A 68 34.19 41.74 -35.40
N THR A 69 34.66 40.54 -35.75
CA THR A 69 35.97 40.35 -36.37
C THR A 69 36.26 38.88 -36.65
N THR A 70 37.49 38.57 -36.99
CA THR A 70 37.91 37.20 -37.18
C THR A 70 38.78 36.74 -36.02
N GLY A 71 38.36 35.67 -35.35
CA GLY A 71 39.16 34.98 -34.36
C GLY A 71 39.56 33.61 -34.90
N VAL A 72 40.83 33.26 -34.71
CA VAL A 72 41.38 31.98 -35.13
C VAL A 72 41.58 31.13 -33.89
N TYR A 73 40.91 29.98 -33.87
CA TYR A 73 41.11 28.96 -32.85
C TYR A 73 42.05 27.91 -33.41
N SER A 74 42.92 27.37 -32.57
CA SER A 74 43.77 26.27 -33.01
C SER A 74 44.14 25.40 -31.83
N ARG A 75 44.31 24.11 -32.10
CA ARG A 75 44.73 23.13 -31.10
C ARG A 75 45.36 21.95 -31.83
N THR A 76 45.93 21.03 -31.04
CA THR A 76 46.55 19.82 -31.54
C THR A 76 45.68 18.60 -31.22
N PHE A 77 45.74 17.59 -32.08
CA PHE A 77 44.99 16.35 -31.83
C PHE A 77 45.75 15.17 -32.39
N LYS A 78 45.52 14.00 -31.79
CA LYS A 78 46.10 12.76 -32.29
C LYS A 78 45.14 12.13 -33.29
N LYS A 79 45.70 11.55 -34.34
CA LYS A 79 44.89 10.93 -35.36
C LYS A 79 44.24 9.69 -34.76
N PRO A 80 42.91 9.57 -34.76
CA PRO A 80 42.29 8.33 -34.29
C PRO A 80 42.59 7.16 -35.21
N VAL A 81 42.62 5.97 -34.62
CA VAL A 81 43.04 4.74 -35.26
C VAL A 81 41.90 3.73 -35.22
N GLN A 82 41.62 3.10 -36.38
CA GLN A 82 40.63 2.06 -36.41
C GLN A 82 41.30 0.69 -36.48
N PRO A 83 40.73 -0.33 -35.82
CA PRO A 83 41.33 -1.68 -35.88
C PRO A 83 41.48 -2.22 -37.28
N LEU A 84 40.53 -1.91 -38.17
CA LEU A 84 40.49 -2.39 -39.53
C LEU A 84 40.95 -1.27 -40.48
N THR A 85 41.55 -1.71 -41.58
CA THR A 85 42.03 -0.78 -42.59
C THR A 85 40.86 -0.03 -43.24
N GLY A 86 41.15 1.19 -43.70
CA GLY A 86 40.16 1.98 -44.38
C GLY A 86 39.48 3.02 -43.53
N GLY A 87 39.95 3.23 -42.29
CA GLY A 87 39.31 4.15 -41.39
C GLY A 87 39.25 5.56 -41.93
N ARG A 88 38.30 6.31 -41.40
CA ARG A 88 38.06 7.68 -41.83
C ARG A 88 37.96 8.58 -40.61
N VAL A 89 38.34 9.84 -40.80
CA VAL A 89 38.38 10.83 -39.73
C VAL A 89 37.57 12.03 -40.17
N TYR A 90 36.69 12.50 -39.29
CA TYR A 90 35.83 13.65 -39.56
C TYR A 90 35.98 14.63 -38.41
N VAL A 91 36.01 15.93 -38.74
CA VAL A 91 35.85 16.97 -37.71
C VAL A 91 34.43 17.46 -37.78
N GLU A 92 33.80 17.62 -36.61
CA GLU A 92 32.42 18.05 -36.49
C GLU A 92 32.39 19.31 -35.64
N VAL A 93 32.01 20.43 -36.26
CA VAL A 93 31.78 21.71 -35.57
C VAL A 93 30.29 21.83 -35.30
N LEU A 94 29.92 22.04 -34.03
CA LEU A 94 28.49 22.03 -33.72
C LEU A 94 27.83 23.38 -33.98
N ALA A 95 28.64 24.44 -34.12
CA ALA A 95 28.23 25.77 -34.58
C ALA A 95 29.45 26.70 -34.61
N ALA A 96 29.53 27.54 -35.63
CA ALA A 96 30.61 28.52 -35.73
C ALA A 96 29.99 29.84 -36.16
N ALA A 97 29.91 30.78 -35.24
CA ALA A 97 29.18 32.03 -35.46
C ALA A 97 30.16 33.09 -35.93
N LEU A 98 30.01 33.60 -37.16
CA LEU A 98 28.92 33.31 -38.11
C LEU A 98 29.36 32.55 -39.37
N ASP A 99 30.68 32.56 -39.60
CA ASP A 99 31.31 32.14 -40.85
C ASP A 99 32.61 31.48 -40.48
N ALA A 100 32.94 30.35 -41.11
CA ALA A 100 34.05 29.54 -40.63
C ALA A 100 34.86 28.93 -41.76
N THR A 101 36.15 28.70 -41.48
CA THR A 101 37.05 27.93 -42.33
C THR A 101 37.83 26.96 -41.46
N VAL A 102 37.86 25.69 -41.84
CA VAL A 102 38.57 24.66 -41.08
C VAL A 102 39.82 24.25 -41.86
N LYS A 103 40.96 24.27 -41.20
CA LYS A 103 42.22 23.80 -41.77
C LYS A 103 42.81 22.70 -40.90
N VAL A 104 43.27 21.63 -41.54
CA VAL A 104 44.04 20.59 -40.87
C VAL A 104 45.44 20.60 -41.45
N ASN A 105 46.44 20.76 -40.57
CA ASN A 105 47.84 20.79 -40.98
C ASN A 105 48.07 21.73 -42.17
N GLY A 106 47.43 22.89 -42.14
CA GLY A 106 47.65 23.91 -43.15
C GLY A 106 46.64 23.95 -44.26
N THR A 107 46.05 22.82 -44.65
CA THR A 107 45.17 22.73 -45.80
C THR A 107 43.70 22.94 -45.43
N VAL A 108 42.98 23.71 -46.24
CA VAL A 108 41.55 23.93 -46.00
C VAL A 108 40.81 22.59 -46.11
N ALA A 109 40.06 22.26 -45.07
CA ALA A 109 39.19 21.07 -45.09
C ALA A 109 37.76 21.41 -45.48
N THR A 110 37.26 22.58 -45.10
CA THR A 110 35.91 23.02 -45.45
C THR A 110 35.72 24.45 -45.01
N THR A 111 34.69 25.10 -45.56
CA THR A 111 34.20 26.40 -45.11
C THR A 111 32.69 26.33 -44.92
N HIS A 112 32.18 27.22 -44.07
CA HIS A 112 30.77 27.15 -43.72
C HIS A 112 30.24 28.52 -43.37
N GLU A 113 28.99 28.75 -43.72
CA GLU A 113 28.33 30.01 -43.44
C GLU A 113 27.01 29.73 -42.74
N GLY A 114 26.64 30.60 -41.81
CA GLY A 114 25.52 30.32 -40.93
C GLY A 114 26.02 29.81 -39.59
N GLY A 115 25.66 30.52 -38.52
CA GLY A 115 26.33 30.29 -37.26
C GLY A 115 25.55 29.50 -36.23
N PHE A 116 24.60 28.68 -36.69
CA PHE A 116 23.73 27.99 -35.74
C PHE A 116 23.46 26.55 -36.16
N SER A 117 24.28 25.98 -37.05
CA SER A 117 24.06 24.61 -37.48
C SER A 117 25.38 23.84 -37.53
N ILE A 118 25.24 22.51 -37.37
CA ILE A 118 26.38 21.60 -37.39
C ILE A 118 26.91 21.52 -38.80
N PHE A 119 28.23 21.48 -38.94
CA PHE A 119 28.82 21.13 -40.22
C PHE A 119 30.02 20.24 -39.97
N ARG A 120 30.30 19.35 -40.93
CA ARG A 120 31.36 18.35 -40.80
C ARG A 120 32.28 18.39 -42.02
N ALA A 121 33.43 17.74 -41.86
CA ALA A 121 34.45 17.68 -42.91
C ALA A 121 35.25 16.38 -42.78
N ASP A 122 35.38 15.66 -43.90
CA ASP A 122 36.21 14.45 -43.97
C ASP A 122 37.68 14.88 -44.05
N ILE A 123 38.39 14.80 -42.94
CA ILE A 123 39.78 15.22 -42.90
C ILE A 123 40.73 14.03 -42.93
N THR A 124 40.26 12.87 -43.41
CA THR A 124 41.05 11.64 -43.41
C THR A 124 42.42 11.86 -44.04
N ASP A 125 42.41 12.33 -45.29
CA ASP A 125 43.61 12.50 -46.11
C ASP A 125 44.48 13.69 -45.69
N LEU A 126 43.99 14.58 -44.83
CA LEU A 126 44.82 15.63 -44.26
C LEU A 126 45.48 15.21 -42.95
N CYS A 127 45.32 13.96 -42.54
CA CYS A 127 45.79 13.48 -41.25
C CYS A 127 47.07 12.68 -41.39
N ARG A 128 48.00 12.92 -40.46
CA ARG A 128 49.18 12.09 -40.29
C ARG A 128 49.11 11.43 -38.91
N ASP A 129 49.88 10.37 -38.74
CA ASP A 129 49.95 9.75 -37.43
C ASP A 129 50.55 10.71 -36.42
N GLY A 130 50.23 10.46 -35.15
CA GLY A 130 50.67 11.34 -34.09
C GLY A 130 49.93 12.67 -34.13
N ASP A 131 50.64 13.71 -33.68
CA ASP A 131 50.02 15.02 -33.55
C ASP A 131 49.64 15.58 -34.91
N ASN A 132 48.48 16.24 -34.96
CA ASN A 132 48.05 17.05 -36.09
C ASN A 132 47.67 18.42 -35.57
N GLU A 133 47.54 19.41 -36.46
CA GLU A 133 47.07 20.74 -36.06
C GLU A 133 45.72 21.03 -36.70
N LEU A 134 44.79 21.50 -35.88
CA LEU A 134 43.44 21.87 -36.30
C LEU A 134 43.27 23.38 -36.14
N THR A 135 42.87 24.04 -37.23
CA THR A 135 42.73 25.50 -37.29
C THR A 135 41.33 25.85 -37.78
N ILE A 136 40.59 26.63 -36.99
CA ILE A 136 39.25 27.08 -37.36
C ILE A 136 39.21 28.61 -37.32
N GLU A 137 39.17 29.23 -38.50
CA GLU A 137 38.94 30.67 -38.59
C GLU A 137 37.45 30.93 -38.51
N VAL A 138 37.06 31.82 -37.60
CA VAL A 138 35.66 32.16 -37.36
C VAL A 138 35.49 33.67 -37.45
N SER A 139 34.48 34.12 -38.17
CA SER A 139 34.20 35.54 -38.31
C SER A 139 32.73 35.80 -38.00
N ASN A 140 32.46 36.76 -37.11
CA ASN A 140 31.09 37.23 -36.89
C ASN A 140 30.85 38.60 -37.52
N GLU A 141 31.61 38.94 -38.56
CA GLU A 141 31.40 40.16 -39.33
C GLU A 141 30.28 39.96 -40.35
N ASP A 142 29.60 41.06 -40.69
CA ASP A 142 28.60 41.06 -41.75
C ASP A 142 29.21 40.70 -43.11
N THR A 143 28.41 40.14 -44.00
CA THR A 143 28.82 39.84 -45.36
C THR A 143 27.64 40.07 -46.29
N PRO A 144 27.88 40.23 -47.59
CA PRO A 144 26.75 40.43 -48.51
C PRO A 144 25.70 39.33 -48.49
N SER A 145 26.06 38.09 -48.12
CA SER A 145 25.13 36.98 -48.10
C SER A 145 24.68 36.56 -46.70
N MET A 146 25.11 37.27 -45.65
CA MET A 146 24.94 36.77 -44.29
C MET A 146 23.57 37.10 -43.70
N TYR A 147 22.97 36.11 -43.04
CA TYR A 147 21.93 36.32 -42.04
C TYR A 147 22.35 35.62 -40.75
N PRO A 148 22.03 36.20 -39.58
CA PRO A 148 21.35 37.48 -39.34
C PRO A 148 22.24 38.70 -39.62
N ALA A 149 21.63 39.84 -39.92
CA ALA A 149 22.40 41.04 -40.15
C ALA A 149 21.82 42.23 -39.40
N SER A 150 20.49 42.27 -39.29
CA SER A 150 19.80 43.34 -38.59
C SER A 150 18.82 42.71 -37.60
N ALA A 151 19.12 42.78 -36.32
CA ALA A 151 18.26 42.15 -35.32
C ALA A 151 18.54 42.72 -33.94
N ASP A 152 17.57 42.54 -33.06
CA ASP A 152 17.66 43.00 -31.67
C ASP A 152 18.22 41.88 -30.79
N PHE A 153 19.47 41.50 -31.07
CA PHE A 153 20.19 40.56 -30.24
C PHE A 153 21.60 40.44 -30.76
N THR A 154 22.52 40.16 -29.84
CA THR A 154 23.95 40.10 -30.13
C THR A 154 24.32 38.86 -30.96
N PHE A 155 25.19 39.06 -31.93
CA PHE A 155 25.75 37.98 -32.76
C PHE A 155 27.06 37.53 -32.14
N TYR A 156 26.95 36.78 -31.06
CA TYR A 156 28.13 36.28 -30.36
C TYR A 156 29.00 35.48 -31.31
N GLY A 157 30.28 35.85 -31.42
CA GLY A 157 31.18 35.17 -32.33
C GLY A 157 31.86 33.98 -31.67
N GLY A 158 32.22 33.00 -32.49
CA GLY A 158 33.08 31.94 -32.01
C GLY A 158 32.49 30.55 -32.05
N LEU A 159 33.16 29.63 -31.34
CA LEU A 159 32.80 28.21 -31.31
C LEU A 159 32.01 27.94 -30.03
N TYR A 160 30.75 28.36 -30.02
CA TYR A 160 30.04 28.47 -28.76
C TYR A 160 29.31 27.18 -28.37
N ARG A 161 29.51 26.09 -29.13
CA ARG A 161 28.92 24.78 -28.83
C ARG A 161 29.93 23.65 -28.74
N GLY A 162 31.20 23.89 -29.10
CA GLY A 162 32.23 22.87 -29.07
C GLY A 162 32.40 22.19 -30.41
N VAL A 163 33.35 21.25 -30.43
CA VAL A 163 33.86 20.61 -31.64
C VAL A 163 34.15 19.15 -31.34
N ASN A 164 33.91 18.27 -32.32
CA ASN A 164 34.06 16.83 -32.14
C ASN A 164 34.91 16.23 -33.25
N LEU A 165 35.61 15.17 -32.89
CA LEU A 165 36.33 14.31 -33.82
C LEU A 165 35.57 12.99 -33.92
N ILE A 166 35.33 12.52 -35.15
CA ILE A 166 34.58 11.29 -35.38
C ILE A 166 35.47 10.31 -36.16
N SER A 167 35.64 9.12 -35.62
CA SER A 167 36.38 8.03 -36.25
C SER A 167 35.39 6.93 -36.62
N VAL A 168 35.38 6.53 -37.89
CA VAL A 168 34.45 5.51 -38.38
C VAL A 168 35.16 4.60 -39.36
N PRO A 169 34.60 3.41 -39.62
CA PRO A 169 35.15 2.55 -40.69
C PRO A 169 34.82 3.12 -42.05
N ASN A 170 35.32 2.47 -43.11
CA ASN A 170 35.10 2.96 -44.46
C ASN A 170 33.62 2.94 -44.83
N ALA A 171 32.92 1.87 -44.49
CA ALA A 171 31.47 1.82 -44.62
C ALA A 171 30.86 2.29 -43.30
N HIS A 172 30.01 3.31 -43.36
CA HIS A 172 29.49 4.00 -42.19
C HIS A 172 28.29 4.83 -42.62
N PHE A 173 27.41 5.10 -41.66
CA PHE A 173 26.28 5.98 -41.91
C PHE A 173 26.72 7.41 -42.25
N ASP A 174 25.97 8.04 -43.16
CA ASP A 174 26.38 9.28 -43.81
C ASP A 174 26.63 10.40 -42.81
N LEU A 175 27.82 10.98 -42.89
CA LEU A 175 28.25 12.10 -42.06
C LEU A 175 28.36 13.39 -42.87
N ASP A 176 28.12 13.32 -44.18
CA ASP A 176 28.49 14.37 -45.13
C ASP A 176 27.32 15.17 -45.63
N TYR A 177 26.10 14.89 -45.21
CA TYR A 177 24.92 15.52 -45.77
C TYR A 177 24.33 16.54 -44.78
N TYR A 178 24.76 17.80 -44.94
CA TYR A 178 24.19 18.93 -44.21
C TYR A 178 24.21 18.71 -42.71
N GLY A 179 25.26 18.05 -42.21
CA GLY A 179 25.43 17.83 -40.78
C GLY A 179 24.30 17.05 -40.16
N GLY A 180 23.63 16.19 -40.92
CA GLY A 180 22.51 15.42 -40.45
C GLY A 180 22.96 14.19 -39.69
N PRO A 181 21.98 13.52 -39.08
CA PRO A 181 22.31 12.36 -38.25
C PRO A 181 22.54 11.06 -39.02
N GLY A 182 22.16 11.01 -40.30
CA GLY A 182 22.24 9.79 -41.07
C GLY A 182 20.99 8.94 -41.05
N ILE A 183 19.94 9.39 -40.36
CA ILE A 183 18.71 8.62 -40.27
C ILE A 183 17.55 9.59 -40.13
N MET A 184 16.45 9.32 -40.84
CA MET A 184 15.21 10.06 -40.69
C MET A 184 14.09 9.11 -40.31
N VAL A 185 13.22 9.57 -39.41
CA VAL A 185 12.20 8.73 -38.80
C VAL A 185 10.89 9.51 -38.82
N THR A 186 9.88 8.95 -39.48
CA THR A 186 8.56 9.55 -39.48
C THR A 186 7.60 8.65 -38.72
N PRO A 187 7.30 8.94 -37.45
CA PRO A 187 6.33 8.13 -36.71
C PRO A 187 4.92 8.63 -36.92
N LYS A 188 3.98 7.69 -37.11
CA LYS A 188 2.57 8.10 -37.22
C LYS A 188 1.67 7.12 -36.47
N PRO A 189 0.68 7.65 -35.74
CA PRO A 189 -0.30 6.77 -35.09
C PRO A 189 -1.17 6.08 -36.12
N THR A 190 -1.65 4.90 -35.76
CA THR A 190 -2.50 4.10 -36.63
C THR A 190 -3.87 3.95 -35.97
N ALA A 191 -4.88 3.71 -36.80
CA ALA A 191 -6.24 3.59 -36.26
C ALA A 191 -6.31 2.52 -35.17
N ASP A 192 -5.66 1.37 -35.37
CA ASP A 192 -5.80 0.27 -34.41
C ASP A 192 -5.08 0.51 -33.08
N GLY A 193 -4.45 1.66 -32.86
CA GLY A 193 -3.79 1.96 -31.61
C GLY A 193 -2.28 1.78 -31.62
N GLY A 194 -1.70 1.50 -32.77
CA GLY A 194 -0.28 1.34 -32.89
C GLY A 194 0.34 2.54 -33.58
N ALA A 195 1.55 2.32 -34.10
CA ALA A 195 2.29 3.38 -34.76
C ALA A 195 3.18 2.77 -35.83
N THR A 196 3.25 3.45 -36.97
CA THR A 196 4.22 3.15 -38.01
C THR A 196 5.40 4.10 -37.83
N PHE A 197 6.60 3.57 -38.05
CA PHE A 197 7.82 4.35 -38.09
C PHE A 197 8.36 4.11 -39.48
N GLU A 198 8.13 5.06 -40.39
CA GLU A 198 8.82 5.04 -41.65
C GLU A 198 10.22 5.55 -41.40
N ILE A 199 11.20 4.73 -41.73
CA ILE A 199 12.61 5.00 -41.44
C ILE A 199 13.39 4.96 -42.74
N LYS A 200 14.31 5.90 -42.90
CA LYS A 200 15.34 5.79 -43.92
C LYS A 200 16.68 6.18 -43.32
N SER A 201 17.69 5.36 -43.54
CA SER A 201 19.07 5.70 -43.18
C SER A 201 19.90 5.77 -44.45
N PHE A 202 21.12 6.30 -44.32
CA PHE A 202 21.94 6.61 -45.48
C PHE A 202 23.35 6.12 -45.22
N VAL A 203 23.83 5.23 -46.07
CA VAL A 203 25.11 4.56 -45.87
C VAL A 203 26.10 5.06 -46.92
N THR A 204 27.24 5.56 -46.44
CA THR A 204 28.39 5.86 -47.28
C THR A 204 29.15 4.57 -47.55
N ASN A 205 29.45 4.31 -48.80
CA ASN A 205 30.06 3.08 -49.28
C ASN A 205 29.29 1.82 -48.90
N PRO A 206 28.00 1.73 -49.22
CA PRO A 206 27.29 0.46 -49.03
C PRO A 206 27.87 -0.61 -49.94
N ASP A 207 27.39 -1.82 -49.75
CA ASP A 207 27.93 -3.00 -50.42
C ASP A 207 27.05 -4.21 -50.03
N ASP A 208 26.98 -5.25 -50.87
CA ASP A 208 26.07 -6.36 -50.61
C ASP A 208 26.37 -7.10 -49.32
N SER A 209 27.58 -7.00 -48.77
CA SER A 209 27.90 -7.66 -47.51
C SER A 209 27.42 -6.89 -46.29
N PHE A 210 26.92 -5.66 -46.46
CA PHE A 210 26.42 -4.87 -45.36
C PHE A 210 24.89 -4.84 -45.34
N THR A 211 24.31 -5.03 -44.15
CA THR A 211 22.88 -4.81 -43.93
C THR A 211 22.68 -3.69 -42.91
N VAL A 212 21.46 -3.19 -42.82
CA VAL A 212 21.05 -2.27 -41.78
C VAL A 212 19.98 -2.96 -40.92
N MET A 213 20.30 -3.19 -39.66
CA MET A 213 19.37 -3.84 -38.72
C MET A 213 18.76 -2.75 -37.84
N TYR A 214 17.46 -2.57 -37.99
CA TYR A 214 16.71 -1.55 -37.26
C TYR A 214 16.05 -2.17 -36.04
N SER A 215 16.15 -1.48 -34.92
CA SER A 215 15.55 -1.92 -33.68
C SER A 215 14.86 -0.74 -33.02
N ILE A 216 13.64 -0.93 -32.52
CA ILE A 216 12.88 0.12 -31.85
C ILE A 216 12.71 -0.27 -30.38
N GLU A 217 13.16 0.60 -29.49
CA GLU A 217 13.08 0.40 -28.04
C GLU A 217 12.01 1.31 -27.46
N ASP A 218 11.19 0.77 -26.55
CA ASP A 218 10.08 1.49 -25.94
C ASP A 218 10.64 2.44 -24.89
N PRO A 219 9.79 3.25 -24.22
CA PRO A 219 10.33 4.22 -23.25
C PRO A 219 11.19 3.60 -22.16
N TYR A 220 10.95 2.33 -21.84
CA TYR A 220 11.64 1.62 -20.76
C TYR A 220 12.89 0.88 -21.25
N GLY A 221 13.26 1.01 -22.53
CA GLY A 221 14.45 0.38 -23.06
C GLY A 221 14.27 -0.98 -23.71
N CYS A 222 13.09 -1.58 -23.65
CA CYS A 222 12.85 -2.91 -24.21
C CYS A 222 12.58 -2.85 -25.71
N GLU A 223 13.17 -3.77 -26.45
CA GLU A 223 12.88 -3.84 -27.88
C GLU A 223 11.42 -4.24 -28.12
N VAL A 224 10.75 -3.54 -29.03
CA VAL A 224 9.35 -3.84 -29.35
C VAL A 224 9.12 -4.15 -30.83
N ALA A 225 10.06 -3.83 -31.72
CA ALA A 225 9.90 -4.03 -33.16
C ALA A 225 11.27 -3.93 -33.80
N SER A 226 11.40 -4.60 -34.95
CA SER A 226 12.67 -4.61 -35.67
C SER A 226 12.43 -4.97 -37.12
N ALA A 227 13.40 -4.64 -37.97
CA ALA A 227 13.39 -5.02 -39.38
C ALA A 227 14.80 -4.85 -39.91
N VAL A 228 15.05 -5.45 -41.07
CA VAL A 228 16.38 -5.50 -41.66
C VAL A 228 16.30 -5.13 -43.15
N ARG A 229 17.30 -4.41 -43.63
CA ARG A 229 17.30 -3.95 -45.00
C ARG A 229 18.67 -4.14 -45.60
N PRO A 230 18.78 -4.22 -46.93
CA PRO A 230 20.09 -4.10 -47.58
C PRO A 230 20.69 -2.74 -47.35
N SER A 231 22.02 -2.68 -47.24
CA SER A 231 22.63 -1.39 -46.96
C SER A 231 22.48 -0.37 -48.09
N ASP A 232 21.97 -0.75 -49.27
CA ASP A 232 21.81 0.17 -50.39
C ASP A 232 20.34 0.38 -50.74
N ASN A 233 19.46 0.07 -49.81
CA ASN A 233 18.02 0.02 -50.02
C ASN A 233 17.37 -0.01 -48.65
N THR A 234 17.50 1.09 -47.90
CA THR A 234 17.36 1.04 -46.47
C THR A 234 15.97 1.41 -45.98
N ALA A 235 15.12 1.94 -46.84
CA ALA A 235 13.82 2.41 -46.39
C ALA A 235 12.94 1.23 -45.98
N ILE A 236 12.24 1.40 -44.85
CA ILE A 236 11.37 0.36 -44.33
C ILE A 236 10.37 1.05 -43.43
N SER A 237 9.21 0.42 -43.25
CA SER A 237 8.22 0.90 -42.31
C SER A 237 8.02 -0.16 -41.22
N ILE A 238 8.19 0.23 -39.96
CA ILE A 238 8.11 -0.69 -38.83
C ILE A 238 6.90 -0.32 -37.98
N TYR A 239 6.16 -1.33 -37.54
CA TYR A 239 4.92 -1.16 -36.81
C TYR A 239 5.11 -1.54 -35.34
N VAL A 240 4.71 -0.66 -34.45
CA VAL A 240 4.73 -0.91 -33.01
C VAL A 240 3.28 -1.01 -32.52
N PRO A 241 2.86 -2.12 -31.95
CA PRO A 241 1.51 -2.19 -31.38
C PRO A 241 1.44 -1.41 -30.07
N ASP A 242 0.22 -0.99 -29.73
CA ASP A 242 -0.06 -0.35 -28.45
C ASP A 242 0.89 0.82 -28.18
N ALA A 243 0.97 1.73 -29.14
CA ALA A 243 1.96 2.80 -29.06
C ALA A 243 1.62 3.76 -27.93
N GLU A 244 2.64 4.17 -27.19
CA GLU A 244 2.50 5.25 -26.21
C GLU A 244 2.74 6.57 -26.93
N LEU A 245 1.69 7.38 -27.07
CA LEU A 245 1.83 8.61 -27.84
C LEU A 245 2.63 9.65 -27.06
N TRP A 246 3.23 10.57 -27.83
CA TRP A 246 3.94 11.74 -27.32
C TRP A 246 2.99 12.96 -27.21
N SER A 247 3.00 13.63 -26.06
CA SER A 247 2.36 14.94 -25.94
C SER A 247 3.15 15.77 -24.94
N MET A 248 2.80 17.07 -24.84
CA MET A 248 3.49 17.94 -23.88
C MET A 248 3.29 17.49 -22.44
N ASP A 249 2.11 16.94 -22.14
CA ASP A 249 1.85 16.42 -20.80
C ASP A 249 2.50 15.04 -20.54
N GLU A 250 2.57 14.18 -21.57
CA GLU A 250 3.18 12.85 -21.49
C GLU A 250 4.15 12.67 -22.64
N PRO A 251 5.37 13.19 -22.53
CA PRO A 251 6.30 13.10 -23.67
C PRO A 251 6.97 11.73 -23.82
N ASN A 252 6.17 10.71 -24.12
CA ASN A 252 6.69 9.35 -24.27
C ASN A 252 7.61 9.24 -25.48
N LEU A 253 8.78 8.63 -25.29
CA LEU A 253 9.77 8.56 -26.35
C LEU A 253 10.11 7.10 -26.67
N TYR A 254 10.23 6.81 -27.95
CA TYR A 254 10.87 5.59 -28.44
C TYR A 254 12.27 5.91 -28.94
N THR A 255 13.09 4.86 -29.05
CA THR A 255 14.44 4.98 -29.55
C THR A 255 14.58 4.08 -30.78
N VAL A 256 14.86 4.69 -31.92
CA VAL A 256 15.17 3.93 -33.12
C VAL A 256 16.69 3.79 -33.20
N VAL A 257 17.16 2.54 -33.27
CA VAL A 257 18.58 2.23 -33.36
C VAL A 257 18.82 1.62 -34.74
N ALA A 258 19.91 2.04 -35.39
CA ALA A 258 20.25 1.51 -36.70
C ALA A 258 21.69 1.03 -36.68
N ARG A 259 21.92 -0.21 -37.10
CA ARG A 259 23.24 -0.84 -37.06
C ARG A 259 23.64 -1.31 -38.44
N LEU A 260 24.77 -0.81 -38.93
CA LEU A 260 25.39 -1.30 -40.15
C LEU A 260 26.22 -2.56 -39.83
N GLN A 261 25.82 -3.68 -40.41
CA GLN A 261 26.25 -5.01 -39.97
C GLN A 261 26.96 -5.74 -41.11
N ARG A 262 28.09 -6.37 -40.78
CA ARG A 262 28.69 -7.35 -41.69
C ARG A 262 28.94 -8.66 -40.94
N ASN A 263 28.42 -9.77 -41.47
CA ASN A 263 28.55 -11.06 -40.79
C ASN A 263 28.04 -10.96 -39.35
N ASN A 264 28.88 -11.24 -38.36
CA ASN A 264 28.51 -11.15 -36.95
C ASN A 264 29.15 -9.93 -36.27
N GLU A 265 29.28 -8.84 -37.01
CA GLU A 265 30.04 -7.66 -36.59
C GLU A 265 29.25 -6.41 -36.93
N ALA A 266 29.08 -5.50 -35.98
CA ALA A 266 28.54 -4.20 -36.29
C ALA A 266 29.67 -3.23 -36.63
N PHE A 267 29.58 -2.59 -37.79
CA PHE A 267 30.56 -1.57 -38.17
C PHE A 267 30.16 -0.19 -37.68
N ASP A 268 28.87 0.16 -37.80
CA ASP A 268 28.42 1.48 -37.41
C ASP A 268 27.08 1.37 -36.69
N GLU A 269 26.77 2.38 -35.88
CA GLU A 269 25.55 2.40 -35.07
C GLU A 269 25.15 3.85 -34.79
N ILE A 270 23.93 4.21 -35.18
CA ILE A 270 23.36 5.51 -34.87
C ILE A 270 21.96 5.31 -34.31
N TYR A 271 21.45 6.35 -33.65
CA TYR A 271 20.16 6.21 -33.00
C TYR A 271 19.47 7.57 -32.90
N ALA A 272 18.19 7.52 -32.54
CA ALA A 272 17.35 8.70 -32.55
C ALA A 272 16.18 8.50 -31.58
N ASN A 273 15.94 9.49 -30.74
CA ASN A 273 14.75 9.53 -29.91
C ASN A 273 13.63 10.21 -30.69
N VAL A 274 12.46 9.56 -30.71
CA VAL A 274 11.33 10.05 -31.51
C VAL A 274 10.06 9.86 -30.71
N GLY A 275 9.04 10.61 -31.10
CA GLY A 275 7.74 10.53 -30.46
C GLY A 275 6.66 10.37 -31.50
N VAL A 276 5.55 9.76 -31.07
CA VAL A 276 4.39 9.50 -31.90
C VAL A 276 3.32 10.54 -31.56
N ARG A 277 3.02 11.45 -32.50
CA ARG A 277 1.91 12.37 -32.30
C ARG A 277 1.42 12.82 -33.66
N SER A 278 0.13 13.15 -33.70
CA SER A 278 -0.46 13.91 -34.79
C SER A 278 -1.06 15.18 -34.21
N TYR A 279 -1.31 16.16 -35.07
CA TYR A 279 -1.75 17.45 -34.59
C TYR A 279 -2.35 18.25 -35.74
N THR A 280 -3.26 19.14 -35.38
CA THR A 280 -3.97 19.96 -36.35
C THR A 280 -4.07 21.38 -35.82
N VAL A 281 -4.07 22.34 -36.73
CA VAL A 281 -4.45 23.71 -36.43
C VAL A 281 -5.55 24.11 -37.39
N THR A 282 -6.68 24.60 -36.86
CA THR A 282 -7.75 25.18 -37.65
C THR A 282 -8.03 26.60 -37.20
N PRO A 283 -8.54 27.46 -38.10
CA PRO A 283 -8.75 28.87 -37.73
C PRO A 283 -9.74 29.07 -36.60
N ASP A 284 -10.87 28.36 -36.60
CA ASP A 284 -11.81 28.48 -35.49
C ASP A 284 -11.47 27.56 -34.32
N GLY A 285 -10.68 26.52 -34.55
CA GLY A 285 -10.42 25.57 -33.49
C GLY A 285 -9.14 25.75 -32.72
N GLY A 286 -8.12 26.37 -33.31
CA GLY A 286 -6.83 26.43 -32.66
C GLY A 286 -6.06 25.14 -32.83
N PHE A 287 -5.26 24.81 -31.81
CA PHE A 287 -4.33 23.68 -31.85
C PHE A 287 -4.93 22.45 -31.15
N SER A 288 -4.76 21.29 -31.78
CA SER A 288 -5.07 19.99 -31.19
C SER A 288 -3.88 19.08 -31.36
N ILE A 289 -3.62 18.25 -30.37
CA ILE A 289 -2.62 17.21 -30.54
C ILE A 289 -3.25 15.88 -30.12
N ASN A 290 -3.07 14.85 -30.95
CA ASN A 290 -3.62 13.52 -30.68
C ASN A 290 -5.11 13.57 -30.43
N GLY A 291 -5.80 14.46 -31.15
CA GLY A 291 -7.25 14.53 -31.11
C GLY A 291 -7.85 15.34 -29.97
N GLU A 292 -7.05 15.97 -29.13
CA GLU A 292 -7.57 16.76 -28.02
C GLU A 292 -7.23 18.22 -28.25
N ALA A 293 -8.25 19.09 -28.10
CA ALA A 293 -8.04 20.53 -28.18
C ALA A 293 -7.13 21.00 -27.05
N THR A 294 -6.01 21.62 -27.41
CA THR A 294 -4.98 22.00 -26.45
C THR A 294 -4.38 23.33 -26.86
N PRO A 295 -4.95 24.44 -26.39
CA PRO A 295 -4.39 25.74 -26.76
C PRO A 295 -2.92 25.82 -26.35
N LEU A 296 -2.08 26.31 -27.27
CA LEU A 296 -0.65 26.50 -27.03
C LEU A 296 -0.41 27.84 -26.34
N ARG A 297 0.07 27.80 -25.10
CA ARG A 297 0.33 29.00 -24.31
C ARG A 297 1.75 28.93 -23.76
N GLY A 298 2.64 29.76 -24.27
CA GLY A 298 4.03 29.65 -23.87
C GLY A 298 4.89 30.88 -24.07
N VAL A 299 6.16 30.66 -24.43
CA VAL A 299 7.19 31.69 -24.35
C VAL A 299 8.17 31.48 -25.49
N SER A 300 8.98 32.51 -25.75
CA SER A 300 10.16 32.40 -26.58
C SER A 300 11.38 32.34 -25.69
N ARG A 301 12.50 31.88 -26.25
CA ARG A 301 13.73 31.68 -25.48
C ARG A 301 14.92 31.93 -26.38
N HIS A 302 15.78 32.87 -25.99
CA HIS A 302 17.08 33.08 -26.63
C HIS A 302 18.13 32.18 -25.97
N GLN A 303 19.33 32.08 -26.60
CA GLN A 303 20.31 31.07 -26.19
C GLN A 303 21.51 31.63 -25.40
N ASP A 304 21.32 32.68 -24.61
CA ASP A 304 22.44 33.29 -23.91
C ASP A 304 22.17 33.30 -22.41
N LYS A 305 23.22 33.61 -21.64
CA LYS A 305 23.13 33.64 -20.18
C LYS A 305 24.17 34.62 -19.64
N LEU A 306 23.89 35.19 -18.46
CA LEU A 306 24.67 36.30 -17.91
C LEU A 306 26.18 36.07 -17.96
N TYR A 307 26.86 36.87 -18.80
CA TYR A 307 28.30 36.89 -19.02
C TYR A 307 28.86 35.54 -19.48
N LYS A 308 28.02 34.69 -20.06
CA LYS A 308 28.50 33.53 -20.79
C LYS A 308 28.32 33.70 -22.29
N GLY A 309 27.74 34.82 -22.74
CA GLY A 309 27.33 34.92 -24.13
C GLY A 309 26.33 33.83 -24.45
N ASN A 310 26.49 33.23 -25.63
CA ASN A 310 25.72 32.05 -26.02
C ASN A 310 26.48 30.74 -25.80
N ALA A 311 27.54 30.76 -24.98
CA ALA A 311 28.37 29.57 -24.78
C ALA A 311 27.87 28.81 -23.54
N LEU A 312 26.75 28.14 -23.73
CA LEU A 312 26.01 27.49 -22.67
C LEU A 312 26.38 26.01 -22.58
N THR A 313 26.29 25.47 -21.37
CA THR A 313 26.48 24.05 -21.20
C THR A 313 25.15 23.31 -21.31
N VAL A 314 25.23 21.98 -21.36
CA VAL A 314 24.04 21.15 -21.36
C VAL A 314 23.18 21.41 -20.12
N GLU A 315 23.81 21.62 -18.96
CA GLU A 315 23.06 21.95 -17.75
C GLU A 315 22.33 23.27 -17.91
N ASP A 316 22.94 24.22 -18.62
CA ASP A 316 22.26 25.50 -18.87
C ASP A 316 20.96 25.26 -19.63
N HIS A 317 21.02 24.43 -20.68
CA HIS A 317 19.85 24.24 -21.53
C HIS A 317 18.72 23.58 -20.76
N TYR A 318 19.02 22.49 -20.05
CA TYR A 318 18.00 21.79 -19.27
C TYR A 318 17.49 22.64 -18.14
N GLN A 319 18.32 23.51 -17.57
CA GLN A 319 17.83 24.40 -16.52
C GLN A 319 16.79 25.38 -17.09
N ASP A 320 17.10 25.97 -18.25
CA ASP A 320 16.09 26.77 -18.96
C ASP A 320 14.80 25.99 -19.16
N ALA A 321 14.90 24.76 -19.68
CA ALA A 321 13.72 23.97 -19.97
C ALA A 321 12.91 23.70 -18.70
N GLN A 322 13.60 23.37 -17.60
CA GLN A 322 12.89 23.08 -16.36
C GLN A 322 12.20 24.33 -15.79
N ILE A 323 12.86 25.49 -15.85
CA ILE A 323 12.20 26.70 -15.40
C ILE A 323 10.94 26.95 -16.22
N ILE A 324 11.01 26.76 -17.53
CA ILE A 324 9.84 26.99 -18.37
C ILE A 324 8.75 25.95 -18.09
N LYS A 325 9.13 24.70 -17.78
CA LYS A 325 8.16 23.69 -17.37
C LYS A 325 7.45 24.06 -16.08
N GLU A 326 8.19 24.54 -15.07
CA GLU A 326 7.55 24.95 -13.82
C GLU A 326 6.56 26.09 -14.02
N LEU A 327 6.82 26.93 -15.03
CA LEU A 327 5.92 28.02 -15.38
C LEU A 327 4.56 27.51 -15.84
N GLY A 328 4.52 26.31 -16.42
CA GLY A 328 3.28 25.80 -16.97
C GLY A 328 3.10 26.06 -18.45
N ALA A 329 4.14 26.54 -19.14
CA ALA A 329 4.12 26.68 -20.57
C ALA A 329 4.10 25.31 -21.27
N ASN A 330 3.34 25.21 -22.37
CA ASN A 330 3.35 23.99 -23.16
C ASN A 330 3.95 24.20 -24.54
N THR A 331 4.39 25.40 -24.87
CA THR A 331 5.01 25.67 -26.16
C THR A 331 6.20 26.58 -25.95
N ILE A 332 7.22 26.38 -26.78
CA ILE A 332 8.39 27.26 -26.76
C ILE A 332 8.73 27.63 -28.19
N ARG A 333 8.73 28.94 -28.48
CA ARG A 333 9.25 29.42 -29.75
C ARG A 333 10.76 29.64 -29.62
N LEU A 334 11.53 28.86 -30.38
CA LEU A 334 12.99 28.88 -30.27
C LEU A 334 13.57 29.86 -31.29
N ALA A 335 13.34 31.15 -31.01
CA ALA A 335 13.80 32.19 -31.90
C ALA A 335 15.29 32.49 -31.64
N HIS A 336 15.98 33.08 -32.63
CA HIS A 336 15.53 33.35 -34.00
C HIS A 336 16.40 32.53 -34.95
N TYR A 337 16.74 31.33 -34.56
CA TYR A 337 17.80 30.57 -35.22
C TYR A 337 17.69 29.13 -34.75
N GLN A 338 18.55 28.28 -35.26
CA GLN A 338 18.61 26.90 -34.78
C GLN A 338 19.25 26.87 -33.39
N HIS A 339 18.63 26.15 -32.47
CA HIS A 339 19.16 26.08 -31.12
C HIS A 339 20.06 24.83 -30.95
N SER A 340 20.51 24.60 -29.72
CA SER A 340 21.36 23.47 -29.43
C SER A 340 20.58 22.16 -29.49
N GLN A 341 21.24 21.11 -30.00
CA GLN A 341 20.63 19.78 -29.87
C GLN A 341 20.22 19.51 -28.43
N ASP A 342 21.02 19.98 -27.47
CA ASP A 342 20.64 19.84 -26.08
C ASP A 342 19.26 20.43 -25.80
N PHE A 343 18.96 21.62 -26.34
CA PHE A 343 17.67 22.18 -25.96
C PHE A 343 16.51 21.48 -26.67
N TYR A 344 16.70 21.07 -27.94
CA TYR A 344 15.67 20.26 -28.58
C TYR A 344 15.47 18.95 -27.82
N ASP A 345 16.58 18.31 -27.42
CA ASP A 345 16.49 17.12 -26.59
C ASP A 345 15.66 17.38 -25.32
N ALA A 346 15.99 18.45 -24.59
CA ALA A 346 15.21 18.83 -23.41
C ALA A 346 13.74 19.06 -23.74
N CYS A 347 13.43 19.57 -24.92
CA CYS A 347 12.01 19.75 -25.29
C CYS A 347 11.32 18.43 -25.57
N ASP A 348 11.98 17.54 -26.31
CA ASP A 348 11.46 16.19 -26.53
C ASP A 348 11.17 15.50 -25.20
N GLU A 349 12.06 15.67 -24.22
CA GLU A 349 11.94 14.89 -23.00
C GLU A 349 10.97 15.52 -22.00
N LEU A 350 10.99 16.84 -21.86
CA LEU A 350 10.07 17.48 -20.93
C LEU A 350 8.71 17.76 -21.55
N GLY A 351 8.59 17.72 -22.87
CA GLY A 351 7.32 17.93 -23.54
C GLY A 351 6.91 19.38 -23.72
N PHE A 352 7.35 19.98 -24.82
CA PHE A 352 6.91 21.29 -25.28
C PHE A 352 6.68 21.23 -26.78
N ALA A 353 5.65 21.90 -27.25
CA ALA A 353 5.46 22.13 -28.68
C ALA A 353 6.44 23.21 -29.14
N VAL A 354 7.35 22.89 -30.05
CA VAL A 354 8.45 23.78 -30.42
C VAL A 354 8.23 24.37 -31.81
N TRP A 355 8.42 25.69 -31.92
CA TRP A 355 8.52 26.42 -33.17
C TRP A 355 10.00 26.69 -33.41
N ALA A 356 10.57 26.07 -34.45
CA ALA A 356 11.96 26.28 -34.83
C ALA A 356 12.04 27.13 -36.10
N GLU A 357 13.05 28.01 -36.17
CA GLU A 357 13.15 28.93 -37.30
C GLU A 357 14.61 29.22 -37.66
N ILE A 358 14.78 29.82 -38.84
CA ILE A 358 16.07 30.27 -39.35
C ILE A 358 16.17 31.77 -39.10
N PRO A 359 17.38 32.37 -39.08
CA PRO A 359 17.51 33.82 -38.83
C PRO A 359 17.31 34.68 -40.07
N PHE A 360 16.31 34.37 -40.88
CA PHE A 360 15.87 35.22 -42.00
C PHE A 360 15.05 36.37 -41.41
N ILE A 361 15.74 37.42 -40.97
CA ILE A 361 15.17 38.38 -40.04
C ILE A 361 15.31 39.82 -40.54
N SER A 362 14.22 40.59 -40.42
CA SER A 362 14.18 42.04 -40.45
C SER A 362 14.29 42.67 -41.84
N VAL A 363 15.39 42.41 -42.54
CA VAL A 363 15.79 43.15 -43.74
C VAL A 363 16.18 42.17 -44.82
N PHE A 364 15.38 42.11 -45.88
CA PHE A 364 15.72 41.22 -46.98
C PHE A 364 16.96 41.75 -47.71
N LYS A 365 17.91 40.85 -47.96
CA LYS A 365 19.12 41.13 -48.72
C LYS A 365 19.01 40.51 -50.10
N SER A 366 19.16 41.33 -51.14
CA SER A 366 19.08 40.89 -52.53
C SER A 366 20.33 40.11 -52.95
N GLY A 367 20.18 39.31 -54.00
CA GLY A 367 21.29 38.56 -54.52
C GLY A 367 21.10 37.05 -54.53
N LYS A 368 21.90 36.36 -55.36
CA LYS A 368 21.87 34.90 -55.38
C LYS A 368 22.55 34.30 -54.16
N ASP A 369 23.61 34.95 -53.65
CA ASP A 369 24.34 34.38 -52.53
C ASP A 369 23.55 34.49 -51.23
N ALA A 370 22.85 35.60 -51.01
CA ALA A 370 21.96 35.71 -49.86
C ALA A 370 20.77 34.77 -49.99
N HIS A 371 20.27 34.56 -51.21
CA HIS A 371 19.24 33.55 -51.43
C HIS A 371 19.77 32.16 -51.12
N THR A 372 21.01 31.87 -51.55
CA THR A 372 21.59 30.58 -51.28
C THR A 372 21.81 30.37 -49.78
N HIS A 373 22.28 31.40 -49.07
CA HIS A 373 22.41 31.28 -47.62
C HIS A 373 21.10 30.84 -46.98
N VAL A 374 20.00 31.53 -47.30
CA VAL A 374 18.75 31.28 -46.59
C VAL A 374 18.26 29.86 -46.85
N MET A 375 18.29 29.42 -48.12
CA MET A 375 17.86 28.06 -48.46
C MET A 375 18.74 27.01 -47.76
N GLU A 376 20.06 27.21 -47.76
CA GLU A 376 20.94 26.24 -47.11
C GLU A 376 20.65 26.15 -45.63
N GLU A 377 20.42 27.31 -44.98
CA GLU A 377 20.16 27.33 -43.55
C GLU A 377 18.85 26.62 -43.22
N MET A 378 17.85 26.72 -44.09
CA MET A 378 16.61 26.01 -43.84
C MET A 378 16.77 24.52 -44.09
N LYS A 379 17.60 24.17 -45.06
CA LYS A 379 17.86 22.75 -45.38
C LYS A 379 18.60 22.11 -44.19
N GLU A 380 19.52 22.83 -43.59
CA GLU A 380 20.23 22.29 -42.43
C GLU A 380 19.32 22.23 -41.21
N LEU A 381 18.44 23.23 -41.04
CA LEU A 381 17.56 23.23 -39.88
C LEU A 381 16.61 22.02 -39.92
N ILE A 382 16.09 21.70 -41.09
CA ILE A 382 15.14 20.60 -41.17
C ILE A 382 15.84 19.26 -41.08
N ILE A 383 16.98 19.11 -41.73
CA ILE A 383 17.62 17.80 -41.80
C ILE A 383 18.26 17.44 -40.47
N GLN A 384 18.82 18.42 -39.77
CA GLN A 384 19.45 18.14 -38.49
C GLN A 384 18.43 17.95 -37.38
N ASN A 385 17.22 18.49 -37.52
CA ASN A 385 16.23 18.42 -36.47
C ASN A 385 15.01 17.62 -36.86
N TYR A 386 15.09 16.86 -37.96
CA TYR A 386 13.91 16.17 -38.46
C TYR A 386 13.34 15.17 -37.46
N ASN A 387 14.16 14.56 -36.61
CA ASN A 387 13.63 13.48 -35.77
C ASN A 387 13.04 13.95 -34.44
N HIS A 388 13.17 15.22 -34.09
CA HIS A 388 12.66 15.72 -32.82
C HIS A 388 11.14 15.76 -32.78
N PRO A 389 10.46 14.99 -31.91
CA PRO A 389 8.99 15.08 -31.87
C PRO A 389 8.50 16.41 -31.32
N SER A 390 9.32 17.14 -30.57
CA SER A 390 8.85 18.39 -29.99
C SER A 390 8.66 19.46 -31.06
N ILE A 391 9.36 19.37 -32.18
CA ILE A 391 9.25 20.40 -33.21
C ILE A 391 7.98 20.16 -34.01
N LEU A 392 7.05 21.12 -33.94
CA LEU A 392 5.80 21.02 -34.70
C LEU A 392 5.69 22.03 -35.84
N PHE A 393 6.39 23.17 -35.75
CA PHE A 393 6.29 24.23 -36.72
C PHE A 393 7.69 24.69 -37.15
N TRP A 394 7.89 24.81 -38.46
CA TRP A 394 9.06 25.46 -39.02
C TRP A 394 8.69 26.90 -39.36
N GLY A 395 9.46 27.86 -38.87
CA GLY A 395 9.26 29.27 -39.18
C GLY A 395 10.22 29.75 -40.25
N ILE A 396 9.70 30.48 -41.23
CA ILE A 396 10.53 30.83 -42.39
C ILE A 396 11.08 32.26 -42.36
N SER A 397 10.50 33.17 -41.56
CA SER A 397 11.07 34.51 -41.39
C SER A 397 10.46 35.18 -40.17
N ASN A 398 11.17 36.17 -39.64
CA ASN A 398 10.68 37.03 -38.57
C ASN A 398 10.76 38.48 -39.02
N GLU A 399 9.60 39.15 -39.08
CA GLU A 399 9.55 40.60 -39.26
C GLU A 399 10.31 41.06 -40.51
N ILE A 400 10.24 40.25 -41.57
CA ILE A 400 11.05 40.49 -42.76
C ILE A 400 10.67 41.79 -43.50
N LEU A 401 9.51 42.38 -43.20
CA LEU A 401 9.11 43.62 -43.86
C LEU A 401 9.66 44.87 -43.20
N ILE A 402 10.45 44.75 -42.13
CA ILE A 402 11.02 45.95 -41.53
C ILE A 402 11.84 46.71 -42.55
N GLY A 403 12.52 45.99 -43.44
CA GLY A 403 13.38 46.53 -44.48
C GLY A 403 12.69 46.84 -45.79
N GLY A 404 11.36 46.67 -45.84
CA GLY A 404 10.56 46.95 -47.01
C GLY A 404 10.29 45.74 -47.87
N ILE A 405 9.06 45.64 -48.40
CA ILE A 405 8.69 44.52 -49.25
C ILE A 405 9.29 44.69 -50.63
N SER A 406 9.57 43.57 -51.26
CA SER A 406 9.95 43.57 -52.66
C SER A 406 9.42 42.28 -53.27
N GLN A 407 9.43 42.23 -54.60
CA GLN A 407 9.12 40.98 -55.29
C GLN A 407 10.14 39.89 -54.94
N GLU A 408 11.43 40.25 -54.91
CA GLU A 408 12.48 39.28 -54.61
C GLU A 408 12.25 38.62 -53.25
N LEU A 409 11.88 39.43 -52.24
CA LEU A 409 11.62 38.92 -50.90
C LEU A 409 10.44 37.94 -50.89
N VAL A 410 9.39 38.26 -51.64
CA VAL A 410 8.20 37.41 -51.64
C VAL A 410 8.53 36.06 -52.27
N ASP A 411 9.29 36.06 -53.37
CA ASP A 411 9.62 34.81 -54.06
C ASP A 411 10.44 33.91 -53.16
N THR A 412 11.30 34.51 -52.34
CA THR A 412 12.10 33.72 -51.42
C THR A 412 11.20 33.02 -50.40
N HIS A 413 10.10 33.67 -49.99
CA HIS A 413 9.20 33.02 -49.05
C HIS A 413 8.44 31.87 -49.71
N HIS A 414 8.15 31.96 -51.01
CA HIS A 414 7.57 30.81 -51.68
C HIS A 414 8.60 29.70 -51.87
N ASP A 415 9.85 30.06 -52.20
CA ASP A 415 10.92 29.06 -52.26
C ASP A 415 11.07 28.32 -50.94
N LEU A 416 11.01 29.05 -49.83
CA LEU A 416 11.15 28.45 -48.51
C LEU A 416 9.94 27.58 -48.16
N GLN A 417 8.73 28.05 -48.49
CA GLN A 417 7.55 27.21 -48.27
C GLN A 417 7.66 25.93 -49.06
N LYS A 418 8.14 26.01 -50.30
CA LYS A 418 8.26 24.83 -51.14
C LYS A 418 9.32 23.88 -50.59
N LEU A 419 10.41 24.42 -50.02
CA LEU A 419 11.47 23.58 -49.49
C LEU A 419 11.03 22.84 -48.23
N CYS A 420 10.28 23.51 -47.35
CA CYS A 420 9.82 22.84 -46.13
C CYS A 420 8.88 21.68 -46.45
N LYS A 421 8.06 21.81 -47.51
CA LYS A 421 7.11 20.74 -47.86
C LYS A 421 7.77 19.65 -48.70
N GLU A 422 8.77 20.01 -49.50
CA GLU A 422 9.61 19.01 -50.14
C GLU A 422 10.38 18.19 -49.10
N LEU A 423 11.03 18.86 -48.15
CA LEU A 423 11.86 18.14 -47.19
C LEU A 423 11.06 17.47 -46.10
N ASP A 424 9.93 18.05 -45.70
CA ASP A 424 9.22 17.56 -44.51
C ASP A 424 7.75 17.94 -44.62
N PRO A 425 6.95 17.10 -45.27
CA PRO A 425 5.51 17.38 -45.33
C PRO A 425 4.78 17.08 -44.04
N THR A 426 5.44 16.49 -43.05
CA THR A 426 4.80 16.13 -41.79
C THR A 426 4.70 17.29 -40.82
N ARG A 427 5.17 18.48 -41.17
CA ARG A 427 5.10 19.60 -40.24
C ARG A 427 4.48 20.82 -40.91
N LEU A 428 3.90 21.67 -40.07
CA LEU A 428 3.32 22.93 -40.49
C LEU A 428 4.38 24.01 -40.63
N THR A 429 4.21 24.89 -41.61
CA THR A 429 5.06 26.08 -41.73
C THR A 429 4.35 27.28 -41.09
N THR A 430 5.14 28.21 -40.56
CA THR A 430 4.65 29.39 -39.88
C THR A 430 5.52 30.56 -40.29
N ILE A 431 5.11 31.75 -39.84
CA ILE A 431 5.83 32.99 -40.12
C ILE A 431 5.50 33.96 -38.98
N ALA A 432 6.44 34.87 -38.69
CA ALA A 432 6.21 35.90 -37.68
C ALA A 432 6.23 37.27 -38.35
N HIS A 433 5.09 37.95 -38.34
CA HIS A 433 4.96 39.26 -38.98
C HIS A 433 5.32 40.40 -38.02
N VAL A 434 5.95 41.44 -38.57
CA VAL A 434 6.11 42.68 -37.82
C VAL A 434 4.74 43.33 -37.60
N SER A 435 4.65 44.17 -36.56
CA SER A 435 3.36 44.66 -36.10
C SER A 435 2.58 45.38 -37.21
N HIS A 436 3.27 46.17 -38.02
CA HIS A 436 2.61 47.02 -39.00
C HIS A 436 2.37 46.32 -40.33
N THR A 437 2.59 45.01 -40.39
CA THR A 437 2.39 44.25 -41.62
C THR A 437 0.95 44.42 -42.10
N PRO A 438 0.74 44.83 -43.36
CA PRO A 438 -0.64 44.98 -43.87
C PRO A 438 -1.43 43.68 -43.67
N THR A 439 -2.66 43.80 -43.17
CA THR A 439 -3.48 42.61 -42.88
C THR A 439 -4.00 41.92 -44.14
N SER A 440 -3.79 42.50 -45.32
CA SER A 440 -3.89 41.82 -46.59
C SER A 440 -2.54 41.93 -47.30
N GLY A 441 -2.43 41.26 -48.45
CA GLY A 441 -1.21 41.37 -49.20
C GLY A 441 -0.52 40.03 -49.35
N PRO A 442 0.60 40.04 -50.08
CA PRO A 442 1.26 38.78 -50.45
C PRO A 442 2.02 38.12 -49.32
N MET A 443 2.09 38.71 -48.11
CA MET A 443 2.76 38.00 -47.02
C MET A 443 1.85 37.02 -46.29
N HIS A 444 0.54 37.03 -46.54
CA HIS A 444 -0.36 36.08 -45.92
C HIS A 444 -0.65 34.90 -46.86
N ARG A 445 -1.14 33.81 -46.25
CA ARG A 445 -1.52 32.60 -46.96
C ARG A 445 -0.35 31.93 -47.68
N ILE A 446 0.88 32.30 -47.37
CA ILE A 446 2.03 31.54 -47.86
C ILE A 446 2.25 30.29 -47.04
N THR A 447 2.25 30.44 -45.72
CA THR A 447 2.52 29.34 -44.80
C THR A 447 1.21 28.78 -44.22
N ASP A 448 1.30 27.60 -43.62
CA ASP A 448 0.11 26.90 -43.10
C ASP A 448 -0.55 27.66 -41.95
N VAL A 449 0.23 28.35 -41.14
CA VAL A 449 -0.28 29.15 -40.03
C VAL A 449 0.57 30.43 -39.99
N GLU A 450 0.17 31.36 -39.15
CA GLU A 450 0.69 32.73 -39.21
C GLU A 450 0.59 33.37 -37.84
N SER A 451 1.55 34.25 -37.55
CA SER A 451 1.53 34.95 -36.28
C SER A 451 2.02 36.38 -36.44
N TYR A 452 1.58 37.24 -35.53
CA TYR A 452 2.00 38.62 -35.49
C TYR A 452 2.80 38.91 -34.22
N ASN A 453 3.76 39.83 -34.36
CA ASN A 453 4.49 40.39 -33.24
C ASN A 453 3.85 41.74 -32.87
N HIS A 454 3.15 41.79 -31.73
CA HIS A 454 2.47 43.01 -31.33
C HIS A 454 2.95 43.49 -29.96
N TYR A 455 3.04 44.81 -29.82
CA TYR A 455 3.43 45.43 -28.56
C TYR A 455 2.52 46.60 -28.23
N PHE A 456 1.22 46.47 -28.51
CA PHE A 456 0.27 47.46 -28.07
C PHE A 456 0.28 47.55 -26.55
N GLY A 457 0.64 48.73 -26.04
CA GLY A 457 0.84 48.93 -24.62
C GLY A 457 2.30 49.08 -24.22
N TRP A 458 3.26 48.92 -25.14
CA TRP A 458 4.66 49.14 -24.79
C TRP A 458 5.38 50.01 -25.83
N TYR A 459 5.38 49.63 -27.12
CA TYR A 459 5.95 50.51 -28.15
C TYR A 459 4.96 51.55 -28.66
N GLY A 460 3.69 51.43 -28.33
CA GLY A 460 2.69 52.36 -28.78
C GLY A 460 1.35 51.83 -28.38
N GLY A 461 0.33 52.67 -28.39
CA GLY A 461 -1.00 52.19 -28.07
C GLY A 461 -1.23 51.87 -26.61
N LYS A 462 -2.43 51.38 -26.33
CA LYS A 462 -2.84 50.96 -25.01
C LYS A 462 -2.95 49.44 -24.95
N ILE A 463 -2.71 48.92 -23.74
CA ILE A 463 -2.88 47.48 -23.43
C ILE A 463 -4.25 46.99 -23.90
N GLU A 464 -5.29 47.77 -23.63
CA GLU A 464 -6.67 47.41 -23.97
C GLU A 464 -6.91 47.33 -25.48
N GLN A 465 -5.91 47.62 -26.31
CA GLN A 465 -6.07 47.49 -27.76
C GLN A 465 -5.82 46.09 -28.29
N ASN A 466 -5.22 45.21 -27.48
CA ASN A 466 -4.79 43.91 -27.99
C ASN A 466 -5.97 43.01 -28.35
N GLY A 467 -6.92 42.86 -27.43
CA GLY A 467 -8.09 42.05 -27.63
C GLY A 467 -8.83 42.37 -28.90
N PRO A 468 -9.26 43.63 -29.05
CA PRO A 468 -9.99 43.98 -30.29
C PRO A 468 -9.18 43.77 -31.55
N TRP A 469 -7.87 44.02 -31.53
CA TRP A 469 -7.05 43.74 -32.71
C TRP A 469 -7.18 42.27 -33.13
N LEU A 470 -7.01 41.35 -32.16
CA LEU A 470 -7.16 39.94 -32.47
C LEU A 470 -8.55 39.65 -33.04
N ASP A 471 -9.59 40.06 -32.31
CA ASP A 471 -10.95 39.81 -32.76
C ASP A 471 -11.19 40.33 -34.18
N LYS A 472 -10.63 41.49 -34.50
CA LYS A 472 -10.91 42.11 -35.80
C LYS A 472 -10.24 41.33 -36.93
N PHE A 473 -8.94 41.04 -36.78
CA PHE A 473 -8.24 40.27 -37.81
C PHE A 473 -8.87 38.90 -37.99
N HIS A 474 -9.28 38.27 -36.89
CA HIS A 474 -9.92 36.96 -36.97
C HIS A 474 -11.23 37.05 -37.76
N ALA A 475 -11.99 38.13 -37.55
CA ALA A 475 -13.27 38.27 -38.24
C ALA A 475 -13.07 38.56 -39.72
N GLU A 476 -12.06 39.35 -40.06
CA GLU A 476 -11.77 39.67 -41.45
C GLU A 476 -11.01 38.58 -42.19
N ASN A 477 -10.42 37.61 -41.48
CA ASN A 477 -9.65 36.54 -42.11
C ASN A 477 -10.01 35.20 -41.48
N PRO A 478 -11.28 34.78 -41.54
CA PRO A 478 -11.67 33.53 -40.88
C PRO A 478 -11.04 32.28 -41.47
N ASP A 479 -10.18 32.40 -42.48
CA ASP A 479 -9.48 31.26 -43.07
C ASP A 479 -8.02 31.18 -42.63
N ILE A 480 -7.54 32.16 -41.86
CA ILE A 480 -6.15 32.19 -41.40
C ILE A 480 -6.11 31.74 -39.96
N CYS A 481 -5.16 30.87 -39.64
CA CYS A 481 -4.87 30.49 -38.26
C CYS A 481 -3.96 31.54 -37.67
N LEU A 482 -4.49 32.33 -36.73
CA LEU A 482 -3.77 33.44 -36.13
C LEU A 482 -3.15 33.01 -34.80
N GLY A 483 -1.85 33.29 -34.65
CA GLY A 483 -1.21 33.25 -33.35
C GLY A 483 -0.49 34.56 -33.10
N ILE A 484 0.04 34.70 -31.89
CA ILE A 484 0.84 35.86 -31.52
C ILE A 484 2.24 35.35 -31.16
N SER A 485 3.20 35.56 -32.08
CA SER A 485 4.54 35.03 -31.91
C SER A 485 5.43 35.87 -30.99
N GLU A 486 5.09 37.14 -30.80
CA GLU A 486 5.73 37.99 -29.80
C GLU A 486 4.70 38.97 -29.27
N TYR A 487 4.70 39.13 -27.96
CA TYR A 487 4.07 40.22 -27.24
C TYR A 487 4.81 40.32 -25.92
N GLY A 488 4.83 41.50 -25.32
CA GLY A 488 5.55 41.65 -24.08
C GLY A 488 5.80 43.11 -23.76
N CYS A 489 6.62 43.32 -22.75
CA CYS A 489 6.72 44.62 -22.12
C CYS A 489 7.94 44.59 -21.22
N GLU A 490 8.65 45.69 -21.15
CA GLU A 490 9.85 45.72 -20.32
C GLU A 490 9.48 45.79 -18.86
N GLY A 491 10.31 45.17 -18.04
CA GLY A 491 10.21 45.21 -16.60
C GLY A 491 11.62 45.19 -16.02
N ILE A 492 11.97 46.25 -15.32
CA ILE A 492 13.28 46.39 -14.69
C ILE A 492 13.01 46.45 -13.19
N ILE A 493 13.48 45.44 -12.43
CA ILE A 493 12.83 45.17 -11.15
C ILE A 493 13.33 46.05 -10.01
N ASN A 494 14.22 47.01 -10.28
CA ASN A 494 14.47 48.03 -9.27
C ASN A 494 13.53 49.24 -9.36
N TRP A 495 12.79 49.43 -10.49
CA TRP A 495 11.79 50.50 -10.61
C TRP A 495 10.42 50.01 -10.12
N HIS A 496 9.74 50.83 -9.32
CA HIS A 496 8.43 50.49 -8.77
C HIS A 496 7.55 51.73 -8.65
N SER A 497 6.31 51.62 -9.13
CA SER A 497 5.39 52.74 -9.20
C SER A 497 4.06 52.42 -8.56
N ASN A 498 3.54 53.37 -7.77
CA ASN A 498 2.18 53.27 -7.28
C ASN A 498 1.15 53.61 -8.36
N THR A 499 1.57 54.25 -9.45
CA THR A 499 0.71 54.55 -10.58
C THR A 499 1.41 54.04 -11.83
N PRO A 500 1.52 52.72 -11.97
CA PRO A 500 2.34 52.16 -13.06
C PRO A 500 1.81 52.59 -14.42
N GLN A 501 2.72 53.06 -15.27
CA GLN A 501 2.35 53.53 -16.60
C GLN A 501 3.45 53.17 -17.57
N CYS A 502 3.10 53.21 -18.86
CA CYS A 502 4.02 52.87 -19.92
C CYS A 502 5.27 53.75 -19.86
N LYS A 503 6.42 53.15 -20.14
CA LYS A 503 7.74 53.76 -20.13
C LYS A 503 8.22 54.22 -18.75
N ASP A 504 7.53 53.86 -17.65
CA ASP A 504 8.24 53.93 -16.38
C ASP A 504 9.11 52.70 -16.08
N TYR A 505 9.03 51.64 -16.89
CA TYR A 505 9.89 50.46 -16.82
C TYR A 505 9.70 49.63 -15.55
N SER A 506 8.60 49.87 -14.83
CA SER A 506 8.40 49.28 -13.51
C SER A 506 7.91 47.85 -13.63
N GLU A 507 8.32 47.04 -12.66
CA GLU A 507 7.85 45.66 -12.55
C GLU A 507 6.34 45.61 -12.48
N GLU A 508 5.71 46.61 -11.88
CA GLU A 508 4.26 46.61 -11.76
C GLU A 508 3.60 46.78 -13.13
N TYR A 509 4.19 47.58 -14.01
CA TYR A 509 3.50 47.83 -15.28
C TYR A 509 3.61 46.62 -16.18
N GLN A 510 4.74 45.93 -16.13
CA GLN A 510 4.87 44.70 -16.91
C GLN A 510 3.91 43.64 -16.42
N ALA A 511 3.61 43.61 -15.12
CA ALA A 511 2.65 42.65 -14.59
C ALA A 511 1.23 42.97 -15.05
N LEU A 512 0.87 44.26 -15.10
CA LEU A 512 -0.43 44.67 -15.62
C LEU A 512 -0.60 44.30 -17.09
N TYR A 513 0.44 44.52 -17.88
CA TYR A 513 0.41 44.14 -19.29
C TYR A 513 0.11 42.64 -19.44
N HIS A 514 0.82 41.79 -18.67
CA HIS A 514 0.65 40.34 -18.81
C HIS A 514 -0.58 39.82 -18.08
N GLU A 515 -1.05 40.50 -17.03
CA GLU A 515 -2.37 40.20 -16.49
C GLU A 515 -3.43 40.24 -17.59
N TYR A 516 -3.40 41.29 -18.42
CA TYR A 516 -4.39 41.41 -19.48
C TYR A 516 -4.19 40.32 -20.55
N MET A 517 -2.95 40.11 -20.99
CA MET A 517 -2.70 39.20 -22.10
C MET A 517 -2.99 37.75 -21.72
N ALA A 518 -2.62 37.34 -20.51
CA ALA A 518 -2.92 35.99 -20.04
C ALA A 518 -4.40 35.70 -20.18
N GLN A 519 -5.24 36.66 -19.76
CA GLN A 519 -6.68 36.49 -19.84
C GLN A 519 -7.18 36.65 -21.28
N ALA A 520 -6.55 37.53 -22.07
CA ALA A 520 -6.93 37.68 -23.48
C ALA A 520 -6.77 36.37 -24.24
N PHE A 521 -5.66 35.66 -24.04
CA PHE A 521 -5.46 34.41 -24.79
C PHE A 521 -6.26 33.27 -24.21
N GLU A 522 -6.51 33.26 -22.92
CA GLU A 522 -7.46 32.29 -22.38
C GLU A 522 -8.88 32.53 -22.90
N ASP A 523 -9.22 33.76 -23.23
CA ASP A 523 -10.56 34.02 -23.77
C ASP A 523 -10.69 33.57 -25.22
N ARG A 524 -9.59 33.27 -25.90
CA ARG A 524 -9.59 33.01 -27.35
C ARG A 524 -8.83 31.73 -27.68
N PRO A 525 -9.48 30.57 -27.54
CA PRO A 525 -8.77 29.32 -27.86
C PRO A 525 -8.44 29.18 -29.34
N TRP A 526 -9.10 29.93 -30.22
CA TRP A 526 -8.79 29.91 -31.64
C TRP A 526 -7.44 30.57 -31.97
N ILE A 527 -6.80 31.23 -31.00
CA ILE A 527 -5.39 31.62 -31.14
C ILE A 527 -4.58 30.35 -30.98
N TRP A 528 -3.94 29.90 -32.06
CA TRP A 528 -3.39 28.55 -32.01
C TRP A 528 -2.19 28.48 -31.06
N ALA A 529 -1.39 29.57 -30.99
CA ALA A 529 -0.29 29.65 -30.05
C ALA A 529 0.07 31.11 -29.80
N SER A 530 0.27 31.44 -28.53
CA SER A 530 0.84 32.71 -28.10
C SER A 530 2.18 32.47 -27.42
N HIS A 531 3.13 33.39 -27.64
CA HIS A 531 4.49 33.26 -27.13
C HIS A 531 4.92 34.58 -26.51
N VAL A 532 5.07 34.59 -25.18
CA VAL A 532 5.64 35.75 -24.50
C VAL A 532 7.03 36.04 -25.04
N TRP A 533 7.24 37.28 -25.48
CA TRP A 533 8.59 37.78 -25.68
C TRP A 533 8.95 38.49 -24.38
N ASN A 534 9.88 37.93 -23.61
CA ASN A 534 10.62 36.69 -23.87
C ASN A 534 10.68 35.99 -22.49
N MET A 535 11.09 34.71 -22.44
CA MET A 535 11.17 34.02 -21.14
C MET A 535 12.18 34.68 -20.23
N PHE A 536 13.35 35.01 -20.77
CA PHE A 536 14.46 35.59 -20.03
C PHE A 536 14.88 36.89 -20.69
N ASP A 537 15.23 37.89 -19.88
CA ASP A 537 16.08 38.96 -20.37
C ASP A 537 17.22 38.35 -21.20
N PHE A 538 17.63 39.05 -22.26
CA PHE A 538 18.70 38.53 -23.10
C PHE A 538 19.57 39.69 -23.55
N GLY A 539 20.75 39.39 -24.11
CA GLY A 539 21.73 40.41 -24.45
C GLY A 539 21.53 41.06 -25.81
N CYS A 540 21.47 42.39 -25.83
N CYS A 540 21.57 42.39 -25.82
CA CYS A 540 21.51 43.14 -27.09
CA CYS A 540 21.45 43.21 -27.02
C CYS A 540 22.42 44.35 -26.90
C CYS A 540 22.42 44.39 -26.88
N ALA A 541 23.62 44.27 -27.49
CA ALA A 541 24.64 45.31 -27.31
C ALA A 541 24.14 46.71 -27.62
N ALA A 542 23.22 46.86 -28.59
CA ALA A 542 22.72 48.16 -29.04
C ALA A 542 21.73 48.83 -28.11
N ARG A 543 21.15 48.13 -27.13
CA ARG A 543 20.08 48.70 -26.31
C ARG A 543 20.60 49.67 -25.26
N SER A 544 19.86 50.75 -25.04
CA SER A 544 20.10 51.62 -23.89
C SER A 544 18.78 52.30 -23.55
N GLU A 545 18.18 51.93 -22.43
CA GLU A 545 16.87 52.47 -22.02
C GLU A 545 16.49 51.90 -20.67
N GLY A 546 15.63 52.63 -19.96
CA GLY A 546 15.22 52.22 -18.63
C GLY A 546 16.33 52.22 -17.60
N GLY A 547 17.44 52.92 -17.87
CA GLY A 547 18.55 52.95 -16.94
C GLY A 547 19.44 51.72 -16.99
N VAL A 548 19.35 50.93 -18.04
CA VAL A 548 20.15 49.72 -18.22
C VAL A 548 20.66 49.71 -19.64
N LYS A 549 21.92 49.35 -19.82
CA LYS A 549 22.51 49.21 -21.14
C LYS A 549 22.75 47.75 -21.46
N GLY A 550 22.63 47.39 -22.73
CA GLY A 550 23.04 46.09 -23.24
C GLY A 550 21.99 44.99 -23.23
N ARG A 551 20.73 45.31 -22.94
CA ARG A 551 19.78 44.26 -22.60
C ARG A 551 18.41 44.52 -23.20
N ASN A 552 17.75 43.44 -23.59
CA ASN A 552 16.30 43.40 -23.65
C ASN A 552 15.79 42.85 -22.31
N ASN A 553 14.99 43.64 -21.60
CA ASN A 553 14.51 43.27 -20.27
C ASN A 553 13.01 42.98 -20.26
N LYS A 554 12.52 42.36 -21.33
CA LYS A 554 11.15 41.91 -21.42
C LYS A 554 10.96 40.51 -20.85
N GLY A 555 11.93 40.02 -20.07
CA GLY A 555 11.86 38.66 -19.56
C GLY A 555 10.84 38.50 -18.45
N LEU A 556 10.28 37.30 -18.36
CA LEU A 556 9.55 36.91 -17.17
C LEU A 556 10.52 36.50 -16.06
N VAL A 557 11.78 36.24 -16.42
CA VAL A 557 12.83 35.78 -15.54
C VAL A 557 14.10 36.53 -15.93
N THR A 558 14.99 36.76 -14.96
CA THR A 558 16.20 37.54 -15.24
C THR A 558 17.22 36.70 -16.02
N ILE A 559 18.22 37.41 -16.55
CA ILE A 559 19.15 36.82 -17.50
C ILE A 559 20.11 35.82 -16.84
N ASP A 560 20.29 35.91 -15.54
CA ASP A 560 21.08 34.95 -14.80
C ASP A 560 20.25 33.76 -14.33
N ARG A 561 18.98 33.68 -14.76
CA ARG A 561 18.02 32.62 -14.42
C ARG A 561 17.66 32.58 -12.95
N LYS A 562 18.03 33.59 -12.18
CA LYS A 562 17.86 33.54 -10.73
C LYS A 562 16.54 34.12 -10.22
N THR A 563 16.02 35.18 -10.84
CA THR A 563 14.93 35.97 -10.27
C THR A 563 13.72 35.94 -11.19
N ARG A 564 12.64 35.34 -10.71
CA ARG A 564 11.37 35.34 -11.39
C ARG A 564 10.66 36.66 -11.12
N LYS A 565 10.35 37.40 -12.19
CA LYS A 565 9.63 38.64 -12.01
C LYS A 565 8.18 38.34 -11.67
N ASP A 566 7.45 39.37 -11.26
CA ASP A 566 6.06 39.16 -10.89
C ASP A 566 5.22 38.70 -12.09
N SER A 567 5.64 39.07 -13.30
CA SER A 567 4.96 38.61 -14.51
C SER A 567 5.02 37.10 -14.64
N PHE A 568 6.11 36.49 -14.17
CA PHE A 568 6.25 35.04 -14.21
C PHE A 568 5.09 34.37 -13.47
N TYR A 569 4.73 34.88 -12.30
CA TYR A 569 3.70 34.24 -11.46
C TYR A 569 2.30 34.51 -11.97
N VAL A 570 2.09 35.57 -12.75
CA VAL A 570 0.84 35.70 -13.50
C VAL A 570 0.63 34.45 -14.36
N TYR A 571 1.60 34.14 -15.21
CA TYR A 571 1.45 32.99 -16.10
C TYR A 571 1.42 31.69 -15.32
N GLN A 572 2.20 31.59 -14.24
CA GLN A 572 2.17 30.36 -13.45
C GLN A 572 0.77 30.11 -12.90
N ALA A 573 0.14 31.15 -12.35
CA ALA A 573 -1.24 30.99 -11.89
C ALA A 573 -2.21 30.67 -13.04
N TYR A 574 -1.96 31.19 -14.26
CA TYR A 574 -2.88 30.95 -15.35
C TYR A 574 -2.65 29.60 -16.04
N TRP A 575 -1.46 29.03 -15.92
CA TRP A 575 -1.05 27.84 -16.67
C TRP A 575 -0.76 26.63 -15.81
N ALA A 576 -0.05 26.80 -14.68
CA ALA A 576 0.45 25.67 -13.93
C ALA A 576 -0.67 24.98 -13.18
N LYS A 577 -0.50 23.68 -12.96
CA LYS A 577 -1.49 22.92 -12.21
C LYS A 577 -1.12 22.71 -10.75
N ASP A 578 0.18 22.65 -10.42
CA ASP A 578 0.57 22.52 -9.02
C ASP A 578 0.05 23.73 -8.26
N PRO A 579 -0.59 23.55 -7.11
CA PRO A 579 -1.15 24.70 -6.39
C PRO A 579 -0.07 25.70 -5.99
N MET A 580 -0.35 26.99 -6.22
CA MET A 580 0.61 28.04 -5.90
C MET A 580 -0.15 29.29 -5.48
N VAL A 581 0.53 30.13 -4.70
CA VAL A 581 0.00 31.42 -4.30
C VAL A 581 1.18 32.36 -4.12
N HIS A 582 1.10 33.54 -4.74
CA HIS A 582 2.22 34.47 -4.85
C HIS A 582 1.77 35.89 -4.59
N ILE A 583 2.40 36.54 -3.61
CA ILE A 583 2.18 37.95 -3.35
C ILE A 583 3.15 38.76 -4.20
N ALA A 584 2.59 39.59 -5.08
CA ALA A 584 3.35 40.46 -5.97
C ALA A 584 3.92 41.65 -5.20
N GLY A 585 4.96 42.24 -5.77
CA GLY A 585 5.50 43.50 -5.29
C GLY A 585 6.48 43.43 -4.14
N ARG A 586 7.11 42.28 -3.90
CA ARG A 586 8.06 42.16 -2.79
C ARG A 586 9.23 43.15 -2.94
N ARG A 587 9.62 43.48 -4.18
CA ARG A 587 10.68 44.46 -4.41
C ARG A 587 10.17 45.89 -4.31
N HIS A 588 8.86 46.10 -4.31
CA HIS A 588 8.29 47.37 -3.84
C HIS A 588 8.24 47.33 -2.31
N ALA A 589 9.43 47.26 -1.72
CA ALA A 589 9.58 46.93 -0.30
C ALA A 589 9.05 48.04 0.60
N GLN A 590 9.26 49.30 0.26
CA GLN A 590 8.85 50.42 1.08
C GLN A 590 7.66 51.11 0.42
N ARG A 591 6.52 51.14 1.12
CA ARG A 591 5.26 51.60 0.56
C ARG A 591 4.77 52.84 1.31
N ALA A 592 4.60 53.94 0.58
CA ALA A 592 4.07 55.18 1.12
C ALA A 592 2.58 55.31 0.77
N GLY A 593 1.82 55.85 1.70
CA GLY A 593 0.39 56.00 1.50
C GLY A 593 -0.43 55.48 2.67
N GLU A 594 -1.65 55.98 2.83
CA GLU A 594 -2.48 55.51 3.92
C GLU A 594 -2.89 54.06 3.70
N THR A 595 -3.14 53.69 2.44
CA THR A 595 -3.29 52.30 2.04
C THR A 595 -2.43 52.02 0.82
N THR A 596 -2.09 50.75 0.64
CA THR A 596 -1.38 50.29 -0.54
C THR A 596 -2.06 49.03 -1.06
N GLU A 597 -1.97 48.82 -2.37
CA GLU A 597 -2.55 47.61 -2.96
C GLU A 597 -1.55 46.46 -2.89
N VAL A 598 -1.98 45.37 -2.27
CA VAL A 598 -1.21 44.13 -2.20
C VAL A 598 -1.87 43.14 -3.14
N LYS A 599 -1.19 42.82 -4.23
CA LYS A 599 -1.77 41.94 -5.24
C LYS A 599 -1.29 40.52 -5.03
N VAL A 600 -2.19 39.55 -5.20
CA VAL A 600 -1.87 38.13 -5.10
C VAL A 600 -2.28 37.42 -6.39
N TYR A 601 -1.38 36.58 -6.88
CA TYR A 601 -1.66 35.65 -7.97
C TYR A 601 -1.78 34.23 -7.41
N SER A 602 -2.77 33.49 -7.88
CA SER A 602 -2.98 32.12 -7.41
C SER A 602 -3.77 31.33 -8.45
N ASN A 603 -3.47 30.03 -8.55
CA ASN A 603 -4.34 29.14 -9.29
C ASN A 603 -5.41 28.52 -8.39
N GLN A 604 -5.47 28.90 -7.13
CA GLN A 604 -6.65 28.70 -6.32
C GLN A 604 -7.62 29.85 -6.55
N ASP A 605 -8.86 29.66 -6.15
CA ASP A 605 -9.86 30.69 -6.40
C ASP A 605 -10.21 31.52 -5.18
N THR A 606 -9.71 31.16 -4.00
CA THR A 606 -10.01 31.92 -2.81
C THR A 606 -8.72 32.19 -2.06
N VAL A 607 -8.49 33.46 -1.75
CA VAL A 607 -7.29 33.93 -1.08
C VAL A 607 -7.74 34.75 0.12
N THR A 608 -7.14 34.48 1.27
CA THR A 608 -7.30 35.31 2.44
C THR A 608 -5.96 35.97 2.73
N LEU A 609 -5.97 37.30 2.88
CA LEU A 609 -4.77 38.07 3.15
C LEU A 609 -4.68 38.44 4.64
N TYR A 610 -3.48 38.37 5.19
CA TYR A 610 -3.25 38.78 6.56
C TYR A 610 -2.13 39.82 6.63
N CYS A 611 -2.29 40.75 7.57
CA CYS A 611 -1.31 41.80 7.80
C CYS A 611 -0.99 41.82 9.29
N ASN A 612 0.23 41.42 9.65
CA ASN A 612 0.64 41.23 11.05
C ASN A 612 -0.38 40.41 11.82
N GLY A 613 -0.85 39.32 11.19
CA GLY A 613 -1.77 38.39 11.81
C GLY A 613 -3.23 38.78 11.77
N LYS A 614 -3.56 40.02 11.42
CA LYS A 614 -4.95 40.44 11.32
C LYS A 614 -5.45 40.23 9.89
N GLU A 615 -6.64 39.65 9.76
CA GLU A 615 -7.18 39.40 8.44
C GLU A 615 -7.53 40.70 7.74
N VAL A 616 -6.98 40.88 6.54
CA VAL A 616 -7.33 42.04 5.73
C VAL A 616 -8.60 41.79 4.96
N GLY A 617 -8.74 40.61 4.37
CA GLY A 617 -9.98 40.24 3.69
C GLY A 617 -9.84 38.91 2.97
N THR A 618 -10.99 38.40 2.54
CA THR A 618 -11.06 37.19 1.73
C THR A 618 -11.72 37.52 0.40
N GLN A 619 -11.10 37.08 -0.69
CA GLN A 619 -11.67 37.27 -2.02
C GLN A 619 -11.74 35.95 -2.76
N THR A 620 -12.80 35.80 -3.57
CA THR A 620 -12.91 34.73 -4.54
C THR A 620 -12.84 35.37 -5.91
N ALA A 621 -11.90 34.90 -6.72
CA ALA A 621 -11.60 35.57 -7.98
C ALA A 621 -10.89 34.57 -8.88
N HIS A 622 -10.73 34.95 -10.13
CA HIS A 622 -10.02 34.12 -11.09
C HIS A 622 -8.59 34.65 -11.28
N ARG A 623 -7.63 34.05 -10.57
CA ARG A 623 -6.18 34.21 -10.78
C ARG A 623 -5.58 35.47 -10.13
N VAL A 624 -6.18 36.64 -10.35
CA VAL A 624 -5.66 37.90 -9.83
C VAL A 624 -6.55 38.38 -8.70
N PHE A 625 -5.93 38.72 -7.56
CA PHE A 625 -6.60 39.19 -6.35
C PHE A 625 -5.95 40.50 -5.94
N LYS A 626 -6.75 41.53 -5.66
CA LYS A 626 -6.22 42.82 -5.22
C LYS A 626 -6.83 43.20 -3.88
N PHE A 627 -5.98 43.51 -2.91
CA PHE A 627 -6.42 43.90 -1.56
C PHE A 627 -5.92 45.30 -1.26
N ASP A 628 -6.76 46.10 -0.63
CA ASP A 628 -6.35 47.42 -0.15
C ASP A 628 -5.98 47.28 1.31
N VAL A 629 -4.71 47.54 1.63
CA VAL A 629 -4.18 47.24 2.96
C VAL A 629 -3.71 48.52 3.62
N ALA A 630 -4.20 48.76 4.83
CA ALA A 630 -3.68 49.82 5.70
C ALA A 630 -2.52 49.23 6.50
N LEU A 631 -1.31 49.40 5.98
CA LEU A 631 -0.13 48.93 6.67
C LEU A 631 -0.03 49.59 8.03
N ASP A 632 0.40 48.80 9.03
CA ASP A 632 0.83 49.33 10.31
C ASP A 632 2.13 50.12 10.15
N GLU A 633 2.36 51.04 11.09
CA GLU A 633 3.61 51.76 11.10
C GLU A 633 4.74 50.77 11.32
N GLY A 634 5.83 50.94 10.59
CA GLY A 634 6.94 50.02 10.69
C GLY A 634 6.84 48.88 9.70
N PHE A 635 7.28 47.69 10.12
CA PHE A 635 7.33 46.52 9.25
C PHE A 635 6.03 45.73 9.34
N ASN A 636 5.66 45.10 8.23
CA ASN A 636 4.39 44.39 8.10
C ASN A 636 4.63 43.02 7.49
N VAL A 637 4.14 41.99 8.16
CA VAL A 637 4.12 40.64 7.60
C VAL A 637 2.85 40.50 6.77
N LEU A 638 3.00 40.28 5.46
CA LEU A 638 1.86 39.98 4.60
C LEU A 638 1.85 38.49 4.32
N MET A 639 0.77 37.83 4.71
CA MET A 639 0.61 36.40 4.49
C MET A 639 -0.67 36.15 3.70
N ALA A 640 -0.53 35.50 2.55
CA ALA A 640 -1.67 35.12 1.73
C ALA A 640 -1.87 33.61 1.86
N VAL A 641 -3.10 33.22 2.24
CA VAL A 641 -3.48 31.84 2.46
C VAL A 641 -4.45 31.45 1.34
N ALA A 642 -3.99 30.62 0.43
CA ALA A 642 -4.90 30.05 -0.55
C ALA A 642 -5.47 28.79 0.07
N ASP A 643 -5.44 27.66 -0.62
CA ASP A 643 -6.05 26.48 -0.01
C ASP A 643 -5.00 25.71 0.78
N THR A 644 -4.15 24.95 0.08
CA THR A 644 -3.09 24.20 0.73
C THR A 644 -1.74 24.90 0.67
N VAL A 645 -1.68 26.12 0.15
CA VAL A 645 -0.42 26.82 -0.03
C VAL A 645 -0.53 28.18 0.64
N LYS A 646 0.61 28.71 1.06
CA LYS A 646 0.67 30.01 1.70
C LYS A 646 1.86 30.77 1.14
N ASP A 647 1.78 32.10 1.25
CA ASP A 647 2.91 32.94 0.90
C ASP A 647 3.05 34.03 1.96
N SER A 648 4.28 34.53 2.11
CA SER A 648 4.58 35.52 3.14
C SER A 648 5.71 36.42 2.68
N ILE A 649 5.49 37.73 2.78
CA ILE A 649 6.53 38.71 2.53
C ILE A 649 6.47 39.79 3.63
N THR A 650 7.49 40.61 3.68
CA THR A 650 7.56 41.70 4.63
C THR A 650 7.63 43.01 3.87
N LEU A 651 6.77 43.95 4.25
CA LEU A 651 6.75 45.29 3.68
C LEU A 651 6.98 46.28 4.80
N GLU A 652 7.45 47.48 4.43
CA GLU A 652 7.67 48.57 5.36
C GLU A 652 6.80 49.75 4.95
N LYS A 653 5.97 50.22 5.89
CA LYS A 653 5.33 51.52 5.70
C LYS A 653 6.34 52.64 5.84
N VAL A 654 6.31 53.57 4.89
CA VAL A 654 7.22 54.72 4.90
C VAL A 654 6.43 55.97 4.53
N GLU A 655 7.01 57.12 4.84
CA GLU A 655 6.35 58.39 4.57
C GLU A 655 6.48 58.76 3.09
N THR A 656 7.69 58.65 2.54
CA THR A 656 7.93 58.89 1.13
C THR A 656 8.81 57.78 0.60
N GLU A 657 8.43 57.23 -0.56
CA GLU A 657 9.15 56.09 -1.10
C GLU A 657 10.49 56.55 -1.66
N PRO A 658 11.49 55.66 -1.65
CA PRO A 658 12.85 56.08 -2.02
C PRO A 658 12.97 56.58 -3.45
N ALA A 659 13.88 57.54 -3.64
CA ALA A 659 14.16 58.09 -4.97
C ALA A 659 14.50 56.97 -5.95
N CYS A 660 15.19 55.93 -5.47
CA CYS A 660 15.66 54.84 -6.33
C CYS A 660 14.55 53.93 -6.84
N TYR A 661 13.29 54.11 -6.42
CA TYR A 661 12.22 53.40 -7.11
C TYR A 661 11.77 54.05 -8.40
N THR A 662 12.36 55.19 -8.80
CA THR A 662 11.92 55.91 -10.01
C THR A 662 13.10 56.25 -10.91
N LEU A 663 12.95 55.92 -12.19
CA LEU A 663 13.86 56.36 -13.24
C LEU A 663 14.16 57.85 -13.12
N PRO A 664 15.44 58.26 -13.18
CA PRO A 664 15.94 59.63 -13.29
C PRO A 664 15.27 60.47 -14.39
N ASN B 22 -28.06 -7.91 30.78
CA ASN B 22 -27.04 -7.16 31.53
C ASN B 22 -26.93 -7.57 33.00
N ALA B 23 -25.95 -8.43 33.34
CA ALA B 23 -25.94 -9.12 34.63
C ALA B 23 -27.34 -9.69 34.86
N MET B 24 -27.85 -9.64 36.09
CA MET B 24 -29.20 -10.13 36.32
C MET B 24 -30.29 -9.10 35.99
N ARG B 25 -29.97 -7.94 35.40
CA ARG B 25 -31.00 -7.03 34.90
C ARG B 25 -31.53 -7.53 33.56
N GLU B 26 -32.85 -7.64 33.46
CA GLU B 26 -33.55 -8.14 32.28
C GLU B 26 -34.54 -7.06 31.85
N ILE B 27 -34.43 -6.57 30.62
CA ILE B 27 -35.31 -5.53 30.07
C ILE B 27 -36.14 -6.16 28.96
N ILE B 28 -37.45 -6.26 29.17
CA ILE B 28 -38.36 -6.88 28.24
C ILE B 28 -39.17 -5.77 27.56
N SER B 29 -39.08 -5.69 26.24
CA SER B 29 -39.93 -4.78 25.49
C SER B 29 -41.38 -5.23 25.56
N LEU B 30 -42.29 -4.26 25.71
CA LEU B 30 -43.73 -4.52 25.82
C LEU B 30 -44.52 -3.74 24.77
N ASN B 31 -43.94 -3.56 23.59
CA ASN B 31 -44.61 -2.76 22.57
C ASN B 31 -45.73 -3.49 21.86
N GLU B 32 -45.80 -4.81 21.98
CA GLU B 32 -46.77 -5.59 21.23
C GLU B 32 -48.03 -5.86 22.03
N GLY B 33 -49.11 -6.17 21.32
CA GLY B 33 -50.27 -6.80 21.93
C GLY B 33 -51.21 -5.91 22.72
N TRP B 34 -51.30 -4.64 22.37
CA TRP B 34 -52.08 -3.67 23.13
C TRP B 34 -53.45 -3.48 22.52
N THR B 35 -54.40 -3.09 23.37
CA THR B 35 -55.70 -2.64 22.94
C THR B 35 -55.90 -1.20 23.37
N LEU B 36 -56.30 -0.36 22.44
CA LEU B 36 -56.54 1.05 22.71
C LEU B 36 -58.05 1.30 22.70
N ARG B 37 -58.57 1.86 23.80
CA ARG B 37 -59.98 2.19 23.93
C ARG B 37 -60.12 3.68 24.24
N PHE B 38 -61.26 4.25 23.83
CA PHE B 38 -61.57 5.64 24.13
C PHE B 38 -62.86 5.70 24.94
N PRO B 39 -62.77 5.88 26.26
CA PRO B 39 -63.96 5.75 27.11
C PRO B 39 -65.07 6.74 26.80
N LYS B 40 -64.77 7.88 26.18
CA LYS B 40 -65.77 8.83 25.71
C LYS B 40 -66.32 8.49 24.33
N GLY B 41 -65.91 7.37 23.74
CA GLY B 41 -66.54 6.87 22.53
C GLY B 41 -66.16 7.52 21.23
N GLU B 42 -65.02 8.21 21.14
CA GLU B 42 -64.67 8.84 19.88
C GLU B 42 -64.28 7.85 18.80
N ARG B 43 -63.84 6.64 19.18
CA ARG B 43 -63.36 5.64 18.23
C ARG B 43 -63.64 4.27 18.82
N ALA B 44 -63.84 3.30 17.94
CA ALA B 44 -64.01 1.94 18.42
C ALA B 44 -62.68 1.41 18.93
N ALA B 45 -62.75 0.43 19.83
CA ALA B 45 -61.53 -0.21 20.30
C ALA B 45 -60.71 -0.74 19.14
N GLU B 46 -59.40 -0.67 19.27
CA GLU B 46 -58.46 -1.11 18.25
C GLU B 46 -57.26 -1.76 18.94
N THR B 47 -56.65 -2.73 18.25
CA THR B 47 -55.40 -3.31 18.71
C THR B 47 -54.25 -2.61 18.00
N VAL B 48 -53.24 -2.23 18.78
CA VAL B 48 -52.15 -1.37 18.33
C VAL B 48 -50.82 -1.94 18.81
N THR B 49 -49.76 -1.61 18.09
CA THR B 49 -48.38 -1.87 18.50
C THR B 49 -47.73 -0.56 18.89
N LEU B 50 -46.93 -0.60 19.91
CA LEU B 50 -46.18 0.62 20.23
C LEU B 50 -44.87 0.65 19.47
N PRO B 51 -44.32 1.84 19.14
CA PRO B 51 -44.78 3.20 19.42
C PRO B 51 -46.06 3.59 18.69
N HIS B 52 -46.94 4.34 19.36
CA HIS B 52 -48.27 4.62 18.84
C HIS B 52 -48.72 6.03 19.23
N THR B 53 -49.39 6.70 18.30
CA THR B 53 -50.15 7.88 18.66
C THR B 53 -51.46 7.87 17.90
N TRP B 54 -52.55 8.20 18.58
CA TRP B 54 -53.83 8.26 17.90
C TRP B 54 -53.98 9.50 17.00
N ASN B 55 -53.03 10.44 17.05
CA ASN B 55 -53.01 11.62 16.17
C ASN B 55 -52.06 11.46 14.98
N ALA B 56 -51.67 10.23 14.64
CA ALA B 56 -50.68 10.03 13.57
C ALA B 56 -51.14 10.68 12.28
N VAL B 57 -52.43 10.68 12.00
CA VAL B 57 -52.97 11.19 10.75
C VAL B 57 -53.71 12.51 10.96
N ASP B 58 -54.67 12.54 11.88
CA ASP B 58 -55.44 13.76 12.03
C ASP B 58 -54.59 14.90 12.58
N GLY B 59 -53.42 14.59 13.16
CA GLY B 59 -52.49 15.59 13.68
C GLY B 59 -51.70 16.33 12.62
N MET B 60 -51.75 15.86 11.36
CA MET B 60 -51.07 16.59 10.29
C MET B 60 -51.78 16.51 8.93
N ASP B 61 -53.05 16.11 8.85
CA ASP B 61 -53.71 15.99 7.56
C ASP B 61 -54.51 17.23 7.19
N GLY B 62 -54.57 18.23 8.08
CA GLY B 62 -55.27 19.46 7.76
C GLY B 62 -56.79 19.37 7.75
N ASN B 63 -57.36 18.37 8.41
CA ASN B 63 -58.82 18.31 8.56
C ASN B 63 -59.37 19.45 9.39
N GLY B 64 -58.55 20.15 10.16
CA GLY B 64 -58.97 21.30 10.93
C GLY B 64 -58.69 21.19 12.42
N SER B 65 -58.66 19.97 12.94
CA SER B 65 -58.36 19.78 14.35
C SER B 65 -57.66 18.43 14.54
N TYR B 66 -57.46 18.05 15.80
CA TYR B 66 -57.00 16.71 16.16
C TYR B 66 -57.64 16.28 17.47
N LEU B 67 -57.83 14.97 17.62
CA LEU B 67 -58.51 14.43 18.80
C LEU B 67 -57.62 14.61 20.04
N ARG B 68 -58.08 15.45 20.98
CA ARG B 68 -57.48 15.54 22.30
C ARG B 68 -58.46 14.94 23.30
N THR B 69 -58.03 13.90 24.00
CA THR B 69 -58.93 13.14 24.85
C THR B 69 -58.14 12.18 25.74
N THR B 70 -58.81 11.20 26.34
CA THR B 70 -58.19 10.13 27.08
C THR B 70 -58.28 8.84 26.26
N GLY B 71 -57.14 8.19 26.08
CA GLY B 71 -57.07 6.86 25.48
C GLY B 71 -56.49 5.91 26.50
N VAL B 72 -57.03 4.70 26.54
CA VAL B 72 -56.59 3.71 27.51
C VAL B 72 -55.98 2.56 26.75
N TYR B 73 -54.68 2.36 26.93
CA TYR B 73 -53.98 1.20 26.43
C TYR B 73 -53.97 0.10 27.49
N SER B 74 -54.23 -1.11 27.08
CA SER B 74 -54.10 -2.22 28.01
C SER B 74 -53.49 -3.41 27.31
N ARG B 75 -52.67 -4.16 28.05
CA ARG B 75 -52.21 -5.46 27.58
C ARG B 75 -51.97 -6.38 28.76
N THR B 76 -51.70 -7.64 28.42
CA THR B 76 -51.38 -8.68 29.38
C THR B 76 -49.88 -8.98 29.28
N PHE B 77 -49.26 -9.18 30.43
CA PHE B 77 -47.84 -9.50 30.50
C PHE B 77 -47.62 -10.57 31.57
N LYS B 78 -46.55 -11.32 31.41
CA LYS B 78 -46.18 -12.38 32.34
C LYS B 78 -45.16 -11.85 33.35
N LYS B 79 -45.39 -12.12 34.63
CA LYS B 79 -44.52 -11.60 35.67
C LYS B 79 -43.12 -12.17 35.52
N PRO B 80 -42.10 -11.34 35.32
CA PRO B 80 -40.73 -11.85 35.22
C PRO B 80 -40.27 -12.53 36.51
N VAL B 81 -39.28 -13.38 36.36
CA VAL B 81 -38.81 -14.25 37.44
C VAL B 81 -37.31 -14.02 37.61
N GLN B 82 -36.89 -13.83 38.85
CA GLN B 82 -35.46 -13.75 39.13
C GLN B 82 -34.99 -15.07 39.75
N PRO B 83 -33.79 -15.54 39.42
CA PRO B 83 -33.31 -16.79 40.02
C PRO B 83 -33.20 -16.72 41.53
N LEU B 84 -32.86 -15.56 42.12
CA LEU B 84 -32.75 -15.38 43.56
C LEU B 84 -33.98 -14.65 44.09
N THR B 85 -34.42 -15.02 45.30
CA THR B 85 -35.61 -14.43 45.89
C THR B 85 -35.39 -12.94 46.15
N GLY B 86 -36.47 -12.21 46.22
CA GLY B 86 -36.41 -10.77 46.40
C GLY B 86 -36.46 -9.95 45.14
N GLY B 87 -36.63 -10.58 43.97
CA GLY B 87 -36.73 -9.89 42.71
C GLY B 87 -37.74 -8.75 42.70
N ARG B 88 -37.51 -7.78 41.83
CA ARG B 88 -38.35 -6.61 41.74
C ARG B 88 -38.77 -6.40 40.29
N VAL B 89 -39.94 -5.80 40.11
CA VAL B 89 -40.53 -5.62 38.79
C VAL B 89 -40.87 -4.15 38.62
N TYR B 90 -40.29 -3.53 37.61
CA TYR B 90 -40.54 -2.15 37.25
C TYR B 90 -41.17 -2.09 35.87
N VAL B 91 -42.17 -1.22 35.69
CA VAL B 91 -42.64 -0.85 34.37
C VAL B 91 -42.06 0.51 34.02
N GLU B 92 -41.51 0.62 32.82
CA GLU B 92 -40.85 1.82 32.32
C GLU B 92 -41.62 2.34 31.11
N VAL B 93 -42.18 3.55 31.24
CA VAL B 93 -42.83 4.24 30.12
C VAL B 93 -41.83 5.24 29.55
N LEU B 94 -41.45 5.07 28.28
CA LEU B 94 -40.46 5.99 27.72
C LEU B 94 -41.04 7.37 27.44
N ALA B 95 -42.36 7.48 27.23
CA ALA B 95 -43.08 8.76 27.20
C ALA B 95 -44.59 8.54 27.08
N ALA B 96 -45.38 9.44 27.63
CA ALA B 96 -46.84 9.32 27.57
C ALA B 96 -47.41 10.73 27.41
N ALA B 97 -47.79 11.09 26.19
CA ALA B 97 -48.20 12.46 25.90
C ALA B 97 -49.70 12.60 26.11
N LEU B 98 -50.11 13.46 27.05
CA LEU B 98 -49.29 14.36 27.88
C LEU B 98 -49.32 14.02 29.39
N ASP B 99 -50.17 13.06 29.75
CA ASP B 99 -50.64 12.88 31.12
C ASP B 99 -51.05 11.42 31.26
N ALA B 100 -50.52 10.72 32.26
CA ALA B 100 -50.71 9.28 32.29
C ALA B 100 -50.96 8.75 33.69
N THR B 101 -51.71 7.64 33.74
CA THR B 101 -51.87 6.83 34.94
C THR B 101 -51.61 5.38 34.56
N VAL B 102 -50.77 4.71 35.35
CA VAL B 102 -50.43 3.30 35.12
C VAL B 102 -51.11 2.46 36.20
N LYS B 103 -51.84 1.44 35.77
CA LYS B 103 -52.46 0.50 36.70
C LYS B 103 -51.97 -0.91 36.37
N VAL B 104 -51.78 -1.71 37.41
CA VAL B 104 -51.48 -3.12 37.24
C VAL B 104 -52.52 -3.90 38.00
N ASN B 105 -53.23 -4.80 37.30
CA ASN B 105 -54.34 -5.56 37.86
C ASN B 105 -55.30 -4.63 38.60
N GLY B 106 -55.52 -3.44 38.05
CA GLY B 106 -56.45 -2.49 38.57
C GLY B 106 -55.89 -1.48 39.55
N THR B 107 -54.83 -1.80 40.27
CA THR B 107 -54.28 -0.88 41.25
C THR B 107 -53.39 0.15 40.55
N VAL B 108 -53.63 1.43 40.85
CA VAL B 108 -52.75 2.48 40.35
C VAL B 108 -51.33 2.17 40.79
N ALA B 109 -50.39 2.20 39.83
CA ALA B 109 -48.96 2.10 40.10
C ALA B 109 -48.29 3.46 40.18
N THR B 110 -48.68 4.40 39.32
CA THR B 110 -48.07 5.72 39.32
C THR B 110 -48.91 6.63 38.42
N THR B 111 -48.65 7.93 38.54
CA THR B 111 -49.17 8.94 37.65
C THR B 111 -48.02 9.85 37.25
N HIS B 112 -48.13 10.44 36.06
CA HIS B 112 -47.03 11.25 35.55
C HIS B 112 -47.59 12.34 34.66
N GLU B 113 -46.96 13.51 34.74
CA GLU B 113 -47.34 14.66 33.94
C GLU B 113 -46.14 15.12 33.12
N GLY B 114 -46.38 15.51 31.88
CA GLY B 114 -45.30 15.80 30.97
C GLY B 114 -45.15 14.67 29.97
N GLY B 115 -45.24 14.98 28.69
CA GLY B 115 -45.33 13.92 27.71
C GLY B 115 -44.07 13.70 26.89
N PHE B 116 -42.90 14.04 27.43
CA PHE B 116 -41.67 13.81 26.68
C PHE B 116 -40.53 13.26 27.53
N SER B 117 -40.82 12.65 28.68
CA SER B 117 -39.75 12.12 29.52
C SER B 117 -40.11 10.73 30.06
N ILE B 118 -39.08 9.94 30.37
CA ILE B 118 -39.25 8.60 30.93
C ILE B 118 -39.78 8.70 32.35
N PHE B 119 -40.75 7.86 32.69
CA PHE B 119 -41.11 7.63 34.08
C PHE B 119 -41.23 6.13 34.33
N ARG B 120 -41.01 5.74 35.59
CA ARG B 120 -41.04 4.34 35.99
C ARG B 120 -41.90 4.18 37.24
N ALA B 121 -42.30 2.94 37.49
CA ALA B 121 -43.04 2.55 38.70
C ALA B 121 -42.64 1.14 39.13
N ASP B 122 -42.32 0.99 40.41
CA ASP B 122 -42.10 -0.32 41.02
C ASP B 122 -43.44 -1.03 41.17
N ILE B 123 -43.65 -2.09 40.40
CA ILE B 123 -44.93 -2.79 40.44
C ILE B 123 -44.78 -4.18 41.06
N THR B 124 -43.66 -4.42 41.74
CA THR B 124 -43.37 -5.72 42.33
C THR B 124 -44.58 -6.29 43.08
N ASP B 125 -45.15 -5.50 43.99
CA ASP B 125 -46.22 -5.95 44.85
C ASP B 125 -47.59 -5.97 44.18
N LEU B 126 -47.74 -5.38 43.01
CA LEU B 126 -48.99 -5.46 42.26
C LEU B 126 -49.06 -6.68 41.35
N CYS B 127 -48.03 -7.51 41.31
CA CYS B 127 -47.95 -8.61 40.36
C CYS B 127 -48.35 -9.92 41.00
N ARG B 128 -49.11 -10.71 40.26
CA ARG B 128 -49.30 -12.12 40.57
C ARG B 128 -48.46 -12.95 39.61
N ASP B 129 -48.31 -14.23 39.92
CA ASP B 129 -47.64 -15.14 39.01
C ASP B 129 -48.43 -15.28 37.72
N GLY B 130 -47.73 -15.61 36.64
CA GLY B 130 -48.39 -15.72 35.35
C GLY B 130 -48.90 -14.38 34.87
N ASP B 131 -50.11 -14.40 34.31
CA ASP B 131 -50.63 -13.24 33.60
C ASP B 131 -51.02 -12.11 34.54
N ASN B 132 -50.65 -10.90 34.13
CA ASN B 132 -51.10 -9.69 34.80
C ASN B 132 -51.67 -8.76 33.74
N GLU B 133 -52.43 -7.76 34.18
CA GLU B 133 -52.97 -6.75 33.30
C GLU B 133 -52.29 -5.41 33.57
N LEU B 134 -51.73 -4.84 32.52
CA LEU B 134 -51.18 -3.50 32.53
C LEU B 134 -52.12 -2.59 31.76
N THR B 135 -52.56 -1.50 32.41
CA THR B 135 -53.36 -0.47 31.75
C THR B 135 -52.68 0.88 31.96
N ILE B 136 -52.60 1.67 30.90
CA ILE B 136 -51.98 2.99 30.92
C ILE B 136 -52.98 3.98 30.33
N GLU B 137 -53.54 4.85 31.17
CA GLU B 137 -54.45 5.88 30.70
C GLU B 137 -53.63 7.08 30.32
N VAL B 138 -53.86 7.59 29.11
CA VAL B 138 -53.11 8.71 28.57
C VAL B 138 -54.09 9.76 28.09
N SER B 139 -53.84 11.02 28.46
CA SER B 139 -54.63 12.13 27.97
C SER B 139 -53.71 13.20 27.42
N ASN B 140 -54.00 13.69 26.21
CA ASN B 140 -53.32 14.86 25.67
C ASN B 140 -54.19 16.12 25.72
N GLU B 141 -55.17 16.16 26.63
CA GLU B 141 -55.97 17.35 26.89
C GLU B 141 -55.21 18.31 27.81
N ASP B 142 -55.56 19.59 27.69
CA ASP B 142 -54.98 20.63 28.54
C ASP B 142 -55.44 20.49 30.00
N THR B 143 -54.62 20.99 30.92
CA THR B 143 -54.89 21.06 32.35
C THR B 143 -54.36 22.37 32.91
N PRO B 144 -54.78 22.75 34.12
CA PRO B 144 -54.25 23.99 34.71
C PRO B 144 -52.73 24.06 34.81
N SER B 145 -52.05 22.92 35.02
CA SER B 145 -50.60 22.93 35.21
C SER B 145 -49.81 22.52 33.96
N MET B 146 -50.48 22.16 32.88
CA MET B 146 -49.85 21.46 31.76
C MET B 146 -49.07 22.41 30.84
N TYR B 147 -47.84 22.01 30.50
CA TYR B 147 -47.08 22.47 29.36
C TYR B 147 -46.72 21.29 28.47
N PRO B 148 -46.69 21.49 27.14
CA PRO B 148 -47.07 22.70 26.41
C PRO B 148 -48.58 22.89 26.36
N ALA B 149 -49.04 24.06 25.91
CA ALA B 149 -50.47 24.34 25.91
C ALA B 149 -50.80 25.30 24.79
N SER B 150 -49.87 26.19 24.47
CA SER B 150 -50.00 27.11 23.34
C SER B 150 -48.73 27.04 22.51
N ALA B 151 -48.81 26.44 21.33
CA ALA B 151 -47.63 26.25 20.49
C ALA B 151 -48.03 25.89 19.07
N ASP B 152 -47.10 26.14 18.14
CA ASP B 152 -47.27 25.85 16.71
C ASP B 152 -46.68 24.47 16.42
N PHE B 153 -47.36 23.46 16.94
CA PHE B 153 -47.07 22.05 16.64
C PHE B 153 -48.07 21.18 17.35
N THR B 154 -48.35 20.01 16.78
CA THR B 154 -49.41 19.15 17.28
C THR B 154 -48.96 18.41 18.53
N PHE B 155 -49.82 18.40 19.55
CA PHE B 155 -49.58 17.63 20.77
C PHE B 155 -50.12 16.22 20.56
N TYR B 156 -49.34 15.41 19.85
CA TYR B 156 -49.75 14.05 19.54
C TYR B 156 -49.95 13.24 20.82
N GLY B 157 -51.08 12.54 20.92
CA GLY B 157 -51.41 11.81 22.13
C GLY B 157 -50.94 10.36 22.10
N GLY B 158 -50.56 9.86 23.27
CA GLY B 158 -50.38 8.42 23.38
C GLY B 158 -49.00 7.97 23.79
N LEU B 159 -48.72 6.71 23.49
CA LEU B 159 -47.47 6.05 23.89
C LEU B 159 -46.53 5.96 22.68
N TYR B 160 -46.02 7.12 22.31
CA TYR B 160 -45.38 7.25 20.99
C TYR B 160 -43.93 6.81 21.01
N ARG B 161 -43.46 6.24 22.12
CA ARG B 161 -42.10 5.77 22.26
C ARG B 161 -41.96 4.34 22.79
N GLY B 162 -43.04 3.71 23.24
CA GLY B 162 -42.98 2.34 23.70
C GLY B 162 -42.83 2.24 25.21
N VAL B 163 -42.86 0.99 25.68
CA VAL B 163 -42.95 0.64 27.10
C VAL B 163 -42.04 -0.55 27.39
N ASN B 164 -41.40 -0.55 28.57
CA ASN B 164 -40.53 -1.65 28.94
C ASN B 164 -40.91 -2.22 30.28
N LEU B 165 -40.62 -3.50 30.47
CA LEU B 165 -40.63 -4.15 31.76
C LEU B 165 -39.18 -4.36 32.16
N ILE B 166 -38.85 -4.02 33.42
CA ILE B 166 -37.50 -4.21 33.94
C ILE B 166 -37.55 -5.14 35.15
N SER B 167 -36.69 -6.15 35.13
CA SER B 167 -36.59 -7.16 36.18
C SER B 167 -35.21 -7.04 36.78
N VAL B 168 -35.12 -6.86 38.10
CA VAL B 168 -33.82 -6.69 38.77
C VAL B 168 -33.81 -7.44 40.10
N PRO B 169 -32.63 -7.69 40.65
CA PRO B 169 -32.54 -8.21 42.03
C PRO B 169 -32.99 -7.15 43.03
N ASN B 170 -33.10 -7.59 44.29
CA ASN B 170 -33.48 -6.66 45.35
C ASN B 170 -32.47 -5.52 45.47
N ALA B 171 -31.19 -5.81 45.31
CA ALA B 171 -30.17 -4.77 45.23
C ALA B 171 -29.90 -4.48 43.76
N HIS B 172 -30.01 -3.21 43.38
CA HIS B 172 -29.91 -2.81 41.98
C HIS B 172 -29.61 -1.32 41.89
N PHE B 173 -29.09 -0.92 40.73
CA PHE B 173 -28.96 0.51 40.45
C PHE B 173 -30.34 1.17 40.35
N ASP B 174 -30.40 2.42 40.81
CA ASP B 174 -31.65 3.12 41.06
C ASP B 174 -32.51 3.26 39.80
N LEU B 175 -33.78 2.86 39.93
CA LEU B 175 -34.79 3.04 38.90
C LEU B 175 -35.85 4.08 39.26
N ASP B 176 -35.81 4.64 40.46
CA ASP B 176 -36.91 5.42 41.01
C ASP B 176 -36.67 6.92 41.02
N TYR B 177 -35.50 7.39 40.58
CA TYR B 177 -35.17 8.81 40.66
C TYR B 177 -35.33 9.46 39.29
N TYR B 178 -36.51 10.01 39.04
CA TYR B 178 -36.75 10.88 37.89
C TYR B 178 -36.41 10.21 36.57
N GLY B 179 -36.70 8.91 36.47
CA GLY B 179 -36.49 8.14 35.25
C GLY B 179 -35.08 8.16 34.72
N GLY B 180 -34.09 8.50 35.56
CA GLY B 180 -32.70 8.54 35.15
C GLY B 180 -32.05 7.18 35.10
N PRO B 181 -30.81 7.14 34.61
CA PRO B 181 -30.14 5.85 34.37
C PRO B 181 -29.47 5.25 35.60
N GLY B 182 -29.33 5.99 36.69
CA GLY B 182 -28.65 5.51 37.87
C GLY B 182 -27.16 5.72 37.90
N ILE B 183 -26.62 6.51 36.97
CA ILE B 183 -25.20 6.83 36.96
C ILE B 183 -25.03 8.19 36.30
N MET B 184 -24.18 9.04 36.88
CA MET B 184 -23.82 10.29 36.25
C MET B 184 -22.30 10.33 36.02
N VAL B 185 -21.90 10.81 34.85
CA VAL B 185 -20.50 10.79 34.44
C VAL B 185 -20.14 12.19 34.00
N THR B 186 -19.12 12.76 34.62
CA THR B 186 -18.63 14.08 34.25
C THR B 186 -17.22 13.94 33.71
N PRO B 187 -17.04 13.86 32.39
CA PRO B 187 -15.68 13.77 31.82
C PRO B 187 -15.09 15.15 31.63
N LYS B 188 -13.80 15.28 31.94
CA LYS B 188 -13.13 16.55 31.70
C LYS B 188 -11.70 16.28 31.23
N PRO B 189 -11.21 17.03 30.24
CA PRO B 189 -9.81 16.86 29.82
C PRO B 189 -8.84 17.44 30.84
N THR B 190 -7.63 16.91 30.85
CA THR B 190 -6.60 17.39 31.76
C THR B 190 -5.48 18.06 30.97
N ALA B 191 -4.74 18.92 31.67
CA ALA B 191 -3.64 19.63 31.05
C ALA B 191 -2.64 18.70 30.37
N ASP B 192 -2.43 17.49 30.90
CA ASP B 192 -1.44 16.59 30.34
C ASP B 192 -1.98 15.69 29.23
N GLY B 193 -3.14 15.99 28.68
CA GLY B 193 -3.65 15.22 27.57
C GLY B 193 -4.49 14.03 27.95
N GLY B 194 -4.83 13.87 29.21
CA GLY B 194 -5.71 12.81 29.65
C GLY B 194 -7.08 13.35 29.97
N ALA B 195 -7.86 12.53 30.67
CA ALA B 195 -9.18 12.98 31.08
C ALA B 195 -9.50 12.38 32.43
N THR B 196 -10.18 13.16 33.27
CA THR B 196 -10.74 12.64 34.49
C THR B 196 -12.21 12.36 34.25
N PHE B 197 -12.70 11.28 34.85
CA PHE B 197 -14.11 10.90 34.84
C PHE B 197 -14.56 10.95 36.30
N GLU B 198 -15.26 12.00 36.69
CA GLU B 198 -15.93 12.00 37.97
C GLU B 198 -17.23 11.23 37.78
N ILE B 199 -17.38 10.12 38.51
CA ILE B 199 -18.50 9.21 38.35
C ILE B 199 -19.26 9.07 39.66
N LYS B 200 -20.58 9.12 39.59
CA LYS B 200 -21.41 8.70 40.71
C LYS B 200 -22.49 7.76 40.21
N SER B 201 -22.65 6.62 40.88
CA SER B 201 -23.74 5.68 40.64
C SER B 201 -24.64 5.64 41.87
N PHE B 202 -25.85 5.11 41.70
CA PHE B 202 -26.82 5.13 42.79
C PHE B 202 -27.41 3.75 42.97
N VAL B 203 -27.35 3.24 44.19
CA VAL B 203 -27.73 1.88 44.48
C VAL B 203 -28.93 1.86 45.41
N THR B 204 -29.99 1.21 44.96
CA THR B 204 -31.11 0.87 45.82
C THR B 204 -30.76 -0.36 46.64
N ASN B 205 -30.95 -0.26 47.95
CA ASN B 205 -30.64 -1.29 48.93
C ASN B 205 -29.16 -1.65 48.90
N PRO B 206 -28.27 -0.68 49.06
CA PRO B 206 -26.85 -1.02 49.22
C PRO B 206 -26.63 -1.76 50.52
N ASP B 207 -25.43 -2.32 50.64
CA ASP B 207 -25.07 -3.16 51.78
C ASP B 207 -23.58 -3.45 51.65
N ASP B 208 -22.93 -3.74 52.79
CA ASP B 208 -21.47 -3.90 52.80
C ASP B 208 -20.99 -5.03 51.91
N SER B 209 -21.82 -6.01 51.62
CA SER B 209 -21.39 -7.08 50.73
C SER B 209 -21.44 -6.71 49.26
N PHE B 210 -21.99 -5.54 48.91
CA PHE B 210 -22.04 -5.09 47.53
C PHE B 210 -21.00 -4.00 47.29
N THR B 211 -20.24 -4.15 46.20
CA THR B 211 -19.36 -3.13 45.66
C THR B 211 -19.87 -2.68 44.30
N VAL B 212 -19.42 -1.52 43.85
CA VAL B 212 -19.63 -1.05 42.49
C VAL B 212 -18.27 -1.05 41.79
N MET B 213 -18.15 -1.88 40.76
CA MET B 213 -16.93 -1.99 39.98
C MET B 213 -17.12 -1.19 38.69
N TYR B 214 -16.30 -0.16 38.54
CA TYR B 214 -16.36 0.74 37.41
C TYR B 214 -15.30 0.36 36.40
N SER B 215 -15.67 0.41 35.13
CA SER B 215 -14.76 0.11 34.04
C SER B 215 -15.01 1.14 32.93
N ILE B 216 -13.92 1.67 32.35
CA ILE B 216 -14.00 2.60 31.24
C ILE B 216 -13.40 1.95 30.00
N GLU B 217 -14.17 1.93 28.91
CA GLU B 217 -13.74 1.34 27.65
C GLU B 217 -13.54 2.42 26.59
N ASP B 218 -12.48 2.29 25.79
CA ASP B 218 -12.13 3.31 24.81
C ASP B 218 -13.01 3.12 23.57
N PRO B 219 -12.90 3.99 22.55
CA PRO B 219 -13.77 3.87 21.37
C PRO B 219 -13.77 2.49 20.72
N TYR B 220 -12.70 1.70 20.91
CA TYR B 220 -12.55 0.38 20.32
C TYR B 220 -13.00 -0.74 21.24
N GLY B 221 -13.48 -0.42 22.44
CA GLY B 221 -13.93 -1.44 23.37
C GLY B 221 -12.88 -2.01 24.29
N CYS B 222 -11.67 -1.47 24.31
CA CYS B 222 -10.63 -1.92 25.23
C CYS B 222 -10.71 -1.14 26.54
N GLU B 223 -10.62 -1.87 27.66
CA GLU B 223 -10.56 -1.25 28.98
C GLU B 223 -9.29 -0.40 29.13
N VAL B 224 -9.44 0.80 29.68
CA VAL B 224 -8.30 1.70 29.79
C VAL B 224 -8.14 2.19 31.22
N ALA B 225 -9.12 1.92 32.07
CA ALA B 225 -9.12 2.47 33.42
C ALA B 225 -10.26 1.83 34.20
N SER B 226 -10.13 1.81 35.52
CA SER B 226 -11.17 1.20 36.36
C SER B 226 -10.95 1.63 37.80
N ALA B 227 -11.97 1.36 38.64
CA ALA B 227 -11.97 1.67 40.07
C ALA B 227 -13.17 0.96 40.71
N VAL B 228 -13.08 0.77 42.03
CA VAL B 228 -14.07 0.04 42.80
C VAL B 228 -14.45 0.89 44.01
N ARG B 229 -15.73 0.90 44.35
CA ARG B 229 -16.24 1.69 45.46
C ARG B 229 -17.20 0.83 46.24
N PRO B 230 -17.40 1.13 47.52
CA PRO B 230 -18.50 0.51 48.27
C PRO B 230 -19.83 0.96 47.67
N SER B 231 -20.84 0.08 47.77
CA SER B 231 -22.14 0.45 47.18
C SER B 231 -22.87 1.54 47.96
N ASP B 232 -22.45 1.84 49.18
CA ASP B 232 -23.05 2.95 49.93
C ASP B 232 -22.19 4.22 49.88
N ASN B 233 -21.23 4.27 48.96
CA ASN B 233 -20.31 5.41 48.85
C ASN B 233 -19.62 5.36 47.49
N THR B 234 -20.37 5.66 46.43
CA THR B 234 -19.96 5.23 45.10
C THR B 234 -19.18 6.27 44.31
N ALA B 235 -19.00 7.47 44.82
CA ALA B 235 -18.35 8.51 44.04
C ALA B 235 -16.85 8.26 43.96
N ILE B 236 -16.27 8.48 42.77
CA ILE B 236 -14.87 8.20 42.49
C ILE B 236 -14.50 8.95 41.24
N SER B 237 -13.21 9.28 41.10
CA SER B 237 -12.68 9.92 39.91
C SER B 237 -11.64 9.01 39.27
N ILE B 238 -11.85 8.69 38.00
CA ILE B 238 -10.98 7.78 37.25
C ILE B 238 -10.27 8.57 36.15
N TYR B 239 -8.96 8.37 36.03
CA TYR B 239 -8.14 9.04 35.03
C TYR B 239 -7.85 8.12 33.84
N VAL B 240 -8.07 8.63 32.64
CA VAL B 240 -7.69 7.96 31.38
C VAL B 240 -6.55 8.75 30.74
N PRO B 241 -5.39 8.16 30.51
CA PRO B 241 -4.33 8.88 29.82
C PRO B 241 -4.59 8.96 28.32
N ASP B 242 -3.95 9.93 27.69
CA ASP B 242 -3.99 10.10 26.22
C ASP B 242 -5.42 10.01 25.69
N ALA B 243 -6.32 10.72 26.37
CA ALA B 243 -7.74 10.68 26.05
C ALA B 243 -8.03 11.22 24.65
N GLU B 244 -9.01 10.63 23.99
CA GLU B 244 -9.50 11.08 22.69
C GLU B 244 -10.70 12.00 22.89
N LEU B 245 -10.53 13.28 22.62
CA LEU B 245 -11.60 14.22 22.88
C LEU B 245 -12.76 14.04 21.90
N TRP B 246 -13.94 14.48 22.34
CA TRP B 246 -15.15 14.48 21.54
C TRP B 246 -15.33 15.85 20.88
N SER B 247 -15.61 15.85 19.58
CA SER B 247 -16.04 17.06 18.88
C SER B 247 -17.05 16.65 17.82
N MET B 248 -17.68 17.66 17.20
CA MET B 248 -18.65 17.36 16.14
C MET B 248 -17.98 16.68 14.94
N ASP B 249 -16.73 17.04 14.61
CA ASP B 249 -16.00 16.41 13.51
C ASP B 249 -15.46 15.02 13.88
N GLU B 250 -14.96 14.86 15.12
CA GLU B 250 -14.43 13.58 15.61
C GLU B 250 -15.13 13.21 16.91
N PRO B 251 -16.33 12.66 16.84
CA PRO B 251 -17.14 12.36 18.03
C PRO B 251 -16.72 11.09 18.76
N ASN B 252 -15.48 11.07 19.27
CA ASN B 252 -14.97 9.89 19.99
C ASN B 252 -15.75 9.65 21.28
N LEU B 253 -16.12 8.40 21.52
CA LEU B 253 -16.93 8.05 22.68
C LEU B 253 -16.21 7.02 23.53
N TYR B 254 -16.33 7.19 24.85
CA TYR B 254 -15.95 6.18 25.82
C TYR B 254 -17.19 5.57 26.44
N THR B 255 -17.01 4.43 27.08
CA THR B 255 -18.12 3.69 27.69
C THR B 255 -17.78 3.41 29.15
N VAL B 256 -18.61 3.92 30.04
CA VAL B 256 -18.44 3.69 31.45
C VAL B 256 -19.39 2.56 31.84
N VAL B 257 -18.85 1.48 32.37
CA VAL B 257 -19.61 0.34 32.84
C VAL B 257 -19.58 0.36 34.36
N ALA B 258 -20.76 0.23 34.97
CA ALA B 258 -20.88 0.13 36.42
C ALA B 258 -21.53 -1.21 36.70
N ARG B 259 -20.90 -1.98 37.58
CA ARG B 259 -21.31 -3.34 37.85
C ARG B 259 -21.46 -3.48 39.35
N LEU B 260 -22.66 -3.87 39.79
CA LEU B 260 -22.97 -4.12 41.19
C LEU B 260 -22.64 -5.58 41.53
N GLN B 261 -21.70 -5.78 42.46
CA GLN B 261 -20.97 -7.03 42.63
C GLN B 261 -21.08 -7.54 44.07
N ARG B 262 -21.36 -8.82 44.21
CA ARG B 262 -21.25 -9.51 45.49
C ARG B 262 -20.51 -10.81 45.29
N ASN B 263 -19.46 -11.04 46.08
CA ASN B 263 -18.60 -12.23 45.94
C ASN B 263 -18.10 -12.27 44.49
N ASN B 264 -18.27 -13.36 43.75
CA ASN B 264 -17.81 -13.47 42.36
C ASN B 264 -18.98 -13.38 41.37
N GLU B 265 -20.00 -12.58 41.71
CA GLU B 265 -21.25 -12.55 40.98
C GLU B 265 -21.66 -11.10 40.74
N ALA B 266 -22.07 -10.80 39.51
CA ALA B 266 -22.67 -9.50 39.19
C ALA B 266 -24.20 -9.56 39.37
N PHE B 267 -24.72 -8.64 40.18
CA PHE B 267 -26.17 -8.51 40.38
C PHE B 267 -26.81 -7.54 39.39
N ASP B 268 -26.21 -6.38 39.17
CA ASP B 268 -26.78 -5.45 38.23
C ASP B 268 -25.63 -4.81 37.44
N GLU B 269 -25.98 -4.23 36.29
CA GLU B 269 -25.01 -3.63 35.38
C GLU B 269 -25.68 -2.55 34.56
N ILE B 270 -25.10 -1.36 34.54
CA ILE B 270 -25.58 -0.25 33.74
C ILE B 270 -24.38 0.37 33.04
N TYR B 271 -24.65 1.09 31.96
CA TYR B 271 -23.54 1.73 31.27
C TYR B 271 -23.99 3.05 30.64
N ALA B 272 -23.01 3.84 30.22
CA ALA B 272 -23.27 5.12 29.57
C ALA B 272 -22.15 5.43 28.60
N ASN B 273 -22.51 5.86 27.40
CA ASN B 273 -21.53 6.36 26.44
C ASN B 273 -21.37 7.85 26.67
N VAL B 274 -20.12 8.29 26.79
CA VAL B 274 -19.82 9.65 27.17
C VAL B 274 -18.69 10.15 26.29
N GLY B 275 -18.51 11.47 26.28
CA GLY B 275 -17.47 12.09 25.49
C GLY B 275 -16.76 13.12 26.34
N VAL B 276 -15.49 13.37 25.97
CA VAL B 276 -14.59 14.28 26.69
C VAL B 276 -14.46 15.55 25.87
N ARG B 277 -15.03 16.66 26.36
CA ARG B 277 -14.88 17.92 25.66
C ARG B 277 -15.05 19.06 26.66
N SER B 278 -14.37 20.17 26.38
CA SER B 278 -14.66 21.44 27.01
C SER B 278 -15.02 22.47 25.93
N TYR B 279 -15.76 23.50 26.33
CA TYR B 279 -16.22 24.47 25.37
C TYR B 279 -16.48 25.80 26.07
N THR B 280 -16.39 26.88 25.30
CA THR B 280 -16.66 28.22 25.81
C THR B 280 -17.51 28.96 24.80
N VAL B 281 -18.32 29.89 25.30
CA VAL B 281 -18.96 30.91 24.48
C VAL B 281 -18.57 32.27 25.03
N THR B 282 -18.06 33.14 24.16
CA THR B 282 -17.82 34.53 24.53
C THR B 282 -18.62 35.44 23.63
N PRO B 283 -19.01 36.62 24.12
CA PRO B 283 -19.79 37.54 23.26
C PRO B 283 -19.04 37.99 22.01
N ASP B 284 -17.72 38.15 22.09
CA ASP B 284 -16.97 38.50 20.89
C ASP B 284 -16.41 37.30 20.15
N GLY B 285 -16.22 36.16 20.81
CA GLY B 285 -15.59 35.05 20.13
C GLY B 285 -16.51 33.99 19.53
N GLY B 286 -17.81 34.07 19.81
CA GLY B 286 -18.66 32.97 19.45
C GLY B 286 -18.36 31.71 20.25
N PHE B 287 -18.54 30.56 19.59
CA PHE B 287 -18.43 29.25 20.23
C PHE B 287 -17.07 28.63 19.96
N SER B 288 -16.52 27.99 21.00
CA SER B 288 -15.27 27.25 20.94
C SER B 288 -15.46 25.88 21.56
N ILE B 289 -14.88 24.84 20.97
CA ILE B 289 -14.84 23.52 21.60
C ILE B 289 -13.40 23.03 21.57
N ASN B 290 -12.91 22.55 22.74
CA ASN B 290 -11.55 22.02 22.89
C ASN B 290 -10.49 23.01 22.42
N GLY B 291 -10.73 24.30 22.63
CA GLY B 291 -9.77 25.33 22.26
C GLY B 291 -9.75 25.75 20.80
N GLU B 292 -10.78 25.44 20.02
CA GLU B 292 -10.85 25.87 18.63
C GLU B 292 -12.14 26.63 18.39
N ALA B 293 -12.02 27.87 17.91
CA ALA B 293 -13.21 28.61 17.51
C ALA B 293 -13.95 27.84 16.44
N THR B 294 -15.19 27.46 16.74
CA THR B 294 -16.00 26.65 15.83
C THR B 294 -17.38 27.24 15.80
N PRO B 295 -17.65 28.14 14.86
CA PRO B 295 -19.00 28.72 14.79
C PRO B 295 -20.02 27.62 14.59
N LEU B 296 -21.12 27.70 15.35
CA LEU B 296 -22.19 26.70 15.32
C LEU B 296 -23.25 27.11 14.29
N ARG B 297 -23.40 26.30 13.24
CA ARG B 297 -24.31 26.61 12.15
C ARG B 297 -25.14 25.36 11.83
N GLY B 298 -26.43 25.42 12.15
CA GLY B 298 -27.23 24.22 12.04
C GLY B 298 -28.72 24.45 11.93
N VAL B 299 -29.51 23.56 12.54
CA VAL B 299 -30.94 23.46 12.28
C VAL B 299 -31.65 23.06 13.56
N SER B 300 -32.94 23.30 13.58
CA SER B 300 -33.82 22.65 14.55
C SER B 300 -34.46 21.42 13.91
N ARG B 301 -34.99 20.55 14.75
CA ARG B 301 -35.61 19.30 14.32
C ARG B 301 -36.76 18.99 15.25
N HIS B 302 -37.98 18.94 14.72
CA HIS B 302 -39.12 18.37 15.41
C HIS B 302 -39.13 16.85 15.26
N GLN B 303 -39.89 16.16 16.11
CA GLN B 303 -39.77 14.71 16.22
C GLN B 303 -40.92 13.95 15.53
N ASP B 304 -41.57 14.54 14.54
CA ASP B 304 -42.64 13.83 13.84
C ASP B 304 -42.21 13.48 12.42
N LYS B 305 -43.08 12.75 11.73
CA LYS B 305 -42.79 12.30 10.38
C LYS B 305 -44.11 11.92 9.71
N LEU B 306 -44.16 12.04 8.37
CA LEU B 306 -45.39 11.98 7.59
C LEU B 306 -46.31 10.79 7.91
N TYR B 307 -47.46 11.10 8.49
CA TYR B 307 -48.53 10.17 8.87
C TYR B 307 -48.09 9.10 9.87
N LYS B 308 -46.96 9.27 10.54
CA LYS B 308 -46.68 8.49 11.74
C LYS B 308 -46.77 9.32 13.02
N GLY B 309 -47.19 10.58 12.94
CA GLY B 309 -47.14 11.44 14.12
C GLY B 309 -45.72 11.49 14.67
N ASN B 310 -45.60 11.42 15.98
CA ASN B 310 -44.30 11.34 16.63
C ASN B 310 -43.91 9.90 16.98
N ALA B 311 -44.60 8.90 16.40
CA ALA B 311 -44.33 7.50 16.75
C ALA B 311 -43.22 6.96 15.84
N LEU B 312 -42.01 7.41 16.10
CA LEU B 312 -40.90 7.10 15.22
C LEU B 312 -40.14 5.86 15.70
N THR B 313 -39.49 5.19 14.76
CA THR B 313 -38.59 4.09 15.09
C THR B 313 -37.18 4.62 15.28
N VAL B 314 -36.30 3.74 15.77
CA VAL B 314 -34.90 4.10 15.93
C VAL B 314 -34.30 4.46 14.56
N GLU B 315 -34.71 3.75 13.51
CA GLU B 315 -34.22 4.04 12.17
C GLU B 315 -34.62 5.44 11.72
N ASP B 316 -35.85 5.85 12.07
CA ASP B 316 -36.27 7.21 11.74
C ASP B 316 -35.38 8.25 12.40
N HIS B 317 -35.00 8.02 13.66
CA HIS B 317 -34.18 9.03 14.32
C HIS B 317 -32.79 9.08 13.69
N TYR B 318 -32.19 7.92 13.40
CA TYR B 318 -30.86 7.93 12.80
C TYR B 318 -30.90 8.45 11.38
N GLN B 319 -31.98 8.18 10.66
CA GLN B 319 -32.09 8.71 9.31
C GLN B 319 -32.14 10.23 9.35
N ASP B 320 -32.93 10.80 10.27
CA ASP B 320 -32.90 12.25 10.47
C ASP B 320 -31.48 12.75 10.71
N ALA B 321 -30.75 12.05 11.60
CA ALA B 321 -29.42 12.49 11.98
C ALA B 321 -28.47 12.44 10.79
N GLN B 322 -28.51 11.33 10.01
CA GLN B 322 -27.62 11.23 8.86
C GLN B 322 -27.90 12.31 7.82
N ILE B 323 -29.18 12.63 7.58
CA ILE B 323 -29.51 13.71 6.65
C ILE B 323 -28.94 15.04 7.16
N ILE B 324 -29.05 15.28 8.47
CA ILE B 324 -28.54 16.55 8.99
C ILE B 324 -27.02 16.59 8.90
N LYS B 325 -26.37 15.42 8.96
CA LYS B 325 -24.92 15.36 8.81
C LYS B 325 -24.49 15.63 7.37
N GLU B 326 -25.21 15.06 6.38
CA GLU B 326 -24.86 15.33 4.98
C GLU B 326 -24.97 16.80 4.66
N LEU B 327 -25.98 17.46 5.24
CA LEU B 327 -26.17 18.90 5.08
C LEU B 327 -24.96 19.69 5.54
N GLY B 328 -24.23 19.18 6.52
CA GLY B 328 -23.06 19.87 7.01
C GLY B 328 -23.30 20.72 8.25
N ALA B 329 -24.44 20.57 8.91
CA ALA B 329 -24.67 21.18 10.20
C ALA B 329 -23.76 20.60 11.27
N ASN B 330 -23.35 21.47 12.21
CA ASN B 330 -22.69 20.99 13.41
C ASN B 330 -23.49 21.27 14.67
N THR B 331 -24.70 21.82 14.55
CA THR B 331 -25.51 22.02 15.74
C THR B 331 -26.97 21.72 15.43
N ILE B 332 -27.66 21.16 16.42
CA ILE B 332 -29.07 20.83 16.29
C ILE B 332 -29.80 21.38 17.51
N ARG B 333 -30.80 22.23 17.28
CA ARG B 333 -31.66 22.68 18.37
C ARG B 333 -32.85 21.72 18.47
N LEU B 334 -32.92 20.97 19.57
CA LEU B 334 -33.94 19.92 19.70
C LEU B 334 -35.14 20.53 20.40
N ALA B 335 -35.94 21.25 19.61
CA ALA B 335 -37.12 21.92 20.12
C ALA B 335 -38.33 20.97 20.01
N HIS B 336 -39.40 21.25 20.77
CA HIS B 336 -39.46 22.20 21.91
C HIS B 336 -39.60 21.42 23.24
N TYR B 337 -38.89 20.30 23.37
CA TYR B 337 -39.19 19.31 24.41
C TYR B 337 -38.03 18.32 24.44
N GLN B 338 -38.10 17.38 25.37
CA GLN B 338 -37.12 16.30 25.43
C GLN B 338 -37.33 15.35 24.25
N HIS B 339 -36.27 15.11 23.49
CA HIS B 339 -36.38 14.19 22.36
C HIS B 339 -36.12 12.74 22.79
N SER B 340 -36.14 11.84 21.80
CA SER B 340 -35.86 10.42 22.02
C SER B 340 -34.42 10.23 22.50
N GLN B 341 -34.22 9.25 23.39
CA GLN B 341 -32.85 8.80 23.65
C GLN B 341 -32.14 8.39 22.37
N ASP B 342 -32.89 7.80 21.40
CA ASP B 342 -32.27 7.42 20.14
C ASP B 342 -31.70 8.61 19.40
N PHE B 343 -32.38 9.77 19.46
CA PHE B 343 -31.82 10.87 18.69
C PHE B 343 -30.64 11.51 19.40
N TYR B 344 -30.67 11.59 20.73
CA TYR B 344 -29.50 12.10 21.45
C TYR B 344 -28.30 11.20 21.20
N ASP B 345 -28.50 9.88 21.33
CA ASP B 345 -27.48 8.90 20.95
C ASP B 345 -26.95 9.20 19.55
N ALA B 346 -27.85 9.32 18.56
CA ALA B 346 -27.39 9.64 17.21
C ALA B 346 -26.53 10.89 17.18
N CYS B 347 -26.87 11.89 18.00
CA CYS B 347 -26.08 13.12 18.04
C CYS B 347 -24.73 12.90 18.69
N ASP B 348 -24.70 12.09 19.75
CA ASP B 348 -23.43 11.70 20.35
C ASP B 348 -22.55 11.03 19.32
N GLU B 349 -23.11 10.09 18.57
CA GLU B 349 -22.27 9.28 17.70
C GLU B 349 -21.89 10.02 16.43
N LEU B 350 -22.83 10.74 15.82
CA LEU B 350 -22.52 11.37 14.55
C LEU B 350 -21.82 12.71 14.75
N GLY B 351 -22.03 13.37 15.88
CA GLY B 351 -21.32 14.59 16.23
C GLY B 351 -22.08 15.87 15.94
N PHE B 352 -22.91 16.32 16.89
CA PHE B 352 -23.64 17.58 16.81
C PHE B 352 -23.64 18.28 18.17
N ALA B 353 -23.43 19.60 18.18
CA ALA B 353 -23.66 20.40 19.38
C ALA B 353 -25.18 20.56 19.56
N VAL B 354 -25.71 20.10 20.69
CA VAL B 354 -27.14 19.95 20.91
C VAL B 354 -27.62 21.00 21.91
N TRP B 355 -28.75 21.64 21.59
CA TRP B 355 -29.50 22.47 22.52
C TRP B 355 -30.75 21.67 22.89
N ALA B 356 -30.86 21.30 24.15
CA ALA B 356 -32.02 20.59 24.68
C ALA B 356 -32.86 21.53 25.54
N GLU B 357 -34.18 21.37 25.48
CA GLU B 357 -35.06 22.31 26.18
C GLU B 357 -36.33 21.62 26.67
N ILE B 358 -37.06 22.33 27.54
CA ILE B 358 -38.35 21.86 28.03
C ILE B 358 -39.45 22.67 27.33
N PRO B 359 -40.73 22.15 27.23
CA PRO B 359 -41.80 22.89 26.55
C PRO B 359 -42.42 23.99 27.40
N PHE B 360 -41.57 24.81 28.02
CA PHE B 360 -41.96 26.04 28.70
C PHE B 360 -42.09 27.09 27.61
N ILE B 361 -43.27 27.13 26.97
CA ILE B 361 -43.42 27.74 25.65
C ILE B 361 -44.63 28.70 25.64
N SER B 362 -44.40 29.92 25.13
CA SER B 362 -45.42 30.86 24.68
C SER B 362 -46.18 31.62 25.77
N VAL B 363 -46.86 30.92 26.67
CA VAL B 363 -47.83 31.51 27.59
C VAL B 363 -47.54 31.01 29.00
N PHE B 364 -47.11 31.91 29.89
CA PHE B 364 -46.89 31.55 31.29
C PHE B 364 -48.21 31.35 32.01
N LYS B 365 -48.33 30.20 32.68
CA LYS B 365 -49.49 29.87 33.52
C LYS B 365 -49.13 30.10 34.97
N SER B 366 -49.99 30.81 35.69
CA SER B 366 -49.76 31.04 37.12
C SER B 366 -50.15 29.80 37.92
N GLY B 367 -49.70 29.76 39.17
CA GLY B 367 -50.05 28.67 40.06
C GLY B 367 -48.88 27.85 40.57
N LYS B 368 -49.05 27.31 41.77
CA LYS B 368 -48.05 26.39 42.31
C LYS B 368 -47.91 25.16 41.44
N ASP B 369 -49.01 24.67 40.89
CA ASP B 369 -48.96 23.44 40.10
C ASP B 369 -48.27 23.66 38.75
N ALA B 370 -48.54 24.79 38.08
CA ALA B 370 -47.80 25.06 36.84
C ALA B 370 -46.32 25.28 37.12
N HIS B 371 -45.98 25.88 38.26
CA HIS B 371 -44.58 26.01 38.65
C HIS B 371 -43.95 24.65 38.90
N THR B 372 -44.68 23.75 39.57
CA THR B 372 -44.11 22.45 39.86
C THR B 372 -43.91 21.64 38.59
N HIS B 373 -44.83 21.75 37.63
CA HIS B 373 -44.64 21.07 36.35
C HIS B 373 -43.34 21.50 35.68
N VAL B 374 -43.07 22.80 35.63
CA VAL B 374 -41.92 23.29 34.89
C VAL B 374 -40.61 22.85 35.55
N MET B 375 -40.54 22.94 36.89
CA MET B 375 -39.34 22.52 37.62
C MET B 375 -39.09 21.03 37.44
N GLU B 376 -40.13 20.21 37.62
CA GLU B 376 -39.97 18.78 37.50
C GLU B 376 -39.53 18.38 36.10
N GLU B 377 -40.06 19.06 35.07
CA GLU B 377 -39.70 18.70 33.71
C GLU B 377 -38.27 19.10 33.38
N MET B 378 -37.78 20.19 33.96
CA MET B 378 -36.36 20.48 33.82
C MET B 378 -35.52 19.49 34.62
N LYS B 379 -36.04 19.02 35.76
CA LYS B 379 -35.33 18.01 36.52
C LYS B 379 -35.21 16.70 35.72
N GLU B 380 -36.29 16.30 35.05
CA GLU B 380 -36.28 15.06 34.26
C GLU B 380 -35.39 15.20 33.04
N LEU B 381 -35.39 16.37 32.40
CA LEU B 381 -34.55 16.55 31.22
C LEU B 381 -33.08 16.40 31.55
N ILE B 382 -32.64 17.03 32.63
CA ILE B 382 -31.22 17.05 32.95
C ILE B 382 -30.76 15.72 33.51
N ILE B 383 -31.53 15.12 34.42
CA ILE B 383 -31.15 13.86 35.03
C ILE B 383 -31.15 12.72 34.01
N GLN B 384 -32.07 12.75 33.05
CA GLN B 384 -32.15 11.67 32.08
C GLN B 384 -31.12 11.81 30.96
N ASN B 385 -30.55 13.00 30.78
CA ASN B 385 -29.66 13.24 29.65
C ASN B 385 -28.31 13.78 30.08
N TYR B 386 -28.00 13.69 31.38
CA TYR B 386 -26.76 14.25 31.90
C TYR B 386 -25.53 13.66 31.20
N ASN B 387 -25.56 12.38 30.82
CA ASN B 387 -24.36 11.74 30.30
C ASN B 387 -24.11 11.98 28.81
N HIS B 388 -25.07 12.48 28.06
CA HIS B 388 -24.89 12.74 26.63
C HIS B 388 -23.86 13.84 26.37
N PRO B 389 -22.72 13.53 25.73
CA PRO B 389 -21.75 14.60 25.41
C PRO B 389 -22.26 15.60 24.38
N SER B 390 -23.20 15.21 23.51
CA SER B 390 -23.62 16.13 22.47
C SER B 390 -24.38 17.33 23.04
N ILE B 391 -25.02 17.18 24.19
CA ILE B 391 -25.79 18.27 24.79
C ILE B 391 -24.83 19.27 25.42
N LEU B 392 -24.85 20.50 24.91
CA LEU B 392 -24.02 21.57 25.44
C LEU B 392 -24.80 22.70 26.10
N PHE B 393 -26.10 22.82 25.82
CA PHE B 393 -26.92 23.90 26.32
C PHE B 393 -28.26 23.37 26.83
N TRP B 394 -28.66 23.79 28.03
CA TRP B 394 -30.02 23.60 28.52
C TRP B 394 -30.80 24.88 28.23
N GLY B 395 -31.88 24.76 27.46
CA GLY B 395 -32.78 25.86 27.18
C GLY B 395 -33.98 25.79 28.10
N ILE B 396 -34.34 26.94 28.69
CA ILE B 396 -35.33 26.92 29.77
C ILE B 396 -36.71 27.42 29.32
N SER B 397 -36.77 28.25 28.28
CA SER B 397 -38.07 28.67 27.77
C SER B 397 -37.92 29.07 26.32
N ASN B 398 -39.05 29.04 25.59
CA ASN B 398 -39.09 29.48 24.20
C ASN B 398 -40.26 30.42 23.98
N GLU B 399 -39.97 31.65 23.54
CA GLU B 399 -41.01 32.66 23.22
C GLU B 399 -42.00 32.85 24.38
N ILE B 400 -41.49 32.88 25.61
CA ILE B 400 -42.41 32.86 26.76
C ILE B 400 -43.12 34.19 26.99
N LEU B 401 -42.68 35.27 26.34
CA LEU B 401 -43.32 36.58 26.48
C LEU B 401 -44.53 36.75 25.57
N ILE B 402 -44.93 35.72 24.83
CA ILE B 402 -46.07 35.85 23.92
C ILE B 402 -47.33 36.17 24.69
N GLY B 403 -47.48 35.61 25.89
CA GLY B 403 -48.64 35.83 26.73
C GLY B 403 -48.50 36.98 27.71
N GLY B 404 -47.46 37.77 27.57
CA GLY B 404 -47.23 38.86 28.49
C GLY B 404 -46.32 38.52 29.65
N ILE B 405 -45.49 39.50 30.02
CA ILE B 405 -44.61 39.35 31.16
C ILE B 405 -45.41 39.48 32.45
N SER B 406 -44.80 39.02 33.54
CA SER B 406 -45.34 39.17 34.87
C SER B 406 -44.20 38.85 35.82
N GLN B 407 -44.33 39.29 37.08
CA GLN B 407 -43.29 38.97 38.04
C GLN B 407 -43.18 37.48 38.25
N GLU B 408 -44.32 36.77 38.30
CA GLU B 408 -44.27 35.34 38.53
C GLU B 408 -43.54 34.61 37.41
N LEU B 409 -43.59 35.14 36.18
CA LEU B 409 -42.84 34.54 35.07
C LEU B 409 -41.34 34.73 35.26
N VAL B 410 -40.91 35.97 35.53
CA VAL B 410 -39.49 36.26 35.64
C VAL B 410 -38.87 35.47 36.80
N ASP B 411 -39.64 35.22 37.85
CA ASP B 411 -39.13 34.44 38.99
C ASP B 411 -39.03 32.97 38.65
N THR B 412 -39.94 32.45 37.82
CA THR B 412 -39.83 31.06 37.39
C THR B 412 -38.54 30.85 36.59
N HIS B 413 -38.11 31.87 35.82
CA HIS B 413 -36.89 31.72 35.03
C HIS B 413 -35.64 31.74 35.90
N HIS B 414 -35.62 32.57 36.95
CA HIS B 414 -34.49 32.54 37.88
C HIS B 414 -34.44 31.21 38.62
N ASP B 415 -35.61 30.65 38.94
CA ASP B 415 -35.70 29.32 39.55
C ASP B 415 -35.11 28.24 38.65
N LEU B 416 -35.46 28.29 37.36
CA LEU B 416 -34.95 27.31 36.39
C LEU B 416 -33.45 27.44 36.21
N GLN B 417 -32.95 28.68 36.03
CA GLN B 417 -31.51 28.91 36.03
C GLN B 417 -30.85 28.31 37.26
N LYS B 418 -31.37 28.64 38.45
CA LYS B 418 -30.80 28.12 39.69
C LYS B 418 -30.76 26.59 39.67
N LEU B 419 -31.83 25.96 39.18
CA LEU B 419 -31.91 24.51 39.17
C LEU B 419 -30.89 23.90 38.21
N CYS B 420 -30.84 24.42 36.97
CA CYS B 420 -29.84 23.95 36.01
C CYS B 420 -28.42 24.02 36.55
N LYS B 421 -28.10 25.06 37.32
CA LYS B 421 -26.72 25.24 37.78
C LYS B 421 -26.39 24.37 38.99
N GLU B 422 -27.37 23.98 39.80
CA GLU B 422 -27.06 23.06 40.88
C GLU B 422 -27.19 21.60 40.46
N LEU B 423 -28.08 21.27 39.52
CA LEU B 423 -28.10 19.92 38.98
C LEU B 423 -26.89 19.65 38.08
N ASP B 424 -26.44 20.65 37.32
CA ASP B 424 -25.42 20.46 36.30
C ASP B 424 -24.71 21.76 35.99
N PRO B 425 -23.62 22.08 36.69
CA PRO B 425 -22.88 23.30 36.37
C PRO B 425 -21.95 23.14 35.18
N THR B 426 -21.77 21.92 34.69
CA THR B 426 -20.88 21.70 33.55
C THR B 426 -21.43 22.25 32.25
N ARG B 427 -22.69 22.69 32.20
CA ARG B 427 -23.34 23.08 30.94
C ARG B 427 -23.90 24.50 31.02
N LEU B 428 -24.05 25.11 29.84
CA LEU B 428 -24.52 26.48 29.69
C LEU B 428 -26.05 26.53 29.61
N THR B 429 -26.65 27.50 30.28
CA THR B 429 -28.09 27.74 30.12
C THR B 429 -28.33 28.73 28.98
N THR B 430 -29.45 28.52 28.28
CA THR B 430 -29.83 29.36 27.16
C THR B 430 -31.33 29.56 27.18
N ILE B 431 -31.79 30.48 26.32
CA ILE B 431 -33.19 30.86 26.24
C ILE B 431 -33.45 31.30 24.82
N ALA B 432 -34.70 31.15 24.37
CA ALA B 432 -35.11 31.61 23.03
C ALA B 432 -36.16 32.71 23.18
N HIS B 433 -35.82 33.94 22.83
CA HIS B 433 -36.77 35.04 22.97
C HIS B 433 -37.66 35.16 21.72
N VAL B 434 -38.96 35.44 21.96
CA VAL B 434 -39.83 35.84 20.84
C VAL B 434 -39.26 37.10 20.18
N SER B 435 -39.64 37.33 18.91
CA SER B 435 -38.98 38.33 18.08
C SER B 435 -39.13 39.74 18.63
N HIS B 436 -40.29 40.08 19.19
CA HIS B 436 -40.55 41.40 19.72
C HIS B 436 -40.13 41.55 21.16
N THR B 437 -39.31 40.64 21.68
CA THR B 437 -38.82 40.74 23.04
C THR B 437 -37.95 41.99 23.19
N PRO B 438 -38.25 42.87 24.15
CA PRO B 438 -37.46 44.09 24.33
C PRO B 438 -35.98 43.78 24.51
N THR B 439 -35.14 44.55 23.83
CA THR B 439 -33.72 44.24 23.91
C THR B 439 -33.10 44.53 25.27
N SER B 440 -33.82 45.25 26.14
CA SER B 440 -33.42 45.46 27.53
C SER B 440 -34.61 45.19 28.43
N GLY B 441 -34.34 44.76 29.65
CA GLY B 441 -35.40 44.35 30.55
C GLY B 441 -35.11 43.04 31.24
N PRO B 442 -36.05 42.56 32.06
CA PRO B 442 -35.75 41.44 32.96
C PRO B 442 -35.49 40.10 32.24
N MET B 443 -35.78 39.96 30.94
CA MET B 443 -35.58 38.65 30.31
C MET B 443 -34.13 38.38 29.91
N HIS B 444 -33.27 39.39 29.87
CA HIS B 444 -31.86 39.20 29.55
C HIS B 444 -30.98 39.02 30.78
N ARG B 445 -29.78 38.51 30.55
CA ARG B 445 -28.77 38.32 31.59
C ARG B 445 -29.25 37.39 32.71
N ILE B 446 -30.14 36.44 32.41
CA ILE B 446 -30.53 35.38 33.34
C ILE B 446 -29.80 34.09 33.03
N THR B 447 -29.68 33.76 31.75
CA THR B 447 -29.02 32.55 31.30
C THR B 447 -27.63 32.89 30.75
N ASP B 448 -26.77 31.88 30.66
CA ASP B 448 -25.38 32.11 30.25
C ASP B 448 -25.28 32.70 28.85
N VAL B 449 -26.07 32.18 27.89
CA VAL B 449 -26.13 32.68 26.52
C VAL B 449 -27.60 32.88 26.18
N GLU B 450 -27.87 33.56 25.06
CA GLU B 450 -29.23 33.93 24.72
C GLU B 450 -29.42 33.90 23.21
N SER B 451 -30.67 33.72 22.79
CA SER B 451 -30.99 33.71 21.36
C SER B 451 -32.35 34.32 21.08
N TYR B 452 -32.49 34.87 19.87
CA TYR B 452 -33.76 35.38 19.37
C TYR B 452 -34.33 34.50 18.26
N ASN B 453 -35.65 34.46 18.18
CA ASN B 453 -36.38 33.91 17.04
C ASN B 453 -36.81 35.07 16.14
N HIS B 454 -36.16 35.23 15.00
CA HIS B 454 -36.53 36.30 14.07
C HIS B 454 -37.02 35.74 12.75
N TYR B 455 -37.98 36.44 12.15
CA TYR B 455 -38.53 36.09 10.86
C TYR B 455 -38.66 37.30 9.93
N PHE B 456 -37.70 38.24 10.01
CA PHE B 456 -37.71 39.40 9.11
C PHE B 456 -37.55 38.96 7.67
N GLY B 457 -38.49 39.35 6.81
CA GLY B 457 -38.54 38.85 5.46
C GLY B 457 -39.59 37.77 5.24
N TRP B 458 -40.21 37.27 6.32
CA TRP B 458 -41.33 36.33 6.21
C TRP B 458 -42.57 36.81 6.96
N TYR B 459 -42.52 36.95 8.30
CA TYR B 459 -43.65 37.52 9.05
C TYR B 459 -43.60 39.03 9.11
N GLY B 460 -43.28 39.70 8.01
CA GLY B 460 -43.10 41.14 8.04
C GLY B 460 -41.64 41.52 7.98
N GLY B 461 -41.39 42.75 7.54
CA GLY B 461 -40.05 43.23 7.35
C GLY B 461 -39.45 42.73 6.06
N LYS B 462 -38.21 43.14 5.80
CA LYS B 462 -37.44 42.73 4.64
C LYS B 462 -36.26 41.87 5.06
N ILE B 463 -35.88 40.94 4.17
CA ILE B 463 -34.73 40.05 4.36
C ILE B 463 -33.48 40.83 4.78
N GLU B 464 -33.22 41.97 4.12
CA GLU B 464 -32.05 42.80 4.40
C GLU B 464 -32.07 43.45 5.79
N GLN B 465 -33.16 43.34 6.55
CA GLN B 465 -33.19 43.86 7.92
C GLN B 465 -32.44 42.98 8.91
N ASN B 466 -32.15 41.72 8.56
CA ASN B 466 -31.61 40.77 9.53
C ASN B 466 -30.21 41.17 9.98
N GLY B 467 -29.32 41.46 9.03
CA GLY B 467 -27.95 41.79 9.33
C GLY B 467 -27.85 42.96 10.30
N PRO B 468 -28.48 44.08 9.94
CA PRO B 468 -28.43 45.24 10.85
C PRO B 468 -28.98 44.94 12.23
N TRP B 469 -30.08 44.18 12.33
CA TRP B 469 -30.62 43.86 13.65
C TRP B 469 -29.59 43.12 14.49
N LEU B 470 -28.89 42.15 13.91
CA LEU B 470 -27.79 41.52 14.63
C LEU B 470 -26.78 42.57 15.08
N ASP B 471 -26.25 43.35 14.14
CA ASP B 471 -25.19 44.30 14.49
C ASP B 471 -25.64 45.30 15.57
N LYS B 472 -26.89 45.75 15.49
CA LYS B 472 -27.35 46.74 16.47
C LYS B 472 -27.46 46.13 17.86
N PHE B 473 -28.03 44.92 17.95
CA PHE B 473 -28.09 44.25 19.26
C PHE B 473 -26.70 43.99 19.80
N HIS B 474 -25.75 43.64 18.92
CA HIS B 474 -24.41 43.33 19.39
C HIS B 474 -23.75 44.57 19.95
N ALA B 475 -23.82 45.68 19.22
CA ALA B 475 -23.16 46.90 19.66
C ALA B 475 -23.73 47.42 20.97
N GLU B 476 -25.04 47.21 21.21
CA GLU B 476 -25.67 47.70 22.43
C GLU B 476 -25.53 46.76 23.62
N ASN B 477 -25.32 45.47 23.41
CA ASN B 477 -25.14 44.50 24.49
C ASN B 477 -23.87 43.70 24.24
N PRO B 478 -22.70 44.34 24.31
CA PRO B 478 -21.45 43.61 24.03
C PRO B 478 -21.13 42.53 25.06
N ASP B 479 -21.93 42.41 26.13
CA ASP B 479 -21.74 41.42 27.17
C ASP B 479 -22.72 40.25 27.05
N ILE B 480 -23.63 40.28 26.09
CA ILE B 480 -24.55 39.16 25.85
C ILE B 480 -24.02 38.34 24.69
N CYS B 481 -23.97 37.02 24.87
CA CYS B 481 -23.68 36.08 23.79
C CYS B 481 -24.96 35.88 23.00
N LEU B 482 -25.05 36.47 21.81
CA LEU B 482 -26.24 36.40 20.99
C LEU B 482 -26.15 35.28 19.96
N GLY B 483 -27.16 34.40 19.97
CA GLY B 483 -27.40 33.49 18.88
C GLY B 483 -28.79 33.73 18.30
N ILE B 484 -29.07 33.07 17.17
CA ILE B 484 -30.39 33.12 16.53
C ILE B 484 -30.98 31.72 16.59
N SER B 485 -31.96 31.54 17.49
CA SER B 485 -32.51 30.21 17.73
C SER B 485 -33.61 29.81 16.76
N GLU B 486 -34.20 30.77 16.03
CA GLU B 486 -35.12 30.45 14.95
C GLU B 486 -35.01 31.52 13.89
N TYR B 487 -34.87 31.08 12.65
CA TYR B 487 -35.07 31.94 11.50
C TYR B 487 -35.46 31.04 10.34
N GLY B 488 -36.38 31.51 9.52
CA GLY B 488 -36.79 30.68 8.42
C GLY B 488 -37.86 31.38 7.61
N CYS B 489 -38.36 30.64 6.63
CA CYS B 489 -39.24 31.14 5.60
C CYS B 489 -39.96 29.94 5.02
N GLU B 490 -41.25 30.09 4.74
CA GLU B 490 -41.99 28.98 4.15
C GLU B 490 -41.54 28.74 2.71
N GLY B 491 -41.54 27.49 2.31
CA GLY B 491 -41.29 27.12 0.93
C GLY B 491 -42.13 25.92 0.55
N ILE B 492 -43.10 26.11 -0.33
CA ILE B 492 -43.97 25.04 -0.81
C ILE B 492 -43.61 24.82 -2.27
N ILE B 493 -43.17 23.59 -2.60
CA ILE B 493 -42.32 23.39 -3.79
C ILE B 493 -43.09 23.16 -5.09
N ASN B 494 -44.40 23.30 -5.07
CA ASN B 494 -45.14 23.39 -6.32
C ASN B 494 -45.38 24.82 -6.79
N TRP B 495 -45.04 25.83 -5.98
CA TRP B 495 -45.16 27.24 -6.36
C TRP B 495 -43.80 27.75 -6.81
N HIS B 496 -43.78 28.44 -7.94
CA HIS B 496 -42.54 28.94 -8.53
C HIS B 496 -42.77 30.28 -9.18
N SER B 497 -41.90 31.24 -8.89
CA SER B 497 -42.04 32.60 -9.36
C SER B 497 -40.77 33.08 -10.06
N ASN B 498 -40.94 33.82 -11.16
CA ASN B 498 -39.80 34.50 -11.75
C ASN B 498 -39.50 35.80 -11.04
N THR B 499 -40.42 36.29 -10.22
CA THR B 499 -40.23 37.48 -9.39
C THR B 499 -40.55 37.10 -7.95
N PRO B 500 -39.68 36.33 -7.29
CA PRO B 500 -40.05 35.77 -5.98
C PRO B 500 -40.19 36.85 -4.93
N GLN B 501 -41.24 36.71 -4.13
CA GLN B 501 -41.57 37.75 -3.17
C GLN B 501 -42.27 37.12 -1.98
N CYS B 502 -42.16 37.79 -0.84
CA CYS B 502 -42.77 37.31 0.39
C CYS B 502 -44.25 37.00 0.17
N LYS B 503 -44.71 35.91 0.80
CA LYS B 503 -46.07 35.38 0.77
C LYS B 503 -46.51 34.79 -0.57
N ASP B 504 -45.62 34.65 -1.57
CA ASP B 504 -45.99 33.76 -2.67
C ASP B 504 -45.72 32.29 -2.37
N TYR B 505 -45.07 31.99 -1.24
CA TYR B 505 -44.74 30.65 -0.80
C TYR B 505 -43.91 29.88 -1.82
N SER B 506 -43.21 30.58 -2.71
CA SER B 506 -42.44 29.91 -3.74
C SER B 506 -41.14 29.35 -3.15
N GLU B 507 -40.67 28.26 -3.77
CA GLU B 507 -39.38 27.68 -3.41
C GLU B 507 -38.26 28.69 -3.62
N GLU B 508 -38.39 29.54 -4.65
CA GLU B 508 -37.33 30.49 -4.98
C GLU B 508 -37.21 31.57 -3.93
N TYR B 509 -38.32 32.01 -3.35
CA TYR B 509 -38.21 33.04 -2.33
C TYR B 509 -37.60 32.49 -1.06
N GLN B 510 -37.97 31.26 -0.67
CA GLN B 510 -37.34 30.65 0.50
C GLN B 510 -35.84 30.49 0.30
N ALA B 511 -35.43 30.19 -0.94
CA ALA B 511 -34.02 30.07 -1.24
C ALA B 511 -33.30 31.41 -1.20
N LEU B 512 -33.99 32.51 -1.50
CA LEU B 512 -33.37 33.83 -1.39
C LEU B 512 -33.23 34.23 0.06
N TYR B 513 -34.21 33.89 0.88
CA TYR B 513 -34.13 34.17 2.29
C TYR B 513 -32.91 33.51 2.91
N HIS B 514 -32.66 32.24 2.56
CA HIS B 514 -31.57 31.50 3.19
C HIS B 514 -30.22 31.75 2.54
N GLU B 515 -30.19 32.06 1.24
CA GLU B 515 -28.97 32.61 0.66
C GLU B 515 -28.44 33.78 1.48
N TYR B 516 -29.32 34.71 1.84
CA TYR B 516 -28.88 35.87 2.60
C TYR B 516 -28.41 35.46 4.00
N MET B 517 -29.22 34.67 4.70
CA MET B 517 -28.92 34.33 6.09
C MET B 517 -27.65 33.50 6.24
N ALA B 518 -27.39 32.59 5.29
CA ALA B 518 -26.16 31.81 5.31
C ALA B 518 -24.95 32.71 5.30
N GLN B 519 -24.92 33.69 4.39
CA GLN B 519 -23.80 34.63 4.32
C GLN B 519 -23.75 35.52 5.56
N ALA B 520 -24.91 35.95 6.03
CA ALA B 520 -24.98 36.83 7.18
C ALA B 520 -24.35 36.17 8.41
N PHE B 521 -24.56 34.85 8.57
CA PHE B 521 -24.03 34.18 9.75
C PHE B 521 -22.58 33.78 9.54
N GLU B 522 -22.16 33.57 8.29
CA GLU B 522 -20.75 33.40 8.01
C GLU B 522 -19.99 34.70 8.25
N ASP B 523 -20.63 35.83 8.04
CA ASP B 523 -19.97 37.12 8.24
C ASP B 523 -19.80 37.51 9.70
N ARG B 524 -20.41 36.76 10.63
CA ARG B 524 -20.48 37.11 12.06
C ARG B 524 -20.14 35.92 12.93
N PRO B 525 -18.86 35.58 13.09
CA PRO B 525 -18.50 34.46 13.98
C PRO B 525 -18.90 34.64 15.43
N TRP B 526 -19.11 35.89 15.90
CA TRP B 526 -19.57 36.16 17.26
C TRP B 526 -21.03 35.76 17.50
N ILE B 527 -21.77 35.41 16.46
CA ILE B 527 -23.05 34.73 16.65
C ILE B 527 -22.74 33.29 17.07
N TRP B 528 -23.05 32.94 18.32
CA TRP B 528 -22.53 31.67 18.84
C TRP B 528 -23.18 30.49 18.12
N ALA B 529 -24.49 30.56 17.84
CA ALA B 529 -25.18 29.51 17.12
C ALA B 529 -26.38 30.09 16.40
N SER B 530 -26.55 29.70 15.14
CA SER B 530 -27.77 29.95 14.38
C SER B 530 -28.44 28.62 14.07
N HIS B 531 -29.77 28.60 14.18
CA HIS B 531 -30.57 27.40 13.92
C HIS B 531 -31.70 27.72 12.95
N VAL B 532 -31.63 27.17 11.74
CA VAL B 532 -32.73 27.25 10.80
C VAL B 532 -33.98 26.65 11.41
N TRP B 533 -35.07 27.38 11.36
CA TRP B 533 -36.39 26.81 11.57
C TRP B 533 -36.97 26.53 10.19
N ASN B 534 -37.12 25.25 9.81
CA ASN B 534 -36.84 24.04 10.56
C ASN B 534 -36.14 23.12 9.58
N MET B 535 -35.52 22.01 10.05
CA MET B 535 -34.88 21.08 9.12
C MET B 535 -35.92 20.43 8.22
N PHE B 536 -37.06 20.08 8.79
CA PHE B 536 -38.10 19.33 8.12
C PHE B 536 -39.42 20.08 8.28
N ASP B 537 -40.23 20.13 7.22
CA ASP B 537 -41.61 20.49 7.42
C ASP B 537 -42.18 19.61 8.52
N PHE B 538 -43.11 20.16 9.32
CA PHE B 538 -43.66 19.38 10.43
C PHE B 538 -45.14 19.66 10.63
N GLY B 539 -45.75 18.86 11.50
CA GLY B 539 -47.19 18.91 11.74
C GLY B 539 -47.72 19.95 12.71
N CYS B 540 -48.55 20.88 12.22
N CYS B 540 -48.61 20.81 12.21
CA CYS B 540 -49.33 21.76 13.09
CA CYS B 540 -49.33 21.81 13.00
C CYS B 540 -50.78 21.75 12.62
C CYS B 540 -50.80 21.76 12.59
N ALA B 541 -51.64 21.08 13.39
CA ALA B 541 -53.05 20.92 13.02
C ALA B 541 -53.77 22.24 12.74
N ALA B 542 -53.34 23.35 13.36
CA ALA B 542 -54.06 24.62 13.20
C ALA B 542 -53.64 25.41 11.97
N ARG B 543 -52.53 25.09 11.31
CA ARG B 543 -52.04 25.90 10.21
C ARG B 543 -52.90 25.73 8.97
N SER B 544 -53.02 26.82 8.20
CA SER B 544 -53.75 26.78 6.92
C SER B 544 -53.32 28.01 6.13
N GLU B 545 -52.46 27.82 5.14
CA GLU B 545 -51.85 28.92 4.39
C GLU B 545 -51.00 28.33 3.29
N GLY B 546 -50.70 29.16 2.28
CA GLY B 546 -49.96 28.72 1.11
C GLY B 546 -50.62 27.60 0.31
N GLY B 547 -51.92 27.35 0.50
CA GLY B 547 -52.56 26.27 -0.23
C GLY B 547 -52.31 24.89 0.34
N VAL B 548 -51.80 24.80 1.57
CA VAL B 548 -51.60 23.56 2.28
C VAL B 548 -52.20 23.69 3.67
N LYS B 549 -52.80 22.61 4.16
CA LYS B 549 -53.36 22.58 5.51
C LYS B 549 -52.58 21.64 6.42
N GLY B 550 -52.39 22.05 7.67
CA GLY B 550 -51.91 21.18 8.71
C GLY B 550 -50.41 21.08 8.86
N ARG B 551 -49.66 22.05 8.29
CA ARG B 551 -48.24 21.93 8.14
C ARG B 551 -47.57 23.26 8.47
N ASN B 552 -46.44 23.16 9.14
CA ASN B 552 -45.41 24.19 9.01
C ASN B 552 -44.45 23.74 7.91
N ASN B 553 -44.32 24.56 6.86
CA ASN B 553 -43.54 24.21 5.68
C ASN B 553 -42.28 25.06 5.56
N LYS B 554 -41.66 25.40 6.67
CA LYS B 554 -40.40 26.13 6.65
C LYS B 554 -39.20 25.19 6.55
N GLY B 555 -39.43 23.89 6.30
CA GLY B 555 -38.35 22.92 6.30
C GLY B 555 -37.37 23.15 5.17
N LEU B 556 -36.12 22.73 5.39
CA LEU B 556 -35.21 22.56 4.28
C LEU B 556 -35.47 21.26 3.53
N VAL B 557 -36.13 20.31 4.19
CA VAL B 557 -36.44 19.00 3.64
C VAL B 557 -37.89 18.70 3.94
N THR B 558 -38.52 17.94 3.03
CA THR B 558 -39.94 17.64 3.21
C THR B 558 -40.15 16.67 4.39
N ILE B 559 -41.40 16.61 4.84
CA ILE B 559 -41.78 15.93 6.07
C ILE B 559 -41.71 14.42 5.93
N ASP B 560 -41.68 13.91 4.72
CA ASP B 560 -41.43 12.50 4.49
C ASP B 560 -39.95 12.17 4.40
N ARG B 561 -39.07 13.17 4.60
CA ARG B 561 -37.62 13.06 4.50
C ARG B 561 -37.13 12.75 3.10
N LYS B 562 -37.98 12.91 2.09
CA LYS B 562 -37.66 12.48 0.72
C LYS B 562 -37.08 13.58 -0.15
N THR B 563 -37.57 14.81 -0.05
CA THR B 563 -37.23 15.85 -1.01
C THR B 563 -36.45 16.96 -0.32
N ARG B 564 -35.24 17.21 -0.81
CA ARG B 564 -34.41 18.30 -0.39
C ARG B 564 -34.79 19.54 -1.18
N LYS B 565 -35.27 20.58 -0.48
CA LYS B 565 -35.58 21.84 -1.12
C LYS B 565 -34.29 22.56 -1.54
N ASP B 566 -34.43 23.50 -2.47
CA ASP B 566 -33.24 24.20 -2.95
C ASP B 566 -32.52 24.91 -1.79
N SER B 567 -33.27 25.29 -0.74
CA SER B 567 -32.67 25.90 0.44
C SER B 567 -31.69 24.96 1.12
N PHE B 568 -31.92 23.66 0.99
CA PHE B 568 -31.00 22.67 1.54
C PHE B 568 -29.62 22.82 0.91
N TYR B 569 -29.56 22.95 -0.41
CA TYR B 569 -28.26 23.01 -1.09
C TYR B 569 -27.57 24.35 -0.90
N VAL B 570 -28.30 25.40 -0.51
CA VAL B 570 -27.66 26.62 -0.07
C VAL B 570 -26.73 26.32 1.11
N TYR B 571 -27.31 25.77 2.17
CA TYR B 571 -26.54 25.49 3.36
C TYR B 571 -25.50 24.41 3.12
N GLN B 572 -25.81 23.42 2.30
CA GLN B 572 -24.81 22.41 2.01
C GLN B 572 -23.57 23.03 1.37
N ALA B 573 -23.75 23.94 0.41
CA ALA B 573 -22.59 24.57 -0.21
C ALA B 573 -21.80 25.43 0.77
N TYR B 574 -22.46 26.00 1.79
CA TYR B 574 -21.85 26.87 2.79
C TYR B 574 -21.23 26.12 3.96
N TRP B 575 -21.64 24.87 4.19
CA TRP B 575 -21.27 24.12 5.38
C TRP B 575 -20.52 22.84 5.05
N ALA B 576 -21.01 22.05 4.09
CA ALA B 576 -20.47 20.72 3.81
C ALA B 576 -19.09 20.81 3.17
N LYS B 577 -18.30 19.77 3.40
CA LYS B 577 -16.95 19.73 2.87
C LYS B 577 -16.80 18.84 1.66
N ASP B 578 -17.61 17.80 1.53
CA ASP B 578 -17.54 16.98 0.33
C ASP B 578 -17.93 17.84 -0.88
N PRO B 579 -17.14 17.84 -1.95
CA PRO B 579 -17.50 18.63 -3.13
C PRO B 579 -18.92 18.36 -3.61
N MET B 580 -19.63 19.43 -3.94
CA MET B 580 -20.98 19.31 -4.46
C MET B 580 -21.27 20.50 -5.38
N VAL B 581 -22.22 20.30 -6.27
CA VAL B 581 -22.75 21.35 -7.13
C VAL B 581 -24.21 21.01 -7.43
N HIS B 582 -25.05 22.03 -7.47
CA HIS B 582 -26.49 21.80 -7.52
C HIS B 582 -27.16 22.93 -8.29
N ILE B 583 -27.88 22.56 -9.34
CA ILE B 583 -28.69 23.53 -10.08
C ILE B 583 -30.02 23.68 -9.36
N ALA B 584 -30.31 24.90 -8.95
CA ALA B 584 -31.58 25.23 -8.31
C ALA B 584 -32.69 25.31 -9.36
N GLY B 585 -33.92 25.19 -8.89
CA GLY B 585 -35.09 25.42 -9.72
C GLY B 585 -35.52 24.29 -10.62
N ARG B 586 -35.13 23.04 -10.34
CA ARG B 586 -35.58 21.93 -11.17
C ARG B 586 -37.12 21.82 -11.18
N ARG B 587 -37.78 22.09 -10.05
CA ARG B 587 -39.24 21.99 -10.03
C ARG B 587 -39.90 23.18 -10.72
N HIS B 588 -39.15 24.26 -10.98
CA HIS B 588 -39.57 25.30 -11.92
C HIS B 588 -39.20 24.85 -13.33
N ALA B 589 -39.88 23.77 -13.77
CA ALA B 589 -39.45 23.00 -14.94
C ALA B 589 -39.82 23.66 -16.26
N GLN B 590 -40.90 24.41 -16.32
CA GLN B 590 -41.31 25.10 -17.54
C GLN B 590 -41.08 26.59 -17.34
N ARG B 591 -40.21 27.16 -18.17
CA ARG B 591 -39.70 28.52 -18.02
C ARG B 591 -40.10 29.36 -19.22
N ALA B 592 -40.68 30.53 -18.95
CA ALA B 592 -41.08 31.45 -19.99
C ALA B 592 -40.14 32.65 -19.98
N GLY B 593 -39.95 33.26 -21.16
CA GLY B 593 -39.07 34.40 -21.26
C GLY B 593 -37.92 34.16 -22.21
N GLU B 594 -37.32 35.22 -22.75
CA GLU B 594 -36.23 35.03 -23.68
C GLU B 594 -34.95 34.59 -22.97
N THR B 595 -34.73 35.11 -21.76
CA THR B 595 -33.77 34.52 -20.86
C THR B 595 -34.46 34.12 -19.56
N THR B 596 -33.91 33.12 -18.92
CA THR B 596 -34.26 32.72 -17.58
C THR B 596 -32.98 32.59 -16.78
N GLU B 597 -33.06 32.83 -15.48
CA GLU B 597 -31.90 32.67 -14.62
C GLU B 597 -31.76 31.22 -14.19
N VAL B 598 -30.55 30.66 -14.32
CA VAL B 598 -30.22 29.37 -13.74
C VAL B 598 -29.24 29.62 -12.60
N LYS B 599 -29.70 29.36 -11.38
CA LYS B 599 -28.87 29.54 -10.20
C LYS B 599 -28.21 28.21 -9.81
N VAL B 600 -26.95 28.27 -9.41
CA VAL B 600 -26.16 27.11 -9.02
C VAL B 600 -25.55 27.34 -7.65
N TYR B 601 -25.68 26.34 -6.77
CA TYR B 601 -25.01 26.32 -5.48
C TYR B 601 -23.86 25.32 -5.50
N SER B 602 -22.71 25.74 -4.99
CA SER B 602 -21.56 24.84 -4.99
C SER B 602 -20.58 25.30 -3.92
N ASN B 603 -19.90 24.33 -3.30
CA ASN B 603 -18.80 24.62 -2.40
C ASN B 603 -17.46 24.64 -3.11
N GLN B 604 -17.44 24.33 -4.41
CA GLN B 604 -16.36 24.69 -5.33
C GLN B 604 -16.49 26.17 -5.70
N ASP B 605 -15.39 26.74 -6.20
CA ASP B 605 -15.43 28.17 -6.45
C ASP B 605 -15.65 28.55 -7.91
N THR B 606 -15.51 27.63 -8.85
CA THR B 606 -15.65 27.95 -10.26
C THR B 606 -16.64 26.97 -10.87
N VAL B 607 -17.59 27.50 -11.63
CA VAL B 607 -18.71 26.73 -12.16
C VAL B 607 -18.88 27.14 -13.61
N THR B 608 -18.86 26.15 -14.49
CA THR B 608 -19.21 26.34 -15.90
C THR B 608 -20.59 25.74 -16.15
N LEU B 609 -21.45 26.51 -16.83
CA LEU B 609 -22.79 26.09 -17.19
C LEU B 609 -22.85 25.80 -18.68
N TYR B 610 -23.47 24.67 -19.03
CA TYR B 610 -23.74 24.33 -20.41
C TYR B 610 -25.23 24.19 -20.62
N CYS B 611 -25.69 24.68 -21.77
CA CYS B 611 -27.07 24.49 -22.20
C CYS B 611 -27.06 23.79 -23.54
N ASN B 612 -27.63 22.58 -23.58
CA ASN B 612 -27.57 21.72 -24.76
C ASN B 612 -26.15 21.65 -25.31
N GLY B 613 -25.19 21.46 -24.41
CA GLY B 613 -23.80 21.26 -24.78
C GLY B 613 -23.04 22.50 -25.19
N LYS B 614 -23.71 23.65 -25.27
CA LYS B 614 -23.06 24.91 -25.56
C LYS B 614 -22.75 25.62 -24.25
N GLU B 615 -21.54 26.16 -24.13
CA GLU B 615 -21.16 26.82 -22.89
C GLU B 615 -21.89 28.16 -22.73
N VAL B 616 -22.65 28.30 -21.64
CA VAL B 616 -23.33 29.55 -21.30
C VAL B 616 -22.36 30.55 -20.67
N GLY B 617 -21.47 30.09 -19.80
CA GLY B 617 -20.56 30.98 -19.11
C GLY B 617 -19.78 30.25 -18.05
N THR B 618 -18.74 30.92 -17.57
CA THR B 618 -17.95 30.44 -16.45
C THR B 618 -17.86 31.57 -15.43
N GLN B 619 -18.17 31.26 -14.17
CA GLN B 619 -18.11 32.25 -13.10
C GLN B 619 -17.29 31.72 -11.94
N THR B 620 -16.57 32.60 -11.31
CA THR B 620 -15.88 32.30 -10.08
C THR B 620 -16.56 33.15 -9.02
N ALA B 621 -17.25 32.48 -8.09
CA ALA B 621 -18.00 33.16 -7.05
C ALA B 621 -17.88 32.38 -5.76
N HIS B 622 -18.48 32.90 -4.72
CA HIS B 622 -18.50 32.26 -3.43
C HIS B 622 -19.90 31.68 -3.22
N ARG B 623 -20.03 30.38 -3.49
CA ARG B 623 -21.20 29.56 -3.14
C ARG B 623 -22.40 29.73 -4.09
N VAL B 624 -22.76 30.96 -4.45
CA VAL B 624 -23.95 31.23 -5.26
C VAL B 624 -23.56 31.78 -6.64
N PHE B 625 -23.94 31.07 -7.69
CA PHE B 625 -23.66 31.42 -9.07
C PHE B 625 -24.98 31.67 -9.80
N LYS B 626 -25.07 32.80 -10.51
CA LYS B 626 -26.30 33.14 -11.26
C LYS B 626 -25.96 33.33 -12.73
N PHE B 627 -26.63 32.58 -13.61
CA PHE B 627 -26.40 32.65 -15.06
C PHE B 627 -27.66 33.09 -15.79
N ASP B 628 -27.48 33.92 -16.81
CA ASP B 628 -28.57 34.33 -17.68
C ASP B 628 -28.56 33.45 -18.92
N VAL B 629 -29.62 32.67 -19.08
CA VAL B 629 -29.64 31.61 -20.05
C VAL B 629 -30.74 31.90 -21.07
N ALA B 630 -30.38 31.86 -22.34
CA ALA B 630 -31.37 31.92 -23.42
C ALA B 630 -31.65 30.48 -23.85
N LEU B 631 -32.74 29.92 -23.32
CA LEU B 631 -33.08 28.54 -23.59
C LEU B 631 -33.41 28.34 -25.07
N ASP B 632 -32.95 27.24 -25.64
CA ASP B 632 -33.46 26.82 -26.93
C ASP B 632 -34.95 26.54 -26.85
N GLU B 633 -35.61 26.51 -28.00
CA GLU B 633 -36.99 26.03 -28.02
C GLU B 633 -37.02 24.56 -27.63
N GLY B 634 -38.02 24.19 -26.84
CA GLY B 634 -38.16 22.80 -26.41
C GLY B 634 -37.44 22.47 -25.12
N PHE B 635 -36.87 21.26 -25.05
CA PHE B 635 -36.22 20.78 -23.83
C PHE B 635 -34.73 21.10 -23.86
N ASN B 636 -34.23 21.59 -22.74
CA ASN B 636 -32.84 22.02 -22.61
C ASN B 636 -32.17 21.21 -21.51
N VAL B 637 -31.01 20.64 -21.81
CA VAL B 637 -30.18 19.99 -20.80
C VAL B 637 -29.29 21.06 -20.18
N LEU B 638 -29.53 21.36 -18.91
CA LEU B 638 -28.67 22.27 -18.16
C LEU B 638 -27.67 21.45 -17.37
N MET B 639 -26.38 21.69 -17.62
CA MET B 639 -25.34 20.95 -16.92
C MET B 639 -24.35 21.92 -16.30
N ALA B 640 -24.15 21.80 -14.99
CA ALA B 640 -23.16 22.59 -14.28
C ALA B 640 -21.95 21.73 -13.96
N VAL B 641 -20.76 22.22 -14.31
CA VAL B 641 -19.49 21.53 -14.10
C VAL B 641 -18.69 22.36 -13.10
N ALA B 642 -18.47 21.81 -11.91
CA ALA B 642 -17.56 22.40 -10.95
C ALA B 642 -16.20 21.79 -11.20
N ASP B 643 -15.45 21.42 -10.18
CA ASP B 643 -14.14 20.88 -10.53
C ASP B 643 -14.18 19.37 -10.73
N THR B 644 -14.57 18.64 -9.69
CA THR B 644 -14.67 17.20 -9.78
C THR B 644 -16.10 16.71 -9.76
N VAL B 645 -17.09 17.60 -9.72
CA VAL B 645 -18.48 17.19 -9.61
C VAL B 645 -19.30 17.89 -10.68
N LYS B 646 -20.39 17.24 -11.07
CA LYS B 646 -21.27 17.74 -12.11
C LYS B 646 -22.72 17.56 -11.69
N ASP B 647 -23.57 18.41 -12.25
CA ASP B 647 -25.00 18.28 -12.05
C ASP B 647 -25.70 18.53 -13.38
N SER B 648 -26.92 18.00 -13.49
CA SER B 648 -27.63 18.07 -14.75
C SER B 648 -29.14 17.98 -14.52
N ILE B 649 -29.89 18.90 -15.12
CA ILE B 649 -31.34 18.90 -15.07
C ILE B 649 -31.83 19.22 -16.47
N THR B 650 -33.11 18.92 -16.72
CA THR B 650 -33.75 19.25 -17.99
C THR B 650 -34.83 20.28 -17.72
N LEU B 651 -34.80 21.36 -18.49
CA LEU B 651 -35.83 22.38 -18.42
C LEU B 651 -36.53 22.47 -19.77
N GLU B 652 -37.75 22.99 -19.74
CA GLU B 652 -38.52 23.20 -20.97
C GLU B 652 -38.76 24.69 -21.16
N LYS B 653 -38.45 25.19 -22.35
CA LYS B 653 -38.88 26.53 -22.73
C LYS B 653 -40.37 26.52 -23.06
N VAL B 654 -41.09 27.51 -22.58
CA VAL B 654 -42.52 27.63 -22.85
C VAL B 654 -42.85 29.10 -23.10
N GLU B 655 -43.99 29.31 -23.75
CA GLU B 655 -44.49 30.66 -23.98
C GLU B 655 -45.08 31.23 -22.71
N THR B 656 -45.91 30.44 -22.05
CA THR B 656 -46.60 30.84 -20.83
C THR B 656 -46.37 29.77 -19.76
N GLU B 657 -46.03 30.21 -18.56
CA GLU B 657 -45.79 29.20 -17.53
C GLU B 657 -47.12 28.75 -16.93
N PRO B 658 -47.18 27.51 -16.45
CA PRO B 658 -48.48 26.93 -16.05
C PRO B 658 -49.09 27.65 -14.87
N ALA B 659 -50.41 27.72 -14.89
CA ALA B 659 -51.15 28.39 -13.83
C ALA B 659 -50.91 27.73 -12.48
N CYS B 660 -50.57 26.43 -12.47
CA CYS B 660 -50.33 25.75 -11.20
C CYS B 660 -49.01 26.15 -10.54
N TYR B 661 -48.19 27.00 -11.16
CA TYR B 661 -47.01 27.56 -10.48
C TYR B 661 -47.35 28.73 -9.56
N THR B 662 -48.61 29.15 -9.46
CA THR B 662 -48.94 30.33 -8.67
C THR B 662 -50.16 30.08 -7.79
N LEU B 663 -50.02 30.41 -6.51
CA LEU B 663 -51.14 30.39 -5.58
C LEU B 663 -52.35 31.08 -6.19
N PRO B 664 -53.56 30.54 -6.00
CA PRO B 664 -54.81 31.17 -6.43
C PRO B 664 -55.01 32.59 -5.93
N ASN C 22 28.15 31.21 -7.51
CA ASN C 22 27.01 31.93 -6.93
C ASN C 22 26.94 33.39 -7.38
N ALA C 23 26.04 33.69 -8.33
CA ALA C 23 26.02 34.99 -8.99
C ALA C 23 27.44 35.22 -9.48
N MET C 24 27.98 36.43 -9.36
CA MET C 24 29.34 36.65 -9.84
C MET C 24 30.42 36.25 -8.84
N ARG C 25 30.04 35.81 -7.63
CA ARG C 25 31.02 35.25 -6.71
C ARG C 25 31.54 33.90 -7.21
N GLU C 26 32.86 33.73 -7.17
CA GLU C 26 33.50 32.48 -7.56
C GLU C 26 34.48 32.05 -6.46
N ILE C 27 34.37 30.80 -6.02
CA ILE C 27 35.30 30.24 -5.04
C ILE C 27 36.11 29.15 -5.73
N ILE C 28 37.43 29.31 -5.76
CA ILE C 28 38.35 28.34 -6.35
C ILE C 28 39.10 27.65 -5.24
N SER C 29 39.16 26.32 -5.30
CA SER C 29 39.96 25.56 -4.35
C SER C 29 41.43 25.69 -4.70
N LEU C 30 42.25 26.08 -3.70
CA LEU C 30 43.69 26.16 -3.87
C LEU C 30 44.39 25.06 -3.06
N ASN C 31 43.87 23.83 -3.11
CA ASN C 31 44.46 22.80 -2.27
C ASN C 31 45.61 22.04 -2.93
N GLU C 32 45.87 22.28 -4.21
CA GLU C 32 46.81 21.48 -4.97
C GLU C 32 48.08 22.26 -5.27
N GLY C 33 49.13 21.50 -5.58
CA GLY C 33 50.37 22.07 -6.09
C GLY C 33 51.16 22.93 -5.12
N TRP C 34 51.23 22.54 -3.86
CA TRP C 34 51.99 23.30 -2.89
C TRP C 34 53.38 22.69 -2.73
N THR C 35 54.30 23.54 -2.31
CA THR C 35 55.64 23.13 -1.90
C THR C 35 55.84 23.54 -0.46
N LEU C 36 56.14 22.57 0.41
CA LEU C 36 56.38 22.82 1.83
C LEU C 36 57.89 22.83 2.10
N ARG C 37 58.38 23.92 2.68
CA ARG C 37 59.78 24.10 3.04
C ARG C 37 59.90 24.43 4.53
N PHE C 38 61.04 24.08 5.10
CA PHE C 38 61.31 24.39 6.50
C PHE C 38 62.55 25.27 6.59
N PRO C 39 62.40 26.56 6.88
CA PRO C 39 63.57 27.45 6.92
C PRO C 39 64.70 26.99 7.83
N LYS C 40 64.39 26.46 9.02
CA LYS C 40 65.39 25.99 9.96
C LYS C 40 65.91 24.60 9.62
N GLY C 41 65.48 24.03 8.51
CA GLY C 41 66.17 22.89 7.95
C GLY C 41 65.81 21.54 8.50
N GLU C 42 64.67 21.38 9.19
CA GLU C 42 64.42 20.08 9.79
C GLU C 42 64.01 19.04 8.77
N ARG C 43 63.60 19.44 7.56
CA ARG C 43 63.13 18.48 6.58
C ARG C 43 63.43 18.99 5.18
N ALA C 44 63.66 18.07 4.27
CA ALA C 44 63.79 18.40 2.86
C ALA C 44 62.48 19.02 2.34
N ALA C 45 62.60 19.80 1.27
CA ALA C 45 61.41 20.38 0.65
C ALA C 45 60.53 19.27 0.07
N GLU C 46 59.22 19.46 0.19
CA GLU C 46 58.26 18.45 -0.24
C GLU C 46 57.11 19.12 -0.97
N THR C 47 56.55 18.41 -1.94
CA THR C 47 55.30 18.85 -2.55
C THR C 47 54.15 18.18 -1.82
N VAL C 48 53.18 19.00 -1.39
CA VAL C 48 52.05 18.55 -0.59
C VAL C 48 50.76 19.04 -1.25
N THR C 49 49.67 18.37 -0.89
CA THR C 49 48.32 18.80 -1.22
C THR C 49 47.56 19.07 0.06
N LEU C 50 46.91 20.23 0.15
CA LEU C 50 46.07 20.48 1.31
C LEU C 50 44.80 19.65 1.22
N PRO C 51 44.19 19.27 2.35
CA PRO C 51 44.59 19.55 3.74
C PRO C 51 45.86 18.84 4.17
N HIS C 52 46.65 19.51 5.02
CA HIS C 52 47.96 19.00 5.35
C HIS C 52 48.43 19.46 6.73
N THR C 53 49.02 18.54 7.48
CA THR C 53 49.82 18.86 8.66
C THR C 53 51.13 18.11 8.62
N TRP C 54 52.22 18.78 9.01
CA TRP C 54 53.49 18.08 8.99
C TRP C 54 53.66 17.15 10.21
N ASN C 55 52.67 17.11 11.10
CA ASN C 55 52.68 16.30 12.31
C ASN C 55 51.74 15.10 12.20
N ALA C 56 51.40 14.69 10.98
CA ALA C 56 50.39 13.65 10.81
C ALA C 56 50.86 12.34 11.39
N VAL C 57 52.16 12.09 11.41
CA VAL C 57 52.72 10.87 11.96
C VAL C 57 53.39 11.11 13.31
N ASP C 58 54.34 12.04 13.38
CA ASP C 58 55.07 12.18 14.63
C ASP C 58 54.20 12.74 15.76
N GLY C 59 53.05 13.34 15.44
CA GLY C 59 52.08 13.81 16.43
C GLY C 59 51.27 12.72 17.12
N MET C 60 51.39 11.47 16.68
CA MET C 60 50.66 10.39 17.33
C MET C 60 51.37 9.05 17.25
N ASP C 61 52.66 8.98 16.90
CA ASP C 61 53.34 7.71 16.71
C ASP C 61 54.16 7.27 17.93
N GLY C 62 54.21 8.07 18.99
CA GLY C 62 54.90 7.66 20.21
C GLY C 62 56.41 7.78 20.20
N ASN C 63 56.99 8.46 19.21
CA ASN C 63 58.44 8.65 19.16
C ASN C 63 58.95 9.38 20.39
N GLY C 64 58.17 10.29 20.97
CA GLY C 64 58.58 11.01 22.15
C GLY C 64 58.17 12.47 22.12
N SER C 65 58.18 13.06 20.94
CA SER C 65 57.97 14.50 20.77
C SER C 65 57.33 14.73 19.40
N TYR C 66 56.98 15.98 19.11
CA TYR C 66 56.50 16.31 17.78
C TYR C 66 57.06 17.65 17.33
N LEU C 67 57.32 17.76 16.02
CA LEU C 67 58.06 18.89 15.49
C LEU C 67 57.21 20.16 15.57
N ARG C 68 57.62 21.10 16.41
CA ARG C 68 56.99 22.41 16.47
C ARG C 68 57.96 23.43 15.90
N THR C 69 57.56 24.08 14.80
CA THR C 69 58.47 24.93 14.05
C THR C 69 57.75 25.83 13.03
N THR C 70 58.49 26.33 12.02
CA THR C 70 57.92 27.18 10.99
C THR C 70 58.01 26.47 9.64
N GLY C 71 56.86 26.11 9.08
CA GLY C 71 56.77 25.52 7.74
C GLY C 71 56.22 26.56 6.76
N VAL C 72 56.81 26.60 5.57
CA VAL C 72 56.45 27.60 4.56
C VAL C 72 55.83 26.87 3.37
N TYR C 73 54.56 27.18 3.09
CA TYR C 73 53.84 26.65 1.96
C TYR C 73 53.84 27.68 0.83
N SER C 74 54.02 27.22 -0.40
CA SER C 74 53.98 28.15 -1.52
C SER C 74 53.45 27.47 -2.77
N ARG C 75 52.69 28.21 -3.57
CA ARG C 75 52.21 27.72 -4.85
C ARG C 75 51.88 28.91 -5.73
N THR C 76 51.69 28.63 -7.02
CA THR C 76 51.29 29.62 -7.99
C THR C 76 49.78 29.60 -8.16
N PHE C 77 49.20 30.77 -8.49
CA PHE C 77 47.79 30.82 -8.85
C PHE C 77 47.56 31.87 -9.93
N LYS C 78 46.59 31.61 -10.81
CA LYS C 78 46.20 32.58 -11.82
C LYS C 78 45.22 33.57 -11.24
N LYS C 79 45.39 34.84 -11.58
CA LYS C 79 44.47 35.86 -11.11
C LYS C 79 43.08 35.59 -11.70
N PRO C 80 42.04 35.55 -10.88
CA PRO C 80 40.69 35.42 -11.43
C PRO C 80 40.19 36.75 -11.97
N VAL C 81 39.32 36.64 -12.97
CA VAL C 81 38.82 37.77 -13.73
C VAL C 81 37.31 37.84 -13.57
N GLN C 82 36.82 39.00 -13.14
CA GLN C 82 35.40 39.33 -13.13
C GLN C 82 34.97 39.93 -14.47
N PRO C 83 33.77 39.62 -14.95
CA PRO C 83 33.34 40.19 -16.23
C PRO C 83 33.23 41.71 -16.22
N LEU C 84 32.86 42.31 -15.08
CA LEU C 84 32.72 43.76 -14.96
C LEU C 84 33.96 44.34 -14.29
N THR C 85 34.09 45.65 -14.43
CA THR C 85 35.25 46.34 -13.89
C THR C 85 35.16 46.46 -12.38
N GLY C 86 36.31 46.43 -11.72
CA GLY C 86 36.37 46.56 -10.29
C GLY C 86 36.44 45.25 -9.55
N GLY C 87 36.78 44.16 -10.23
CA GLY C 87 36.86 42.86 -9.58
C GLY C 87 37.82 42.87 -8.40
N ARG C 88 37.47 42.12 -7.36
CA ARG C 88 38.28 42.02 -6.17
C ARG C 88 38.64 40.56 -5.93
N VAL C 89 39.79 40.32 -5.32
CA VAL C 89 40.31 38.98 -5.07
C VAL C 89 40.62 38.84 -3.59
N TYR C 90 40.16 37.75 -3.00
CA TYR C 90 40.44 37.44 -1.61
C TYR C 90 41.08 36.06 -1.54
N VAL C 91 41.98 35.87 -0.60
CA VAL C 91 42.45 34.54 -0.25
C VAL C 91 41.79 34.15 1.04
N GLU C 92 41.34 32.90 1.14
CA GLU C 92 40.61 32.38 2.29
C GLU C 92 41.39 31.20 2.86
N VAL C 93 41.94 31.36 4.06
CA VAL C 93 42.61 30.24 4.73
C VAL C 93 41.63 29.66 5.75
N LEU C 94 41.29 28.37 5.58
CA LEU C 94 40.25 27.79 6.44
C LEU C 94 40.77 27.59 7.85
N ALA C 95 42.07 27.38 8.01
CA ALA C 95 42.71 27.27 9.32
C ALA C 95 44.22 27.14 9.10
N ALA C 96 44.99 27.76 9.99
CA ALA C 96 46.45 27.65 9.95
C ALA C 96 46.95 27.51 11.39
N ALA C 97 47.42 26.33 11.75
CA ALA C 97 47.80 26.05 13.13
C ALA C 97 49.30 26.27 13.30
N LEU C 98 49.70 27.25 14.12
CA LEU C 98 48.83 28.03 15.01
C LEU C 98 48.86 29.53 14.71
N ASP C 99 49.83 29.93 13.91
CA ASP C 99 50.19 31.32 13.68
C ASP C 99 50.56 31.42 12.21
N ALA C 100 50.04 32.43 11.49
CA ALA C 100 50.29 32.44 10.05
C ALA C 100 50.51 33.84 9.50
N THR C 101 51.34 33.89 8.46
CA THR C 101 51.59 35.07 7.65
C THR C 101 51.41 34.68 6.19
N VAL C 102 50.58 35.43 5.47
CA VAL C 102 50.28 35.15 4.05
C VAL C 102 50.89 36.27 3.22
N LYS C 103 51.64 35.89 2.18
CA LYS C 103 52.23 36.85 1.26
C LYS C 103 51.78 36.54 -0.16
N VAL C 104 51.54 37.60 -0.94
CA VAL C 104 51.25 37.47 -2.37
C VAL C 104 52.32 38.24 -3.14
N ASN C 105 53.06 37.51 -3.99
CA ASN C 105 54.16 38.08 -4.78
C ASN C 105 55.13 38.83 -3.88
N GLY C 106 55.46 38.20 -2.76
CA GLY C 106 56.42 38.72 -1.83
C GLY C 106 55.88 39.61 -0.74
N THR C 107 54.77 40.33 -0.99
CA THR C 107 54.24 41.31 -0.05
C THR C 107 53.29 40.67 0.97
N VAL C 108 53.31 41.18 2.20
CA VAL C 108 52.45 40.65 3.27
C VAL C 108 51.02 41.10 3.01
N ALA C 109 50.11 40.13 2.93
CA ALA C 109 48.67 40.40 2.83
C ALA C 109 47.99 40.43 4.19
N THR C 110 48.30 39.48 5.07
CA THR C 110 47.74 39.50 6.41
C THR C 110 48.54 38.56 7.29
N THR C 111 48.35 38.71 8.60
CA THR C 111 48.84 37.79 9.62
C THR C 111 47.67 37.33 10.47
N HIS C 112 47.75 36.11 11.01
CA HIS C 112 46.67 35.62 11.86
C HIS C 112 47.20 34.73 12.98
N GLU C 113 46.66 34.93 14.18
CA GLU C 113 46.98 34.13 15.35
C GLU C 113 45.75 33.32 15.76
N GLY C 114 45.97 32.08 16.22
CA GLY C 114 44.85 31.21 16.54
C GLY C 114 44.60 30.19 15.44
N GLY C 115 44.67 28.89 15.78
CA GLY C 115 44.84 27.91 14.72
C GLY C 115 43.62 27.12 14.29
N PHE C 116 42.43 27.63 14.56
CA PHE C 116 41.23 26.85 14.34
C PHE C 116 40.10 27.61 13.63
N SER C 117 40.39 28.77 13.04
CA SER C 117 39.33 29.63 12.53
C SER C 117 39.72 30.28 11.20
N ILE C 118 38.71 30.57 10.39
CA ILE C 118 38.91 31.11 9.05
C ILE C 118 39.42 32.54 9.16
N PHE C 119 40.40 32.89 8.33
CA PHE C 119 40.78 34.27 8.16
C PHE C 119 40.95 34.54 6.66
N ARG C 120 40.76 35.81 6.27
CA ARG C 120 40.79 36.20 4.87
C ARG C 120 41.60 37.48 4.70
N ALA C 121 42.18 37.62 3.51
CA ALA C 121 42.88 38.84 3.12
C ALA C 121 42.43 39.27 1.73
N ASP C 122 42.20 40.58 1.56
CA ASP C 122 41.92 41.18 0.25
C ASP C 122 43.26 41.41 -0.46
N ILE C 123 43.55 40.62 -1.49
CA ILE C 123 44.83 40.65 -2.16
C ILE C 123 44.74 41.28 -3.55
N THR C 124 43.71 42.10 -3.79
CA THR C 124 43.48 42.65 -5.12
C THR C 124 44.70 43.43 -5.61
N ASP C 125 45.11 44.44 -4.84
CA ASP C 125 46.21 45.31 -5.21
C ASP C 125 47.55 44.58 -5.30
N LEU C 126 47.69 43.39 -4.72
CA LEU C 126 48.94 42.66 -4.80
C LEU C 126 48.97 41.62 -5.91
N CYS C 127 47.93 41.53 -6.74
CA CYS C 127 47.88 40.56 -7.83
C CYS C 127 48.27 41.22 -9.14
N ARG C 128 48.97 40.45 -9.98
CA ARG C 128 49.22 40.82 -11.36
C ARG C 128 48.50 39.83 -12.28
N ASP C 129 48.44 40.17 -13.56
CA ASP C 129 47.82 39.28 -14.53
C ASP C 129 48.66 38.01 -14.69
N GLY C 130 47.97 36.92 -15.01
CA GLY C 130 48.66 35.64 -15.18
C GLY C 130 48.98 34.95 -13.87
N ASP C 131 50.16 34.34 -13.77
CA ASP C 131 50.54 33.56 -12.60
C ASP C 131 51.03 34.46 -11.47
N ASN C 132 50.54 34.22 -10.26
CA ASN C 132 50.95 34.89 -9.04
C ASN C 132 51.52 33.86 -8.07
N GLU C 133 52.29 34.33 -7.10
CA GLU C 133 52.88 33.44 -6.11
C GLU C 133 52.23 33.69 -4.75
N LEU C 134 51.68 32.62 -4.17
CA LEU C 134 51.09 32.66 -2.84
C LEU C 134 52.01 31.91 -1.88
N THR C 135 52.38 32.58 -0.79
CA THR C 135 53.24 31.96 0.21
C THR C 135 52.60 32.17 1.57
N ILE C 136 52.60 31.10 2.37
CA ILE C 136 51.96 31.09 3.69
C ILE C 136 52.96 30.50 4.69
N GLU C 137 53.34 31.29 5.68
CA GLU C 137 54.26 30.86 6.71
C GLU C 137 53.43 30.52 7.94
N VAL C 138 53.49 29.25 8.34
CA VAL C 138 52.74 28.74 9.47
C VAL C 138 53.74 28.32 10.55
N SER C 139 53.43 28.67 11.79
CA SER C 139 54.19 28.19 12.93
C SER C 139 53.24 27.62 13.97
N ASN C 140 53.56 26.41 14.46
CA ASN C 140 52.90 25.86 15.64
C ASN C 140 53.81 25.88 16.88
N GLU C 141 54.67 26.89 16.99
CA GLU C 141 55.46 27.11 18.20
C GLU C 141 54.70 28.00 19.16
N ASP C 142 55.05 27.87 20.43
CA ASP C 142 54.43 28.68 21.48
C ASP C 142 54.88 30.13 21.34
N THR C 143 54.01 31.05 21.76
CA THR C 143 54.35 32.48 21.85
C THR C 143 53.79 32.97 23.17
N PRO C 144 54.19 34.15 23.64
CA PRO C 144 53.58 34.68 24.87
C PRO C 144 52.06 34.82 24.80
N SER C 145 51.49 34.89 23.60
CA SER C 145 50.07 35.08 23.39
C SER C 145 49.28 33.80 23.17
N MET C 146 49.95 32.73 22.77
CA MET C 146 49.28 31.63 22.10
C MET C 146 48.40 30.81 23.04
N TYR C 147 47.20 30.50 22.58
CA TYR C 147 46.42 29.39 23.06
C TYR C 147 46.04 28.50 21.89
N PRO C 148 46.06 27.16 22.05
CA PRO C 148 46.43 26.40 23.27
C PRO C 148 47.94 26.43 23.58
N ALA C 149 48.30 26.11 24.82
CA ALA C 149 49.71 26.08 25.21
C ALA C 149 49.98 24.89 26.12
N SER C 150 49.07 24.61 27.03
CA SER C 150 49.19 23.50 27.97
C SER C 150 47.95 22.64 27.85
N ALA C 151 48.04 21.56 27.07
CA ALA C 151 46.89 20.67 26.95
C ALA C 151 47.38 19.27 26.65
N ASP C 152 46.45 18.33 26.77
CA ASP C 152 46.69 16.92 26.51
C ASP C 152 46.18 16.55 25.11
N PHE C 153 46.82 17.13 24.10
CA PHE C 153 46.54 16.79 22.71
C PHE C 153 47.56 17.51 21.84
N THR C 154 47.97 16.82 20.77
CA THR C 154 48.99 17.34 19.86
C THR C 154 48.50 18.59 19.14
N PHE C 155 49.33 19.64 19.14
CA PHE C 155 49.06 20.84 18.34
C PHE C 155 49.58 20.65 16.92
N TYR C 156 48.88 19.81 16.16
CA TYR C 156 49.21 19.58 14.75
C TYR C 156 49.36 20.90 13.99
N GLY C 157 50.47 21.06 13.27
CA GLY C 157 50.80 22.31 12.61
C GLY C 157 50.56 22.29 11.11
N GLY C 158 50.10 23.40 10.58
CA GLY C 158 50.07 23.55 9.15
C GLY C 158 48.71 23.97 8.64
N LEU C 159 48.48 23.70 7.36
CA LEU C 159 47.30 24.14 6.64
C LEU C 159 46.32 22.98 6.51
N TYR C 160 45.74 22.60 7.65
CA TYR C 160 45.08 21.29 7.79
C TYR C 160 43.61 21.31 7.38
N ARG C 161 43.08 22.46 6.93
CA ARG C 161 41.73 22.54 6.41
C ARG C 161 41.63 22.98 4.93
N GLY C 162 42.69 23.52 4.35
CA GLY C 162 42.65 23.92 2.95
C GLY C 162 42.51 25.42 2.79
N VAL C 163 42.68 25.86 1.54
CA VAL C 163 42.75 27.28 1.17
C VAL C 163 41.87 27.51 -0.06
N ASN C 164 41.18 28.64 -0.09
CA ASN C 164 40.36 29.00 -1.23
C ASN C 164 40.74 30.38 -1.74
N LEU C 165 40.40 30.60 -3.00
CA LEU C 165 40.49 31.90 -3.66
C LEU C 165 39.08 32.37 -3.98
N ILE C 166 38.77 33.62 -3.62
CA ILE C 166 37.43 34.17 -3.82
C ILE C 166 37.51 35.39 -4.73
N SER C 167 36.76 35.36 -5.82
CA SER C 167 36.56 36.45 -6.76
C SER C 167 35.17 37.02 -6.55
N VAL C 168 35.07 38.35 -6.40
CA VAL C 168 33.78 39.01 -6.20
C VAL C 168 33.78 40.34 -6.93
N PRO C 169 32.61 40.84 -7.29
CA PRO C 169 32.53 42.19 -7.84
C PRO C 169 32.87 43.22 -6.78
N ASN C 170 32.95 44.48 -7.18
CA ASN C 170 33.29 45.54 -6.23
C ASN C 170 32.29 45.63 -5.11
N ALA C 171 31.01 45.43 -5.40
CA ALA C 171 29.97 45.36 -4.40
C ALA C 171 29.67 43.89 -4.11
N HIS C 172 29.72 43.52 -2.84
CA HIS C 172 29.64 42.12 -2.46
C HIS C 172 29.35 42.02 -0.98
N PHE C 173 28.84 40.86 -0.56
CA PHE C 173 28.66 40.60 0.85
C PHE C 173 30.02 40.52 1.57
N ASP C 174 30.04 41.04 2.79
CA ASP C 174 31.28 41.35 3.50
C ASP C 174 32.14 40.12 3.67
N LEU C 175 33.42 40.24 3.31
CA LEU C 175 34.41 39.16 3.39
C LEU C 175 35.51 39.41 4.43
N ASP C 176 35.46 40.53 5.14
CA ASP C 176 36.58 41.07 5.89
C ASP C 176 36.36 41.06 7.38
N TYR C 177 35.24 40.52 7.85
CA TYR C 177 34.84 40.63 9.24
C TYR C 177 35.01 39.26 9.92
N TYR C 178 36.14 39.08 10.58
CA TYR C 178 36.39 37.94 11.43
C TYR C 178 36.09 36.63 10.72
N GLY C 179 36.40 36.58 9.42
CA GLY C 179 36.24 35.35 8.66
C GLY C 179 34.82 34.86 8.56
N GLY C 180 33.84 35.76 8.68
CA GLY C 180 32.46 35.37 8.72
C GLY C 180 31.80 35.23 7.36
N PRO C 181 30.55 34.77 7.37
CA PRO C 181 29.84 34.55 6.10
C PRO C 181 29.18 35.79 5.54
N GLY C 182 29.10 36.88 6.31
CA GLY C 182 28.48 38.11 5.84
C GLY C 182 26.98 38.14 6.03
N ILE C 183 26.43 37.18 6.77
CA ILE C 183 25.01 37.13 7.07
C ILE C 183 24.85 36.46 8.43
N MET C 184 23.90 36.96 9.21
CA MET C 184 23.50 36.34 10.44
C MET C 184 21.99 36.13 10.45
N VAL C 185 21.56 34.95 10.87
CA VAL C 185 20.17 34.55 10.81
C VAL C 185 19.75 34.09 12.20
N THR C 186 18.67 34.66 12.72
CA THR C 186 18.13 34.28 14.03
C THR C 186 16.70 33.77 13.90
N PRO C 187 16.52 32.46 13.76
CA PRO C 187 15.16 31.90 13.70
C PRO C 187 14.58 31.67 15.08
N LYS C 188 13.32 32.04 15.25
CA LYS C 188 12.64 31.70 16.49
C LYS C 188 11.27 31.14 16.17
N PRO C 189 10.77 30.20 16.98
CA PRO C 189 9.36 29.77 16.80
C PRO C 189 8.40 30.83 17.26
N THR C 190 7.26 30.94 16.57
CA THR C 190 6.19 31.83 17.04
C THR C 190 5.07 31.01 17.67
N ALA C 191 4.19 31.71 18.39
CA ALA C 191 3.13 31.04 19.15
C ALA C 191 2.13 30.33 18.24
N ASP C 192 1.82 30.91 17.08
CA ASP C 192 0.83 30.35 16.16
C ASP C 192 1.39 29.24 15.25
N GLY C 193 2.52 28.65 15.58
CA GLY C 193 3.06 27.56 14.80
C GLY C 193 3.96 27.94 13.65
N GLY C 194 4.37 29.20 13.57
CA GLY C 194 5.28 29.65 12.54
C GLY C 194 6.66 29.94 13.08
N ALA C 195 7.44 30.64 12.26
CA ALA C 195 8.79 31.02 12.63
C ALA C 195 9.09 32.37 12.05
N THR C 196 9.76 33.22 12.83
CA THR C 196 10.37 34.44 12.33
C THR C 196 11.87 34.24 12.18
N PHE C 197 12.41 34.74 11.08
CA PHE C 197 13.84 34.72 10.79
C PHE C 197 14.31 36.17 10.83
N GLU C 198 14.98 36.57 11.91
CA GLU C 198 15.57 37.90 11.94
C GLU C 198 16.92 37.82 11.25
N ILE C 199 17.02 38.45 10.09
CA ILE C 199 18.18 38.33 9.21
C ILE C 199 18.86 39.68 9.11
N LYS C 200 20.20 39.65 9.11
CA LYS C 200 20.95 40.84 8.78
C LYS C 200 22.14 40.43 7.93
N SER C 201 22.35 41.12 6.82
CA SER C 201 23.46 40.87 5.93
C SER C 201 24.32 42.12 5.91
N PHE C 202 25.55 41.95 5.45
CA PHE C 202 26.55 43.00 5.55
C PHE C 202 27.20 43.18 4.20
N VAL C 203 27.06 44.36 3.64
CA VAL C 203 27.49 44.62 2.27
C VAL C 203 28.70 45.56 2.30
N THR C 204 29.75 45.17 1.59
CA THR C 204 30.86 46.05 1.29
C THR C 204 30.56 46.89 0.06
N ASN C 205 30.73 48.20 0.18
CA ASN C 205 30.38 49.21 -0.81
C ASN C 205 28.89 49.14 -1.16
N PRO C 206 27.99 49.23 -0.17
CA PRO C 206 26.57 49.39 -0.51
C PRO C 206 26.37 50.61 -1.38
N ASP C 207 25.15 50.74 -1.86
CA ASP C 207 24.86 51.75 -2.87
C ASP C 207 23.35 51.77 -3.08
N ASP C 208 22.81 52.93 -3.48
CA ASP C 208 21.36 53.01 -3.71
C ASP C 208 20.89 52.13 -4.86
N SER C 209 21.77 51.81 -5.80
CA SER C 209 21.40 50.97 -6.93
C SER C 209 21.39 49.48 -6.59
N PHE C 210 22.00 49.08 -5.46
CA PHE C 210 22.02 47.71 -4.99
C PHE C 210 20.97 47.47 -3.91
N THR C 211 20.21 46.39 -4.05
CA THR C 211 19.30 45.91 -3.02
C THR C 211 19.74 44.52 -2.58
N VAL C 212 19.23 44.08 -1.43
CA VAL C 212 19.40 42.70 -1.00
C VAL C 212 18.05 42.02 -1.06
N MET C 213 17.96 40.95 -1.85
CA MET C 213 16.75 40.16 -1.99
C MET C 213 16.93 38.89 -1.17
N TYR C 214 16.05 38.70 -0.19
CA TYR C 214 16.11 37.53 0.70
C TYR C 214 15.07 36.52 0.30
N SER C 215 15.44 35.25 0.32
CA SER C 215 14.51 34.18 0.04
C SER C 215 14.74 33.03 1.03
N ILE C 216 13.65 32.44 1.53
CA ILE C 216 13.71 31.33 2.47
C ILE C 216 13.14 30.09 1.80
N GLU C 217 13.93 29.03 1.73
CA GLU C 217 13.52 27.76 1.15
C GLU C 217 13.27 26.74 2.27
N ASP C 218 12.27 25.89 2.07
CA ASP C 218 11.88 24.88 3.05
C ASP C 218 12.80 23.66 2.86
N PRO C 219 12.71 22.64 3.72
CA PRO C 219 13.65 21.51 3.58
C PRO C 219 13.67 20.91 2.19
N TYR C 220 12.53 20.93 1.49
CA TYR C 220 12.40 20.36 0.15
C TYR C 220 12.73 21.34 -0.97
N GLY C 221 13.36 22.48 -0.66
CA GLY C 221 13.85 23.40 -1.68
C GLY C 221 12.85 24.37 -2.29
N CYS C 222 11.62 24.44 -1.77
CA CYS C 222 10.61 25.37 -2.28
C CYS C 222 10.62 26.67 -1.49
N GLU C 223 10.55 27.78 -2.21
CA GLU C 223 10.49 29.07 -1.55
C GLU C 223 9.19 29.19 -0.73
N VAL C 224 9.30 29.65 0.51
CA VAL C 224 8.14 29.82 1.37
C VAL C 224 7.93 31.25 1.85
N ALA C 225 8.93 32.12 1.73
CA ALA C 225 8.85 33.48 2.24
C ALA C 225 10.00 34.29 1.66
N SER C 226 9.83 35.62 1.65
CA SER C 226 10.85 36.49 1.05
C SER C 226 10.64 37.92 1.54
N ALA C 227 11.70 38.74 1.39
CA ALA C 227 11.66 40.18 1.65
C ALA C 227 12.84 40.85 0.95
N VAL C 228 12.72 42.15 0.71
CA VAL C 228 13.76 42.92 0.03
C VAL C 228 14.12 44.15 0.86
N ARG C 229 15.40 44.51 0.86
CA ARG C 229 15.92 45.63 1.63
C ARG C 229 16.94 46.45 0.83
N PRO C 230 17.08 47.74 1.17
CA PRO C 230 18.24 48.51 0.68
C PRO C 230 19.56 47.89 1.12
N SER C 231 20.58 48.04 0.28
CA SER C 231 21.86 47.41 0.61
C SER C 231 22.60 48.09 1.77
N ASP C 232 22.23 49.32 2.14
CA ASP C 232 22.79 49.99 3.30
C ASP C 232 21.84 49.97 4.49
N ASN C 233 20.84 49.08 4.47
CA ASN C 233 19.87 48.95 5.56
C ASN C 233 19.20 47.59 5.44
N THR C 234 19.92 46.54 5.81
CA THR C 234 19.59 45.19 5.37
C THR C 234 18.80 44.37 6.39
N ALA C 235 18.49 44.92 7.56
CA ALA C 235 17.88 44.10 8.60
C ALA C 235 16.40 43.90 8.32
N ILE C 236 15.92 42.67 8.52
CA ILE C 236 14.54 42.35 8.21
C ILE C 236 14.13 41.13 9.02
N SER C 237 12.85 41.07 9.36
CA SER C 237 12.24 39.88 9.94
C SER C 237 11.25 39.30 8.94
N ILE C 238 11.42 38.02 8.61
CA ILE C 238 10.59 37.28 7.66
C ILE C 238 9.87 36.17 8.40
N TYR C 239 8.55 36.12 8.27
CA TYR C 239 7.72 35.11 8.94
C TYR C 239 7.46 33.93 7.99
N VAL C 240 7.69 32.72 8.47
CA VAL C 240 7.37 31.49 7.74
C VAL C 240 6.25 30.77 8.47
N PRO C 241 5.10 30.53 7.85
CA PRO C 241 4.02 29.81 8.52
C PRO C 241 4.28 28.31 8.57
N ASP C 242 3.65 27.67 9.57
CA ASP C 242 3.67 26.20 9.72
C ASP C 242 5.09 25.66 9.67
N ALA C 243 5.99 26.33 10.38
CA ALA C 243 7.41 26.01 10.29
C ALA C 243 7.70 24.61 10.82
N GLU C 244 8.62 23.92 10.16
CA GLU C 244 9.09 22.63 10.63
C GLU C 244 10.26 22.85 11.60
N LEU C 245 10.09 22.44 12.85
CA LEU C 245 11.08 22.74 13.89
C LEU C 245 12.29 21.84 13.77
N TRP C 246 13.39 22.31 14.35
CA TRP C 246 14.67 21.60 14.36
C TRP C 246 14.86 20.97 15.74
N SER C 247 15.29 19.70 15.74
CA SER C 247 15.68 18.99 16.96
C SER C 247 16.65 17.89 16.61
N MET C 248 17.30 17.30 17.64
CA MET C 248 18.24 16.23 17.36
C MET C 248 17.56 15.02 16.72
N ASP C 249 16.30 14.74 17.05
CA ASP C 249 15.58 13.65 16.43
C ASP C 249 15.07 13.99 15.03
N GLU C 250 14.70 15.25 14.77
CA GLU C 250 14.19 15.68 13.46
C GLU C 250 14.85 16.99 13.04
N PRO C 251 16.06 16.91 12.49
CA PRO C 251 16.86 18.13 12.20
C PRO C 251 16.42 18.84 10.92
N ASN C 252 15.18 19.30 10.89
CA ASN C 252 14.64 20.03 9.74
C ASN C 252 15.40 21.33 9.53
N LEU C 253 15.88 21.57 8.30
CA LEU C 253 16.65 22.76 7.96
C LEU C 253 15.94 23.62 6.91
N TYR C 254 16.00 24.94 7.10
CA TYR C 254 15.59 25.91 6.09
C TYR C 254 16.84 26.54 5.48
N THR C 255 16.73 27.03 4.25
CA THR C 255 17.85 27.72 3.62
C THR C 255 17.46 29.17 3.41
N VAL C 256 18.28 30.07 3.93
CA VAL C 256 18.09 31.51 3.73
C VAL C 256 19.07 31.94 2.66
N VAL C 257 18.58 32.54 1.58
CA VAL C 257 19.41 32.96 0.47
C VAL C 257 19.38 34.48 0.43
N ALA C 258 20.54 35.09 0.21
CA ALA C 258 20.66 36.53 0.11
C ALA C 258 21.35 36.83 -1.21
N ARG C 259 20.73 37.72 -2.01
CA ARG C 259 21.28 38.14 -3.28
C ARG C 259 21.45 39.65 -3.29
N LEU C 260 22.62 40.09 -3.75
CA LEU C 260 22.87 41.51 -4.00
C LEU C 260 22.46 41.79 -5.45
N GLN C 261 21.50 42.69 -5.62
CA GLN C 261 20.78 42.87 -6.88
C GLN C 261 20.99 44.29 -7.42
N ARG C 262 21.26 44.38 -8.72
CA ARG C 262 21.24 45.66 -9.41
C ARG C 262 20.45 45.49 -10.69
N ASN C 263 19.39 46.29 -10.86
CA ASN C 263 18.46 46.10 -11.96
C ASN C 263 18.04 44.63 -12.06
N ASN C 264 18.26 44.01 -13.22
CA ASN C 264 17.79 42.65 -13.46
C ASN C 264 18.91 41.62 -13.31
N GLU C 265 19.79 41.82 -12.34
CA GLU C 265 21.09 41.15 -12.33
C GLU C 265 21.57 40.98 -10.89
N ALA C 266 21.94 39.75 -10.53
CA ALA C 266 22.53 39.48 -9.21
C ALA C 266 24.04 39.66 -9.27
N PHE C 267 24.57 40.48 -8.36
CA PHE C 267 26.01 40.67 -8.29
C PHE C 267 26.67 39.66 -7.37
N ASP C 268 26.04 39.34 -6.25
CA ASP C 268 26.60 38.43 -5.25
C ASP C 268 25.47 37.63 -4.61
N GLU C 269 25.81 36.44 -4.13
CA GLU C 269 24.83 35.54 -3.52
C GLU C 269 25.50 34.75 -2.39
N ILE C 270 24.83 34.67 -1.25
CA ILE C 270 25.30 33.88 -0.11
C ILE C 270 24.11 33.17 0.53
N TYR C 271 24.40 32.12 1.31
CA TYR C 271 23.30 31.33 1.85
C TYR C 271 23.72 30.61 3.14
N ALA C 272 22.71 30.26 3.93
CA ALA C 272 22.88 29.68 5.26
C ALA C 272 21.76 28.67 5.50
N ASN C 273 22.14 27.45 5.87
CA ASN C 273 21.18 26.49 6.40
C ASN C 273 20.99 26.76 7.89
N VAL C 274 19.74 26.77 8.33
CA VAL C 274 19.39 27.18 9.68
C VAL C 274 18.23 26.29 10.13
N GLY C 275 18.05 26.24 11.45
CA GLY C 275 16.97 25.48 12.03
C GLY C 275 16.23 26.34 13.04
N VAL C 276 14.98 25.97 13.26
CA VAL C 276 14.08 26.70 14.14
C VAL C 276 13.99 25.89 15.44
N ARG C 277 14.57 26.40 16.52
CA ARG C 277 14.44 25.71 17.79
C ARG C 277 14.58 26.72 18.91
N SER C 278 13.81 26.50 19.96
CA SER C 278 14.06 27.09 21.26
C SER C 278 14.44 25.99 22.25
N TYR C 279 15.04 26.39 23.37
CA TYR C 279 15.47 25.42 24.35
C TYR C 279 15.70 26.11 25.68
N THR C 280 15.69 25.32 26.74
CA THR C 280 15.92 25.84 28.07
C THR C 280 16.75 24.83 28.85
N VAL C 281 17.51 25.33 29.83
CA VAL C 281 18.13 24.52 30.86
C VAL C 281 17.70 25.10 32.20
N THR C 282 17.24 24.25 33.11
CA THR C 282 16.93 24.61 34.48
C THR C 282 17.66 23.68 35.43
N PRO C 283 18.06 24.18 36.60
CA PRO C 283 18.85 23.33 37.50
C PRO C 283 18.12 22.08 37.95
N ASP C 284 16.79 22.12 38.06
CA ASP C 284 16.01 20.96 38.48
C ASP C 284 15.46 20.16 37.33
N GLY C 285 15.07 20.81 36.23
CA GLY C 285 14.45 20.12 35.12
C GLY C 285 15.40 19.62 34.05
N GLY C 286 16.63 20.14 34.00
CA GLY C 286 17.58 19.71 32.99
C GLY C 286 17.43 20.47 31.68
N PHE C 287 17.60 19.78 30.56
CA PHE C 287 17.54 20.39 29.23
C PHE C 287 16.20 20.10 28.57
N SER C 288 15.58 21.14 28.01
CA SER C 288 14.42 20.99 27.13
C SER C 288 14.72 21.62 25.79
N ILE C 289 14.16 21.05 24.72
CA ILE C 289 14.17 21.67 23.41
C ILE C 289 12.75 21.66 22.85
N ASN C 290 12.29 22.82 22.36
CA ASN C 290 10.95 22.97 21.78
C ASN C 290 9.86 22.43 22.71
N GLY C 291 10.05 22.63 24.01
CA GLY C 291 9.04 22.27 24.97
C GLY C 291 9.12 20.89 25.59
N GLU C 292 10.11 20.07 25.20
CA GLU C 292 10.17 18.67 25.64
C GLU C 292 11.46 18.38 26.39
N ALA C 293 11.33 17.92 27.63
CA ALA C 293 12.46 17.44 28.43
C ALA C 293 13.24 16.36 27.71
N THR C 294 14.49 16.64 27.39
CA THR C 294 15.32 15.79 26.54
C THR C 294 16.73 15.77 27.12
N PRO C 295 16.99 14.91 28.10
CA PRO C 295 18.33 14.90 28.70
C PRO C 295 19.39 14.72 27.62
N LEU C 296 20.38 15.63 27.62
CA LEU C 296 21.49 15.56 26.64
C LEU C 296 22.52 14.54 27.13
N ARG C 297 22.67 13.43 26.40
CA ARG C 297 23.57 12.34 26.77
C ARG C 297 24.43 12.01 25.55
N GLY C 298 25.71 12.32 25.63
CA GLY C 298 26.58 12.24 24.48
C GLY C 298 28.06 12.14 24.81
N VAL C 299 28.88 12.66 23.90
CA VAL C 299 30.30 12.40 23.86
C VAL C 299 31.03 13.67 23.41
N SER C 300 32.33 13.71 23.66
CA SER C 300 33.20 14.70 23.05
C SER C 300 33.86 14.11 21.82
N ARG C 301 34.50 14.97 21.05
CA ARG C 301 35.15 14.53 19.83
C ARG C 301 36.31 15.45 19.50
N HIS C 302 37.51 14.88 19.34
CA HIS C 302 38.66 15.60 18.81
C HIS C 302 38.67 15.46 17.29
N GLN C 303 39.50 16.27 16.65
CA GLN C 303 39.48 16.38 15.19
C GLN C 303 40.64 15.67 14.50
N ASP C 304 41.17 14.59 15.09
CA ASP C 304 42.26 13.89 14.41
C ASP C 304 41.85 12.47 14.00
N LYS C 305 42.75 11.80 13.27
CA LYS C 305 42.46 10.47 12.76
C LYS C 305 43.79 9.81 12.40
N LEU C 306 43.83 8.46 12.52
CA LEU C 306 45.07 7.68 12.54
C LEU C 306 46.01 8.04 11.38
N TYR C 307 47.18 8.57 11.75
CA TYR C 307 48.26 8.99 10.83
C TYR C 307 47.82 10.00 9.77
N LYS C 308 46.77 10.77 10.05
CA LYS C 308 46.40 11.94 9.26
C LYS C 308 46.59 13.24 10.03
N GLY C 309 46.92 13.15 11.30
CA GLY C 309 46.86 14.34 12.14
C GLY C 309 45.45 14.88 12.16
N ASN C 310 45.33 16.19 11.99
CA ASN C 310 44.03 16.80 11.89
C ASN C 310 43.69 17.19 10.45
N ALA C 311 44.36 16.59 9.46
CA ALA C 311 44.13 16.92 8.06
C ALA C 311 43.06 15.99 7.48
N LEU C 312 41.83 16.22 7.94
CA LEU C 312 40.72 15.34 7.65
C LEU C 312 39.92 15.83 6.44
N THR C 313 39.33 14.89 5.74
CA THR C 313 38.47 15.21 4.60
C THR C 313 37.02 15.36 5.07
N VAL C 314 36.21 15.93 4.18
CA VAL C 314 34.80 16.08 4.52
C VAL C 314 34.17 14.71 4.80
N GLU C 315 34.59 13.66 4.08
CA GLU C 315 34.08 12.32 4.37
C GLU C 315 34.47 11.87 5.77
N ASP C 316 35.69 12.20 6.23
CA ASP C 316 36.11 11.82 7.58
C ASP C 316 35.19 12.44 8.62
N HIS C 317 34.89 13.73 8.47
CA HIS C 317 34.03 14.40 9.43
C HIS C 317 32.65 13.77 9.46
N TYR C 318 32.05 13.55 8.28
CA TYR C 318 30.73 12.93 8.21
C TYR C 318 30.76 11.50 8.73
N GLN C 319 31.84 10.76 8.46
CA GLN C 319 31.97 9.44 9.05
C GLN C 319 31.89 9.51 10.57
N ASP C 320 32.65 10.42 11.19
CA ASP C 320 32.58 10.59 12.64
C ASP C 320 31.16 10.88 13.09
N ALA C 321 30.48 11.81 12.40
CA ALA C 321 29.13 12.17 12.78
C ALA C 321 28.21 10.96 12.71
N GLN C 322 28.32 10.17 11.65
CA GLN C 322 27.46 9.00 11.50
C GLN C 322 27.72 7.97 12.59
N ILE C 323 28.98 7.77 12.97
CA ILE C 323 29.26 6.78 14.01
C ILE C 323 28.66 7.22 15.33
N ILE C 324 28.71 8.54 15.60
CA ILE C 324 28.13 9.05 16.84
C ILE C 324 26.60 8.94 16.79
N LYS C 325 26.00 9.20 15.62
CA LYS C 325 24.56 9.05 15.47
C LYS C 325 24.10 7.63 15.75
N GLU C 326 24.80 6.62 15.21
CA GLU C 326 24.47 5.23 15.52
C GLU C 326 24.60 4.93 17.00
N LEU C 327 25.56 5.57 17.67
CA LEU C 327 25.71 5.33 19.09
C LEU C 327 24.43 5.69 19.84
N GLY C 328 23.65 6.60 19.29
CA GLY C 328 22.48 7.09 19.97
C GLY C 328 22.71 8.36 20.73
N ALA C 329 23.86 8.99 20.54
CA ALA C 329 24.18 10.25 21.20
C ALA C 329 23.36 11.40 20.63
N ASN C 330 22.89 12.28 21.50
CA ASN C 330 22.12 13.43 21.04
C ASN C 330 22.82 14.74 21.36
N THR C 331 24.05 14.68 21.89
CA THR C 331 24.85 15.88 22.12
C THR C 331 26.31 15.54 21.82
N ILE C 332 27.02 16.49 21.21
CA ILE C 332 28.46 16.38 21.00
C ILE C 332 29.15 17.62 21.57
N ARG C 333 30.13 17.39 22.45
CA ARG C 333 31.01 18.45 22.91
C ARG C 333 32.20 18.53 21.97
N LEU C 334 32.31 19.65 21.22
CA LEU C 334 33.40 19.79 20.27
C LEU C 334 34.55 20.49 20.96
N ALA C 335 35.25 19.72 21.80
CA ALA C 335 36.45 20.18 22.49
C ALA C 335 37.63 20.12 21.52
N HIS C 336 38.67 20.94 21.77
CA HIS C 336 38.70 22.07 22.71
C HIS C 336 38.85 23.37 21.92
N TYR C 337 38.29 23.46 20.72
CA TYR C 337 38.61 24.53 19.78
C TYR C 337 37.50 24.60 18.73
N GLN C 338 37.59 25.57 17.85
CA GLN C 338 36.65 25.64 16.75
C GLN C 338 36.92 24.50 15.77
N HIS C 339 35.88 23.75 15.43
CA HIS C 339 36.01 22.62 14.53
C HIS C 339 35.78 23.05 13.08
N SER C 340 35.83 22.08 12.16
CA SER C 340 35.60 22.33 10.75
C SER C 340 34.14 22.68 10.47
N GLN C 341 33.94 23.59 9.51
CA GLN C 341 32.58 23.85 9.06
C GLN C 341 31.87 22.57 8.61
N ASP C 342 32.60 21.62 8.02
CA ASP C 342 32.00 20.37 7.64
C ASP C 342 31.37 19.68 8.83
N PHE C 343 32.01 19.75 9.99
CA PHE C 343 31.46 18.98 11.10
C PHE C 343 30.28 19.69 11.74
N TYR C 344 30.33 21.01 11.83
CA TYR C 344 29.14 21.70 12.28
C TYR C 344 28.01 21.48 11.30
N ASP C 345 28.31 21.40 10.01
CA ASP C 345 27.27 21.09 9.03
C ASP C 345 26.68 19.72 9.28
N ALA C 346 27.51 18.72 9.57
CA ALA C 346 27.01 17.39 9.82
C ALA C 346 26.18 17.32 11.09
N CYS C 347 26.51 18.13 12.09
CA CYS C 347 25.68 18.19 13.30
C CYS C 347 24.32 18.83 13.02
N ASP C 348 24.27 19.90 12.20
CA ASP C 348 23.00 20.48 11.79
C ASP C 348 22.17 19.47 11.00
N GLU C 349 22.82 18.75 10.09
CA GLU C 349 22.09 17.83 9.22
C GLU C 349 21.60 16.60 9.99
N LEU C 350 22.45 16.02 10.85
CA LEU C 350 22.15 14.78 11.54
C LEU C 350 21.46 15.00 12.88
N GLY C 351 21.61 16.17 13.47
CA GLY C 351 20.89 16.50 14.68
C GLY C 351 21.65 16.09 15.92
N PHE C 352 22.50 17.00 16.40
CA PHE C 352 23.12 16.90 17.71
C PHE C 352 23.09 18.27 18.38
N ALA C 353 22.84 18.30 19.68
CA ALA C 353 23.07 19.50 20.48
C ALA C 353 24.58 19.68 20.69
N VAL C 354 25.13 20.79 20.19
CA VAL C 354 26.58 20.98 20.12
C VAL C 354 27.02 22.02 21.12
N TRP C 355 28.07 21.68 21.87
CA TRP C 355 28.82 22.59 22.72
C TRP C 355 30.11 22.92 21.97
N ALA C 356 30.26 24.19 21.63
CA ALA C 356 31.40 24.69 20.86
C ALA C 356 32.23 25.59 21.77
N GLU C 357 33.56 25.51 21.65
CA GLU C 357 34.42 26.24 22.58
C GLU C 357 35.73 26.67 21.93
N ILE C 358 36.44 27.56 22.64
CA ILE C 358 37.74 28.09 22.25
C ILE C 358 38.81 27.38 23.09
N PRO C 359 40.10 27.33 22.63
CA PRO C 359 41.12 26.61 23.41
C PRO C 359 41.75 27.42 24.55
N PHE C 360 40.90 28.09 25.34
CA PHE C 360 41.30 28.77 26.56
C PHE C 360 41.43 27.71 27.65
N ILE C 361 42.61 27.09 27.74
CA ILE C 361 42.74 25.79 28.38
C ILE C 361 43.93 25.73 29.34
N SER C 362 43.71 25.08 30.48
CA SER C 362 44.68 24.67 31.51
C SER C 362 45.33 25.84 32.27
N VAL C 363 46.25 26.58 31.64
CA VAL C 363 47.03 27.59 32.34
C VAL C 363 46.74 28.97 31.76
N PHE C 364 46.33 29.89 32.61
CA PHE C 364 46.05 31.25 32.19
C PHE C 364 47.37 31.99 31.99
N LYS C 365 47.50 32.65 30.83
CA LYS C 365 48.64 33.51 30.52
C LYS C 365 48.22 34.96 30.75
N SER C 366 48.93 35.67 31.63
CA SER C 366 48.65 37.08 31.81
C SER C 366 49.28 37.89 30.68
N GLY C 367 48.87 39.15 30.57
CA GLY C 367 49.34 39.95 29.47
C GLY C 367 48.24 40.41 28.55
N LYS C 368 48.35 41.64 28.04
CA LYS C 368 47.33 42.17 27.16
C LYS C 368 47.21 41.37 25.87
N ASP C 369 48.34 40.83 25.39
CA ASP C 369 48.31 40.09 24.13
C ASP C 369 47.62 38.75 24.29
N ALA C 370 47.85 38.05 25.41
CA ALA C 370 47.09 36.83 25.66
C ALA C 370 45.61 37.14 25.81
N HIS C 371 45.28 38.29 26.43
CA HIS C 371 43.88 38.69 26.56
C HIS C 371 43.26 38.91 25.19
N THR C 372 43.93 39.69 24.33
CA THR C 372 43.41 39.93 22.99
C THR C 372 43.20 38.62 22.25
N HIS C 373 44.13 37.68 22.39
CA HIS C 373 44.01 36.39 21.71
C HIS C 373 42.70 35.69 22.05
N VAL C 374 42.41 35.58 23.35
CA VAL C 374 41.23 34.83 23.77
C VAL C 374 39.96 35.57 23.36
N MET C 375 39.97 36.90 23.41
CA MET C 375 38.80 37.67 23.02
C MET C 375 38.51 37.54 21.54
N GLU C 376 39.57 37.46 20.73
CA GLU C 376 39.38 37.38 19.29
C GLU C 376 39.08 35.98 18.82
N GLU C 377 39.61 34.98 19.52
CA GLU C 377 39.29 33.62 19.13
C GLU C 377 37.81 33.35 19.39
N MET C 378 37.29 33.87 20.50
CA MET C 378 35.87 33.73 20.82
C MET C 378 35.01 34.46 19.81
N LYS C 379 35.39 35.70 19.47
CA LYS C 379 34.65 36.46 18.48
C LYS C 379 34.60 35.74 17.13
N GLU C 380 35.72 35.18 16.69
CA GLU C 380 35.73 34.38 15.46
C GLU C 380 34.84 33.15 15.60
N LEU C 381 34.95 32.44 16.73
CA LEU C 381 34.08 31.30 16.94
C LEU C 381 32.61 31.68 16.75
N ILE C 382 32.19 32.80 17.35
CA ILE C 382 30.78 33.14 17.32
C ILE C 382 30.35 33.57 15.91
N ILE C 383 31.07 34.52 15.32
CA ILE C 383 30.69 35.06 14.01
C ILE C 383 30.80 34.00 12.92
N GLN C 384 31.78 33.10 13.01
CA GLN C 384 31.90 32.11 11.96
C GLN C 384 30.90 30.97 12.08
N ASN C 385 30.18 30.87 13.20
CA ASN C 385 29.31 29.72 13.45
C ASN C 385 27.96 30.13 13.98
N TYR C 386 27.65 31.43 13.97
CA TYR C 386 26.37 31.93 14.47
C TYR C 386 25.16 31.24 13.83
N ASN C 387 25.25 30.84 12.56
CA ASN C 387 24.06 30.37 11.84
C ASN C 387 23.74 28.89 12.05
N HIS C 388 24.67 28.11 12.61
CA HIS C 388 24.44 26.69 12.85
C HIS C 388 23.36 26.47 13.90
N PRO C 389 22.27 25.76 13.58
CA PRO C 389 21.28 25.45 14.63
C PRO C 389 21.76 24.43 15.65
N SER C 390 22.70 23.56 15.31
CA SER C 390 23.13 22.53 16.27
C SER C 390 23.90 23.14 17.44
N ILE C 391 24.54 24.29 17.25
CA ILE C 391 25.30 24.90 18.34
C ILE C 391 24.32 25.49 19.34
N LEU C 392 24.31 24.96 20.55
CA LEU C 392 23.44 25.46 21.60
C LEU C 392 24.19 26.17 22.73
N PHE C 393 25.49 25.91 22.87
CA PHE C 393 26.28 26.38 24.00
C PHE C 393 27.65 26.84 23.54
N TRP C 394 28.06 28.04 23.96
CA TRP C 394 29.42 28.51 23.79
C TRP C 394 30.18 28.25 25.10
N GLY C 395 31.30 27.55 25.01
CA GLY C 395 32.15 27.29 26.18
C GLY C 395 33.36 28.20 26.19
N ILE C 396 33.56 28.88 27.31
CA ILE C 396 34.59 29.91 27.34
C ILE C 396 35.95 29.41 27.83
N SER C 397 36.02 28.31 28.58
CA SER C 397 37.31 27.82 29.04
C SER C 397 37.20 26.39 29.52
N ASN C 398 38.28 25.66 29.42
CA ASN C 398 38.36 24.29 29.90
C ASN C 398 39.48 24.18 30.93
N GLU C 399 39.12 23.77 32.16
CA GLU C 399 40.10 23.41 33.20
C GLU C 399 41.11 24.53 33.46
N ILE C 400 40.60 25.77 33.47
CA ILE C 400 41.49 26.93 33.43
C ILE C 400 42.22 27.15 34.76
N LEU C 401 41.71 26.57 35.85
CA LEU C 401 42.30 26.61 37.18
C LEU C 401 43.41 25.58 37.41
N ILE C 402 43.81 24.79 36.40
CA ILE C 402 44.96 23.91 36.56
C ILE C 402 46.21 24.73 36.88
N GLY C 403 46.32 25.92 36.31
CA GLY C 403 47.44 26.81 36.60
C GLY C 403 47.22 27.82 37.71
N GLY C 404 46.20 27.63 38.54
CA GLY C 404 45.94 28.56 39.62
C GLY C 404 45.10 29.77 39.23
N ILE C 405 44.26 30.22 40.15
CA ILE C 405 43.34 31.33 39.89
C ILE C 405 44.07 32.64 40.06
N SER C 406 43.66 33.63 39.28
CA SER C 406 44.22 34.98 39.29
C SER C 406 43.05 35.94 39.28
N GLN C 407 43.28 37.20 39.63
CA GLN C 407 42.19 38.12 39.36
C GLN C 407 42.12 38.46 37.87
N GLU C 408 43.25 38.47 37.16
CA GLU C 408 43.22 38.63 35.71
C GLU C 408 42.46 37.49 35.06
N LEU C 409 42.63 36.25 35.56
CA LEU C 409 41.91 35.10 35.05
C LEU C 409 40.41 35.28 35.22
N VAL C 410 39.98 35.65 36.43
CA VAL C 410 38.56 35.85 36.68
C VAL C 410 38.01 36.95 35.78
N ASP C 411 38.78 38.01 35.55
CA ASP C 411 38.27 39.14 34.79
C ASP C 411 38.11 38.77 33.33
N THR C 412 39.05 37.99 32.79
CA THR C 412 38.91 37.52 31.43
C THR C 412 37.66 36.66 31.26
N HIS C 413 37.30 35.90 32.29
CA HIS C 413 36.05 35.13 32.19
C HIS C 413 34.85 36.04 32.18
N HIS C 414 34.88 37.12 32.95
CA HIS C 414 33.79 38.09 32.87
C HIS C 414 33.77 38.78 31.50
N ASP C 415 34.94 39.06 30.92
CA ASP C 415 34.98 39.68 29.60
C ASP C 415 34.40 38.77 28.53
N LEU C 416 34.74 37.49 28.58
CA LEU C 416 34.22 36.54 27.60
C LEU C 416 32.73 36.36 27.77
N GLN C 417 32.24 36.23 29.02
CA GLN C 417 30.80 36.13 29.23
C GLN C 417 30.06 37.32 28.64
N LYS C 418 30.58 38.54 28.86
CA LYS C 418 29.93 39.72 28.32
C LYS C 418 30.03 39.74 26.80
N LEU C 419 31.15 39.28 26.24
CA LEU C 419 31.28 39.23 24.79
C LEU C 419 30.25 38.29 24.19
N CYS C 420 30.11 37.10 24.80
CA CYS C 420 29.18 36.11 24.27
C CYS C 420 27.76 36.66 24.26
N LYS C 421 27.37 37.40 25.30
CA LYS C 421 26.01 37.91 25.36
C LYS C 421 25.82 39.15 24.48
N GLU C 422 26.89 39.86 24.15
CA GLU C 422 26.80 40.97 23.24
C GLU C 422 26.65 40.48 21.80
N LEU C 423 27.51 39.55 21.37
CA LEU C 423 27.41 39.00 20.02
C LEU C 423 26.23 38.06 19.84
N ASP C 424 25.83 37.35 20.88
CA ASP C 424 24.85 36.28 20.67
C ASP C 424 24.02 36.01 21.92
N PRO C 425 23.02 36.84 22.21
CA PRO C 425 22.16 36.56 23.37
C PRO C 425 21.29 35.34 23.19
N THR C 426 21.24 34.73 21.99
CA THR C 426 20.32 33.63 21.74
C THR C 426 20.82 32.29 22.28
N ARG C 427 22.07 32.20 22.70
CA ARG C 427 22.64 30.94 23.15
C ARG C 427 23.11 31.05 24.60
N LEU C 428 23.31 29.91 25.23
CA LEU C 428 23.75 29.82 26.61
C LEU C 428 25.26 29.61 26.68
N THR C 429 25.91 30.30 27.61
CA THR C 429 27.33 30.10 27.88
C THR C 429 27.52 28.96 28.86
N THR C 430 28.72 28.35 28.82
CA THR C 430 29.05 27.23 29.67
C THR C 430 30.56 27.27 29.95
N ILE C 431 31.01 26.41 30.85
CA ILE C 431 32.41 26.33 31.24
C ILE C 431 32.68 24.91 31.72
N ALA C 432 33.90 24.43 31.53
CA ALA C 432 34.28 23.10 32.04
C ALA C 432 35.35 23.26 33.11
N HIS C 433 34.98 22.99 34.37
CA HIS C 433 35.90 23.09 35.50
C HIS C 433 36.73 21.81 35.66
N VAL C 434 37.99 21.99 36.03
CA VAL C 434 38.79 20.83 36.43
C VAL C 434 38.23 20.25 37.74
N SER C 435 38.53 18.96 37.94
CA SER C 435 37.88 18.16 38.98
C SER C 435 37.95 18.82 40.36
N HIS C 436 39.10 19.35 40.74
CA HIS C 436 39.31 19.84 42.11
C HIS C 436 38.89 21.28 42.29
N THR C 437 38.20 21.87 41.31
CA THR C 437 37.71 23.23 41.44
C THR C 437 36.79 23.37 42.64
N PRO C 438 37.05 24.31 43.54
CA PRO C 438 36.12 24.55 44.66
C PRO C 438 34.69 24.67 44.17
N THR C 439 33.76 24.04 44.89
CA THR C 439 32.38 24.12 44.45
C THR C 439 31.72 25.45 44.80
N SER C 440 32.45 26.32 45.50
CA SER C 440 32.11 27.72 45.75
C SER C 440 33.21 28.63 45.21
N GLY C 441 32.87 29.88 45.01
CA GLY C 441 33.90 30.83 44.67
C GLY C 441 33.74 31.43 43.30
N PRO C 442 34.78 32.15 42.87
CA PRO C 442 34.59 33.09 41.76
C PRO C 442 34.37 32.45 40.41
N MET C 443 34.71 31.17 40.20
CA MET C 443 34.49 30.57 38.87
C MET C 443 33.05 30.15 38.62
N HIS C 444 32.18 30.18 39.64
CA HIS C 444 30.78 29.81 39.47
C HIS C 444 29.88 31.03 39.27
N ARG C 445 28.76 30.77 38.58
CA ARG C 445 27.74 31.77 38.29
C ARG C 445 28.24 32.88 37.38
N ILE C 446 29.26 32.62 36.59
CA ILE C 446 29.64 33.49 35.48
C ILE C 446 28.81 33.16 34.24
N THR C 447 28.84 31.89 33.84
CA THR C 447 28.17 31.35 32.67
C THR C 447 26.75 30.91 33.00
N ASP C 448 25.93 30.70 31.98
CA ASP C 448 24.54 30.33 32.22
C ASP C 448 24.43 28.92 32.76
N VAL C 449 25.33 28.03 32.35
CA VAL C 449 25.33 26.66 32.82
C VAL C 449 26.79 26.28 33.05
N GLU C 450 27.01 25.23 33.83
CA GLU C 450 28.36 24.85 34.22
C GLU C 450 28.49 23.35 34.21
N SER C 451 29.69 22.86 33.87
CA SER C 451 30.01 21.44 33.99
C SER C 451 31.32 21.23 34.74
N TYR C 452 31.56 19.98 35.12
CA TYR C 452 32.79 19.52 35.74
C TYR C 452 33.42 18.39 34.92
N ASN C 453 34.76 18.35 34.91
CA ASN C 453 35.50 17.20 34.40
C ASN C 453 35.86 16.32 35.58
N HIS C 454 35.19 15.17 35.72
CA HIS C 454 35.49 14.24 36.80
C HIS C 454 35.97 12.91 36.28
N TYR C 455 36.96 12.35 36.97
CA TYR C 455 37.49 11.04 36.61
C TYR C 455 37.58 10.12 37.83
N PHE C 456 36.59 10.17 38.72
CA PHE C 456 36.55 9.26 39.87
C PHE C 456 36.47 7.82 39.41
N GLY C 457 37.40 7.01 39.88
CA GLY C 457 37.50 5.64 39.45
C GLY C 457 38.52 5.41 38.35
N TRP C 458 39.12 6.48 37.80
CA TRP C 458 40.26 6.32 36.92
C TRP C 458 41.50 7.05 37.43
N TYR C 459 41.41 8.36 37.68
CA TYR C 459 42.57 9.11 38.17
C TYR C 459 42.70 9.07 39.70
N GLY C 460 41.92 8.24 40.35
CA GLY C 460 41.89 8.20 41.79
C GLY C 460 40.44 8.12 42.19
N GLY C 461 40.16 7.81 43.43
CA GLY C 461 38.79 7.64 43.84
C GLY C 461 38.23 6.32 43.32
N LYS C 462 36.98 6.08 43.67
CA LYS C 462 36.28 4.90 43.23
C LYS C 462 35.13 5.33 42.35
N ILE C 463 34.80 4.47 41.36
CA ILE C 463 33.68 4.62 40.45
C ILE C 463 32.42 5.06 41.20
N GLU C 464 32.19 4.48 42.38
CA GLU C 464 30.98 4.69 43.16
C GLU C 464 30.91 6.05 43.82
N GLN C 465 31.96 6.88 43.76
CA GLN C 465 31.84 8.22 44.31
C GLN C 465 31.16 9.20 43.37
N ASN C 466 31.02 8.86 42.08
CA ASN C 466 30.47 9.79 41.09
C ASN C 466 29.03 10.18 41.44
N GLY C 467 28.16 9.19 41.65
CA GLY C 467 26.78 9.44 41.99
C GLY C 467 26.58 10.36 43.20
N PRO C 468 27.13 9.97 44.36
CA PRO C 468 27.07 10.86 45.55
C PRO C 468 27.60 12.26 45.31
N TRP C 469 28.68 12.41 44.54
CA TRP C 469 29.23 13.73 44.27
C TRP C 469 28.19 14.60 43.56
N LEU C 470 27.61 14.09 42.47
CA LEU C 470 26.57 14.83 41.77
C LEU C 470 25.46 15.24 42.72
N ASP C 471 24.98 14.29 43.52
CA ASP C 471 23.83 14.61 44.37
C ASP C 471 24.18 15.65 45.42
N LYS C 472 25.42 15.65 45.90
CA LYS C 472 25.82 16.62 46.92
C LYS C 472 25.88 18.02 46.34
N PHE C 473 26.45 18.14 45.15
CA PHE C 473 26.55 19.45 44.50
C PHE C 473 25.16 19.97 44.18
N HIS C 474 24.31 19.12 43.59
CA HIS C 474 22.97 19.55 43.27
C HIS C 474 22.22 20.02 44.51
N ALA C 475 22.37 19.28 45.61
CA ALA C 475 21.65 19.62 46.82
C ALA C 475 22.14 20.93 47.41
N GLU C 476 23.42 21.25 47.21
CA GLU C 476 24.00 22.45 47.77
C GLU C 476 23.92 23.67 46.86
N ASN C 477 23.89 23.49 45.55
CA ASN C 477 23.83 24.61 44.61
C ASN C 477 22.58 24.48 43.76
N PRO C 478 21.39 24.56 44.37
CA PRO C 478 20.15 24.36 43.62
C PRO C 478 19.90 25.39 42.51
N ASP C 479 20.63 26.50 42.52
CA ASP C 479 20.53 27.50 41.47
C ASP C 479 21.51 27.27 40.32
N ILE C 480 22.26 26.18 40.30
CA ILE C 480 23.22 25.94 39.23
C ILE C 480 22.74 24.77 38.38
N CYS C 481 22.83 24.94 37.07
CA CYS C 481 22.62 23.86 36.14
C CYS C 481 23.92 23.10 36.02
N LEU C 482 23.97 21.90 36.60
CA LEU C 482 25.18 21.11 36.63
C LEU C 482 25.21 20.08 35.52
N GLY C 483 26.29 20.10 34.73
CA GLY C 483 26.56 19.07 33.76
C GLY C 483 27.91 18.44 34.06
N ILE C 484 28.23 17.39 33.30
CA ILE C 484 29.51 16.71 33.40
C ILE C 484 30.10 16.70 31.99
N SER C 485 31.04 17.61 31.75
CA SER C 485 31.63 17.79 30.43
C SER C 485 32.72 16.80 30.10
N GLU C 486 33.31 16.15 31.12
CA GLU C 486 34.33 15.13 30.88
C GLU C 486 34.19 14.07 31.94
N TYR C 487 34.16 12.82 31.49
CA TYR C 487 34.29 11.66 32.35
C TYR C 487 34.66 10.51 31.43
N GLY C 488 35.51 9.62 31.92
CA GLY C 488 35.99 8.57 31.06
C GLY C 488 37.05 7.75 31.75
N CYS C 489 37.63 6.83 30.99
CA CYS C 489 38.46 5.78 31.56
C CYS C 489 39.24 5.15 30.43
N GLU C 490 40.52 4.88 30.66
CA GLU C 490 41.33 4.35 29.57
C GLU C 490 40.94 2.91 29.29
N GLY C 491 40.95 2.55 28.00
CA GLY C 491 40.64 1.21 27.57
C GLY C 491 41.50 0.76 26.39
N ILE C 492 42.43 -0.16 26.63
CA ILE C 492 43.28 -0.70 25.59
C ILE C 492 42.89 -2.17 25.41
N ILE C 493 42.52 -2.54 24.18
CA ILE C 493 41.68 -3.72 23.98
C ILE C 493 42.50 -4.98 23.75
N ASN C 494 43.82 -4.90 23.92
CA ASN C 494 44.60 -6.13 23.97
C ASN C 494 44.81 -6.62 25.40
N TRP C 495 44.47 -5.80 26.41
CA TRP C 495 44.51 -6.20 27.82
C TRP C 495 43.12 -6.63 28.28
N HIS C 496 43.05 -7.81 28.90
CA HIS C 496 41.80 -8.38 29.37
C HIS C 496 42.02 -8.98 30.75
N SER C 497 41.06 -8.76 31.66
CA SER C 497 41.20 -9.22 33.02
C SER C 497 39.91 -9.88 33.51
N ASN C 498 40.08 -10.94 34.31
CA ASN C 498 38.98 -11.57 35.01
C ASN C 498 38.69 -10.91 36.35
N THR C 499 39.60 -10.09 36.84
CA THR C 499 39.39 -9.28 38.04
C THR C 499 39.63 -7.80 37.70
N PRO C 500 38.87 -7.24 36.76
CA PRO C 500 39.21 -5.89 36.25
C PRO C 500 39.35 -4.87 37.38
N GLN C 501 40.41 -4.08 37.31
CA GLN C 501 40.70 -3.10 38.35
C GLN C 501 41.38 -1.90 37.72
N CYS C 502 41.24 -0.75 38.38
CA CYS C 502 41.87 0.49 37.96
C CYS C 502 43.35 0.29 37.68
N LYS C 503 43.78 0.74 36.52
CA LYS C 503 45.15 0.74 36.02
C LYS C 503 45.62 -0.60 35.45
N ASP C 504 44.76 -1.62 35.29
CA ASP C 504 45.17 -2.70 34.38
C ASP C 504 44.93 -2.36 32.92
N TYR C 505 44.21 -1.27 32.62
CA TYR C 505 44.00 -0.73 31.29
C TYR C 505 43.11 -1.62 30.44
N SER C 506 42.48 -2.65 31.04
CA SER C 506 41.71 -3.62 30.28
C SER C 506 40.46 -2.98 29.69
N GLU C 507 39.98 -3.61 28.62
CA GLU C 507 38.69 -3.24 28.05
C GLU C 507 37.56 -3.51 29.03
N GLU C 508 37.71 -4.54 29.87
CA GLU C 508 36.65 -4.88 30.82
C GLU C 508 36.49 -3.83 31.90
N TYR C 509 37.58 -3.22 32.38
CA TYR C 509 37.44 -2.22 33.43
C TYR C 509 36.81 -0.94 32.90
N GLN C 510 37.16 -0.56 31.66
CA GLN C 510 36.53 0.59 31.03
C GLN C 510 35.04 0.38 30.85
N ALA C 511 34.61 -0.84 30.56
CA ALA C 511 33.17 -1.09 30.42
C ALA C 511 32.47 -0.94 31.77
N LEU C 512 33.06 -1.52 32.83
CA LEU C 512 32.50 -1.40 34.18
C LEU C 512 32.32 0.05 34.59
N TYR C 513 33.32 0.87 34.29
CA TYR C 513 33.23 2.30 34.58
C TYR C 513 32.04 2.93 33.85
N HIS C 514 31.88 2.64 32.55
CA HIS C 514 30.81 3.27 31.80
C HIS C 514 29.46 2.63 32.07
N GLU C 515 29.44 1.32 32.39
CA GLU C 515 28.21 0.73 32.90
C GLU C 515 27.63 1.56 34.04
N TYR C 516 28.48 1.90 35.02
CA TYR C 516 28.02 2.69 36.15
C TYR C 516 27.57 4.07 35.71
N MET C 517 28.42 4.76 34.94
CA MET C 517 28.13 6.15 34.59
C MET C 517 26.87 6.27 33.76
N ALA C 518 26.70 5.40 32.75
CA ALA C 518 25.49 5.45 31.94
C ALA C 518 24.24 5.41 32.82
N GLN C 519 24.24 4.52 33.81
CA GLN C 519 23.11 4.42 34.72
C GLN C 519 23.03 5.64 35.64
N ALA C 520 24.18 6.16 36.08
CA ALA C 520 24.16 7.34 36.96
C ALA C 520 23.49 8.53 36.29
N PHE C 521 23.78 8.76 35.00
CA PHE C 521 23.18 9.91 34.33
C PHE C 521 21.74 9.66 33.93
N GLU C 522 21.36 8.41 33.71
CA GLU C 522 19.95 8.13 33.49
C GLU C 522 19.12 8.41 34.74
N ASP C 523 19.63 8.01 35.90
CA ASP C 523 18.96 8.31 37.17
C ASP C 523 18.77 9.79 37.43
N ARG C 524 19.54 10.67 36.76
CA ARG C 524 19.57 12.10 37.10
C ARG C 524 19.23 12.95 35.89
N PRO C 525 17.95 13.08 35.54
CA PRO C 525 17.57 13.95 34.41
C PRO C 525 17.95 15.41 34.62
N TRP C 526 18.27 15.82 35.84
CA TRP C 526 18.62 17.20 36.12
C TRP C 526 20.07 17.52 35.77
N ILE C 527 20.89 16.53 35.41
CA ILE C 527 22.18 16.79 34.77
C ILE C 527 21.88 17.23 33.35
N TRP C 528 22.13 18.51 33.04
CA TRP C 528 21.65 19.03 31.76
C TRP C 528 22.35 18.36 30.58
N ALA C 529 23.64 18.01 30.73
CA ALA C 529 24.42 17.37 29.68
C ALA C 529 25.55 16.55 30.31
N SER C 530 25.79 15.39 29.73
CA SER C 530 26.95 14.56 30.07
C SER C 530 27.66 14.18 28.78
N HIS C 531 28.99 14.29 28.79
CA HIS C 531 29.83 14.02 27.64
C HIS C 531 30.94 13.06 28.01
N VAL C 532 30.91 11.87 27.39
CA VAL C 532 32.02 10.94 27.51
C VAL C 532 33.28 11.56 26.95
N TRP C 533 34.33 11.55 27.74
CA TRP C 533 35.69 11.74 27.24
C TRP C 533 36.23 10.34 26.97
N ASN C 534 36.37 9.95 25.71
CA ASN C 534 36.15 10.77 24.53
C ASN C 534 35.54 9.78 23.52
N MET C 535 34.93 10.27 22.43
CA MET C 535 34.33 9.33 21.47
C MET C 535 35.39 8.41 20.85
N PHE C 536 36.54 8.97 20.48
CA PHE C 536 37.59 8.23 19.81
C PHE C 536 38.90 8.42 20.55
N ASP C 537 39.73 7.38 20.52
CA ASP C 537 41.13 7.57 20.88
C ASP C 537 41.68 8.72 20.05
N PHE C 538 42.56 9.52 20.66
CA PHE C 538 43.14 10.63 19.92
C PHE C 538 44.63 10.73 20.23
N GLY C 539 45.31 11.60 19.48
CA GLY C 539 46.75 11.72 19.57
C GLY C 539 47.21 12.76 20.60
N CYS C 540 48.07 12.32 21.51
N CYS C 540 48.11 12.32 21.48
CA CYS C 540 48.81 13.27 22.36
CA CYS C 540 48.81 13.19 22.44
C CYS C 540 50.23 12.78 22.45
C CYS C 540 50.26 12.75 22.46
N ALA C 541 51.15 13.54 21.84
CA ALA C 541 52.55 13.15 21.76
C ALA C 541 53.22 12.96 23.12
N ALA C 542 52.71 13.58 24.19
CA ALA C 542 53.33 13.44 25.51
C ALA C 542 52.96 12.15 26.25
N ARG C 543 51.95 11.42 25.81
CA ARG C 543 51.45 10.31 26.59
C ARG C 543 52.31 9.07 26.43
N SER C 544 52.39 8.28 27.51
CA SER C 544 53.11 7.02 27.50
C SER C 544 52.63 6.23 28.72
N GLU C 545 51.69 5.31 28.51
CA GLU C 545 51.11 4.59 29.61
C GLU C 545 50.26 3.44 29.08
N GLY C 546 50.13 2.40 29.91
CA GLY C 546 49.27 1.30 29.53
C GLY C 546 49.80 0.48 28.39
N GLY C 547 51.11 0.58 28.12
CA GLY C 547 51.73 -0.15 27.04
C GLY C 547 51.67 0.49 25.67
N VAL C 548 51.24 1.74 25.57
CA VAL C 548 51.04 2.45 24.30
C VAL C 548 51.63 3.85 24.44
N LYS C 549 52.21 4.37 23.37
CA LYS C 549 52.82 5.70 23.40
C LYS C 549 52.14 6.66 22.41
N GLY C 550 51.90 7.90 22.86
CA GLY C 550 51.40 8.94 21.98
C GLY C 550 49.90 9.05 21.81
N ARG C 551 49.12 8.39 22.65
CA ARG C 551 47.67 8.31 22.49
C ARG C 551 46.97 8.57 23.81
N ASN C 552 45.82 9.23 23.73
CA ASN C 552 44.82 9.18 24.80
C ASN C 552 43.82 8.09 24.42
N ASN C 553 43.77 7.02 25.22
CA ASN C 553 43.03 5.83 24.82
C ASN C 553 41.73 5.69 25.59
N LYS C 554 41.10 6.80 25.93
CA LYS C 554 39.83 6.81 26.63
C LYS C 554 38.65 6.72 25.68
N GLY C 555 38.90 6.44 24.39
CA GLY C 555 37.82 6.45 23.41
C GLY C 555 36.88 5.26 23.54
N LEU C 556 35.64 5.47 23.09
CA LEU C 556 34.66 4.41 22.88
C LEU C 556 34.91 3.66 21.59
N VAL C 557 35.69 4.26 20.71
CA VAL C 557 35.98 3.74 19.38
C VAL C 557 37.45 4.06 19.13
N THR C 558 38.12 3.22 18.36
CA THR C 558 39.54 3.40 18.11
C THR C 558 39.79 4.61 17.19
N ILE C 559 41.06 5.03 17.15
CA ILE C 559 41.45 6.25 16.45
C ILE C 559 41.35 6.13 14.93
N ASP C 560 41.34 4.92 14.40
CA ASP C 560 41.13 4.67 12.98
C ASP C 560 39.64 4.50 12.63
N ARG C 561 38.74 4.72 13.59
CA ARG C 561 37.27 4.64 13.46
C ARG C 561 36.77 3.24 13.15
N LYS C 562 37.60 2.22 13.27
CA LYS C 562 37.30 0.85 12.82
C LYS C 562 36.67 -0.02 13.89
N THR C 563 37.17 0.03 15.13
CA THR C 563 36.82 -0.90 16.17
C THR C 563 36.06 -0.18 17.26
N ARG C 564 34.85 -0.64 17.53
CA ARG C 564 34.05 -0.16 18.64
C ARG C 564 34.39 -0.98 19.88
N LYS C 565 34.76 -0.29 20.96
CA LYS C 565 35.06 -1.01 22.19
C LYS C 565 33.77 -1.44 22.88
N ASP C 566 33.90 -2.35 23.84
CA ASP C 566 32.70 -2.80 24.54
C ASP C 566 32.01 -1.64 25.23
N SER C 567 32.77 -0.59 25.58
CA SER C 567 32.18 0.61 26.15
C SER C 567 31.21 1.29 25.20
N PHE C 568 31.48 1.22 23.89
CA PHE C 568 30.57 1.80 22.91
C PHE C 568 29.18 1.17 23.02
N TYR C 569 29.11 -0.17 23.12
CA TYR C 569 27.82 -0.88 23.13
C TYR C 569 27.05 -0.67 24.42
N VAL C 570 27.75 -0.43 25.55
CA VAL C 570 27.08 0.04 26.76
C VAL C 570 26.21 1.24 26.46
N TYR C 571 26.77 2.25 25.80
CA TYR C 571 26.01 3.47 25.59
C TYR C 571 24.96 3.28 24.50
N GLN C 572 25.29 2.52 23.46
CA GLN C 572 24.29 2.18 22.45
C GLN C 572 23.06 1.53 23.07
N ALA C 573 23.27 0.58 23.99
CA ALA C 573 22.14 -0.06 24.65
C ALA C 573 21.34 0.93 25.47
N TYR C 574 22.00 1.93 26.06
CA TYR C 574 21.31 2.89 26.92
C TYR C 574 20.63 3.98 26.12
N TRP C 575 21.10 4.26 24.90
CA TRP C 575 20.77 5.45 24.14
C TRP C 575 20.07 5.16 22.83
N ALA C 576 20.48 4.11 22.11
CA ALA C 576 20.00 3.90 20.75
C ALA C 576 18.60 3.32 20.75
N LYS C 577 17.83 3.67 19.72
CA LYS C 577 16.48 3.16 19.60
C LYS C 577 16.37 1.92 18.71
N ASP C 578 17.20 1.77 17.69
CA ASP C 578 17.13 0.54 16.87
C ASP C 578 17.54 -0.66 17.73
N PRO C 579 16.78 -1.76 17.70
CA PRO C 579 17.14 -2.90 18.56
C PRO C 579 18.54 -3.41 18.26
N MET C 580 19.28 -3.72 19.33
CA MET C 580 20.62 -4.24 19.23
C MET C 580 20.84 -5.20 20.40
N VAL C 581 21.94 -5.95 20.32
CA VAL C 581 22.32 -6.90 21.35
C VAL C 581 23.77 -7.28 21.08
N HIS C 582 24.61 -7.17 22.11
CA HIS C 582 26.06 -7.26 21.98
C HIS C 582 26.60 -8.12 23.11
N ILE C 583 27.30 -9.20 22.75
CA ILE C 583 28.08 -9.96 23.71
C ILE C 583 29.43 -9.26 23.92
N ALA C 584 29.72 -8.90 25.16
CA ALA C 584 30.97 -8.24 25.47
C ALA C 584 32.11 -9.26 25.60
N GLY C 585 33.34 -8.72 25.60
CA GLY C 585 34.51 -9.52 25.84
C GLY C 585 34.95 -10.43 24.71
N ARG C 586 34.59 -10.11 23.45
CA ARG C 586 35.05 -10.94 22.33
C ARG C 586 36.57 -10.98 22.20
N ARG C 587 37.26 -9.86 22.52
CA ARG C 587 38.72 -9.83 22.47
C ARG C 587 39.36 -10.49 23.69
N HIS C 588 38.55 -10.82 24.70
CA HIS C 588 38.94 -11.80 25.73
C HIS C 588 38.67 -13.19 25.15
N ALA C 589 39.44 -13.54 24.12
CA ALA C 589 39.10 -14.70 23.30
C ALA C 589 39.36 -16.02 24.03
N GLN C 590 40.36 -16.10 24.88
CA GLN C 590 40.67 -17.35 25.58
C GLN C 590 40.40 -17.17 27.05
N ARG C 591 39.43 -17.90 27.58
CA ARG C 591 38.98 -17.76 28.95
C ARG C 591 39.43 -18.96 29.76
N ALA C 592 40.00 -18.70 30.93
CA ALA C 592 40.38 -19.75 31.87
C ALA C 592 39.47 -19.69 33.10
N GLY C 593 39.26 -20.87 33.71
CA GLY C 593 38.34 -21.00 34.83
C GLY C 593 37.23 -22.01 34.61
N GLU C 594 36.67 -22.55 35.70
CA GLU C 594 35.58 -23.51 35.53
C GLU C 594 34.35 -22.84 34.97
N THR C 595 34.04 -21.63 35.42
CA THR C 595 33.07 -20.77 34.77
C THR C 595 33.69 -19.44 34.41
N THR C 596 33.17 -18.83 33.37
CA THR C 596 33.53 -17.48 32.98
C THR C 596 32.27 -16.65 32.91
N GLU C 597 32.37 -15.37 33.24
CA GLU C 597 31.25 -14.45 33.03
C GLU C 597 31.17 -14.05 31.56
N VAL C 598 29.99 -14.19 30.99
CA VAL C 598 29.69 -13.67 29.66
C VAL C 598 28.73 -12.51 29.85
N LYS C 599 29.15 -11.33 29.43
CA LYS C 599 28.31 -10.15 29.61
C LYS C 599 27.67 -9.76 28.28
N VAL C 600 26.38 -9.42 28.33
CA VAL C 600 25.65 -8.94 27.16
C VAL C 600 25.07 -7.55 27.45
N TYR C 601 25.10 -6.69 26.44
CA TYR C 601 24.46 -5.38 26.49
C TYR C 601 23.33 -5.34 25.47
N SER C 602 22.15 -4.89 25.89
CA SER C 602 21.04 -4.85 24.94
C SER C 602 20.10 -3.71 25.29
N ASN C 603 19.46 -3.12 24.27
CA ASN C 603 18.35 -2.20 24.52
C ASN C 603 17.00 -2.92 24.48
N GLN C 604 17.00 -4.23 24.32
CA GLN C 604 15.87 -5.06 24.67
C GLN C 604 16.05 -5.53 26.11
N ASP C 605 14.98 -6.04 26.70
CA ASP C 605 15.00 -6.26 28.14
C ASP C 605 15.15 -7.73 28.55
N THR C 606 15.06 -8.67 27.63
CA THR C 606 15.21 -10.08 27.95
C THR C 606 16.23 -10.71 27.01
N VAL C 607 17.22 -11.39 27.58
CA VAL C 607 18.30 -12.01 26.82
C VAL C 607 18.39 -13.48 27.23
N THR C 608 18.36 -14.38 26.25
CA THR C 608 18.62 -15.80 26.43
C THR C 608 20.00 -16.10 25.87
N LEU C 609 20.90 -16.66 26.68
CA LEU C 609 22.26 -17.00 26.24
C LEU C 609 22.40 -18.49 25.95
N TYR C 610 22.97 -18.81 24.79
CA TYR C 610 23.27 -20.18 24.41
C TYR C 610 24.78 -20.37 24.34
N CYS C 611 25.21 -21.58 24.68
CA CYS C 611 26.61 -22.00 24.60
C CYS C 611 26.61 -23.32 23.85
N ASN C 612 27.20 -23.32 22.65
CA ASN C 612 27.18 -24.47 21.76
C ASN C 612 25.78 -25.04 21.62
N GLY C 613 24.81 -24.15 21.44
CA GLY C 613 23.43 -24.56 21.26
C GLY C 613 22.65 -24.90 22.52
N LYS C 614 23.33 -25.15 23.64
CA LYS C 614 22.66 -25.42 24.91
C LYS C 614 22.31 -24.10 25.60
N GLU C 615 21.09 -23.99 26.10
CA GLU C 615 20.68 -22.78 26.79
C GLU C 615 21.40 -22.64 28.13
N VAL C 616 21.98 -21.48 28.37
CA VAL C 616 22.74 -21.19 29.59
C VAL C 616 21.91 -20.39 30.59
N GLY C 617 21.05 -19.49 30.11
CA GLY C 617 20.23 -18.71 31.01
C GLY C 617 19.36 -17.74 30.23
N THR C 618 18.28 -17.30 30.87
CA THR C 618 17.44 -16.21 30.37
C THR C 618 17.28 -15.19 31.49
N GLN C 619 17.52 -13.92 31.17
CA GLN C 619 17.41 -12.84 32.13
C GLN C 619 16.59 -11.69 31.57
N THR C 620 15.92 -10.99 32.47
CA THR C 620 15.31 -9.71 32.20
C THR C 620 16.05 -8.68 33.05
N ALA C 621 16.69 -7.73 32.38
CA ALA C 621 17.48 -6.73 33.06
C ALA C 621 17.35 -5.43 32.30
N HIS C 622 17.78 -4.36 32.94
CA HIS C 622 17.88 -3.07 32.31
C HIS C 622 19.29 -2.95 31.72
N ARG C 623 19.43 -3.23 30.42
CA ARG C 623 20.62 -2.91 29.61
C ARG C 623 21.79 -3.90 29.73
N VAL C 624 22.14 -4.29 30.95
CA VAL C 624 23.35 -5.05 31.23
C VAL C 624 22.93 -6.43 31.71
N PHE C 625 23.56 -7.46 31.15
CA PHE C 625 23.19 -8.86 31.37
C PHE C 625 24.46 -9.65 31.67
N LYS C 626 24.55 -10.23 32.85
CA LYS C 626 25.72 -11.01 33.27
C LYS C 626 25.33 -12.47 33.38
N PHE C 627 26.02 -13.34 32.65
CA PHE C 627 25.78 -14.78 32.70
C PHE C 627 27.04 -15.49 33.19
N ASP C 628 26.88 -16.43 34.09
CA ASP C 628 27.99 -17.29 34.49
C ASP C 628 27.91 -18.57 33.69
N VAL C 629 28.92 -18.82 32.87
CA VAL C 629 28.87 -19.86 31.85
C VAL C 629 29.98 -20.86 32.11
N ALA C 630 29.63 -22.14 32.11
CA ALA C 630 30.62 -23.23 32.14
C ALA C 630 30.91 -23.65 30.71
N LEU C 631 32.02 -23.17 30.16
CA LEU C 631 32.37 -23.46 28.77
C LEU C 631 32.76 -24.92 28.60
N ASP C 632 32.29 -25.52 27.52
CA ASP C 632 32.81 -26.82 27.07
C ASP C 632 34.28 -26.67 26.70
N GLU C 633 35.02 -27.77 26.76
CA GLU C 633 36.42 -27.74 26.35
C GLU C 633 36.53 -27.37 24.87
N GLY C 634 37.61 -26.68 24.54
CA GLY C 634 37.80 -26.18 23.19
C GLY C 634 36.93 -24.98 22.86
N PHE C 635 36.37 -24.95 21.66
CA PHE C 635 35.70 -23.75 21.18
C PHE C 635 34.21 -23.77 21.52
N ASN C 636 33.69 -22.58 21.76
CA ASN C 636 32.34 -22.38 22.25
C ASN C 636 31.70 -21.28 21.43
N VAL C 637 30.51 -21.55 20.92
CA VAL C 637 29.71 -20.56 20.23
C VAL C 637 28.80 -19.90 21.26
N LEU C 638 29.03 -18.63 21.55
CA LEU C 638 28.12 -17.90 22.43
C LEU C 638 27.14 -17.12 21.56
N MET C 639 25.87 -17.46 21.68
CA MET C 639 24.80 -16.78 20.97
C MET C 639 23.84 -16.14 21.97
N ALA C 640 23.59 -14.83 21.81
CA ALA C 640 22.67 -14.13 22.68
C ALA C 640 21.44 -13.78 21.86
N VAL C 641 20.26 -14.14 22.36
CA VAL C 641 18.98 -13.96 21.67
C VAL C 641 18.18 -12.93 22.46
N ALA C 642 18.04 -11.72 21.90
CA ALA C 642 17.11 -10.71 22.44
C ALA C 642 15.75 -10.89 21.76
N ASP C 643 14.97 -9.81 21.60
CA ASP C 643 13.63 -10.03 21.08
C ASP C 643 13.67 -10.28 19.57
N THR C 644 14.18 -9.32 18.80
CA THR C 644 14.22 -9.44 17.35
C THR C 644 15.64 -9.44 16.80
N VAL C 645 16.65 -9.51 17.66
CA VAL C 645 18.04 -9.51 17.23
C VAL C 645 18.78 -10.62 17.95
N LYS C 646 19.94 -10.99 17.40
CA LYS C 646 20.82 -12.00 17.97
C LYS C 646 22.26 -11.59 17.72
N ASP C 647 23.15 -11.98 18.63
CA ASP C 647 24.58 -11.80 18.45
C ASP C 647 25.30 -13.13 18.65
N SER C 648 26.48 -13.28 18.04
CA SER C 648 27.23 -14.52 18.11
C SER C 648 28.73 -14.24 18.12
N ILE C 649 29.44 -14.85 19.07
CA ILE C 649 30.90 -14.82 19.09
C ILE C 649 31.39 -16.21 19.41
N THR C 650 32.68 -16.45 19.18
CA THR C 650 33.31 -17.71 19.56
C THR C 650 34.37 -17.46 20.64
N LEU C 651 34.35 -18.28 21.69
CA LEU C 651 35.32 -18.23 22.76
C LEU C 651 36.01 -19.57 22.88
N GLU C 652 37.21 -19.56 23.44
CA GLU C 652 37.96 -20.80 23.65
C GLU C 652 38.20 -20.98 25.14
N LYS C 653 37.96 -22.20 25.62
CA LYS C 653 38.31 -22.54 27.00
C LYS C 653 39.77 -22.99 27.05
N VAL C 654 40.59 -22.27 27.81
CA VAL C 654 42.00 -22.60 27.97
C VAL C 654 42.27 -22.84 29.45
N GLU C 655 43.43 -23.47 29.72
CA GLU C 655 43.81 -23.69 31.12
C GLU C 655 44.47 -22.46 31.71
N THR C 656 45.39 -21.85 30.98
CA THR C 656 46.01 -20.60 31.39
C THR C 656 45.78 -19.53 30.34
N GLU C 657 45.35 -18.36 30.77
CA GLU C 657 45.14 -17.31 29.80
C GLU C 657 46.49 -16.80 29.29
N PRO C 658 46.55 -16.31 28.05
CA PRO C 658 47.85 -15.88 27.48
C PRO C 658 48.48 -14.73 28.25
N ALA C 659 49.82 -14.74 28.30
CA ALA C 659 50.54 -13.64 28.92
C ALA C 659 50.20 -12.31 28.25
N CYS C 660 49.86 -12.34 26.96
CA CYS C 660 49.62 -11.11 26.22
C CYS C 660 48.36 -10.37 26.67
N TYR C 661 47.54 -10.94 27.57
CA TYR C 661 46.39 -10.21 28.08
C TYR C 661 46.71 -9.32 29.28
N THR C 662 47.93 -9.36 29.83
CA THR C 662 48.25 -8.57 31.01
C THR C 662 49.41 -7.63 30.73
N LEU C 663 49.24 -6.36 31.11
CA LEU C 663 50.33 -5.40 31.14
C LEU C 663 51.56 -6.01 31.80
N PRO C 664 52.73 -5.93 31.18
CA PRO C 664 54.04 -6.43 31.63
C PRO C 664 54.58 -5.81 32.93
N ASN D 22 -42.62 2.69 0.16
CA ASN D 22 -42.29 3.66 -0.90
C ASN D 22 -43.32 4.78 -1.03
N ALA D 23 -43.05 5.91 -0.36
CA ALA D 23 -44.00 7.03 -0.26
C ALA D 23 -45.25 6.44 0.39
N MET D 24 -46.46 6.71 -0.14
CA MET D 24 -47.65 6.09 0.42
C MET D 24 -47.98 4.76 -0.25
N ARG D 25 -47.15 4.25 -1.16
CA ARG D 25 -47.36 2.91 -1.70
C ARG D 25 -46.86 1.84 -0.73
N GLU D 26 -47.71 0.88 -0.42
CA GLU D 26 -47.37 -0.19 0.50
C GLU D 26 -47.62 -1.53 -0.21
N ILE D 27 -46.59 -2.37 -0.26
CA ILE D 27 -46.68 -3.71 -0.84
C ILE D 27 -46.55 -4.72 0.29
N ILE D 28 -47.63 -5.47 0.54
CA ILE D 28 -47.70 -6.49 1.59
C ILE D 28 -47.62 -7.87 0.92
N SER D 29 -46.74 -8.73 1.43
CA SER D 29 -46.66 -10.08 0.90
C SER D 29 -47.82 -10.95 1.40
N LEU D 30 -48.49 -11.64 0.48
CA LEU D 30 -49.61 -12.52 0.84
C LEU D 30 -49.23 -13.99 0.63
N ASN D 31 -47.97 -14.33 0.88
CA ASN D 31 -47.53 -15.70 0.65
C ASN D 31 -47.93 -16.66 1.75
N GLU D 32 -48.31 -16.18 2.92
CA GLU D 32 -48.60 -17.07 4.04
C GLU D 32 -50.08 -17.43 4.09
N GLY D 33 -50.37 -18.55 4.76
CA GLY D 33 -51.71 -18.87 5.23
C GLY D 33 -52.75 -19.23 4.20
N TRP D 34 -52.38 -20.02 3.18
CA TRP D 34 -53.32 -20.44 2.15
C TRP D 34 -53.85 -21.84 2.44
N THR D 35 -55.05 -22.13 1.91
CA THR D 35 -55.59 -23.47 1.84
C THR D 35 -55.78 -23.83 0.38
N LEU D 36 -55.21 -24.95 -0.04
CA LEU D 36 -55.36 -25.43 -1.41
C LEU D 36 -56.38 -26.56 -1.46
N ARG D 37 -57.37 -26.42 -2.33
CA ARG D 37 -58.37 -27.46 -2.52
C ARG D 37 -58.42 -27.87 -3.99
N PHE D 38 -58.96 -29.06 -4.21
CA PHE D 38 -59.14 -29.57 -5.57
C PHE D 38 -60.61 -29.93 -5.74
N PRO D 39 -61.37 -29.14 -6.50
CA PRO D 39 -62.82 -29.40 -6.60
C PRO D 39 -63.18 -30.77 -7.17
N LYS D 40 -62.39 -31.29 -8.10
CA LYS D 40 -62.61 -32.63 -8.63
C LYS D 40 -62.06 -33.73 -7.71
N GLY D 41 -61.58 -33.37 -6.53
CA GLY D 41 -61.29 -34.35 -5.51
C GLY D 41 -60.07 -35.23 -5.73
N GLU D 42 -59.01 -34.73 -6.35
CA GLU D 42 -57.82 -35.58 -6.50
C GLU D 42 -56.97 -35.61 -5.24
N ARG D 43 -57.11 -34.63 -4.35
CA ARG D 43 -56.29 -34.55 -3.16
C ARG D 43 -57.12 -33.95 -2.03
N ALA D 44 -56.85 -34.40 -0.81
CA ALA D 44 -57.40 -33.74 0.36
C ALA D 44 -56.95 -32.28 0.41
N ALA D 45 -57.74 -31.45 1.08
CA ALA D 45 -57.34 -30.07 1.30
C ALA D 45 -56.04 -30.01 2.08
N GLU D 46 -55.19 -29.06 1.73
CA GLU D 46 -53.89 -28.89 2.37
C GLU D 46 -53.63 -27.40 2.60
N THR D 47 -53.00 -27.09 3.72
CA THR D 47 -52.48 -25.76 3.98
C THR D 47 -51.11 -25.65 3.33
N VAL D 48 -50.86 -24.51 2.66
CA VAL D 48 -49.66 -24.28 1.87
C VAL D 48 -49.19 -22.83 2.05
N THR D 49 -47.90 -22.64 1.83
CA THR D 49 -47.27 -21.32 1.74
C THR D 49 -46.82 -21.08 0.32
N LEU D 50 -47.08 -19.89 -0.21
CA LEU D 50 -46.53 -19.58 -1.53
C LEU D 50 -45.06 -19.15 -1.36
N PRO D 51 -44.23 -19.33 -2.41
CA PRO D 51 -44.40 -19.98 -3.72
C PRO D 51 -44.77 -21.48 -3.68
N HIS D 52 -45.74 -21.87 -4.52
CA HIS D 52 -46.28 -23.21 -4.46
C HIS D 52 -46.65 -23.72 -5.84
N THR D 53 -46.34 -25.00 -6.09
CA THR D 53 -46.91 -25.75 -7.21
C THR D 53 -47.32 -27.11 -6.68
N TRP D 54 -48.48 -27.59 -7.12
CA TRP D 54 -48.86 -28.93 -6.72
C TRP D 54 -48.12 -30.01 -7.51
N ASN D 55 -47.37 -29.62 -8.55
CA ASN D 55 -46.62 -30.57 -9.36
C ASN D 55 -45.17 -30.69 -8.92
N ALA D 56 -44.84 -30.26 -7.71
CA ALA D 56 -43.43 -30.19 -7.32
C ALA D 56 -42.77 -31.55 -7.30
N VAL D 57 -43.52 -32.61 -6.99
CA VAL D 57 -42.94 -33.94 -7.00
C VAL D 57 -43.38 -34.69 -8.25
N ASP D 58 -44.69 -34.86 -8.47
CA ASP D 58 -45.11 -35.67 -9.61
C ASP D 58 -44.67 -35.08 -10.95
N GLY D 59 -44.24 -33.82 -10.98
CA GLY D 59 -43.75 -33.26 -12.22
C GLY D 59 -42.34 -33.66 -12.63
N MET D 60 -41.61 -34.38 -11.77
CA MET D 60 -40.24 -34.76 -12.12
C MET D 60 -39.77 -36.04 -11.41
N ASP D 61 -40.68 -36.83 -10.84
CA ASP D 61 -40.33 -38.08 -10.19
C ASP D 61 -40.46 -39.29 -11.11
N GLY D 62 -40.85 -39.09 -12.37
CA GLY D 62 -40.93 -40.17 -13.32
C GLY D 62 -41.98 -41.23 -13.03
N ASN D 63 -43.07 -40.86 -12.35
CA ASN D 63 -44.18 -41.79 -12.15
C ASN D 63 -45.00 -42.01 -13.40
N GLY D 64 -44.77 -41.26 -14.47
CA GLY D 64 -45.52 -41.51 -15.68
C GLY D 64 -46.34 -40.33 -16.18
N SER D 65 -47.01 -39.63 -15.28
CA SER D 65 -47.85 -38.50 -15.67
C SER D 65 -47.72 -37.41 -14.61
N TYR D 66 -48.51 -36.34 -14.74
CA TYR D 66 -48.59 -35.33 -13.69
C TYR D 66 -49.98 -34.70 -13.68
N LEU D 67 -50.40 -34.28 -12.48
CA LEU D 67 -51.77 -33.82 -12.25
C LEU D 67 -51.98 -32.48 -12.96
N ARG D 68 -52.79 -32.47 -14.01
CA ARG D 68 -53.20 -31.25 -14.68
C ARG D 68 -54.69 -31.02 -14.38
N THR D 69 -55.00 -30.01 -13.57
CA THR D 69 -56.36 -29.91 -13.07
C THR D 69 -56.64 -28.46 -12.62
N THR D 70 -57.72 -28.30 -11.84
CA THR D 70 -58.05 -27.04 -11.23
C THR D 70 -57.78 -27.14 -9.73
N GLY D 71 -57.06 -26.14 -9.22
CA GLY D 71 -56.85 -26.01 -7.79
C GLY D 71 -57.28 -24.63 -7.33
N VAL D 72 -57.84 -24.57 -6.13
CA VAL D 72 -58.37 -23.34 -5.58
C VAL D 72 -57.58 -22.99 -4.32
N TYR D 73 -56.84 -21.90 -4.38
CA TYR D 73 -56.15 -21.33 -3.24
C TYR D 73 -57.03 -20.27 -2.60
N SER D 74 -57.18 -20.35 -1.30
CA SER D 74 -57.96 -19.33 -0.61
C SER D 74 -57.22 -18.94 0.66
N ARG D 75 -57.30 -17.65 1.01
CA ARG D 75 -56.80 -17.16 2.30
C ARG D 75 -57.60 -15.93 2.72
N THR D 76 -57.35 -15.52 3.96
CA THR D 76 -57.92 -14.30 4.51
C THR D 76 -56.87 -13.21 4.54
N PHE D 77 -57.29 -11.98 4.23
CA PHE D 77 -56.42 -10.82 4.37
C PHE D 77 -57.19 -9.66 4.98
N LYS D 78 -56.46 -8.75 5.63
CA LYS D 78 -57.04 -7.55 6.19
C LYS D 78 -56.94 -6.42 5.19
N LYS D 79 -58.01 -5.64 5.06
CA LYS D 79 -58.01 -4.55 4.08
C LYS D 79 -56.99 -3.51 4.50
N PRO D 80 -56.09 -3.11 3.61
CA PRO D 80 -55.10 -2.10 3.99
C PRO D 80 -55.73 -0.72 4.03
N VAL D 81 -55.20 0.12 4.92
CA VAL D 81 -55.75 1.45 5.17
C VAL D 81 -54.69 2.48 4.81
N GLN D 82 -55.03 3.40 3.91
CA GLN D 82 -54.28 4.59 3.57
C GLN D 82 -54.58 5.71 4.57
N PRO D 83 -53.60 6.56 4.85
CA PRO D 83 -53.88 7.68 5.77
C PRO D 83 -54.88 8.68 5.22
N LEU D 84 -54.86 8.93 3.91
CA LEU D 84 -55.78 9.86 3.26
C LEU D 84 -56.95 9.13 2.61
N THR D 85 -58.03 9.89 2.40
CA THR D 85 -59.23 9.34 1.80
C THR D 85 -58.99 9.03 0.32
N GLY D 86 -59.69 8.02 -0.19
CA GLY D 86 -59.56 7.64 -1.58
C GLY D 86 -58.68 6.44 -1.85
N GLY D 87 -58.19 5.76 -0.81
CA GLY D 87 -57.28 4.63 -0.98
C GLY D 87 -57.74 3.56 -1.94
N ARG D 88 -56.81 2.96 -2.66
CA ARG D 88 -57.10 1.89 -3.62
C ARG D 88 -56.33 0.64 -3.23
N VAL D 89 -56.91 -0.51 -3.57
CA VAL D 89 -56.36 -1.80 -3.19
C VAL D 89 -56.21 -2.64 -4.45
N TYR D 90 -55.00 -3.14 -4.69
CA TYR D 90 -54.72 -4.05 -5.78
C TYR D 90 -54.23 -5.37 -5.21
N VAL D 91 -54.64 -6.46 -5.85
CA VAL D 91 -54.00 -7.75 -5.70
C VAL D 91 -53.10 -7.99 -6.91
N GLU D 92 -51.87 -8.41 -6.65
CA GLU D 92 -50.86 -8.66 -7.68
C GLU D 92 -50.49 -10.15 -7.63
N VAL D 93 -50.82 -10.88 -8.70
CA VAL D 93 -50.38 -12.27 -8.85
C VAL D 93 -49.14 -12.27 -9.72
N LEU D 94 -48.01 -12.72 -9.16
CA LEU D 94 -46.74 -12.66 -9.90
C LEU D 94 -46.71 -13.70 -11.01
N ALA D 95 -47.43 -14.81 -10.85
CA ALA D 95 -47.73 -15.76 -11.91
C ALA D 95 -48.77 -16.75 -11.42
N ALA D 96 -49.54 -17.29 -12.36
CA ALA D 96 -50.52 -18.34 -12.08
C ALA D 96 -50.55 -19.28 -13.29
N ALA D 97 -49.97 -20.47 -13.16
CA ALA D 97 -49.84 -21.37 -14.30
C ALA D 97 -50.96 -22.40 -14.26
N LEU D 98 -51.84 -22.40 -15.27
CA LEU D 98 -51.69 -21.63 -16.52
C LEU D 98 -52.84 -20.63 -16.78
N ASP D 99 -53.89 -20.75 -15.96
CA ASP D 99 -55.17 -20.07 -16.14
C ASP D 99 -55.65 -19.70 -14.76
N ALA D 100 -56.05 -18.44 -14.53
CA ALA D 100 -56.46 -18.03 -13.19
C ALA D 100 -57.74 -17.22 -13.22
N THR D 101 -58.56 -17.44 -12.19
CA THR D 101 -59.66 -16.56 -11.85
C THR D 101 -59.45 -16.14 -10.39
N VAL D 102 -59.49 -14.83 -10.15
CA VAL D 102 -59.30 -14.22 -8.83
C VAL D 102 -60.63 -13.69 -8.32
N LYS D 103 -61.04 -14.14 -7.14
CA LYS D 103 -62.26 -13.67 -6.49
C LYS D 103 -61.92 -13.00 -5.16
N VAL D 104 -62.64 -11.93 -4.83
CA VAL D 104 -62.53 -11.31 -3.51
C VAL D 104 -63.91 -11.29 -2.88
N ASN D 105 -64.04 -11.93 -1.71
CA ASN D 105 -65.31 -12.07 -1.03
C ASN D 105 -66.37 -12.66 -1.95
N GLY D 106 -65.92 -13.50 -2.89
CA GLY D 106 -66.84 -14.20 -3.77
C GLY D 106 -67.35 -13.41 -4.95
N THR D 107 -66.57 -12.45 -5.44
CA THR D 107 -66.87 -11.72 -6.66
C THR D 107 -65.63 -11.76 -7.56
N VAL D 108 -65.82 -12.03 -8.85
CA VAL D 108 -64.68 -12.14 -9.74
C VAL D 108 -63.99 -10.80 -9.82
N ALA D 109 -62.72 -10.76 -9.44
CA ALA D 109 -61.91 -9.55 -9.61
C ALA D 109 -61.25 -9.50 -10.97
N THR D 110 -60.74 -10.64 -11.47
CA THR D 110 -60.16 -10.68 -12.81
C THR D 110 -59.92 -12.14 -13.18
N THR D 111 -59.56 -12.34 -14.45
CA THR D 111 -59.16 -13.64 -14.97
C THR D 111 -57.93 -13.45 -15.83
N HIS D 112 -57.04 -14.43 -15.85
CA HIS D 112 -55.81 -14.31 -16.61
C HIS D 112 -55.45 -15.63 -17.26
N GLU D 113 -54.90 -15.54 -18.46
CA GLU D 113 -54.41 -16.66 -19.23
C GLU D 113 -52.93 -16.43 -19.51
N GLY D 114 -52.12 -17.48 -19.42
CA GLY D 114 -50.68 -17.31 -19.51
C GLY D 114 -50.03 -17.48 -18.14
N GLY D 115 -49.15 -18.46 -18.02
CA GLY D 115 -48.74 -18.89 -16.71
C GLY D 115 -47.39 -18.37 -16.26
N PHE D 116 -46.89 -17.30 -16.89
CA PHE D 116 -45.55 -16.83 -16.59
C PHE D 116 -45.42 -15.30 -16.50
N SER D 117 -46.51 -14.55 -16.40
CA SER D 117 -46.43 -13.09 -16.33
C SER D 117 -47.29 -12.53 -15.21
N ILE D 118 -46.96 -11.32 -14.76
CA ILE D 118 -47.70 -10.69 -13.68
C ILE D 118 -49.07 -10.22 -14.18
N PHE D 119 -50.08 -10.35 -13.34
CA PHE D 119 -51.35 -9.70 -13.61
C PHE D 119 -51.91 -9.14 -12.31
N ARG D 120 -52.76 -8.11 -12.43
CA ARG D 120 -53.27 -7.38 -11.28
C ARG D 120 -54.76 -7.10 -11.42
N ALA D 121 -55.40 -6.81 -10.29
CA ALA D 121 -56.80 -6.41 -10.25
C ALA D 121 -57.02 -5.34 -9.19
N ASP D 122 -57.69 -4.25 -9.57
CA ASP D 122 -58.15 -3.28 -8.60
C ASP D 122 -59.33 -3.90 -7.86
N ILE D 123 -59.13 -4.27 -6.60
CA ILE D 123 -60.17 -4.90 -5.81
C ILE D 123 -60.73 -3.94 -4.75
N THR D 124 -60.50 -2.63 -4.91
CA THR D 124 -60.92 -1.63 -3.92
C THR D 124 -62.39 -1.77 -3.54
N ASP D 125 -63.27 -1.86 -4.55
CA ASP D 125 -64.71 -1.95 -4.31
C ASP D 125 -65.19 -3.32 -3.85
N LEU D 126 -64.34 -4.35 -3.92
CA LEU D 126 -64.72 -5.65 -3.42
C LEU D 126 -64.29 -5.89 -1.96
N CYS D 127 -63.68 -4.93 -1.30
CA CYS D 127 -63.18 -5.12 0.06
C CYS D 127 -64.13 -4.53 1.09
N ARG D 128 -64.22 -5.18 2.24
CA ARG D 128 -64.79 -4.63 3.45
C ARG D 128 -63.69 -4.36 4.46
N ASP D 129 -64.06 -3.76 5.58
CA ASP D 129 -63.09 -3.49 6.64
C ASP D 129 -62.79 -4.76 7.42
N GLY D 130 -61.55 -4.91 7.85
CA GLY D 130 -61.10 -6.09 8.54
C GLY D 130 -60.83 -7.26 7.59
N ASP D 131 -61.20 -8.45 8.02
CA ASP D 131 -60.89 -9.69 7.28
C ASP D 131 -61.66 -9.77 5.96
N ASN D 132 -60.96 -10.16 4.90
CA ASN D 132 -61.53 -10.41 3.58
C ASN D 132 -61.09 -11.77 3.09
N GLU D 133 -61.84 -12.30 2.13
CA GLU D 133 -61.55 -13.61 1.55
C GLU D 133 -61.00 -13.44 0.13
N LEU D 134 -59.77 -13.88 -0.07
CA LEU D 134 -59.18 -13.94 -1.40
C LEU D 134 -59.17 -15.40 -1.85
N THR D 135 -59.74 -15.69 -3.03
CA THR D 135 -59.63 -17.00 -3.64
C THR D 135 -59.06 -16.86 -5.04
N ILE D 136 -58.15 -17.76 -5.39
CA ILE D 136 -57.54 -17.80 -6.72
C ILE D 136 -57.71 -19.21 -7.26
N GLU D 137 -58.35 -19.31 -8.41
CA GLU D 137 -58.66 -20.58 -9.03
C GLU D 137 -57.71 -20.75 -10.20
N VAL D 138 -56.86 -21.78 -10.13
CA VAL D 138 -55.78 -21.96 -11.11
C VAL D 138 -55.94 -23.30 -11.83
N SER D 139 -55.68 -23.29 -13.14
CA SER D 139 -55.73 -24.50 -13.93
C SER D 139 -54.54 -24.59 -14.86
N ASN D 140 -53.81 -25.71 -14.81
CA ASN D 140 -52.80 -26.00 -15.82
C ASN D 140 -53.28 -27.04 -16.85
N GLU D 141 -54.58 -27.07 -17.13
CA GLU D 141 -55.12 -27.91 -18.19
C GLU D 141 -55.03 -27.17 -19.51
N ASP D 142 -54.96 -27.93 -20.60
CA ASP D 142 -54.91 -27.32 -21.92
C ASP D 142 -56.26 -26.71 -22.29
N THR D 143 -56.22 -25.70 -23.15
CA THR D 143 -57.42 -25.05 -23.67
C THR D 143 -57.19 -24.72 -25.14
N PRO D 144 -58.26 -24.47 -25.90
CA PRO D 144 -58.09 -24.13 -27.33
C PRO D 144 -57.11 -22.99 -27.63
N SER D 145 -56.90 -22.06 -26.71
CA SER D 145 -56.00 -20.94 -26.96
C SER D 145 -54.66 -21.04 -26.23
N MET D 146 -54.44 -22.08 -25.43
CA MET D 146 -53.34 -22.10 -24.47
C MET D 146 -51.99 -22.43 -25.12
N TYR D 147 -50.99 -21.59 -24.85
CA TYR D 147 -49.60 -21.94 -24.95
C TYR D 147 -48.96 -21.80 -23.56
N PRO D 148 -48.03 -22.70 -23.18
CA PRO D 148 -47.56 -23.87 -23.91
C PRO D 148 -48.58 -24.98 -23.95
N ALA D 149 -48.53 -25.81 -24.96
CA ALA D 149 -49.37 -27.00 -24.98
C ALA D 149 -48.63 -28.26 -25.41
N SER D 150 -47.59 -28.15 -26.22
CA SER D 150 -46.81 -29.30 -26.65
C SER D 150 -45.34 -28.93 -26.50
N ALA D 151 -44.67 -29.52 -25.51
CA ALA D 151 -43.31 -29.13 -25.20
C ALA D 151 -42.67 -30.17 -24.29
N ASP D 152 -41.36 -30.06 -24.14
CA ASP D 152 -40.55 -30.99 -23.36
C ASP D 152 -40.21 -30.41 -22.00
N PHE D 153 -41.22 -29.98 -21.25
CA PHE D 153 -41.00 -29.59 -19.86
C PHE D 153 -42.35 -29.64 -19.16
N THR D 154 -42.32 -29.92 -17.86
CA THR D 154 -43.54 -30.02 -17.09
C THR D 154 -44.22 -28.65 -16.95
N PHE D 155 -45.51 -28.58 -17.29
CA PHE D 155 -46.27 -27.35 -17.06
C PHE D 155 -46.76 -27.33 -15.61
N TYR D 156 -45.83 -27.07 -14.68
CA TYR D 156 -46.16 -27.05 -13.25
C TYR D 156 -47.26 -26.04 -12.97
N GLY D 157 -48.30 -26.48 -12.25
CA GLY D 157 -49.48 -25.66 -12.04
C GLY D 157 -49.49 -24.97 -10.69
N GLY D 158 -50.11 -23.81 -10.64
CA GLY D 158 -50.34 -23.18 -9.35
C GLY D 158 -49.72 -21.81 -9.20
N LEU D 159 -49.60 -21.36 -7.95
CA LEU D 159 -49.15 -20.02 -7.64
C LEU D 159 -47.65 -20.06 -7.26
N TYR D 160 -46.82 -20.30 -8.28
CA TYR D 160 -45.42 -20.68 -8.04
C TYR D 160 -44.47 -19.49 -7.94
N ARG D 161 -44.97 -18.24 -7.94
CA ARG D 161 -44.12 -17.09 -7.66
C ARG D 161 -44.57 -16.19 -6.50
N GLY D 162 -45.74 -16.42 -5.91
CA GLY D 162 -46.20 -15.61 -4.80
C GLY D 162 -47.22 -14.56 -5.22
N VAL D 163 -47.92 -14.00 -4.22
CA VAL D 163 -48.97 -12.99 -4.41
C VAL D 163 -48.69 -11.80 -3.49
N ASN D 164 -49.01 -10.60 -3.98
CA ASN D 164 -48.82 -9.37 -3.21
C ASN D 164 -50.11 -8.58 -3.15
N LEU D 165 -50.29 -7.86 -2.05
CA LEU D 165 -51.33 -6.86 -1.90
C LEU D 165 -50.67 -5.49 -2.03
N ILE D 166 -51.24 -4.61 -2.84
CA ILE D 166 -50.69 -3.27 -3.04
C ILE D 166 -51.72 -2.22 -2.62
N SER D 167 -51.28 -1.31 -1.75
CA SER D 167 -52.07 -0.20 -1.25
C SER D 167 -51.49 1.10 -1.80
N VAL D 168 -52.31 1.92 -2.43
CA VAL D 168 -51.84 3.19 -3.02
C VAL D 168 -52.90 4.25 -2.84
N PRO D 169 -52.49 5.52 -2.91
CA PRO D 169 -53.49 6.61 -2.94
C PRO D 169 -54.29 6.57 -4.23
N ASN D 170 -55.29 7.47 -4.28
CA ASN D 170 -56.15 7.53 -5.46
C ASN D 170 -55.36 7.93 -6.71
N ALA D 171 -54.42 8.85 -6.57
CA ALA D 171 -53.45 9.13 -7.61
C ALA D 171 -52.22 8.29 -7.36
N HIS D 172 -51.75 7.57 -8.37
CA HIS D 172 -50.65 6.64 -8.21
C HIS D 172 -50.08 6.33 -9.58
N PHE D 173 -48.85 5.82 -9.60
CA PHE D 173 -48.31 5.32 -10.86
C PHE D 173 -49.08 4.07 -11.30
N ASP D 174 -49.29 3.97 -12.61
CA ASP D 174 -50.20 3.00 -13.21
C ASP D 174 -49.95 1.58 -12.71
N LEU D 175 -51.01 0.95 -12.23
CA LEU D 175 -50.99 -0.45 -11.84
C LEU D 175 -51.79 -1.35 -12.78
N ASP D 176 -52.46 -0.79 -13.78
CA ASP D 176 -53.51 -1.50 -14.51
C ASP D 176 -53.16 -1.82 -15.96
N TYR D 177 -51.90 -1.66 -16.37
CA TYR D 177 -51.55 -1.83 -17.78
C TYR D 177 -50.59 -3.00 -17.95
N TYR D 178 -51.14 -4.17 -18.25
CA TYR D 178 -50.36 -5.35 -18.63
C TYR D 178 -49.37 -5.76 -17.55
N GLY D 179 -49.68 -5.46 -16.30
CA GLY D 179 -48.85 -5.88 -15.17
C GLY D 179 -47.51 -5.23 -15.12
N GLY D 180 -47.32 -4.07 -15.79
CA GLY D 180 -46.03 -3.42 -15.86
C GLY D 180 -45.71 -2.59 -14.62
N PRO D 181 -44.50 -2.01 -14.62
CA PRO D 181 -44.08 -1.21 -13.46
C PRO D 181 -44.64 0.21 -13.44
N GLY D 182 -45.10 0.73 -14.57
CA GLY D 182 -45.61 2.08 -14.66
C GLY D 182 -44.58 3.10 -15.08
N ILE D 183 -43.40 2.66 -15.47
CA ILE D 183 -42.32 3.54 -15.88
C ILE D 183 -41.53 2.80 -16.93
N MET D 184 -41.12 3.52 -17.98
CA MET D 184 -40.24 2.96 -18.99
C MET D 184 -39.05 3.89 -19.14
N VAL D 185 -37.86 3.30 -19.22
CA VAL D 185 -36.59 4.02 -19.25
C VAL D 185 -35.77 3.49 -20.41
N THR D 186 -35.43 4.37 -21.35
CA THR D 186 -34.56 4.04 -22.48
C THR D 186 -33.23 4.79 -22.31
N PRO D 187 -32.15 4.11 -21.87
CA PRO D 187 -30.84 4.78 -21.80
C PRO D 187 -29.99 4.53 -23.03
N LYS D 188 -29.34 5.55 -23.55
CA LYS D 188 -28.49 5.38 -24.72
C LYS D 188 -27.22 6.17 -24.48
N PRO D 189 -26.05 5.60 -24.76
CA PRO D 189 -24.80 6.38 -24.66
C PRO D 189 -24.81 7.54 -25.62
N THR D 190 -24.02 8.56 -25.29
CA THR D 190 -23.83 9.69 -26.19
C THR D 190 -22.38 9.74 -26.67
N ALA D 191 -22.18 10.53 -27.72
CA ALA D 191 -20.85 10.63 -28.34
C ALA D 191 -19.81 11.17 -27.37
N ASP D 192 -20.18 12.17 -26.54
CA ASP D 192 -19.23 12.75 -25.59
C ASP D 192 -19.10 11.95 -24.29
N GLY D 193 -19.50 10.70 -24.26
CA GLY D 193 -19.28 9.88 -23.10
C GLY D 193 -20.35 9.99 -22.04
N GLY D 194 -21.49 10.58 -22.36
CA GLY D 194 -22.60 10.64 -21.44
C GLY D 194 -23.67 9.62 -21.77
N ALA D 195 -24.85 9.83 -21.23
CA ALA D 195 -25.97 8.97 -21.53
C ALA D 195 -27.25 9.79 -21.43
N THR D 196 -28.13 9.65 -22.42
CA THR D 196 -29.49 10.14 -22.29
C THR D 196 -30.40 9.05 -21.74
N PHE D 197 -31.27 9.44 -20.82
CA PHE D 197 -32.32 8.56 -20.31
C PHE D 197 -33.64 9.14 -20.78
N GLU D 198 -34.23 8.57 -21.84
CA GLU D 198 -35.58 8.95 -22.24
C GLU D 198 -36.56 8.19 -21.36
N ILE D 199 -37.28 8.91 -20.50
CA ILE D 199 -38.14 8.33 -19.48
C ILE D 199 -39.58 8.72 -19.74
N LYS D 200 -40.50 7.78 -19.48
CA LYS D 200 -41.92 8.06 -19.47
C LYS D 200 -42.56 7.29 -18.31
N SER D 201 -43.32 7.98 -17.48
CA SER D 201 -44.09 7.35 -16.42
C SER D 201 -45.58 7.45 -16.73
N PHE D 202 -46.37 6.64 -16.06
CA PHE D 202 -47.80 6.56 -16.33
C PHE D 202 -48.55 6.70 -15.03
N VAL D 203 -49.51 7.62 -15.03
CA VAL D 203 -50.16 8.10 -13.81
C VAL D 203 -51.67 7.88 -13.91
N THR D 204 -52.21 7.09 -13.00
CA THR D 204 -53.65 6.97 -12.83
C THR D 204 -54.17 8.18 -12.07
N ASN D 205 -55.22 8.81 -12.61
CA ASN D 205 -55.81 10.01 -12.04
C ASN D 205 -54.81 11.16 -11.93
N PRO D 206 -54.09 11.50 -12.99
CA PRO D 206 -53.21 12.67 -12.91
C PRO D 206 -54.02 13.93 -12.69
N ASP D 207 -53.31 15.02 -12.40
CA ASP D 207 -54.00 16.26 -12.05
C ASP D 207 -52.97 17.37 -11.90
N ASP D 208 -53.40 18.62 -12.16
CA ASP D 208 -52.48 19.76 -12.18
C ASP D 208 -51.71 19.91 -10.87
N SER D 209 -52.29 19.49 -9.75
CA SER D 209 -51.59 19.58 -8.48
C SER D 209 -50.54 18.49 -8.29
N PHE D 210 -50.47 17.51 -9.19
CA PHE D 210 -49.49 16.44 -9.08
C PHE D 210 -48.40 16.63 -10.12
N THR D 211 -47.15 16.48 -9.70
CA THR D 211 -46.00 16.49 -10.60
C THR D 211 -45.24 15.18 -10.41
N VAL D 212 -44.45 14.81 -11.41
CA VAL D 212 -43.59 13.63 -11.33
C VAL D 212 -42.15 14.11 -11.25
N MET D 213 -41.48 13.77 -10.15
CA MET D 213 -40.11 14.19 -9.91
C MET D 213 -39.20 13.00 -10.20
N TYR D 214 -38.33 13.17 -11.18
CA TYR D 214 -37.41 12.12 -11.59
C TYR D 214 -36.05 12.40 -10.99
N SER D 215 -35.41 11.34 -10.52
CA SER D 215 -34.06 11.41 -10.00
C SER D 215 -33.31 10.21 -10.55
N ILE D 216 -32.03 10.38 -10.90
CA ILE D 216 -31.17 9.28 -11.34
C ILE D 216 -30.00 9.15 -10.37
N GLU D 217 -29.88 7.98 -9.73
CA GLU D 217 -28.77 7.66 -8.85
C GLU D 217 -27.74 6.81 -9.60
N ASP D 218 -26.46 7.05 -9.30
CA ASP D 218 -25.35 6.37 -9.94
C ASP D 218 -25.17 5.01 -9.27
N PRO D 219 -24.22 4.18 -9.74
CA PRO D 219 -24.01 2.87 -9.08
C PRO D 219 -23.86 2.94 -7.56
N TYR D 220 -23.30 4.02 -7.00
CA TYR D 220 -23.04 4.12 -5.57
C TYR D 220 -24.14 4.86 -4.82
N GLY D 221 -25.29 5.09 -5.46
CA GLY D 221 -26.42 5.73 -4.79
C GLY D 221 -26.40 7.25 -4.73
N CYS D 222 -25.56 7.93 -5.49
CA CYS D 222 -25.51 9.38 -5.46
C CYS D 222 -26.29 9.98 -6.62
N GLU D 223 -27.11 10.98 -6.34
CA GLU D 223 -27.91 11.61 -7.38
C GLU D 223 -27.00 12.32 -8.39
N VAL D 224 -27.23 12.06 -9.67
CA VAL D 224 -26.43 12.65 -10.73
C VAL D 224 -27.24 13.52 -11.68
N ALA D 225 -28.57 13.44 -11.67
CA ALA D 225 -29.39 14.19 -12.60
C ALA D 225 -30.84 14.03 -12.21
N SER D 226 -31.68 14.93 -12.72
CA SER D 226 -33.06 15.00 -12.29
C SER D 226 -33.84 15.87 -13.26
N ALA D 227 -35.16 15.74 -13.22
CA ALA D 227 -36.06 16.55 -14.02
C ALA D 227 -37.47 16.36 -13.47
N VAL D 228 -38.34 17.33 -13.74
CA VAL D 228 -39.69 17.37 -13.19
C VAL D 228 -40.67 17.59 -14.33
N ARG D 229 -41.78 16.87 -14.31
CA ARG D 229 -42.79 16.93 -15.36
C ARG D 229 -44.16 17.10 -14.72
N PRO D 230 -45.11 17.68 -15.46
CA PRO D 230 -46.51 17.61 -15.04
C PRO D 230 -46.99 16.16 -15.08
N SER D 231 -47.90 15.82 -14.16
CA SER D 231 -48.26 14.43 -13.98
C SER D 231 -49.08 13.88 -15.14
N ASP D 232 -49.58 14.73 -16.03
CA ASP D 232 -50.28 14.30 -17.23
C ASP D 232 -49.47 14.55 -18.51
N ASN D 233 -48.20 14.95 -18.38
CA ASN D 233 -47.33 15.02 -19.54
C ASN D 233 -45.90 14.66 -19.10
N THR D 234 -45.67 13.37 -18.85
CA THR D 234 -44.57 12.94 -18.01
C THR D 234 -43.29 12.59 -18.76
N ALA D 235 -43.27 12.67 -20.09
CA ALA D 235 -42.09 12.25 -20.84
C ALA D 235 -40.97 13.30 -20.82
N ILE D 236 -39.73 12.84 -20.64
CA ILE D 236 -38.59 13.73 -20.53
C ILE D 236 -37.35 12.96 -20.92
N SER D 237 -36.33 13.66 -21.39
CA SER D 237 -35.00 13.10 -21.56
C SER D 237 -34.03 13.73 -20.56
N ILE D 238 -33.36 12.89 -19.77
CA ILE D 238 -32.38 13.34 -18.78
C ILE D 238 -30.98 12.90 -19.20
N TYR D 239 -30.01 13.81 -19.13
CA TYR D 239 -28.63 13.54 -19.52
C TYR D 239 -27.75 13.33 -18.29
N VAL D 240 -26.97 12.26 -18.30
CA VAL D 240 -26.01 11.96 -17.24
C VAL D 240 -24.62 12.07 -17.83
N PRO D 241 -23.76 12.95 -17.33
CA PRO D 241 -22.39 13.04 -17.86
C PRO D 241 -21.52 11.89 -17.34
N ASP D 242 -20.55 11.49 -18.18
CA ASP D 242 -19.53 10.51 -17.79
C ASP D 242 -20.15 9.18 -17.34
N ALA D 243 -21.04 8.67 -18.19
CA ALA D 243 -21.85 7.50 -17.80
C ALA D 243 -20.98 6.27 -17.70
N GLU D 244 -21.20 5.48 -16.65
CA GLU D 244 -20.62 4.15 -16.57
C GLU D 244 -21.47 3.19 -17.40
N LEU D 245 -20.87 2.55 -18.42
CA LEU D 245 -21.67 1.74 -19.33
C LEU D 245 -21.91 0.35 -18.76
N TRP D 246 -22.98 -0.29 -19.25
CA TRP D 246 -23.34 -1.64 -18.83
C TRP D 246 -22.75 -2.65 -19.81
N SER D 247 -22.09 -3.68 -19.28
CA SER D 247 -21.71 -4.85 -20.07
C SER D 247 -21.74 -6.10 -19.20
N MET D 248 -21.61 -7.26 -19.85
CA MET D 248 -21.61 -8.50 -19.09
C MET D 248 -20.41 -8.56 -18.13
N ASP D 249 -19.28 -7.99 -18.53
CA ASP D 249 -18.08 -7.99 -17.69
C ASP D 249 -18.19 -6.99 -16.55
N GLU D 250 -18.76 -5.81 -16.82
CA GLU D 250 -18.93 -4.72 -15.85
C GLU D 250 -20.36 -4.24 -15.91
N PRO D 251 -21.27 -4.90 -15.20
CA PRO D 251 -22.70 -4.53 -15.25
C PRO D 251 -23.06 -3.33 -14.37
N ASN D 252 -22.47 -2.17 -14.68
CA ASN D 252 -22.81 -0.91 -13.98
C ASN D 252 -24.30 -0.58 -14.10
N LEU D 253 -24.96 -0.31 -12.97
CA LEU D 253 -26.38 -0.01 -12.97
C LEU D 253 -26.64 1.38 -12.42
N TYR D 254 -27.67 2.02 -12.98
CA TYR D 254 -28.23 3.29 -12.51
C TYR D 254 -29.67 3.04 -12.03
N THR D 255 -30.10 3.81 -11.03
CA THR D 255 -31.47 3.73 -10.55
C THR D 255 -32.23 4.98 -10.96
N VAL D 256 -33.41 4.79 -11.53
CA VAL D 256 -34.29 5.89 -11.86
C VAL D 256 -35.44 5.86 -10.85
N VAL D 257 -35.61 6.94 -10.11
CA VAL D 257 -36.69 7.10 -9.14
C VAL D 257 -37.72 8.07 -9.68
N ALA D 258 -38.99 7.66 -9.67
CA ALA D 258 -40.10 8.53 -10.03
C ALA D 258 -40.94 8.71 -8.78
N ARG D 259 -41.20 9.97 -8.41
CA ARG D 259 -42.05 10.30 -7.28
C ARG D 259 -43.24 11.10 -7.78
N LEU D 260 -44.44 10.70 -7.33
CA LEU D 260 -45.66 11.45 -7.54
C LEU D 260 -45.81 12.44 -6.39
N GLN D 261 -45.75 13.73 -6.69
CA GLN D 261 -45.61 14.79 -5.70
C GLN D 261 -46.83 15.69 -5.71
N ARG D 262 -47.21 16.16 -4.53
CA ARG D 262 -48.22 17.20 -4.37
C ARG D 262 -47.77 18.09 -3.23
N ASN D 263 -47.75 19.41 -3.48
CA ASN D 263 -47.12 20.32 -2.53
C ASN D 263 -45.80 19.75 -2.03
N ASN D 264 -45.66 19.52 -0.72
CA ASN D 264 -44.39 19.09 -0.12
C ASN D 264 -44.43 17.62 0.31
N GLU D 265 -45.13 16.79 -0.44
CA GLU D 265 -45.55 15.47 0.02
C GLU D 265 -45.53 14.51 -1.17
N ALA D 266 -44.83 13.37 -1.02
CA ALA D 266 -44.79 12.35 -2.05
C ALA D 266 -45.98 11.40 -1.90
N PHE D 267 -46.76 11.25 -2.96
CA PHE D 267 -47.91 10.34 -2.92
C PHE D 267 -47.54 8.93 -3.31
N ASP D 268 -46.71 8.77 -4.34
CA ASP D 268 -46.33 7.46 -4.86
C ASP D 268 -44.88 7.54 -5.33
N GLU D 269 -44.21 6.39 -5.29
CA GLU D 269 -42.80 6.29 -5.65
C GLU D 269 -42.54 4.92 -6.28
N ILE D 270 -41.87 4.91 -7.43
CA ILE D 270 -41.49 3.69 -8.12
C ILE D 270 -40.09 3.90 -8.66
N TYR D 271 -39.45 2.80 -9.05
CA TYR D 271 -38.06 2.92 -9.46
C TYR D 271 -37.66 1.73 -10.34
N ALA D 272 -36.56 1.93 -11.08
CA ALA D 272 -36.07 0.97 -12.04
C ALA D 272 -34.57 0.98 -12.03
N ASN D 273 -33.96 -0.20 -11.86
CA ASN D 273 -32.55 -0.36 -12.12
C ASN D 273 -32.35 -0.56 -13.62
N VAL D 274 -31.46 0.24 -14.22
CA VAL D 274 -31.25 0.23 -15.66
C VAL D 274 -29.76 0.35 -15.92
N GLY D 275 -29.38 0.02 -17.16
CA GLY D 275 -28.00 0.13 -17.57
C GLY D 275 -27.91 0.75 -18.95
N VAL D 276 -26.76 1.33 -19.23
CA VAL D 276 -26.49 2.01 -20.50
C VAL D 276 -25.61 1.10 -21.36
N ARG D 277 -26.15 0.60 -22.46
CA ARG D 277 -25.35 -0.18 -23.40
C ARG D 277 -25.88 0.01 -24.82
N SER D 278 -24.98 -0.11 -25.78
CA SER D 278 -25.31 -0.29 -27.18
C SER D 278 -24.82 -1.65 -27.61
N TYR D 279 -25.36 -2.14 -28.73
CA TYR D 279 -24.95 -3.43 -29.24
C TYR D 279 -25.40 -3.59 -30.67
N THR D 280 -24.64 -4.38 -31.40
CA THR D 280 -24.93 -4.69 -32.79
C THR D 280 -24.77 -6.19 -32.97
N VAL D 281 -25.46 -6.73 -33.97
CA VAL D 281 -25.16 -8.06 -34.49
C VAL D 281 -25.03 -7.94 -36.00
N THR D 282 -23.95 -8.50 -36.56
CA THR D 282 -23.81 -8.52 -38.00
C THR D 282 -23.53 -9.94 -38.47
N PRO D 283 -23.96 -10.28 -39.68
CA PRO D 283 -23.76 -11.66 -40.17
C PRO D 283 -22.32 -12.16 -40.16
N ASP D 284 -21.33 -11.31 -40.49
CA ASP D 284 -19.93 -11.72 -40.48
C ASP D 284 -19.16 -11.30 -39.23
N GLY D 285 -19.65 -10.30 -38.49
CA GLY D 285 -18.93 -9.82 -37.32
C GLY D 285 -19.32 -10.50 -36.02
N GLY D 286 -20.54 -11.03 -35.93
CA GLY D 286 -21.02 -11.58 -34.68
C GLY D 286 -21.64 -10.50 -33.81
N PHE D 287 -21.39 -10.55 -32.51
CA PHE D 287 -22.05 -9.67 -31.54
C PHE D 287 -21.04 -8.68 -31.00
N SER D 288 -21.45 -7.41 -30.92
CA SER D 288 -20.67 -6.36 -30.30
C SER D 288 -21.53 -5.64 -29.28
N ILE D 289 -20.92 -5.30 -28.14
CA ILE D 289 -21.53 -4.45 -27.14
C ILE D 289 -20.59 -3.28 -26.83
N ASN D 290 -21.13 -2.05 -26.90
CA ASN D 290 -20.39 -0.81 -26.60
C ASN D 290 -19.16 -0.65 -27.47
N GLY D 291 -19.26 -1.07 -28.74
CA GLY D 291 -18.16 -0.94 -29.67
C GLY D 291 -17.08 -2.00 -29.59
N GLU D 292 -17.28 -3.08 -28.85
CA GLU D 292 -16.27 -4.14 -28.73
C GLU D 292 -16.87 -5.49 -29.12
N ALA D 293 -16.26 -6.15 -30.12
CA ALA D 293 -16.72 -7.47 -30.54
C ALA D 293 -16.60 -8.48 -29.40
N THR D 294 -17.73 -9.06 -29.01
CA THR D 294 -17.80 -9.96 -27.86
C THR D 294 -18.68 -11.15 -28.26
N PRO D 295 -18.10 -12.24 -28.75
CA PRO D 295 -18.92 -13.42 -29.05
C PRO D 295 -19.67 -13.90 -27.81
N LEU D 296 -21.00 -14.06 -27.95
CA LEU D 296 -21.84 -14.60 -26.88
C LEU D 296 -21.76 -16.12 -26.84
N ARG D 297 -21.30 -16.66 -25.72
CA ARG D 297 -21.11 -18.10 -25.51
C ARG D 297 -21.71 -18.45 -24.15
N GLY D 298 -22.79 -19.19 -24.11
CA GLY D 298 -23.50 -19.41 -22.87
C GLY D 298 -24.42 -20.59 -22.86
N VAL D 299 -25.49 -20.46 -22.09
CA VAL D 299 -26.35 -21.57 -21.70
C VAL D 299 -27.81 -21.14 -21.70
N SER D 300 -28.68 -22.14 -21.65
CA SER D 300 -30.09 -21.92 -21.37
C SER D 300 -30.38 -22.30 -19.94
N ARG D 301 -31.52 -21.86 -19.44
CA ARG D 301 -31.88 -22.13 -18.06
C ARG D 301 -33.40 -22.24 -17.91
N HIS D 302 -33.88 -23.42 -17.51
CA HIS D 302 -35.26 -23.57 -17.05
C HIS D 302 -35.38 -23.13 -15.58
N GLN D 303 -36.62 -22.85 -15.15
CA GLN D 303 -36.84 -22.28 -13.82
C GLN D 303 -37.28 -23.33 -12.79
N ASP D 304 -36.79 -24.55 -12.85
CA ASP D 304 -37.20 -25.53 -11.85
C ASP D 304 -36.00 -26.08 -11.10
N LYS D 305 -36.27 -26.90 -10.08
CA LYS D 305 -35.23 -27.41 -9.20
C LYS D 305 -35.79 -28.61 -8.44
N LEU D 306 -34.88 -29.48 -7.97
CA LEU D 306 -35.25 -30.84 -7.51
C LEU D 306 -36.34 -30.85 -6.43
N TYR D 307 -37.46 -31.50 -6.74
CA TYR D 307 -38.68 -31.62 -5.93
C TYR D 307 -39.21 -30.26 -5.40
N LYS D 308 -38.80 -29.14 -5.99
CA LYS D 308 -39.45 -27.87 -5.76
C LYS D 308 -40.41 -27.51 -6.88
N GLY D 309 -40.41 -28.27 -7.97
CA GLY D 309 -41.13 -27.80 -9.15
C GLY D 309 -40.51 -26.50 -9.61
N ASN D 310 -41.35 -25.54 -9.99
CA ASN D 310 -40.84 -24.22 -10.33
C ASN D 310 -41.07 -23.21 -9.20
N ALA D 311 -41.37 -23.69 -8.00
CA ALA D 311 -41.68 -22.82 -6.87
C ALA D 311 -40.35 -22.45 -6.21
N LEU D 312 -39.61 -21.54 -6.86
CA LEU D 312 -38.26 -21.22 -6.44
C LEU D 312 -38.23 -19.96 -5.58
N THR D 313 -37.28 -19.91 -4.65
CA THR D 313 -37.07 -18.72 -3.84
C THR D 313 -36.12 -17.78 -4.56
N VAL D 314 -36.01 -16.55 -4.05
CA VAL D 314 -35.11 -15.58 -4.66
C VAL D 314 -33.67 -16.07 -4.53
N GLU D 315 -33.36 -16.78 -3.45
CA GLU D 315 -32.03 -17.36 -3.30
C GLU D 315 -31.74 -18.38 -4.39
N ASP D 316 -32.74 -19.21 -4.75
CA ASP D 316 -32.54 -20.20 -5.79
C ASP D 316 -32.17 -19.54 -7.11
N HIS D 317 -32.88 -18.46 -7.45
CA HIS D 317 -32.59 -17.76 -8.69
C HIS D 317 -31.17 -17.20 -8.67
N TYR D 318 -30.77 -16.55 -7.59
CA TYR D 318 -29.44 -15.98 -7.55
C TYR D 318 -28.39 -17.06 -7.53
N GLN D 319 -28.63 -18.14 -6.79
CA GLN D 319 -27.68 -19.25 -6.81
C GLN D 319 -27.47 -19.76 -8.23
N ASP D 320 -28.56 -19.94 -9.00
CA ASP D 320 -28.44 -20.32 -10.41
C ASP D 320 -27.56 -19.34 -11.17
N ALA D 321 -27.78 -18.03 -10.95
CA ALA D 321 -27.05 -16.99 -11.66
C ALA D 321 -25.58 -17.00 -11.31
N GLN D 322 -25.25 -17.28 -10.04
CA GLN D 322 -23.84 -17.32 -9.64
C GLN D 322 -23.14 -18.52 -10.24
N ILE D 323 -23.82 -19.67 -10.29
CA ILE D 323 -23.20 -20.87 -10.85
C ILE D 323 -22.89 -20.65 -12.33
N ILE D 324 -23.81 -19.99 -13.03
CA ILE D 324 -23.57 -19.68 -14.45
C ILE D 324 -22.43 -18.67 -14.59
N LYS D 325 -22.33 -17.71 -13.66
CA LYS D 325 -21.22 -16.76 -13.75
C LYS D 325 -19.89 -17.47 -13.57
N GLU D 326 -19.79 -18.42 -12.63
CA GLU D 326 -18.53 -19.12 -12.40
C GLU D 326 -18.10 -19.92 -13.62
N LEU D 327 -19.08 -20.50 -14.31
CA LEU D 327 -18.81 -21.20 -15.55
C LEU D 327 -18.11 -20.31 -16.57
N GLY D 328 -18.35 -19.01 -16.50
CA GLY D 328 -17.80 -18.10 -17.47
C GLY D 328 -18.71 -17.76 -18.62
N ALA D 329 -20.00 -18.07 -18.50
CA ALA D 329 -20.96 -17.72 -19.54
C ALA D 329 -21.19 -16.22 -19.58
N ASN D 330 -21.42 -15.69 -20.78
CA ASN D 330 -21.77 -14.30 -20.91
C ASN D 330 -23.15 -14.11 -21.52
N THR D 331 -23.86 -15.19 -21.84
CA THR D 331 -25.22 -15.09 -22.33
C THR D 331 -26.07 -16.17 -21.70
N ILE D 332 -27.35 -15.86 -21.46
CA ILE D 332 -28.32 -16.84 -20.99
C ILE D 332 -29.57 -16.75 -21.85
N ARG D 333 -29.96 -17.88 -22.45
CA ARG D 333 -31.25 -18.00 -23.13
C ARG D 333 -32.30 -18.46 -22.11
N LEU D 334 -33.22 -17.56 -21.73
CA LEU D 334 -34.22 -17.89 -20.72
C LEU D 334 -35.41 -18.51 -21.43
N ALA D 335 -35.25 -19.78 -21.78
CA ALA D 335 -36.33 -20.54 -22.41
C ALA D 335 -37.27 -21.08 -21.33
N HIS D 336 -38.52 -21.40 -21.71
CA HIS D 336 -39.18 -21.09 -22.99
C HIS D 336 -40.31 -20.07 -22.75
N TYR D 337 -40.12 -19.16 -21.80
CA TYR D 337 -41.22 -18.38 -21.25
C TYR D 337 -40.67 -17.22 -20.44
N GLN D 338 -41.57 -16.36 -19.99
CA GLN D 338 -41.16 -15.28 -19.11
C GLN D 338 -40.69 -15.87 -17.79
N HIS D 339 -39.51 -15.45 -17.33
CA HIS D 339 -38.93 -15.92 -16.08
C HIS D 339 -39.26 -14.96 -14.93
N SER D 340 -38.77 -15.33 -13.75
CA SER D 340 -38.86 -14.54 -12.52
C SER D 340 -38.23 -13.16 -12.66
N GLN D 341 -38.87 -12.15 -12.07
CA GLN D 341 -38.19 -10.85 -11.98
C GLN D 341 -36.88 -10.95 -11.21
N ASP D 342 -36.79 -11.84 -10.21
CA ASP D 342 -35.50 -12.05 -9.52
C ASP D 342 -34.42 -12.51 -10.47
N PHE D 343 -34.76 -13.35 -11.45
CA PHE D 343 -33.69 -13.84 -12.30
C PHE D 343 -33.25 -12.79 -13.31
N TYR D 344 -34.19 -12.04 -13.91
CA TYR D 344 -33.76 -10.93 -14.76
C TYR D 344 -32.94 -9.93 -13.96
N ASP D 345 -33.40 -9.58 -12.75
CA ASP D 345 -32.60 -8.77 -11.84
C ASP D 345 -31.19 -9.33 -11.66
N ALA D 346 -31.06 -10.65 -11.43
CA ALA D 346 -29.72 -11.19 -11.24
C ALA D 346 -28.87 -11.09 -12.51
N CYS D 347 -29.52 -11.15 -13.67
CA CYS D 347 -28.78 -10.98 -14.93
C CYS D 347 -28.33 -9.55 -15.10
N ASP D 348 -29.15 -8.58 -14.69
CA ASP D 348 -28.70 -7.19 -14.66
C ASP D 348 -27.50 -7.00 -13.73
N GLU D 349 -27.59 -7.52 -12.51
CA GLU D 349 -26.54 -7.25 -11.53
C GLU D 349 -25.26 -8.03 -11.82
N LEU D 350 -25.37 -9.25 -12.35
CA LEU D 350 -24.19 -10.07 -12.58
C LEU D 350 -23.63 -9.93 -13.97
N GLY D 351 -24.45 -9.47 -14.92
CA GLY D 351 -24.00 -9.29 -16.29
C GLY D 351 -24.11 -10.49 -17.20
N PHE D 352 -25.26 -10.68 -17.84
CA PHE D 352 -25.40 -11.61 -18.94
C PHE D 352 -26.19 -10.97 -20.07
N ALA D 353 -25.82 -11.28 -21.32
CA ALA D 353 -26.68 -10.99 -22.47
C ALA D 353 -27.84 -11.98 -22.46
N VAL D 354 -29.07 -11.49 -22.35
CA VAL D 354 -30.24 -12.32 -22.06
C VAL D 354 -31.14 -12.41 -23.30
N TRP D 355 -31.51 -13.63 -23.66
CA TRP D 355 -32.55 -13.90 -24.65
C TRP D 355 -33.80 -14.32 -23.88
N ALA D 356 -34.87 -13.54 -24.04
CA ALA D 356 -36.14 -13.75 -23.34
C ALA D 356 -37.24 -14.04 -24.36
N GLU D 357 -38.16 -14.96 -24.04
CA GLU D 357 -39.12 -15.40 -25.05
C GLU D 357 -40.45 -15.83 -24.42
N ILE D 358 -41.43 -16.07 -25.27
CA ILE D 358 -42.77 -16.53 -24.90
C ILE D 358 -42.94 -18.01 -25.23
N PRO D 359 -43.88 -18.73 -24.61
CA PRO D 359 -44.06 -20.17 -24.93
C PRO D 359 -44.82 -20.44 -26.24
N PHE D 360 -44.45 -19.73 -27.30
CA PHE D 360 -44.98 -19.98 -28.63
C PHE D 360 -44.13 -21.11 -29.20
N ILE D 361 -44.52 -22.34 -28.83
CA ILE D 361 -43.60 -23.48 -28.92
C ILE D 361 -44.27 -24.67 -29.61
N SER D 362 -43.58 -25.24 -30.61
CA SER D 362 -43.79 -26.56 -31.21
C SER D 362 -44.94 -26.65 -32.21
N VAL D 363 -46.18 -26.41 -31.79
CA VAL D 363 -47.36 -26.70 -32.61
C VAL D 363 -48.27 -25.47 -32.65
N PHE D 364 -48.47 -24.92 -33.85
CA PHE D 364 -49.34 -23.77 -34.05
C PHE D 364 -50.80 -24.17 -33.85
N LYS D 365 -51.51 -23.37 -33.06
CA LYS D 365 -52.94 -23.50 -32.83
C LYS D 365 -53.66 -22.44 -33.65
N SER D 366 -54.57 -22.87 -34.52
CA SER D 366 -55.28 -21.87 -35.31
C SER D 366 -56.41 -21.26 -34.48
N GLY D 367 -56.93 -20.13 -34.96
CA GLY D 367 -58.06 -19.51 -34.31
C GLY D 367 -57.79 -18.12 -33.75
N LYS D 368 -58.85 -17.33 -33.62
CA LYS D 368 -58.68 -15.97 -33.11
C LYS D 368 -58.13 -15.97 -31.69
N ASP D 369 -58.62 -16.89 -30.84
CA ASP D 369 -58.23 -16.87 -29.43
C ASP D 369 -56.76 -17.24 -29.24
N ALA D 370 -56.28 -18.27 -29.94
CA ALA D 370 -54.85 -18.60 -29.85
C ALA D 370 -53.98 -17.45 -30.34
N HIS D 371 -54.47 -16.71 -31.32
CA HIS D 371 -53.73 -15.56 -31.81
C HIS D 371 -53.68 -14.45 -30.77
N THR D 372 -54.80 -14.20 -30.08
CA THR D 372 -54.82 -13.17 -29.05
C THR D 372 -53.89 -13.54 -27.90
N HIS D 373 -53.86 -14.82 -27.53
CA HIS D 373 -52.99 -15.30 -26.48
C HIS D 373 -51.54 -14.95 -26.76
N VAL D 374 -51.02 -15.41 -27.90
CA VAL D 374 -49.61 -15.16 -28.19
C VAL D 374 -49.31 -13.66 -28.21
N MET D 375 -50.20 -12.86 -28.82
CA MET D 375 -49.98 -11.41 -28.94
C MET D 375 -49.92 -10.75 -27.56
N GLU D 376 -50.86 -11.09 -26.69
CA GLU D 376 -50.87 -10.51 -25.36
C GLU D 376 -49.75 -11.07 -24.47
N GLU D 377 -49.37 -12.33 -24.65
CA GLU D 377 -48.25 -12.84 -23.86
C GLU D 377 -46.94 -12.16 -24.25
N MET D 378 -46.78 -11.79 -25.53
CA MET D 378 -45.63 -11.00 -25.94
C MET D 378 -45.74 -9.57 -25.43
N LYS D 379 -46.94 -9.00 -25.41
CA LYS D 379 -47.12 -7.67 -24.86
C LYS D 379 -46.76 -7.63 -23.37
N GLU D 380 -47.13 -8.68 -22.63
CA GLU D 380 -46.79 -8.73 -21.22
C GLU D 380 -45.29 -8.88 -21.02
N LEU D 381 -44.63 -9.69 -21.87
CA LEU D 381 -43.20 -9.89 -21.77
C LEU D 381 -42.44 -8.59 -21.91
N ILE D 382 -42.82 -7.77 -22.88
CA ILE D 382 -42.05 -6.58 -23.17
C ILE D 382 -42.33 -5.48 -22.15
N ILE D 383 -43.61 -5.26 -21.84
CA ILE D 383 -43.97 -4.20 -20.90
C ILE D 383 -43.43 -4.51 -19.51
N GLN D 384 -43.47 -5.77 -19.11
CA GLN D 384 -43.00 -6.11 -17.78
C GLN D 384 -41.48 -6.12 -17.69
N ASN D 385 -40.76 -6.21 -18.80
CA ASN D 385 -39.30 -6.37 -18.73
C ASN D 385 -38.56 -5.36 -19.59
N TYR D 386 -39.26 -4.30 -20.02
CA TYR D 386 -38.64 -3.29 -20.88
C TYR D 386 -37.41 -2.66 -20.24
N ASN D 387 -37.38 -2.52 -18.91
CA ASN D 387 -36.31 -1.77 -18.27
C ASN D 387 -35.06 -2.59 -17.98
N HIS D 388 -35.11 -3.92 -18.10
CA HIS D 388 -33.93 -4.75 -17.80
C HIS D 388 -32.82 -4.57 -18.85
N PRO D 389 -31.64 -4.08 -18.47
CA PRO D 389 -30.57 -3.92 -19.47
C PRO D 389 -29.96 -5.23 -19.94
N SER D 390 -30.05 -6.30 -19.17
CA SER D 390 -29.50 -7.57 -19.64
C SER D 390 -30.28 -8.12 -20.83
N ILE D 391 -31.59 -7.88 -20.92
CA ILE D 391 -32.35 -8.36 -22.06
C ILE D 391 -31.91 -7.64 -23.33
N LEU D 392 -31.40 -8.40 -24.30
CA LEU D 392 -30.99 -7.83 -25.57
C LEU D 392 -31.79 -8.34 -26.75
N PHE D 393 -32.49 -9.46 -26.59
CA PHE D 393 -33.21 -10.12 -27.68
C PHE D 393 -34.57 -10.60 -27.19
N TRP D 394 -35.59 -10.33 -27.99
CA TRP D 394 -36.93 -10.90 -27.78
C TRP D 394 -37.10 -12.05 -28.76
N GLY D 395 -37.33 -13.26 -28.23
CA GLY D 395 -37.59 -14.42 -29.08
C GLY D 395 -39.08 -14.63 -29.22
N ILE D 396 -39.55 -14.76 -30.48
CA ILE D 396 -40.99 -14.85 -30.74
C ILE D 396 -41.53 -16.28 -30.86
N SER D 397 -40.70 -17.28 -31.19
CA SER D 397 -41.18 -18.66 -31.18
C SER D 397 -39.99 -19.61 -31.04
N ASN D 398 -40.30 -20.84 -30.65
CA ASN D 398 -39.29 -21.89 -30.58
C ASN D 398 -39.81 -23.15 -31.25
N GLU D 399 -39.11 -23.61 -32.30
CA GLU D 399 -39.38 -24.89 -32.96
C GLU D 399 -40.82 -24.99 -33.45
N ILE D 400 -41.37 -23.86 -33.91
CA ILE D 400 -42.80 -23.76 -34.21
C ILE D 400 -43.19 -24.58 -35.43
N LEU D 401 -42.21 -25.06 -36.19
CA LEU D 401 -42.53 -25.87 -37.36
C LEU D 401 -42.81 -27.34 -37.03
N ILE D 402 -42.58 -27.79 -35.79
CA ILE D 402 -42.83 -29.20 -35.45
C ILE D 402 -44.24 -29.61 -35.88
N GLY D 403 -45.22 -28.73 -35.71
CA GLY D 403 -46.58 -29.04 -36.07
C GLY D 403 -46.95 -28.76 -37.51
N GLY D 404 -46.00 -28.36 -38.34
CA GLY D 404 -46.30 -28.02 -39.71
C GLY D 404 -46.52 -26.54 -39.98
N ILE D 405 -46.00 -26.06 -41.09
CA ILE D 405 -46.17 -24.67 -41.50
C ILE D 405 -47.60 -24.43 -41.99
N SER D 406 -47.98 -23.16 -42.02
CA SER D 406 -49.26 -22.73 -42.56
C SER D 406 -49.17 -21.22 -42.76
N GLN D 407 -50.02 -20.70 -43.65
CA GLN D 407 -50.02 -19.25 -43.86
C GLN D 407 -50.38 -18.52 -42.57
N GLU D 408 -51.30 -19.10 -41.80
CA GLU D 408 -51.68 -18.53 -40.51
C GLU D 408 -50.49 -18.48 -39.55
N LEU D 409 -49.65 -19.53 -39.54
CA LEU D 409 -48.47 -19.54 -38.69
C LEU D 409 -47.46 -18.47 -39.12
N VAL D 410 -47.24 -18.32 -40.42
CA VAL D 410 -46.29 -17.33 -40.91
C VAL D 410 -46.81 -15.92 -40.64
N ASP D 411 -48.11 -15.71 -40.81
CA ASP D 411 -48.70 -14.41 -40.57
C ASP D 411 -48.60 -14.01 -39.10
N THR D 412 -48.74 -14.98 -38.19
CA THR D 412 -48.66 -14.64 -36.77
C THR D 412 -47.26 -14.18 -36.41
N HIS D 413 -46.23 -14.80 -37.03
CA HIS D 413 -44.85 -14.37 -36.82
C HIS D 413 -44.63 -12.96 -37.31
N HIS D 414 -45.23 -12.59 -38.45
CA HIS D 414 -45.14 -11.21 -38.89
C HIS D 414 -45.87 -10.26 -37.93
N ASP D 415 -46.90 -10.77 -37.24
CA ASP D 415 -47.61 -9.96 -36.26
C ASP D 415 -46.78 -9.75 -35.00
N LEU D 416 -46.11 -10.80 -34.53
CA LEU D 416 -45.25 -10.65 -33.34
C LEU D 416 -44.04 -9.78 -33.65
N GLN D 417 -43.40 -9.97 -34.81
CA GLN D 417 -42.31 -9.08 -35.21
C GLN D 417 -42.76 -7.63 -35.15
N LYS D 418 -43.92 -7.32 -35.76
CA LYS D 418 -44.39 -5.93 -35.78
C LYS D 418 -44.74 -5.44 -34.39
N LEU D 419 -45.28 -6.32 -33.53
CA LEU D 419 -45.54 -5.95 -32.15
C LEU D 419 -44.25 -5.62 -31.41
N CYS D 420 -43.21 -6.43 -31.60
CA CYS D 420 -41.95 -6.18 -30.92
C CYS D 420 -41.37 -4.82 -31.31
N LYS D 421 -41.35 -4.52 -32.61
CA LYS D 421 -40.73 -3.27 -33.07
C LYS D 421 -41.58 -2.06 -32.73
N GLU D 422 -42.90 -2.22 -32.63
CA GLU D 422 -43.78 -1.13 -32.24
C GLU D 422 -43.65 -0.81 -30.75
N LEU D 423 -43.53 -1.84 -29.91
CA LEU D 423 -43.37 -1.65 -28.47
C LEU D 423 -41.93 -1.34 -28.06
N ASP D 424 -40.94 -1.86 -28.76
CA ASP D 424 -39.54 -1.75 -28.32
C ASP D 424 -38.61 -1.86 -29.51
N PRO D 425 -38.36 -0.75 -30.21
CA PRO D 425 -37.40 -0.78 -31.31
C PRO D 425 -35.95 -0.78 -30.85
N THR D 426 -35.69 -0.70 -29.55
CA THR D 426 -34.33 -0.71 -29.05
C THR D 426 -33.70 -2.10 -28.96
N ARG D 427 -34.48 -3.16 -29.18
CA ARG D 427 -33.99 -4.52 -29.03
C ARG D 427 -34.16 -5.33 -30.32
N LEU D 428 -33.34 -6.36 -30.47
CA LEU D 428 -33.35 -7.22 -31.65
C LEU D 428 -34.29 -8.40 -31.46
N THR D 429 -35.13 -8.68 -32.45
CA THR D 429 -35.93 -9.90 -32.38
C THR D 429 -35.13 -11.10 -32.87
N THR D 430 -35.50 -12.27 -32.35
CA THR D 430 -34.86 -13.51 -32.76
C THR D 430 -35.92 -14.62 -32.79
N ILE D 431 -35.48 -15.80 -33.24
CA ILE D 431 -36.36 -16.97 -33.35
C ILE D 431 -35.46 -18.18 -33.20
N ALA D 432 -36.05 -19.30 -32.75
CA ALA D 432 -35.31 -20.56 -32.66
C ALA D 432 -35.97 -21.61 -33.55
N HIS D 433 -35.26 -22.04 -34.59
CA HIS D 433 -35.81 -22.97 -35.57
C HIS D 433 -35.56 -24.42 -35.17
N VAL D 434 -36.57 -25.27 -35.38
CA VAL D 434 -36.36 -26.71 -35.22
C VAL D 434 -35.28 -27.16 -36.20
N SER D 435 -34.61 -28.28 -35.86
CA SER D 435 -33.41 -28.68 -36.57
C SER D 435 -33.62 -28.81 -38.08
N HIS D 436 -34.72 -29.44 -38.49
CA HIS D 436 -34.94 -29.76 -39.90
C HIS D 436 -35.62 -28.64 -40.68
N THR D 437 -35.73 -27.44 -40.11
CA THR D 437 -36.33 -26.30 -40.80
C THR D 437 -35.58 -26.01 -42.08
N PRO D 438 -36.24 -26.02 -43.24
CA PRO D 438 -35.56 -25.66 -44.50
C PRO D 438 -34.75 -24.38 -44.35
N THR D 439 -33.55 -24.37 -44.93
CA THR D 439 -32.70 -23.18 -44.81
C THR D 439 -33.18 -22.05 -45.70
N SER D 440 -34.18 -22.28 -46.55
CA SER D 440 -34.91 -21.24 -47.25
C SER D 440 -36.38 -21.35 -46.85
N GLY D 441 -37.23 -20.49 -47.39
CA GLY D 441 -38.62 -20.54 -47.01
C GLY D 441 -39.05 -19.39 -46.12
N PRO D 442 -40.36 -19.33 -45.80
CA PRO D 442 -40.91 -18.11 -45.21
C PRO D 442 -40.56 -17.87 -43.74
N MET D 443 -39.96 -18.83 -43.02
CA MET D 443 -39.60 -18.63 -41.62
C MET D 443 -38.32 -17.81 -41.44
N HIS D 444 -37.53 -17.61 -42.50
CA HIS D 444 -36.32 -16.79 -42.41
C HIS D 444 -36.58 -15.35 -42.81
N ARG D 445 -35.69 -14.48 -42.32
CA ARG D 445 -35.73 -13.05 -42.60
C ARG D 445 -37.01 -12.39 -42.07
N ILE D 446 -37.63 -12.97 -41.05
CA ILE D 446 -38.68 -12.25 -40.32
C ILE D 446 -38.08 -11.45 -39.18
N THR D 447 -37.21 -12.07 -38.39
CA THR D 447 -36.60 -11.46 -37.22
C THR D 447 -35.24 -10.85 -37.57
N ASP D 448 -34.73 -10.02 -36.65
CA ASP D 448 -33.44 -9.37 -36.87
C ASP D 448 -32.31 -10.41 -36.94
N VAL D 449 -32.28 -11.34 -35.98
CA VAL D 449 -31.31 -12.44 -35.98
C VAL D 449 -32.09 -13.75 -35.95
N GLU D 450 -31.37 -14.87 -36.14
CA GLU D 450 -31.98 -16.20 -36.17
C GLU D 450 -31.05 -17.25 -35.59
N SER D 451 -31.64 -18.30 -35.01
CA SER D 451 -30.88 -19.42 -34.48
C SER D 451 -31.50 -20.78 -34.84
N TYR D 452 -30.66 -21.82 -34.79
CA TYR D 452 -31.09 -23.20 -35.02
C TYR D 452 -30.85 -24.04 -33.77
N ASN D 453 -31.77 -24.98 -33.53
CA ASN D 453 -31.63 -25.99 -32.47
C ASN D 453 -31.12 -27.27 -33.11
N HIS D 454 -29.82 -27.53 -33.01
CA HIS D 454 -29.24 -28.71 -33.62
C HIS D 454 -28.71 -29.67 -32.56
N TYR D 455 -28.91 -30.96 -32.81
CA TYR D 455 -28.46 -32.02 -31.92
C TYR D 455 -27.68 -33.08 -32.69
N PHE D 456 -26.83 -32.66 -33.63
CA PHE D 456 -26.01 -33.59 -34.42
C PHE D 456 -25.01 -34.28 -33.51
N GLY D 457 -25.07 -35.60 -33.45
CA GLY D 457 -24.29 -36.37 -32.50
C GLY D 457 -25.09 -36.87 -31.33
N TRP D 458 -26.35 -36.44 -31.19
CA TRP D 458 -27.23 -36.97 -30.14
C TRP D 458 -28.51 -37.54 -30.73
N TYR D 459 -29.37 -36.74 -31.35
CA TYR D 459 -30.56 -37.25 -32.05
C TYR D 459 -30.24 -37.54 -33.52
N GLY D 460 -29.25 -38.38 -33.79
CA GLY D 460 -28.83 -38.64 -35.16
C GLY D 460 -27.64 -37.79 -35.58
N GLY D 461 -26.97 -38.23 -36.64
CA GLY D 461 -25.78 -37.58 -37.12
C GLY D 461 -24.58 -37.89 -36.23
N LYS D 462 -23.46 -37.30 -36.61
CA LYS D 462 -22.24 -37.41 -35.82
C LYS D 462 -21.85 -36.02 -35.33
N ILE D 463 -21.13 -36.00 -34.20
CA ILE D 463 -20.64 -34.76 -33.62
C ILE D 463 -19.97 -33.87 -34.65
N GLU D 464 -19.10 -34.43 -35.49
CA GLU D 464 -18.27 -33.64 -36.40
C GLU D 464 -19.04 -33.07 -37.57
N GLN D 465 -20.34 -33.30 -37.67
CA GLN D 465 -21.16 -32.66 -38.68
C GLN D 465 -21.62 -31.27 -38.31
N ASN D 466 -21.47 -30.85 -37.03
CA ASN D 466 -21.95 -29.53 -36.62
C ASN D 466 -21.18 -28.42 -37.31
N GLY D 467 -19.84 -28.49 -37.27
CA GLY D 467 -18.99 -27.50 -37.89
C GLY D 467 -19.36 -27.24 -39.34
N PRO D 468 -19.30 -28.29 -40.18
CA PRO D 468 -19.69 -28.13 -41.59
C PRO D 468 -21.07 -27.56 -41.81
N TRP D 469 -22.05 -27.95 -40.98
CA TRP D 469 -23.39 -27.39 -41.12
C TRP D 469 -23.36 -25.88 -40.95
N LEU D 470 -22.72 -25.41 -39.87
CA LEU D 470 -22.61 -23.98 -39.66
C LEU D 470 -21.99 -23.29 -40.87
N ASP D 471 -20.86 -23.82 -41.36
CA ASP D 471 -20.16 -23.19 -42.47
C ASP D 471 -21.02 -23.16 -43.73
N LYS D 472 -21.84 -24.18 -43.94
CA LYS D 472 -22.61 -24.24 -45.17
C LYS D 472 -23.79 -23.28 -45.12
N PHE D 473 -24.40 -23.11 -43.95
CA PHE D 473 -25.48 -22.13 -43.83
C PHE D 473 -24.93 -20.71 -43.96
N HIS D 474 -23.79 -20.43 -43.33
CA HIS D 474 -23.16 -19.12 -43.45
C HIS D 474 -22.83 -18.81 -44.90
N ALA D 475 -22.20 -19.76 -45.59
CA ALA D 475 -21.87 -19.56 -46.99
C ALA D 475 -23.12 -19.23 -47.81
N GLU D 476 -24.19 -20.01 -47.63
CA GLU D 476 -25.42 -19.86 -48.40
C GLU D 476 -26.31 -18.69 -47.98
N ASN D 477 -26.20 -18.23 -46.73
CA ASN D 477 -27.00 -17.10 -46.25
C ASN D 477 -26.09 -16.05 -45.62
N PRO D 478 -25.18 -15.46 -46.40
CA PRO D 478 -24.22 -14.50 -45.81
C PRO D 478 -24.90 -13.26 -45.23
N ASP D 479 -26.19 -13.06 -45.48
CA ASP D 479 -26.98 -11.94 -44.97
C ASP D 479 -27.84 -12.31 -43.76
N ILE D 480 -27.71 -13.52 -43.23
CA ILE D 480 -28.42 -13.90 -42.01
C ILE D 480 -27.40 -14.04 -40.89
N CYS D 481 -27.73 -13.44 -39.74
CA CYS D 481 -26.96 -13.58 -38.50
C CYS D 481 -27.36 -14.92 -37.86
N LEU D 482 -26.47 -15.90 -37.92
CA LEU D 482 -26.78 -17.26 -37.49
C LEU D 482 -26.25 -17.51 -36.08
N GLY D 483 -27.15 -17.95 -35.20
CA GLY D 483 -26.78 -18.44 -33.89
C GLY D 483 -27.28 -19.87 -33.69
N ILE D 484 -26.76 -20.55 -32.65
CA ILE D 484 -27.22 -21.87 -32.25
C ILE D 484 -27.91 -21.73 -30.89
N SER D 485 -29.24 -21.79 -30.90
CA SER D 485 -30.05 -21.56 -29.70
C SER D 485 -30.25 -22.79 -28.84
N GLU D 486 -29.92 -23.98 -29.36
CA GLU D 486 -29.96 -25.24 -28.61
C GLU D 486 -28.95 -26.19 -29.24
N TYR D 487 -28.08 -26.73 -28.39
CA TYR D 487 -27.22 -27.85 -28.75
C TYR D 487 -26.87 -28.53 -27.44
N GLY D 488 -26.86 -29.86 -27.43
CA GLY D 488 -26.70 -30.56 -26.18
C GLY D 488 -26.65 -32.05 -26.39
N CYS D 489 -26.64 -32.77 -25.29
CA CYS D 489 -26.34 -34.19 -25.31
C CYS D 489 -26.59 -34.76 -23.93
N GLU D 490 -27.30 -35.89 -23.84
CA GLU D 490 -27.62 -36.39 -22.52
C GLU D 490 -26.37 -36.91 -21.82
N GLY D 491 -26.26 -36.61 -20.53
CA GLY D 491 -25.17 -37.12 -19.73
C GLY D 491 -25.68 -37.55 -18.38
N ILE D 492 -25.57 -38.84 -18.06
CA ILE D 492 -26.06 -39.40 -16.82
C ILE D 492 -24.84 -40.00 -16.10
N ILE D 493 -24.50 -39.45 -14.93
CA ILE D 493 -23.13 -39.54 -14.44
C ILE D 493 -22.86 -40.83 -13.68
N ASN D 494 -23.78 -41.78 -13.71
CA ASN D 494 -23.46 -43.11 -13.19
C ASN D 494 -23.04 -44.09 -14.28
N TRP D 495 -23.20 -43.72 -15.56
CA TRP D 495 -22.75 -44.51 -16.69
C TRP D 495 -21.37 -44.04 -17.16
N HIS D 496 -20.47 -44.97 -17.36
CA HIS D 496 -19.11 -44.64 -17.76
C HIS D 496 -18.60 -45.67 -18.75
N SER D 497 -17.92 -45.19 -19.77
CA SER D 497 -17.49 -46.04 -20.87
C SER D 497 -16.04 -45.76 -21.22
N ASN D 498 -15.31 -46.83 -21.55
CA ASN D 498 -13.99 -46.71 -22.16
C ASN D 498 -14.07 -46.49 -23.66
N THR D 499 -15.24 -46.63 -24.26
CA THR D 499 -15.46 -46.38 -25.68
C THR D 499 -16.74 -45.56 -25.85
N PRO D 500 -16.75 -44.31 -25.37
CA PRO D 500 -18.00 -43.56 -25.34
C PRO D 500 -18.58 -43.42 -26.74
N GLN D 501 -19.90 -43.39 -26.82
CA GLN D 501 -20.60 -43.42 -28.09
C GLN D 501 -22.04 -42.99 -27.86
N CYS D 502 -22.64 -42.44 -28.91
CA CYS D 502 -24.01 -41.96 -28.83
C CYS D 502 -24.93 -43.07 -28.33
N LYS D 503 -25.79 -42.73 -27.38
CA LYS D 503 -26.82 -43.53 -26.76
C LYS D 503 -26.32 -44.46 -25.64
N ASP D 504 -25.04 -44.40 -25.24
CA ASP D 504 -24.70 -45.02 -23.95
C ASP D 504 -25.06 -44.13 -22.76
N TYR D 505 -25.37 -42.85 -23.00
CA TYR D 505 -25.77 -41.90 -21.97
C TYR D 505 -24.65 -41.62 -20.96
N SER D 506 -23.40 -41.95 -21.28
CA SER D 506 -22.32 -41.77 -20.33
C SER D 506 -21.97 -40.29 -20.18
N GLU D 507 -21.31 -39.98 -19.05
CA GLU D 507 -20.74 -38.65 -18.86
C GLU D 507 -19.59 -38.42 -19.85
N GLU D 508 -18.84 -39.47 -20.18
CA GLU D 508 -17.72 -39.33 -21.10
C GLU D 508 -18.17 -38.96 -22.50
N TYR D 509 -19.30 -39.50 -22.97
CA TYR D 509 -19.71 -39.17 -24.33
C TYR D 509 -20.21 -37.72 -24.41
N GLN D 510 -20.97 -37.29 -23.41
CA GLN D 510 -21.41 -35.90 -23.37
C GLN D 510 -20.23 -34.93 -23.35
N ALA D 511 -19.15 -35.28 -22.63
CA ALA D 511 -17.97 -34.40 -22.59
C ALA D 511 -17.35 -34.25 -23.97
N LEU D 512 -17.32 -35.34 -24.75
CA LEU D 512 -16.80 -35.31 -26.12
C LEU D 512 -17.68 -34.45 -27.03
N TYR D 513 -18.99 -34.52 -26.84
CA TYR D 513 -19.88 -33.66 -27.61
C TYR D 513 -19.54 -32.19 -27.36
N HIS D 514 -19.38 -31.80 -26.08
CA HIS D 514 -19.14 -30.39 -25.77
C HIS D 514 -17.68 -29.97 -25.99
N GLU D 515 -16.73 -30.88 -25.79
CA GLU D 515 -15.35 -30.62 -26.22
C GLU D 515 -15.32 -30.13 -27.66
N TYR D 516 -16.11 -30.77 -28.54
CA TYR D 516 -16.12 -30.37 -29.93
C TYR D 516 -16.85 -29.05 -30.14
N MET D 517 -18.06 -28.93 -29.60
CA MET D 517 -18.85 -27.73 -29.81
C MET D 517 -18.15 -26.48 -29.29
N ALA D 518 -17.55 -26.56 -28.09
CA ALA D 518 -16.84 -25.42 -27.53
C ALA D 518 -15.81 -24.88 -28.52
N GLN D 519 -14.93 -25.77 -29.01
CA GLN D 519 -13.99 -25.41 -30.08
C GLN D 519 -14.71 -24.86 -31.30
N ALA D 520 -15.81 -25.48 -31.69
CA ALA D 520 -16.44 -25.09 -32.95
C ALA D 520 -16.92 -23.64 -32.90
N PHE D 521 -17.51 -23.24 -31.77
CA PHE D 521 -18.01 -21.87 -31.65
C PHE D 521 -16.89 -20.88 -31.37
N GLU D 522 -15.82 -21.34 -30.71
CA GLU D 522 -14.63 -20.51 -30.59
C GLU D 522 -14.07 -20.17 -31.97
N ASP D 523 -14.11 -21.14 -32.88
CA ASP D 523 -13.55 -20.97 -34.22
C ASP D 523 -14.40 -20.13 -35.14
N ARG D 524 -15.62 -19.75 -34.73
CA ARG D 524 -16.57 -19.05 -35.59
C ARG D 524 -17.15 -17.83 -34.87
N PRO D 525 -16.40 -16.74 -34.76
CA PRO D 525 -16.91 -15.55 -34.06
C PRO D 525 -18.14 -14.96 -34.71
N TRP D 526 -18.45 -15.34 -35.95
CA TRP D 526 -19.65 -14.84 -36.62
C TRP D 526 -20.93 -15.55 -36.18
N ILE D 527 -20.83 -16.69 -35.49
CA ILE D 527 -21.95 -17.23 -34.71
C ILE D 527 -22.23 -16.23 -33.59
N TRP D 528 -23.37 -15.52 -33.67
CA TRP D 528 -23.58 -14.38 -32.77
C TRP D 528 -23.85 -14.84 -31.33
N ALA D 529 -24.60 -15.93 -31.14
CA ALA D 529 -24.76 -16.53 -29.82
C ALA D 529 -24.92 -18.04 -29.93
N SER D 530 -24.33 -18.75 -28.98
CA SER D 530 -24.48 -20.19 -28.82
C SER D 530 -24.98 -20.48 -27.40
N HIS D 531 -25.98 -21.34 -27.28
CA HIS D 531 -26.56 -21.67 -25.97
C HIS D 531 -26.59 -23.19 -25.78
N VAL D 532 -25.87 -23.66 -24.76
CA VAL D 532 -25.97 -25.06 -24.37
C VAL D 532 -27.37 -25.36 -23.86
N TRP D 533 -28.01 -26.36 -24.46
CA TRP D 533 -29.19 -26.99 -23.86
C TRP D 533 -28.70 -28.17 -23.04
N ASN D 534 -28.79 -28.09 -21.71
CA ASN D 534 -29.32 -26.98 -20.94
C ASN D 534 -28.31 -26.81 -19.79
N MET D 535 -28.30 -25.67 -19.08
CA MET D 535 -27.35 -25.50 -17.99
C MET D 535 -27.57 -26.53 -16.89
N PHE D 536 -28.83 -26.77 -16.52
CA PHE D 536 -29.20 -27.76 -15.52
C PHE D 536 -30.08 -28.84 -16.13
N ASP D 537 -29.97 -30.08 -15.61
CA ASP D 537 -31.03 -31.06 -15.79
C ASP D 537 -32.34 -30.45 -15.32
N PHE D 538 -33.43 -30.80 -15.99
CA PHE D 538 -34.72 -30.26 -15.61
C PHE D 538 -35.82 -31.30 -15.79
N GLY D 539 -37.03 -30.94 -15.37
CA GLY D 539 -38.13 -31.88 -15.29
C GLY D 539 -39.02 -31.92 -16.51
N CYS D 540 -39.19 -33.13 -17.05
N CYS D 540 -39.21 -33.13 -17.04
CA CYS D 540 -40.21 -33.40 -18.07
CA CYS D 540 -40.19 -33.43 -18.07
C CYS D 540 -40.86 -34.71 -17.69
C CYS D 540 -40.87 -34.74 -17.68
N ALA D 541 -42.13 -34.65 -17.26
CA ALA D 541 -42.82 -35.85 -16.79
C ALA D 541 -42.90 -36.95 -17.84
N ALA D 542 -42.92 -36.61 -19.13
CA ALA D 542 -43.03 -37.63 -20.17
C ALA D 542 -41.73 -38.35 -20.52
N ARG D 543 -40.56 -37.87 -20.07
CA ARG D 543 -39.29 -38.48 -20.44
C ARG D 543 -39.08 -39.83 -19.76
N SER D 544 -38.52 -40.79 -20.50
CA SER D 544 -38.05 -42.05 -19.93
C SER D 544 -36.98 -42.59 -20.86
N GLU D 545 -35.71 -42.37 -20.49
CA GLU D 545 -34.60 -42.85 -21.31
C GLU D 545 -33.32 -42.84 -20.50
N GLY D 546 -32.39 -43.71 -20.88
CA GLY D 546 -31.11 -43.79 -20.22
C GLY D 546 -31.15 -44.29 -18.80
N GLY D 547 -32.22 -44.94 -18.38
CA GLY D 547 -32.34 -45.45 -17.03
C GLY D 547 -32.93 -44.47 -16.04
N VAL D 548 -33.50 -43.37 -16.51
CA VAL D 548 -34.04 -42.34 -15.63
C VAL D 548 -35.38 -41.90 -16.19
N LYS D 549 -36.36 -41.70 -15.31
CA LYS D 549 -37.69 -41.28 -15.72
C LYS D 549 -37.94 -39.87 -15.20
N GLY D 550 -38.64 -39.06 -16.00
CA GLY D 550 -39.08 -37.74 -15.57
C GLY D 550 -38.10 -36.58 -15.75
N ARG D 551 -37.00 -36.78 -16.48
CA ARG D 551 -35.90 -35.83 -16.54
C ARG D 551 -35.39 -35.64 -17.97
N ASN D 552 -35.06 -34.39 -18.29
CA ASN D 552 -34.13 -34.07 -19.36
C ASN D 552 -32.75 -33.96 -18.71
N ASN D 553 -31.84 -34.87 -19.06
CA ASN D 553 -30.54 -34.91 -18.41
C ASN D 553 -29.44 -34.34 -19.30
N LYS D 554 -29.75 -33.34 -20.11
CA LYS D 554 -28.73 -32.70 -20.93
C LYS D 554 -27.97 -31.59 -20.20
N GLY D 555 -28.14 -31.47 -18.87
CA GLY D 555 -27.55 -30.35 -18.16
C GLY D 555 -26.04 -30.44 -18.05
N LEU D 556 -25.41 -29.26 -17.87
CA LEU D 556 -24.02 -29.24 -17.44
C LEU D 556 -23.92 -29.49 -15.94
N VAL D 557 -25.01 -29.30 -15.21
CA VAL D 557 -25.05 -29.41 -13.77
C VAL D 557 -26.35 -30.13 -13.40
N THR D 558 -26.28 -30.93 -12.35
CA THR D 558 -27.45 -31.67 -11.93
C THR D 558 -28.58 -30.73 -11.42
N ILE D 559 -29.80 -31.26 -11.48
CA ILE D 559 -31.04 -30.53 -11.19
C ILE D 559 -31.13 -30.04 -9.76
N ASP D 560 -30.35 -30.61 -8.86
CA ASP D 560 -30.30 -30.12 -7.50
C ASP D 560 -29.24 -29.04 -7.33
N ARG D 561 -28.57 -28.63 -8.41
CA ARG D 561 -27.53 -27.59 -8.41
C ARG D 561 -26.25 -28.01 -7.69
N LYS D 562 -26.08 -29.28 -7.34
CA LYS D 562 -24.97 -29.70 -6.51
C LYS D 562 -23.76 -30.21 -7.30
N THR D 563 -23.97 -31.00 -8.35
CA THR D 563 -22.86 -31.69 -9.01
C THR D 563 -22.65 -31.12 -10.40
N ARG D 564 -21.41 -30.72 -10.67
CA ARG D 564 -20.97 -30.23 -11.97
C ARG D 564 -20.44 -31.39 -12.78
N LYS D 565 -21.06 -31.67 -13.91
CA LYS D 565 -20.58 -32.75 -14.75
C LYS D 565 -19.27 -32.34 -15.42
N ASP D 566 -18.60 -33.33 -16.02
CA ASP D 566 -17.34 -33.04 -16.70
C ASP D 566 -17.54 -32.04 -17.85
N SER D 567 -18.74 -32.02 -18.44
CA SER D 567 -19.03 -31.08 -19.52
C SER D 567 -18.98 -29.65 -19.03
N PHE D 568 -19.33 -29.44 -17.76
CA PHE D 568 -19.27 -28.12 -17.15
C PHE D 568 -17.84 -27.57 -17.22
N TYR D 569 -16.85 -28.41 -16.94
CA TYR D 569 -15.47 -27.96 -16.86
C TYR D 569 -14.86 -27.76 -18.23
N VAL D 570 -15.43 -28.39 -19.26
CA VAL D 570 -15.03 -28.07 -20.62
C VAL D 570 -15.29 -26.60 -20.89
N TYR D 571 -16.51 -26.15 -20.65
CA TYR D 571 -16.82 -24.76 -20.92
C TYR D 571 -16.11 -23.81 -19.96
N GLN D 572 -15.90 -24.22 -18.70
CA GLN D 572 -15.14 -23.37 -17.79
C GLN D 572 -13.73 -23.14 -18.31
N ALA D 573 -13.07 -24.23 -18.75
CA ALA D 573 -11.75 -24.10 -19.37
C ALA D 573 -11.77 -23.14 -20.57
N TYR D 574 -12.82 -23.20 -21.38
CA TYR D 574 -12.91 -22.37 -22.59
C TYR D 574 -13.37 -20.94 -22.33
N TRP D 575 -14.06 -20.69 -21.23
CA TRP D 575 -14.76 -19.42 -21.03
C TRP D 575 -14.27 -18.63 -19.83
N ALA D 576 -13.98 -19.31 -18.72
CA ALA D 576 -13.68 -18.64 -17.45
C ALA D 576 -12.27 -18.09 -17.44
N LYS D 577 -12.07 -17.03 -16.66
CA LYS D 577 -10.76 -16.41 -16.67
C LYS D 577 -9.93 -16.74 -15.44
N ASP D 578 -10.55 -17.05 -14.33
CA ASP D 578 -9.77 -17.47 -13.17
C ASP D 578 -9.08 -18.80 -13.45
N PRO D 579 -7.80 -18.94 -13.11
CA PRO D 579 -7.09 -20.20 -13.41
C PRO D 579 -7.79 -21.41 -12.81
N MET D 580 -7.85 -22.49 -13.59
CA MET D 580 -8.50 -23.70 -13.11
C MET D 580 -7.90 -24.89 -13.85
N VAL D 581 -8.04 -26.06 -13.23
CA VAL D 581 -7.65 -27.31 -13.85
C VAL D 581 -8.51 -28.41 -13.25
N HIS D 582 -8.96 -29.33 -14.09
CA HIS D 582 -9.93 -30.34 -13.70
C HIS D 582 -9.60 -31.66 -14.38
N ILE D 583 -9.34 -32.70 -13.59
CA ILE D 583 -9.28 -34.07 -14.09
C ILE D 583 -10.70 -34.58 -14.33
N ALA D 584 -10.97 -35.03 -15.56
CA ALA D 584 -12.28 -35.60 -15.86
C ALA D 584 -12.34 -37.08 -15.45
N GLY D 585 -13.57 -37.61 -15.39
CA GLY D 585 -13.79 -39.02 -15.13
C GLY D 585 -13.61 -39.46 -13.68
N ARG D 586 -13.75 -38.57 -12.70
CA ARG D 586 -13.69 -38.99 -11.30
C ARG D 586 -14.77 -40.02 -10.96
N ARG D 587 -15.94 -39.94 -11.60
CA ARG D 587 -17.00 -40.91 -11.31
C ARG D 587 -16.80 -42.20 -12.09
N HIS D 588 -15.89 -42.20 -13.07
CA HIS D 588 -15.33 -43.42 -13.64
C HIS D 588 -14.23 -43.90 -12.69
N ALA D 589 -14.65 -44.34 -11.51
CA ALA D 589 -13.72 -44.49 -10.40
C ALA D 589 -12.87 -45.78 -10.51
N GLN D 590 -13.42 -46.83 -11.08
CA GLN D 590 -12.72 -48.10 -11.22
C GLN D 590 -12.41 -48.30 -12.70
N ARG D 591 -11.13 -48.20 -13.07
CA ARG D 591 -10.69 -48.30 -14.46
C ARG D 591 -10.04 -49.66 -14.70
N ALA D 592 -10.51 -50.37 -15.72
CA ALA D 592 -9.89 -51.61 -16.15
C ALA D 592 -9.05 -51.33 -17.40
N GLY D 593 -8.03 -52.16 -17.60
CA GLY D 593 -7.16 -51.96 -18.75
C GLY D 593 -5.70 -51.80 -18.37
N GLU D 594 -4.78 -52.01 -19.31
CA GLU D 594 -3.38 -51.85 -18.93
C GLU D 594 -2.99 -50.38 -18.94
N THR D 595 -3.62 -49.59 -19.80
CA THR D 595 -3.62 -48.15 -19.69
C THR D 595 -5.05 -47.65 -19.74
N THR D 596 -5.30 -46.58 -19.01
CA THR D 596 -6.56 -45.85 -19.11
C THR D 596 -6.23 -44.43 -19.53
N GLU D 597 -7.21 -43.78 -20.14
CA GLU D 597 -7.07 -42.39 -20.52
C GLU D 597 -7.49 -41.51 -19.34
N VAL D 598 -6.60 -40.62 -18.92
CA VAL D 598 -6.95 -39.55 -17.99
C VAL D 598 -7.06 -38.27 -18.79
N LYS D 599 -8.23 -37.65 -18.74
CA LYS D 599 -8.46 -36.42 -19.46
C LYS D 599 -8.52 -35.24 -18.49
N VAL D 600 -7.81 -34.16 -18.82
CA VAL D 600 -7.76 -32.96 -18.00
C VAL D 600 -8.23 -31.77 -18.82
N TYR D 601 -8.96 -30.85 -18.15
CA TYR D 601 -9.40 -29.58 -18.71
C TYR D 601 -8.77 -28.44 -17.91
N SER D 602 -8.22 -27.45 -18.61
CA SER D 602 -7.60 -26.32 -17.94
C SER D 602 -7.63 -25.12 -18.89
N ASN D 603 -7.70 -23.92 -18.29
CA ASN D 603 -7.48 -22.69 -19.06
C ASN D 603 -6.03 -22.21 -18.98
N GLN D 604 -5.18 -22.94 -18.28
CA GLN D 604 -3.73 -22.86 -18.48
C GLN D 604 -3.34 -23.79 -19.63
N ASP D 605 -2.19 -23.53 -20.23
CA ASP D 605 -1.87 -24.26 -21.44
C ASP D 605 -0.91 -25.44 -21.24
N THR D 606 -0.25 -25.58 -20.09
CA THR D 606 0.63 -26.71 -19.84
C THR D 606 0.16 -27.46 -18.60
N VAL D 607 -0.06 -28.76 -18.74
CA VAL D 607 -0.48 -29.65 -17.67
C VAL D 607 0.55 -30.75 -17.54
N THR D 608 1.05 -30.93 -16.32
CA THR D 608 1.86 -32.09 -15.94
C THR D 608 1.00 -33.03 -15.10
N LEU D 609 0.99 -34.32 -15.47
CA LEU D 609 0.18 -35.31 -14.77
C LEU D 609 1.09 -36.25 -13.97
N TYR D 610 0.71 -36.52 -12.73
CA TYR D 610 1.42 -37.46 -11.88
C TYR D 610 0.48 -38.58 -11.44
N CYS D 611 1.04 -39.79 -11.37
CA CYS D 611 0.35 -40.96 -10.85
C CYS D 611 1.17 -41.51 -9.69
N ASN D 612 0.59 -41.51 -8.51
CA ASN D 612 1.25 -41.97 -7.28
C ASN D 612 2.61 -41.32 -7.10
N GLY D 613 2.67 -40.01 -7.37
CA GLY D 613 3.88 -39.25 -7.24
C GLY D 613 4.82 -39.30 -8.42
N LYS D 614 4.67 -40.27 -9.32
CA LYS D 614 5.59 -40.44 -10.43
C LYS D 614 5.08 -39.64 -11.64
N GLU D 615 5.98 -38.90 -12.27
CA GLU D 615 5.57 -38.16 -13.45
C GLU D 615 5.13 -39.12 -14.56
N VAL D 616 4.07 -38.75 -15.25
CA VAL D 616 3.44 -39.60 -16.26
C VAL D 616 3.40 -38.86 -17.60
N GLY D 617 3.39 -37.53 -17.58
CA GLY D 617 3.40 -36.78 -18.83
C GLY D 617 3.31 -35.29 -18.60
N THR D 618 3.76 -34.54 -19.60
CA THR D 618 3.58 -33.09 -19.68
C THR D 618 3.17 -32.75 -21.10
N GLN D 619 2.05 -32.02 -21.23
CA GLN D 619 1.51 -31.62 -22.52
C GLN D 619 1.23 -30.13 -22.53
N THR D 620 1.40 -29.54 -23.69
CA THR D 620 0.91 -28.20 -23.93
C THR D 620 -0.20 -28.34 -24.97
N ALA D 621 -1.40 -27.88 -24.62
CA ALA D 621 -2.53 -27.98 -25.54
C ALA D 621 -3.50 -26.85 -25.23
N HIS D 622 -4.45 -26.66 -26.14
CA HIS D 622 -5.50 -25.67 -25.94
C HIS D 622 -6.70 -26.34 -25.25
N ARG D 623 -6.78 -26.18 -23.91
CA ARG D 623 -7.97 -26.47 -23.08
C ARG D 623 -8.15 -27.95 -22.72
N VAL D 624 -8.09 -28.86 -23.70
CA VAL D 624 -8.28 -30.29 -23.46
C VAL D 624 -6.92 -31.00 -23.49
N PHE D 625 -6.69 -31.89 -22.52
CA PHE D 625 -5.42 -32.60 -22.36
C PHE D 625 -5.70 -34.08 -22.17
N LYS D 626 -5.13 -34.94 -23.02
CA LYS D 626 -5.40 -36.37 -22.95
C LYS D 626 -4.11 -37.11 -22.62
N PHE D 627 -4.10 -37.85 -21.51
CA PHE D 627 -2.93 -38.62 -21.12
C PHE D 627 -3.24 -40.11 -21.12
N ASP D 628 -2.21 -40.93 -21.34
CA ASP D 628 -2.39 -42.38 -21.32
C ASP D 628 -1.59 -42.96 -20.16
N VAL D 629 -2.31 -43.42 -19.15
CA VAL D 629 -1.72 -43.75 -17.86
C VAL D 629 -1.87 -45.23 -17.60
N ALA D 630 -0.73 -45.89 -17.37
CA ALA D 630 -0.71 -47.24 -16.83
C ALA D 630 -0.71 -47.10 -15.31
N LEU D 631 -1.85 -47.42 -14.70
CA LEU D 631 -2.01 -47.28 -13.27
C LEU D 631 -1.29 -48.40 -12.53
N ASP D 632 -0.73 -48.09 -11.36
CA ASP D 632 -0.30 -49.12 -10.42
C ASP D 632 -1.50 -49.94 -9.94
N GLU D 633 -1.23 -51.17 -9.50
CA GLU D 633 -2.30 -51.97 -8.88
C GLU D 633 -2.86 -51.26 -7.66
N GLY D 634 -4.15 -51.41 -7.45
CA GLY D 634 -4.77 -50.73 -6.33
C GLY D 634 -5.13 -49.28 -6.61
N PHE D 635 -4.98 -48.44 -5.60
CA PHE D 635 -5.47 -47.07 -5.66
C PHE D 635 -4.39 -46.14 -6.20
N ASN D 636 -4.82 -45.16 -6.99
CA ASN D 636 -3.89 -44.28 -7.67
C ASN D 636 -4.29 -42.84 -7.40
N VAL D 637 -3.31 -42.03 -7.03
CA VAL D 637 -3.51 -40.59 -6.88
C VAL D 637 -3.12 -39.93 -8.20
N LEU D 638 -4.10 -39.39 -8.92
CA LEU D 638 -3.84 -38.60 -10.12
C LEU D 638 -3.86 -37.13 -9.73
N MET D 639 -2.71 -36.47 -9.87
CA MET D 639 -2.59 -35.05 -9.64
C MET D 639 -2.20 -34.34 -10.93
N ALA D 640 -2.98 -33.33 -11.30
CA ALA D 640 -2.72 -32.50 -12.48
C ALA D 640 -2.23 -31.15 -12.00
N VAL D 641 -1.08 -30.72 -12.52
CA VAL D 641 -0.40 -29.50 -12.13
C VAL D 641 -0.36 -28.58 -13.35
N ALA D 642 -1.17 -27.53 -13.33
CA ALA D 642 -1.05 -26.53 -14.39
C ALA D 642 -0.06 -25.46 -13.94
N ASP D 643 -0.35 -24.17 -14.12
CA ASP D 643 0.70 -23.19 -13.87
C ASP D 643 0.68 -22.76 -12.40
N THR D 644 -0.47 -22.29 -11.92
CA THR D 644 -0.66 -21.95 -10.51
C THR D 644 -1.72 -22.79 -9.80
N VAL D 645 -2.34 -23.76 -10.49
CA VAL D 645 -3.44 -24.50 -9.91
C VAL D 645 -3.17 -26.00 -10.04
N LYS D 646 -3.79 -26.77 -9.16
CA LYS D 646 -3.60 -28.21 -9.11
C LYS D 646 -4.94 -28.89 -8.91
N ASP D 647 -5.06 -30.11 -9.43
CA ASP D 647 -6.24 -30.92 -9.14
C ASP D 647 -5.79 -32.34 -8.76
N SER D 648 -6.60 -33.00 -7.94
CA SER D 648 -6.28 -34.33 -7.46
C SER D 648 -7.53 -35.18 -7.32
N ILE D 649 -7.47 -36.40 -7.85
CA ILE D 649 -8.53 -37.40 -7.66
C ILE D 649 -7.85 -38.74 -7.42
N THR D 650 -8.66 -39.72 -7.00
CA THR D 650 -8.15 -41.07 -6.75
C THR D 650 -8.89 -42.05 -7.63
N LEU D 651 -8.15 -42.85 -8.37
CA LEU D 651 -8.70 -43.90 -9.21
C LEU D 651 -8.27 -45.26 -8.69
N GLU D 652 -9.05 -46.28 -9.03
CA GLU D 652 -8.74 -47.65 -8.68
C GLU D 652 -8.52 -48.47 -9.94
N LYS D 653 -7.39 -49.17 -10.01
CA LYS D 653 -7.18 -50.15 -11.07
C LYS D 653 -7.87 -51.45 -10.69
N VAL D 654 -8.81 -51.86 -11.53
CA VAL D 654 -9.56 -53.10 -11.36
C VAL D 654 -9.37 -53.96 -12.60
N GLU D 655 -9.73 -55.23 -12.50
CA GLU D 655 -9.60 -56.09 -13.66
C GLU D 655 -10.85 -56.07 -14.53
N THR D 656 -12.02 -55.91 -13.94
CA THR D 656 -13.26 -55.79 -14.68
C THR D 656 -14.04 -54.61 -14.12
N GLU D 657 -14.53 -53.74 -15.01
CA GLU D 657 -15.26 -52.57 -14.55
C GLU D 657 -16.65 -52.98 -14.07
N PRO D 658 -17.18 -52.34 -13.02
CA PRO D 658 -18.45 -52.79 -12.43
C PRO D 658 -19.58 -52.74 -13.45
N ALA D 659 -20.52 -53.68 -13.33
CA ALA D 659 -21.66 -53.71 -14.22
C ALA D 659 -22.47 -52.43 -14.12
N CYS D 660 -22.45 -51.78 -12.95
CA CYS D 660 -23.26 -50.58 -12.75
C CYS D 660 -22.82 -49.40 -13.62
N TYR D 661 -21.69 -49.50 -14.34
CA TYR D 661 -21.27 -48.43 -15.23
C TYR D 661 -21.96 -48.44 -16.58
N THR D 662 -22.69 -49.51 -16.93
CA THR D 662 -23.29 -49.64 -18.27
C THR D 662 -24.80 -49.79 -18.19
N LEU D 663 -25.50 -49.02 -19.02
CA LEU D 663 -26.94 -49.17 -19.23
C LEU D 663 -27.26 -50.64 -19.47
N PRO D 664 -28.21 -51.22 -18.70
CA PRO D 664 -28.62 -52.63 -18.78
C PRO D 664 -29.18 -53.05 -20.14
N ASN E 22 -29.67 -30.50 3.49
CA ASN E 22 -28.51 -31.09 2.81
C ASN E 22 -28.94 -32.21 1.89
N ALA E 23 -29.10 -31.92 0.59
CA ALA E 23 -29.69 -32.90 -0.34
C ALA E 23 -31.06 -33.24 0.24
N MET E 24 -31.48 -34.51 0.29
CA MET E 24 -32.82 -34.77 0.81
C MET E 24 -32.85 -34.97 2.33
N ARG E 25 -31.74 -34.80 3.03
CA ARG E 25 -31.76 -34.81 4.48
C ARG E 25 -32.28 -33.47 5.02
N GLU E 26 -33.34 -33.55 5.84
CA GLU E 26 -33.91 -32.41 6.56
C GLU E 26 -33.69 -32.61 8.06
N ILE E 27 -33.06 -31.62 8.70
CA ILE E 27 -32.91 -31.58 10.15
C ILE E 27 -33.79 -30.48 10.69
N ILE E 28 -34.72 -30.84 11.58
CA ILE E 28 -35.69 -29.92 12.17
C ILE E 28 -35.38 -29.79 13.65
N SER E 29 -35.22 -28.56 14.12
CA SER E 29 -35.07 -28.32 15.54
C SER E 29 -36.39 -28.54 16.26
N LEU E 30 -36.36 -29.27 17.35
CA LEU E 30 -37.54 -29.52 18.17
C LEU E 30 -37.34 -28.97 19.57
N ASN E 31 -36.77 -27.77 19.65
CA ASN E 31 -36.43 -27.17 20.94
C ASN E 31 -37.60 -26.45 21.57
N GLU E 32 -38.67 -26.16 20.84
CA GLU E 32 -39.76 -25.35 21.35
C GLU E 32 -40.97 -26.18 21.76
N GLY E 33 -41.81 -25.57 22.61
CA GLY E 33 -43.16 -26.06 22.83
C GLY E 33 -43.32 -27.28 23.70
N TRP E 34 -42.44 -27.46 24.67
CA TRP E 34 -42.42 -28.64 25.52
C TRP E 34 -43.17 -28.40 26.82
N THR E 35 -43.63 -29.49 27.41
CA THR E 35 -44.17 -29.50 28.77
C THR E 35 -43.29 -30.41 29.61
N LEU E 36 -42.92 -29.95 30.80
CA LEU E 36 -42.09 -30.71 31.72
C LEU E 36 -42.93 -31.06 32.95
N ARG E 37 -43.07 -32.36 33.22
CA ARG E 37 -43.82 -32.85 34.36
C ARG E 37 -42.88 -33.62 35.29
N PHE E 38 -43.23 -33.64 36.58
CA PHE E 38 -42.48 -34.42 37.55
C PHE E 38 -43.39 -35.48 38.15
N PRO E 39 -43.24 -36.75 37.75
CA PRO E 39 -44.18 -37.77 38.24
C PRO E 39 -44.26 -37.87 39.75
N LYS E 40 -43.15 -37.67 40.47
CA LYS E 40 -43.15 -37.72 41.93
C LYS E 40 -43.60 -36.41 42.58
N GLY E 41 -44.02 -35.43 41.78
CA GLY E 41 -44.71 -34.27 42.33
C GLY E 41 -43.86 -33.24 43.02
N GLU E 42 -42.56 -33.14 42.69
CA GLU E 42 -41.72 -32.15 43.34
C GLU E 42 -41.96 -30.73 42.85
N ARG E 43 -42.48 -30.57 41.62
CA ARG E 43 -42.73 -29.25 41.07
C ARG E 43 -43.97 -29.30 40.19
N ALA E 44 -44.67 -28.17 40.13
CA ALA E 44 -45.80 -28.01 39.23
C ALA E 44 -45.35 -28.17 37.78
N ALA E 45 -46.28 -28.59 36.92
CA ALA E 45 -45.98 -28.74 35.51
C ALA E 45 -45.65 -27.40 34.88
N GLU E 46 -44.69 -27.41 33.94
CA GLU E 46 -44.21 -26.18 33.34
C GLU E 46 -43.97 -26.37 31.86
N THR E 47 -44.32 -25.34 31.08
CA THR E 47 -43.91 -25.26 29.69
C THR E 47 -42.50 -24.68 29.61
N VAL E 48 -41.64 -25.33 28.81
CA VAL E 48 -40.22 -24.97 28.74
C VAL E 48 -39.75 -24.99 27.28
N THR E 49 -38.64 -24.30 27.06
CA THR E 49 -37.95 -24.31 25.77
C THR E 49 -36.56 -24.90 25.98
N LEU E 50 -36.18 -25.81 25.09
CA LEU E 50 -34.82 -26.33 25.16
C LEU E 50 -33.84 -25.35 24.49
N PRO E 51 -32.56 -25.38 24.87
CA PRO E 51 -31.94 -26.22 25.91
C PRO E 51 -32.48 -25.90 27.30
N HIS E 52 -32.63 -26.94 28.12
CA HIS E 52 -33.25 -26.74 29.41
C HIS E 52 -32.71 -27.74 30.40
N THR E 53 -32.52 -27.27 31.64
CA THR E 53 -32.21 -28.12 32.78
C THR E 53 -33.05 -27.64 33.95
N TRP E 54 -33.55 -28.57 34.75
CA TRP E 54 -34.33 -28.16 35.91
C TRP E 54 -33.45 -27.79 37.10
N ASN E 55 -32.13 -27.94 37.00
CA ASN E 55 -31.22 -27.58 38.06
C ASN E 55 -30.52 -26.25 37.80
N ALA E 56 -31.07 -25.42 36.92
CA ALA E 56 -30.37 -24.21 36.52
C ALA E 56 -30.16 -23.25 37.70
N VAL E 57 -31.05 -23.25 38.69
CA VAL E 57 -30.85 -22.37 39.84
C VAL E 57 -30.41 -23.16 41.08
N ASP E 58 -31.19 -24.16 41.48
CA ASP E 58 -30.84 -24.90 42.69
C ASP E 58 -29.52 -25.65 42.54
N GLY E 59 -29.04 -25.87 41.32
CA GLY E 59 -27.74 -26.46 41.11
C GLY E 59 -26.54 -25.57 41.40
N MET E 60 -26.73 -24.28 41.76
CA MET E 60 -25.58 -23.42 41.99
C MET E 60 -25.89 -22.19 42.85
N ASP E 61 -27.05 -22.19 43.51
CA ASP E 61 -27.45 -21.11 44.41
C ASP E 61 -27.17 -21.38 45.87
N GLY E 62 -26.52 -22.51 46.20
CA GLY E 62 -26.10 -22.75 47.57
C GLY E 62 -27.23 -22.95 48.56
N ASN E 63 -28.38 -23.47 48.12
CA ASN E 63 -29.47 -23.81 49.02
C ASN E 63 -29.17 -25.04 49.86
N GLY E 64 -28.16 -25.84 49.53
CA GLY E 64 -27.89 -27.04 50.28
C GLY E 64 -27.90 -28.29 49.43
N SER E 65 -28.90 -28.46 48.56
CA SER E 65 -28.92 -29.63 47.69
C SER E 65 -29.46 -29.22 46.33
N TYR E 66 -29.66 -30.21 45.46
CA TYR E 66 -30.32 -29.97 44.17
C TYR E 66 -31.15 -31.19 43.80
N LEU E 67 -32.24 -30.93 43.06
CA LEU E 67 -33.27 -31.92 42.79
C LEU E 67 -32.78 -32.96 41.80
N ARG E 68 -32.61 -34.19 42.26
CA ARG E 68 -32.28 -35.34 41.43
C ARG E 68 -33.49 -36.25 41.33
N THR E 69 -34.13 -36.29 40.17
CA THR E 69 -35.37 -37.04 40.05
C THR E 69 -35.61 -37.37 38.57
N THR E 70 -36.86 -37.68 38.25
CA THR E 70 -37.29 -37.93 36.88
C THR E 70 -38.15 -36.77 36.42
N GLY E 71 -37.74 -36.14 35.33
CA GLY E 71 -38.59 -35.20 34.58
C GLY E 71 -39.06 -35.85 33.30
N VAL E 72 -40.30 -35.59 32.93
CA VAL E 72 -40.83 -36.03 31.65
C VAL E 72 -41.05 -34.80 30.78
N TYR E 73 -40.35 -34.76 29.65
CA TYR E 73 -40.57 -33.76 28.63
C TYR E 73 -41.56 -34.31 27.61
N SER E 74 -42.50 -33.46 27.18
CA SER E 74 -43.58 -33.85 26.29
C SER E 74 -43.78 -32.78 25.24
N ARG E 75 -43.88 -33.18 23.97
CA ARG E 75 -44.37 -32.24 22.98
C ARG E 75 -44.99 -32.96 21.79
N THR E 76 -45.57 -32.15 20.91
CA THR E 76 -46.19 -32.59 19.67
C THR E 76 -45.33 -32.17 18.47
N PHE E 77 -45.27 -33.03 17.47
CA PHE E 77 -44.58 -32.72 16.23
C PHE E 77 -45.34 -33.33 15.05
N LYS E 78 -45.12 -32.75 13.87
CA LYS E 78 -45.69 -33.27 12.64
C LYS E 78 -44.69 -34.19 11.97
N LYS E 79 -45.20 -35.29 11.43
CA LYS E 79 -44.35 -36.28 10.77
C LYS E 79 -43.78 -35.68 9.49
N PRO E 80 -42.45 -35.57 9.36
CA PRO E 80 -41.89 -35.01 8.13
C PRO E 80 -42.16 -35.91 6.93
N VAL E 81 -42.11 -35.31 5.75
CA VAL E 81 -42.48 -35.94 4.48
C VAL E 81 -41.31 -35.85 3.51
N GLN E 82 -40.87 -37.00 3.01
CA GLN E 82 -39.92 -37.13 1.91
C GLN E 82 -40.67 -37.12 0.57
N PRO E 83 -40.10 -36.53 -0.47
CA PRO E 83 -40.77 -36.54 -1.78
C PRO E 83 -40.80 -37.93 -2.43
N LEU E 84 -39.89 -38.83 -2.10
CA LEU E 84 -39.87 -40.18 -2.64
C LEU E 84 -40.27 -41.19 -1.58
N THR E 85 -40.81 -42.31 -2.03
CA THR E 85 -41.31 -43.34 -1.13
C THR E 85 -40.14 -43.95 -0.33
N GLY E 86 -40.43 -44.33 0.91
CA GLY E 86 -39.44 -44.96 1.76
C GLY E 86 -38.78 -44.06 2.78
N GLY E 87 -39.29 -42.84 2.99
CA GLY E 87 -38.64 -41.93 3.92
C GLY E 87 -38.58 -42.47 5.33
N ARG E 88 -37.56 -42.05 6.05
CA ARG E 88 -37.35 -42.48 7.42
C ARG E 88 -37.29 -41.29 8.35
N VAL E 89 -37.73 -41.49 9.59
CA VAL E 89 -37.83 -40.43 10.59
C VAL E 89 -37.02 -40.87 11.80
N TYR E 90 -36.02 -40.06 12.17
CA TYR E 90 -35.19 -40.29 13.34
C TYR E 90 -35.39 -39.16 14.33
N VAL E 91 -35.24 -39.48 15.62
CA VAL E 91 -35.19 -38.47 16.67
C VAL E 91 -33.77 -38.44 17.22
N GLU E 92 -33.21 -37.25 17.39
CA GLU E 92 -31.82 -37.05 17.80
C GLU E 92 -31.82 -36.22 19.07
N VAL E 93 -31.37 -36.83 20.17
CA VAL E 93 -31.22 -36.13 21.45
C VAL E 93 -29.76 -35.77 21.60
N LEU E 94 -29.44 -34.47 21.63
CA LEU E 94 -28.03 -34.10 21.67
C LEU E 94 -27.40 -34.45 23.03
N ALA E 95 -28.19 -34.45 24.10
CA ALA E 95 -27.76 -35.00 25.39
C ALA E 95 -28.99 -35.12 26.31
N ALA E 96 -28.92 -36.05 27.26
CA ALA E 96 -29.97 -36.18 28.28
C ALA E 96 -29.28 -36.61 29.56
N ALA E 97 -29.15 -35.71 30.53
CA ALA E 97 -28.47 -36.04 31.78
C ALA E 97 -29.48 -36.51 32.82
N LEU E 98 -29.31 -37.73 33.35
CA LEU E 98 -28.20 -38.63 33.03
C LEU E 98 -28.66 -39.89 32.27
N ASP E 99 -29.97 -40.09 32.26
CA ASP E 99 -30.58 -41.35 31.85
C ASP E 99 -31.94 -41.04 31.24
N ALA E 100 -32.20 -41.58 30.04
CA ALA E 100 -33.39 -41.17 29.31
C ALA E 100 -34.09 -42.35 28.65
N THR E 101 -35.40 -42.19 28.47
CA THR E 101 -36.23 -43.10 27.70
C THR E 101 -37.06 -42.27 26.74
N VAL E 102 -37.03 -42.63 25.45
CA VAL E 102 -37.78 -41.92 24.44
C VAL E 102 -38.99 -42.75 24.05
N LYS E 103 -40.16 -42.14 24.12
CA LYS E 103 -41.40 -42.71 23.62
C LYS E 103 -41.95 -41.81 22.52
N VAL E 104 -42.45 -42.43 21.46
CA VAL E 104 -43.24 -41.74 20.45
C VAL E 104 -44.62 -42.38 20.48
N ASN E 105 -45.67 -41.55 20.55
CA ASN E 105 -47.06 -41.98 20.64
C ASN E 105 -47.26 -43.14 21.61
N GLY E 106 -46.65 -43.06 22.79
CA GLY E 106 -46.81 -44.04 23.84
C GLY E 106 -45.83 -45.21 23.79
N THR E 107 -45.12 -45.39 22.69
CA THR E 107 -44.29 -46.57 22.50
C THR E 107 -42.81 -46.24 22.66
N VAL E 108 -42.11 -47.02 23.50
CA VAL E 108 -40.68 -46.83 23.72
C VAL E 108 -39.94 -46.96 22.40
N ALA E 109 -39.17 -45.93 22.06
CA ALA E 109 -38.33 -45.93 20.88
C ALA E 109 -36.88 -46.29 21.19
N THR E 110 -36.35 -45.83 22.30
CA THR E 110 -34.97 -46.14 22.70
C THR E 110 -34.79 -45.74 24.15
N THR E 111 -33.70 -46.23 24.75
CA THR E 111 -33.24 -45.79 26.06
C THR E 111 -31.75 -45.48 25.99
N HIS E 112 -31.30 -44.51 26.79
CA HIS E 112 -29.90 -44.11 26.77
C HIS E 112 -29.39 -43.88 28.18
N GLU E 113 -28.15 -44.31 28.42
CA GLU E 113 -27.42 -44.03 29.65
C GLU E 113 -26.18 -43.19 29.32
N GLY E 114 -25.79 -42.31 30.24
CA GLY E 114 -24.70 -41.38 29.96
C GLY E 114 -25.22 -40.00 29.58
N GLY E 115 -24.80 -38.99 30.32
CA GLY E 115 -25.46 -37.70 30.25
C GLY E 115 -24.85 -36.66 29.32
N PHE E 116 -23.90 -37.04 28.46
CA PHE E 116 -23.13 -36.01 27.75
C PHE E 116 -22.92 -36.33 26.28
N SER E 117 -23.63 -37.30 25.72
CA SER E 117 -23.36 -37.72 24.37
C SER E 117 -24.69 -37.84 23.60
N ILE E 118 -24.58 -37.78 22.28
CA ILE E 118 -25.74 -37.85 21.41
C ILE E 118 -26.25 -39.28 21.33
N PHE E 119 -27.57 -39.45 21.18
CA PHE E 119 -28.17 -40.75 20.87
C PHE E 119 -29.41 -40.54 20.01
N ARG E 120 -29.66 -41.50 19.11
CA ARG E 120 -30.73 -41.39 18.14
C ARG E 120 -31.61 -42.63 18.18
N ALA E 121 -32.82 -42.47 17.66
CA ALA E 121 -33.77 -43.57 17.53
C ALA E 121 -34.50 -43.41 16.20
N ASP E 122 -34.54 -44.49 15.42
CA ASP E 122 -35.37 -44.55 14.22
C ASP E 122 -36.81 -44.70 14.67
N ILE E 123 -37.62 -43.67 14.48
CA ILE E 123 -38.99 -43.74 14.95
C ILE E 123 -39.98 -43.87 13.79
N THR E 124 -39.47 -44.25 12.61
CA THR E 124 -40.28 -44.25 11.39
C THR E 124 -41.63 -44.92 11.60
N ASP E 125 -41.61 -46.15 12.14
CA ASP E 125 -42.80 -46.99 12.29
C ASP E 125 -43.69 -46.60 13.45
N LEU E 126 -43.24 -45.75 14.36
CA LEU E 126 -44.10 -45.25 15.43
C LEU E 126 -44.89 -44.01 15.04
N CYS E 127 -44.67 -43.45 13.85
CA CYS E 127 -45.29 -42.20 13.45
C CYS E 127 -46.53 -42.42 12.60
N ARG E 128 -47.59 -41.68 12.90
CA ARG E 128 -48.74 -41.54 12.03
C ARG E 128 -48.65 -40.20 11.30
N ASP E 129 -49.46 -40.05 10.26
CA ASP E 129 -49.49 -38.78 9.54
C ASP E 129 -50.02 -37.68 10.46
N GLY E 130 -49.44 -36.49 10.31
CA GLY E 130 -49.89 -35.34 11.08
C GLY E 130 -49.27 -35.26 12.45
N ASP E 131 -50.08 -34.85 13.44
CA ASP E 131 -49.58 -34.68 14.79
C ASP E 131 -49.16 -36.02 15.39
N ASN E 132 -47.99 -36.03 16.03
CA ASN E 132 -47.48 -37.14 16.82
C ASN E 132 -47.03 -36.60 18.18
N GLU E 133 -46.79 -37.51 19.10
CA GLU E 133 -46.47 -37.17 20.49
C GLU E 133 -45.09 -37.70 20.85
N LEU E 134 -44.19 -36.82 21.23
CA LEU E 134 -42.84 -37.19 21.63
C LEU E 134 -42.72 -37.00 23.13
N THR E 135 -42.23 -38.04 23.82
CA THR E 135 -42.10 -38.05 25.27
C THR E 135 -40.72 -38.57 25.61
N ILE E 136 -39.99 -37.83 26.46
CA ILE E 136 -38.61 -38.17 26.82
C ILE E 136 -38.51 -38.10 28.35
N GLU E 137 -38.46 -39.26 28.99
CA GLU E 137 -38.28 -39.32 30.43
C GLU E 137 -36.81 -39.22 30.74
N VAL E 138 -36.43 -38.30 31.62
CA VAL E 138 -35.03 -38.05 31.94
C VAL E 138 -34.87 -38.11 33.46
N SER E 139 -33.86 -38.86 33.90
CA SER E 139 -33.52 -38.95 35.32
C SER E 139 -32.05 -38.60 35.50
N ASN E 140 -31.75 -37.77 36.50
CA ASN E 140 -30.37 -37.53 36.89
C ASN E 140 -30.05 -38.11 38.26
N GLU E 141 -30.82 -39.10 38.71
CA GLU E 141 -30.52 -39.85 39.92
C GLU E 141 -29.43 -40.89 39.68
N ASP E 142 -28.80 -41.32 40.75
CA ASP E 142 -27.75 -42.33 40.67
C ASP E 142 -28.36 -43.72 40.40
N THR E 143 -27.60 -44.57 39.74
CA THR E 143 -27.96 -45.95 39.44
C THR E 143 -26.71 -46.79 39.68
N PRO E 144 -26.85 -48.11 39.81
CA PRO E 144 -25.66 -48.94 40.05
C PRO E 144 -24.58 -48.81 38.99
N SER E 145 -24.93 -48.48 37.74
CA SER E 145 -23.93 -48.44 36.69
C SER E 145 -23.50 -47.01 36.31
N MET E 146 -24.07 -45.99 36.93
CA MET E 146 -24.00 -44.62 36.43
C MET E 146 -22.68 -43.94 36.79
N TYR E 147 -22.03 -43.34 35.78
CA TYR E 147 -21.03 -42.30 35.98
C TYR E 147 -21.48 -41.00 35.32
N PRO E 148 -21.20 -39.84 35.92
CA PRO E 148 -20.51 -39.64 37.19
C PRO E 148 -21.40 -39.97 38.38
N ALA E 149 -20.81 -40.24 39.54
CA ALA E 149 -21.58 -40.52 40.75
C ALA E 149 -21.01 -39.81 41.97
N SER E 150 -19.69 -39.70 42.05
CA SER E 150 -19.04 -38.97 43.13
C SER E 150 -18.12 -37.94 42.48
N ALA E 151 -18.42 -36.66 42.66
CA ALA E 151 -17.69 -35.61 41.95
C ALA E 151 -18.05 -34.25 42.51
N ASP E 152 -17.15 -33.30 42.27
CA ASP E 152 -17.32 -31.92 42.74
C ASP E 152 -17.85 -31.03 41.61
N PHE E 153 -19.03 -31.38 41.09
CA PHE E 153 -19.74 -30.50 40.17
C PHE E 153 -21.15 -31.01 40.05
N THR E 154 -22.07 -30.11 39.75
CA THR E 154 -23.48 -30.46 39.85
C THR E 154 -23.88 -31.30 38.64
N PHE E 155 -24.56 -32.42 38.89
CA PHE E 155 -25.05 -33.25 37.79
C PHE E 155 -26.42 -32.71 37.35
N TYR E 156 -26.39 -31.55 36.68
CA TYR E 156 -27.59 -30.90 36.14
C TYR E 156 -28.40 -31.85 35.28
N GLY E 157 -29.69 -31.97 35.57
CA GLY E 157 -30.55 -32.91 34.88
C GLY E 157 -31.39 -32.27 33.77
N GLY E 158 -31.72 -33.08 32.77
CA GLY E 158 -32.60 -32.62 31.73
C GLY E 158 -32.04 -32.65 30.32
N LEU E 159 -32.65 -31.87 29.44
CA LEU E 159 -32.32 -31.86 28.03
C LEU E 159 -31.53 -30.60 27.70
N TYR E 160 -30.30 -30.54 28.21
CA TYR E 160 -29.61 -29.26 28.27
C TYR E 160 -28.91 -28.89 26.98
N ARG E 161 -28.99 -29.72 25.93
CA ARG E 161 -28.47 -29.36 24.62
C ARG E 161 -29.52 -29.28 23.50
N GLY E 162 -30.66 -29.95 23.62
CA GLY E 162 -31.73 -29.84 22.66
C GLY E 162 -32.03 -31.16 21.98
N VAL E 163 -33.04 -31.13 21.12
CA VAL E 163 -33.53 -32.31 20.42
C VAL E 163 -33.78 -31.95 18.95
N ASN E 164 -33.46 -32.87 18.04
CA ASN E 164 -33.67 -32.66 16.62
C ASN E 164 -34.47 -33.81 16.04
N LEU E 165 -35.19 -33.50 14.96
CA LEU E 165 -35.91 -34.46 14.17
C LEU E 165 -35.19 -34.54 12.84
N ILE E 166 -34.93 -35.74 12.35
CA ILE E 166 -34.15 -35.92 11.13
C ILE E 166 -34.97 -36.71 10.13
N SER E 167 -35.06 -36.18 8.91
CA SER E 167 -35.83 -36.76 7.83
C SER E 167 -34.83 -37.14 6.74
N VAL E 168 -34.81 -38.42 6.36
CA VAL E 168 -33.89 -38.89 5.31
C VAL E 168 -34.64 -39.84 4.37
N PRO E 169 -34.06 -40.09 3.18
CA PRO E 169 -34.54 -41.21 2.36
C PRO E 169 -34.18 -42.56 2.95
N ASN E 170 -34.67 -43.62 2.30
CA ASN E 170 -34.40 -44.98 2.76
C ASN E 170 -32.92 -45.29 2.73
N ALA E 171 -32.23 -44.90 1.66
CA ALA E 171 -30.77 -44.97 1.60
C ALA E 171 -30.22 -43.63 2.04
N HIS E 172 -29.31 -43.66 3.02
CA HIS E 172 -28.85 -42.45 3.71
C HIS E 172 -27.60 -42.81 4.50
N PHE E 173 -26.78 -41.80 4.80
CA PHE E 173 -25.62 -42.04 5.65
C PHE E 173 -26.04 -42.43 7.07
N ASP E 174 -25.26 -43.33 7.66
CA ASP E 174 -25.65 -44.01 8.89
C ASP E 174 -26.00 -43.03 10.01
N LEU E 175 -27.17 -43.27 10.63
CA LEU E 175 -27.68 -42.49 11.72
C LEU E 175 -27.78 -43.29 13.01
N ASP E 176 -27.39 -44.57 12.99
CA ASP E 176 -27.69 -45.53 14.04
C ASP E 176 -26.47 -46.01 14.82
N TYR E 177 -25.28 -45.54 14.50
CA TYR E 177 -24.08 -46.07 15.12
C TYR E 177 -23.53 -45.08 16.14
N TYR E 178 -23.88 -45.28 17.41
CA TYR E 178 -23.32 -44.52 18.54
C TYR E 178 -23.42 -43.02 18.33
N GLY E 179 -24.52 -42.56 17.74
CA GLY E 179 -24.75 -41.14 17.52
C GLY E 179 -23.66 -40.44 16.74
N GLY E 180 -22.90 -41.19 15.93
CA GLY E 180 -21.81 -40.66 15.14
C GLY E 180 -22.29 -39.93 13.92
N PRO E 181 -21.35 -39.28 13.23
CA PRO E 181 -21.74 -38.42 12.12
C PRO E 181 -21.89 -39.16 10.80
N GLY E 182 -21.49 -40.43 10.73
CA GLY E 182 -21.63 -41.21 9.52
C GLY E 182 -20.42 -41.21 8.63
N ILE E 183 -19.36 -40.50 9.03
CA ILE E 183 -18.13 -40.37 8.26
C ILE E 183 -16.99 -40.19 9.24
N MET E 184 -15.84 -40.76 8.89
CA MET E 184 -14.61 -40.58 9.65
C MET E 184 -13.51 -40.15 8.69
N VAL E 185 -12.70 -39.19 9.11
CA VAL E 185 -11.68 -38.60 8.27
C VAL E 185 -10.37 -38.57 9.05
N THR E 186 -9.33 -39.13 8.47
CA THR E 186 -8.01 -39.16 9.10
C THR E 186 -7.06 -38.37 8.21
N PRO E 187 -6.80 -37.11 8.52
CA PRO E 187 -5.86 -36.31 7.71
C PRO E 187 -4.42 -36.45 8.18
N LYS E 188 -3.47 -36.73 7.30
CA LYS E 188 -2.06 -36.81 7.72
C LYS E 188 -1.18 -36.00 6.76
N PRO E 189 -0.28 -35.16 7.29
CA PRO E 189 0.70 -34.50 6.42
C PRO E 189 1.59 -35.50 5.72
N THR E 190 2.05 -35.14 4.53
CA THR E 190 2.98 -35.98 3.78
C THR E 190 4.32 -35.27 3.70
N ALA E 191 5.34 -36.04 3.32
CA ALA E 191 6.70 -35.51 3.33
C ALA E 191 6.92 -34.46 2.25
N ASP E 192 6.14 -34.49 1.17
CA ASP E 192 6.29 -33.55 0.07
C ASP E 192 5.44 -32.30 0.24
N GLY E 193 4.83 -32.11 1.40
CA GLY E 193 4.07 -30.90 1.63
C GLY E 193 2.58 -31.02 1.38
N GLY E 194 2.11 -32.20 0.98
CA GLY E 194 0.69 -32.41 0.79
C GLY E 194 0.06 -32.99 2.04
N ALA E 195 -1.17 -33.46 1.88
CA ALA E 195 -1.82 -34.19 2.95
C ALA E 195 -2.59 -35.33 2.33
N THR E 196 -2.67 -36.43 3.07
CA THR E 196 -3.60 -37.50 2.76
C THR E 196 -4.79 -37.41 3.70
N PHE E 197 -5.97 -37.65 3.15
CA PHE E 197 -7.22 -37.74 3.92
C PHE E 197 -7.72 -39.15 3.68
N GLU E 198 -7.53 -40.02 4.67
CA GLU E 198 -8.13 -41.35 4.62
C GLU E 198 -9.58 -41.22 5.09
N ILE E 199 -10.52 -41.50 4.21
CA ILE E 199 -11.94 -41.30 4.49
C ILE E 199 -12.68 -42.61 4.41
N LYS E 200 -13.57 -42.84 5.38
CA LYS E 200 -14.58 -43.87 5.26
C LYS E 200 -15.93 -43.31 5.71
N SER E 201 -16.96 -43.53 4.91
CA SER E 201 -18.33 -43.20 5.27
C SER E 201 -19.14 -44.48 5.45
N PHE E 202 -20.34 -44.35 6.00
CA PHE E 202 -21.13 -45.52 6.34
C PHE E 202 -22.55 -45.30 5.84
N VAL E 203 -23.01 -46.22 4.98
CA VAL E 203 -24.27 -46.07 4.27
C VAL E 203 -25.25 -47.14 4.72
N THR E 204 -26.41 -46.68 5.20
CA THR E 204 -27.54 -47.53 5.50
C THR E 204 -28.34 -47.84 4.23
N ASN E 205 -28.56 -49.13 3.97
CA ASN E 205 -29.17 -49.63 2.75
C ASN E 205 -28.37 -49.20 1.52
N PRO E 206 -27.08 -49.54 1.44
CA PRO E 206 -26.35 -49.31 0.19
C PRO E 206 -26.97 -50.14 -0.93
N ASP E 207 -26.53 -49.83 -2.14
CA ASP E 207 -27.07 -50.46 -3.34
C ASP E 207 -26.14 -50.07 -4.48
N ASP E 208 -26.12 -50.89 -5.55
CA ASP E 208 -25.14 -50.66 -6.61
C ASP E 208 -25.48 -49.43 -7.44
N SER E 209 -26.73 -48.96 -7.42
CA SER E 209 -27.06 -47.71 -8.09
C SER E 209 -26.67 -46.47 -7.27
N PHE E 210 -26.27 -46.64 -6.00
CA PHE E 210 -25.79 -45.52 -5.21
C PHE E 210 -24.26 -45.49 -5.19
N THR E 211 -23.71 -44.29 -5.32
CA THR E 211 -22.29 -44.05 -5.10
C THR E 211 -22.12 -43.00 -4.01
N VAL E 212 -20.91 -42.95 -3.45
CA VAL E 212 -20.52 -41.88 -2.54
C VAL E 212 -19.52 -41.02 -3.27
N MET E 213 -19.82 -39.72 -3.37
CA MET E 213 -18.99 -38.76 -4.06
C MET E 213 -18.35 -37.86 -3.03
N TYR E 214 -17.03 -37.91 -2.94
CA TYR E 214 -16.31 -37.18 -1.90
C TYR E 214 -15.68 -35.92 -2.46
N SER E 215 -15.63 -34.87 -1.64
CA SER E 215 -15.12 -33.59 -2.07
C SER E 215 -14.38 -32.94 -0.92
N ILE E 216 -13.20 -32.37 -1.19
CA ILE E 216 -12.44 -31.66 -0.18
C ILE E 216 -12.34 -30.20 -0.60
N GLU E 217 -12.85 -29.30 0.26
CA GLU E 217 -12.74 -27.86 0.06
C GLU E 217 -11.66 -27.28 0.97
N ASP E 218 -10.86 -26.37 0.41
CA ASP E 218 -9.79 -25.70 1.14
C ASP E 218 -10.39 -24.66 2.09
N PRO E 219 -9.54 -24.04 2.99
CA PRO E 219 -10.08 -23.04 3.93
C PRO E 219 -10.98 -21.99 3.32
N TYR E 220 -10.87 -21.78 2.00
CA TYR E 220 -11.60 -20.74 1.29
C TYR E 220 -12.82 -21.25 0.54
N GLY E 221 -13.17 -22.54 0.68
CA GLY E 221 -14.35 -23.09 0.04
C GLY E 221 -14.15 -23.65 -1.36
N CYS E 222 -12.95 -23.60 -1.90
CA CYS E 222 -12.64 -24.14 -3.21
C CYS E 222 -12.31 -25.62 -3.14
N GLU E 223 -12.86 -26.37 -4.09
CA GLU E 223 -12.56 -27.79 -4.17
C GLU E 223 -11.12 -27.98 -4.63
N VAL E 224 -10.37 -28.81 -3.89
CA VAL E 224 -8.99 -29.11 -4.22
C VAL E 224 -8.76 -30.57 -4.51
N ALA E 225 -9.71 -31.45 -4.22
CA ALA E 225 -9.53 -32.87 -4.51
C ALA E 225 -10.87 -33.58 -4.36
N SER E 226 -10.96 -34.77 -4.92
CA SER E 226 -12.23 -35.48 -4.92
C SER E 226 -11.98 -36.92 -5.31
N ALA E 227 -12.96 -37.79 -5.03
CA ALA E 227 -12.90 -39.22 -5.32
C ALA E 227 -14.29 -39.80 -5.14
N VAL E 228 -14.55 -40.90 -5.83
CA VAL E 228 -15.87 -41.53 -5.87
C VAL E 228 -15.72 -43.01 -5.54
N ARG E 229 -16.70 -43.56 -4.81
CA ARG E 229 -16.65 -44.93 -4.31
C ARG E 229 -18.02 -45.58 -4.44
N PRO E 230 -18.06 -46.91 -4.53
CA PRO E 230 -19.36 -47.61 -4.43
C PRO E 230 -19.91 -47.49 -3.01
N SER E 231 -21.25 -47.43 -2.91
CA SER E 231 -21.89 -47.18 -1.63
C SER E 231 -21.72 -48.32 -0.64
N ASP E 232 -21.29 -49.49 -1.09
CA ASP E 232 -21.06 -50.61 -0.19
C ASP E 232 -19.58 -50.91 -0.04
N ASN E 233 -18.73 -49.97 -0.46
CA ASN E 233 -17.27 -50.08 -0.36
C ASN E 233 -16.67 -48.68 -0.41
N THR E 234 -16.83 -47.92 0.68
CA THR E 234 -16.67 -46.46 0.65
C THR E 234 -15.28 -45.96 1.08
N ALA E 235 -14.38 -46.81 1.54
CA ALA E 235 -13.10 -46.31 2.01
C ALA E 235 -12.25 -45.82 0.84
N ILE E 236 -11.49 -44.75 1.08
CA ILE E 236 -10.68 -44.14 0.03
C ILE E 236 -9.69 -43.20 0.68
N SER E 237 -8.54 -43.01 0.03
CA SER E 237 -7.56 -42.02 0.48
C SER E 237 -7.41 -40.96 -0.59
N ILE E 238 -7.58 -39.70 -0.20
CA ILE E 238 -7.50 -38.56 -1.11
C ILE E 238 -6.29 -37.70 -0.75
N TYR E 239 -5.57 -37.27 -1.77
CA TYR E 239 -4.36 -36.49 -1.61
C TYR E 239 -4.64 -35.03 -1.98
N VAL E 240 -4.26 -34.11 -1.09
CA VAL E 240 -4.34 -32.67 -1.33
C VAL E 240 -2.92 -32.11 -1.38
N PRO E 241 -2.47 -31.57 -2.50
CA PRO E 241 -1.14 -30.96 -2.54
C PRO E 241 -1.11 -29.64 -1.79
N ASP E 242 0.11 -29.25 -1.39
CA ASP E 242 0.40 -27.96 -0.75
C ASP E 242 -0.55 -27.68 0.42
N ALA E 243 -0.74 -28.69 1.26
CA ALA E 243 -1.72 -28.65 2.33
C ALA E 243 -1.49 -27.47 3.28
N GLU E 244 -2.57 -26.93 3.83
CA GLU E 244 -2.49 -25.92 4.88
C GLU E 244 -2.65 -26.61 6.25
N LEU E 245 -1.58 -26.56 7.05
CA LEU E 245 -1.54 -27.36 8.28
C LEU E 245 -2.30 -26.67 9.40
N TRP E 246 -2.86 -27.49 10.30
CA TRP E 246 -3.64 -27.01 11.44
C TRP E 246 -2.73 -26.87 12.66
N SER E 247 -2.87 -25.74 13.36
CA SER E 247 -2.21 -25.55 14.65
C SER E 247 -2.97 -24.52 15.46
N MET E 248 -2.65 -24.45 16.75
CA MET E 248 -3.35 -23.52 17.64
C MET E 248 -3.20 -22.09 17.14
N ASP E 249 -2.05 -21.74 16.59
CA ASP E 249 -1.83 -20.39 16.09
C ASP E 249 -2.49 -20.17 14.74
N GLU E 250 -2.39 -21.14 13.83
CA GLU E 250 -2.97 -21.06 12.48
C GLU E 250 -3.91 -22.25 12.24
N PRO E 251 -5.15 -22.19 12.73
CA PRO E 251 -6.07 -23.35 12.68
C PRO E 251 -6.82 -23.49 11.37
N ASN E 252 -6.08 -23.76 10.30
CA ASN E 252 -6.69 -23.95 8.98
C ASN E 252 -7.59 -25.19 8.96
N LEU E 253 -8.81 -25.03 8.46
CA LEU E 253 -9.75 -26.13 8.34
C LEU E 253 -10.04 -26.46 6.88
N TYR E 254 -10.15 -27.76 6.60
CA TYR E 254 -10.68 -28.29 5.36
C TYR E 254 -12.08 -28.84 5.61
N THR E 255 -12.92 -28.82 4.58
CA THR E 255 -14.24 -29.42 4.64
C THR E 255 -14.27 -30.64 3.72
N VAL E 256 -14.52 -31.81 4.29
CA VAL E 256 -14.81 -33.01 3.53
C VAL E 256 -16.32 -33.14 3.40
N VAL E 257 -16.80 -33.24 2.16
CA VAL E 257 -18.20 -33.41 1.82
C VAL E 257 -18.38 -34.80 1.22
N ALA E 258 -19.40 -35.52 1.69
CA ALA E 258 -19.80 -36.82 1.18
C ALA E 258 -21.22 -36.72 0.68
N ARG E 259 -21.44 -37.08 -0.58
CA ARG E 259 -22.78 -37.13 -1.15
C ARG E 259 -23.12 -38.56 -1.57
N LEU E 260 -24.32 -39.02 -1.15
CA LEU E 260 -24.91 -40.28 -1.61
C LEU E 260 -25.70 -40.00 -2.89
N GLN E 261 -25.18 -40.49 -4.02
CA GLN E 261 -25.63 -40.09 -5.35
C GLN E 261 -26.32 -41.25 -6.08
N ARG E 262 -27.43 -40.96 -6.73
CA ARG E 262 -28.03 -41.89 -7.68
C ARG E 262 -28.34 -41.17 -8.98
N ASN E 263 -27.90 -41.71 -10.10
CA ASN E 263 -28.06 -41.04 -11.41
C ASN E 263 -27.56 -39.60 -11.24
N ASN E 264 -28.37 -38.57 -11.55
CA ASN E 264 -27.93 -37.19 -11.44
C ASN E 264 -28.59 -36.47 -10.26
N GLU E 265 -28.63 -37.11 -9.10
CA GLU E 265 -29.50 -36.73 -7.99
C GLU E 265 -28.83 -37.16 -6.69
N ALA E 266 -28.64 -36.22 -5.75
CA ALA E 266 -28.11 -36.54 -4.43
C ALA E 266 -29.25 -36.91 -3.48
N PHE E 267 -29.12 -38.04 -2.81
CA PHE E 267 -30.12 -38.52 -1.85
C PHE E 267 -29.78 -38.05 -0.44
N ASP E 268 -28.50 -38.06 -0.07
CA ASP E 268 -28.06 -37.65 1.26
C ASP E 268 -26.72 -36.96 1.14
N GLU E 269 -26.39 -36.18 2.18
CA GLU E 269 -25.19 -35.34 2.17
C GLU E 269 -24.77 -35.03 3.61
N ILE E 270 -23.53 -35.35 3.95
CA ILE E 270 -22.94 -35.02 5.24
C ILE E 270 -21.58 -34.38 4.97
N TYR E 271 -21.02 -33.74 5.99
CA TYR E 271 -19.75 -33.07 5.85
C TYR E 271 -19.03 -33.03 7.20
N ALA E 272 -17.73 -32.72 7.16
CA ALA E 272 -16.89 -32.69 8.34
C ALA E 272 -15.80 -31.62 8.16
N ASN E 273 -15.66 -30.74 9.13
CA ASN E 273 -14.53 -29.82 9.19
C ASN E 273 -13.35 -30.53 9.86
N VAL E 274 -12.18 -30.46 9.23
CA VAL E 274 -11.04 -31.26 9.66
C VAL E 274 -9.78 -30.43 9.50
N GLY E 275 -8.73 -30.83 10.22
CA GLY E 275 -7.46 -30.14 10.14
C GLY E 275 -6.33 -31.14 10.00
N VAL E 276 -5.25 -30.68 9.38
CA VAL E 276 -4.09 -31.51 9.08
C VAL E 276 -2.98 -31.15 10.06
N ARG E 277 -2.59 -32.11 10.89
CA ARG E 277 -1.53 -31.84 11.85
C ARG E 277 -0.94 -33.16 12.33
N SER E 278 0.31 -33.09 12.76
CA SER E 278 0.98 -34.18 13.46
C SER E 278 1.51 -33.64 14.77
N TYR E 279 1.81 -34.54 15.71
CA TYR E 279 2.28 -34.06 17.00
C TYR E 279 2.94 -35.20 17.75
N THR E 280 3.78 -34.81 18.70
CA THR E 280 4.51 -35.75 19.53
C THR E 280 4.62 -35.18 20.94
N VAL E 281 4.69 -36.09 21.90
CA VAL E 281 5.08 -35.77 23.27
C VAL E 281 6.24 -36.68 23.65
N THR E 282 7.35 -36.08 24.07
CA THR E 282 8.46 -36.84 24.60
C THR E 282 8.67 -36.45 26.05
N PRO E 283 9.20 -37.34 26.88
CA PRO E 283 9.36 -36.98 28.30
C PRO E 283 10.34 -35.85 28.55
N ASP E 284 11.38 -35.70 27.74
CA ASP E 284 12.30 -34.59 27.92
C ASP E 284 12.00 -33.39 27.03
N GLY E 285 11.13 -33.57 26.02
CA GLY E 285 10.90 -32.50 25.08
C GLY E 285 9.54 -31.84 25.19
N GLY E 286 8.66 -32.35 26.07
CA GLY E 286 7.30 -31.86 26.07
C GLY E 286 6.62 -32.01 24.72
N PHE E 287 5.72 -31.08 24.42
CA PHE E 287 4.78 -31.19 23.31
C PHE E 287 5.28 -30.50 22.05
N SER E 288 5.01 -31.11 20.90
CA SER E 288 5.31 -30.48 19.61
C SER E 288 4.19 -30.74 18.62
N ILE E 289 3.94 -29.76 17.75
CA ILE E 289 2.95 -29.88 16.70
C ILE E 289 3.60 -29.43 15.39
N ASN E 290 3.40 -30.21 14.34
CA ASN E 290 4.01 -29.98 13.01
C ASN E 290 5.51 -29.70 13.11
N GLY E 291 6.20 -30.44 13.99
CA GLY E 291 7.65 -30.33 14.10
C GLY E 291 8.17 -29.11 14.85
N GLU E 292 7.36 -28.48 15.69
CA GLU E 292 7.83 -27.34 16.47
C GLU E 292 7.43 -27.53 17.92
N ALA E 293 8.44 -27.49 18.81
CA ALA E 293 8.19 -27.48 20.24
C ALA E 293 7.30 -26.31 20.61
N THR E 294 6.22 -26.63 21.33
CA THR E 294 5.15 -25.67 21.61
C THR E 294 4.54 -26.10 22.93
N PRO E 295 5.17 -25.74 24.05
CA PRO E 295 4.63 -26.18 25.34
C PRO E 295 3.16 -25.80 25.46
N LEU E 296 2.35 -26.75 25.92
CA LEU E 296 0.91 -26.51 26.11
C LEU E 296 0.68 -25.86 27.47
N ARG E 297 0.20 -24.60 27.45
CA ARG E 297 -0.11 -23.81 28.64
C ARG E 297 -1.54 -23.32 28.50
N GLY E 298 -2.43 -23.81 29.35
CA GLY E 298 -3.83 -23.50 29.19
C GLY E 298 -4.69 -23.79 30.40
N VAL E 299 -5.97 -24.07 30.17
CA VAL E 299 -6.98 -24.08 31.24
C VAL E 299 -7.96 -25.24 31.05
N SER E 300 -8.74 -25.50 32.09
CA SER E 300 -9.91 -26.36 32.02
C SER E 300 -11.16 -25.52 31.90
N ARG E 301 -12.29 -26.18 31.62
CA ARG E 301 -13.52 -25.46 31.35
C ARG E 301 -14.69 -26.41 31.60
N HIS E 302 -15.49 -26.13 32.63
CA HIS E 302 -16.79 -26.76 32.78
C HIS E 302 -17.82 -26.11 31.85
N GLN E 303 -18.98 -26.73 31.73
CA GLN E 303 -19.93 -26.35 30.69
C GLN E 303 -21.18 -25.67 31.27
N ASP E 304 -21.06 -25.06 32.45
CA ASP E 304 -22.18 -24.33 33.02
C ASP E 304 -21.91 -22.83 33.04
N LYS E 305 -22.87 -22.09 33.59
CA LYS E 305 -22.89 -20.63 33.53
C LYS E 305 -23.99 -20.11 34.44
N LEU E 306 -23.77 -18.93 35.02
CA LEU E 306 -24.59 -18.39 36.11
C LEU E 306 -26.09 -18.48 35.87
N TYR E 307 -26.77 -19.35 36.64
CA TYR E 307 -28.21 -19.59 36.65
C TYR E 307 -28.76 -20.09 35.31
N LYS E 308 -27.90 -20.40 34.35
CA LYS E 308 -28.32 -21.16 33.19
C LYS E 308 -28.19 -22.67 33.39
N GLY E 309 -27.58 -23.12 34.49
CA GLY E 309 -27.23 -24.54 34.58
C GLY E 309 -26.16 -24.85 33.55
N ASN E 310 -26.31 -26.00 32.88
CA ASN E 310 -25.50 -26.31 31.71
C ASN E 310 -26.31 -26.19 30.42
N ALA E 311 -27.45 -25.51 30.45
CA ALA E 311 -28.28 -25.32 29.26
C ALA E 311 -27.76 -24.09 28.53
N LEU E 312 -26.63 -24.27 27.85
CA LEU E 312 -25.90 -23.17 27.22
C LEU E 312 -26.25 -23.08 25.74
N THR E 313 -26.22 -21.86 25.21
CA THR E 313 -26.41 -21.62 23.79
C THR E 313 -25.08 -21.69 23.04
N VAL E 314 -25.17 -21.70 21.71
CA VAL E 314 -23.96 -21.68 20.91
C VAL E 314 -23.17 -20.39 21.17
N GLU E 315 -23.87 -19.28 21.39
CA GLU E 315 -23.19 -18.03 21.71
C GLU E 315 -22.42 -18.16 23.01
N ASP E 316 -23.01 -18.81 24.01
CA ASP E 316 -22.27 -19.05 25.26
C ASP E 316 -20.97 -19.80 24.99
N HIS E 317 -21.01 -20.84 24.15
CA HIS E 317 -19.83 -21.68 23.96
C HIS E 317 -18.72 -20.90 23.26
N TYR E 318 -19.06 -20.18 22.19
CA TYR E 318 -18.05 -19.40 21.49
C TYR E 318 -17.51 -18.27 22.36
N GLN E 319 -18.35 -17.69 23.20
CA GLN E 319 -17.88 -16.63 24.06
C GLN E 319 -16.84 -17.16 25.04
N ASP E 320 -17.09 -18.33 25.63
CA ASP E 320 -16.06 -18.97 26.46
C ASP E 320 -14.76 -19.16 25.69
N ALA E 321 -14.87 -19.65 24.44
CA ALA E 321 -13.70 -19.84 23.60
C ALA E 321 -12.97 -18.53 23.32
N GLN E 322 -13.71 -17.47 23.00
CA GLN E 322 -13.05 -16.20 22.72
C GLN E 322 -12.32 -15.67 23.95
N ILE E 323 -12.95 -15.70 25.13
CA ILE E 323 -12.29 -15.28 26.36
C ILE E 323 -11.01 -16.06 26.58
N ILE E 324 -11.05 -17.38 26.32
CA ILE E 324 -9.86 -18.21 26.56
C ILE E 324 -8.77 -17.88 25.54
N LYS E 325 -9.15 -17.56 24.30
CA LYS E 325 -8.18 -17.14 23.31
C LYS E 325 -7.47 -15.86 23.72
N GLU E 326 -8.22 -14.87 24.26
CA GLU E 326 -7.62 -13.62 24.75
C GLU E 326 -6.65 -13.85 25.89
N LEU E 327 -6.95 -14.81 26.76
CA LEU E 327 -6.01 -15.19 27.81
C LEU E 327 -4.66 -15.57 27.22
N GLY E 328 -4.66 -16.05 25.98
CA GLY E 328 -3.47 -16.59 25.36
C GLY E 328 -3.21 -18.05 25.62
N ALA E 329 -4.19 -18.79 26.13
CA ALA E 329 -4.06 -20.23 26.28
C ALA E 329 -3.99 -20.93 24.92
N ASN E 330 -3.21 -21.99 24.84
CA ASN E 330 -3.16 -22.83 23.65
C ASN E 330 -3.65 -24.25 23.90
N THR E 331 -4.13 -24.56 25.10
CA THR E 331 -4.75 -25.86 25.35
C THR E 331 -5.95 -25.69 26.27
N ILE E 332 -6.94 -26.56 26.09
CA ILE E 332 -8.11 -26.59 26.97
C ILE E 332 -8.37 -28.04 27.34
N ARG E 333 -8.42 -28.31 28.65
CA ARG E 333 -8.86 -29.61 29.14
C ARG E 333 -10.37 -29.52 29.36
N LEU E 334 -11.12 -30.26 28.57
CA LEU E 334 -12.58 -30.25 28.69
C LEU E 334 -12.96 -31.37 29.64
N ALA E 335 -12.76 -31.10 30.93
CA ALA E 335 -13.26 -31.92 32.02
C ALA E 335 -14.76 -31.65 32.21
N HIS E 336 -15.48 -32.61 32.81
CA HIS E 336 -15.03 -33.96 33.15
C HIS E 336 -15.80 -35.00 32.33
N TYR E 337 -16.14 -34.65 31.09
CA TYR E 337 -17.16 -35.36 30.32
C TYR E 337 -17.09 -34.84 28.89
N GLN E 338 -17.95 -35.39 28.05
CA GLN E 338 -18.03 -34.97 26.66
C GLN E 338 -18.75 -33.63 26.60
N HIS E 339 -18.09 -32.62 26.05
CA HIS E 339 -18.70 -31.31 25.90
C HIS E 339 -19.58 -31.25 24.63
N SER E 340 -20.12 -30.04 24.41
CA SER E 340 -20.97 -29.74 23.27
C SER E 340 -20.17 -29.69 21.97
N GLN E 341 -20.81 -30.14 20.88
CA GLN E 341 -20.21 -30.01 19.56
C GLN E 341 -19.89 -28.56 19.22
N ASP E 342 -20.71 -27.63 19.71
CA ASP E 342 -20.44 -26.21 19.50
C ASP E 342 -19.09 -25.84 20.08
N PHE E 343 -18.75 -26.37 21.25
CA PHE E 343 -17.48 -25.96 21.84
C PHE E 343 -16.30 -26.63 21.16
N TYR E 344 -16.40 -27.92 20.85
CA TYR E 344 -15.32 -28.57 20.10
C TYR E 344 -15.11 -27.87 18.76
N ASP E 345 -16.19 -27.49 18.08
CA ASP E 345 -16.04 -26.70 16.86
C ASP E 345 -15.31 -25.40 17.12
N ALA E 346 -15.67 -24.69 18.20
CA ALA E 346 -14.97 -23.45 18.49
C ALA E 346 -13.47 -23.69 18.67
N CYS E 347 -13.09 -24.80 19.33
CA CYS E 347 -11.68 -25.12 19.48
C CYS E 347 -11.02 -25.46 18.15
N ASP E 348 -11.73 -26.22 17.28
CA ASP E 348 -11.25 -26.43 15.92
C ASP E 348 -11.00 -25.10 15.19
N GLU E 349 -11.96 -24.16 15.26
CA GLU E 349 -11.85 -22.93 14.48
C GLU E 349 -10.94 -21.92 15.14
N LEU E 350 -10.89 -21.87 16.47
CA LEU E 350 -10.10 -20.84 17.13
C LEU E 350 -8.68 -21.30 17.40
N GLY E 351 -8.45 -22.60 17.53
CA GLY E 351 -7.13 -23.16 17.75
C GLY E 351 -6.83 -23.48 19.21
N PHE E 352 -7.19 -24.68 19.65
CA PHE E 352 -6.76 -25.14 20.97
C PHE E 352 -6.45 -26.62 20.90
N ALA E 353 -5.37 -27.03 21.57
CA ALA E 353 -5.11 -28.44 21.82
C ALA E 353 -6.07 -28.92 22.90
N VAL E 354 -6.99 -29.79 22.55
CA VAL E 354 -8.08 -30.20 23.41
C VAL E 354 -7.77 -31.55 24.03
N TRP E 355 -8.04 -31.67 25.31
CA TRP E 355 -8.04 -32.93 26.04
C TRP E 355 -9.51 -33.23 26.33
N ALA E 356 -10.03 -34.29 25.73
CA ALA E 356 -11.42 -34.71 25.90
C ALA E 356 -11.49 -36.02 26.69
N GLU E 357 -12.52 -36.17 27.53
CA GLU E 357 -12.52 -37.28 28.46
C GLU E 357 -13.94 -37.69 28.84
N ILE E 358 -14.06 -38.88 29.44
CA ILE E 358 -15.35 -39.40 29.92
C ILE E 358 -15.46 -39.21 31.42
N PRO E 359 -16.70 -39.19 32.01
CA PRO E 359 -16.86 -38.95 33.46
C PRO E 359 -16.60 -40.20 34.31
N PHE E 360 -15.48 -40.86 34.06
CA PHE E 360 -15.03 -41.99 34.86
C PHE E 360 -14.18 -41.39 35.97
N ILE E 361 -14.81 -41.07 37.10
CA ILE E 361 -14.25 -40.10 38.04
C ILE E 361 -14.44 -40.55 39.48
N SER E 362 -13.38 -40.35 40.29
CA SER E 362 -13.36 -40.47 41.75
C SER E 362 -13.43 -41.90 42.28
N VAL E 363 -14.58 -42.55 42.13
CA VAL E 363 -14.86 -43.82 42.80
C VAL E 363 -15.23 -44.86 41.76
N PHE E 364 -14.44 -45.93 41.69
CA PHE E 364 -14.72 -47.05 40.80
C PHE E 364 -15.92 -47.84 41.31
N LYS E 365 -16.83 -48.16 40.40
CA LYS E 365 -17.95 -49.04 40.65
C LYS E 365 -17.65 -50.41 40.03
N SER E 366 -17.97 -51.47 40.76
CA SER E 366 -17.70 -52.82 40.27
C SER E 366 -18.93 -53.39 39.57
N GLY E 367 -18.72 -54.49 38.87
CA GLY E 367 -19.87 -55.09 38.24
C GLY E 367 -19.88 -54.87 36.73
N LYS E 368 -20.55 -55.78 36.01
CA LYS E 368 -20.46 -55.75 34.56
C LYS E 368 -21.11 -54.49 34.00
N ASP E 369 -22.24 -54.05 34.59
CA ASP E 369 -22.98 -52.93 34.03
C ASP E 369 -22.20 -51.61 34.14
N ALA E 370 -21.60 -51.34 35.30
CA ALA E 370 -20.76 -50.16 35.42
C ALA E 370 -19.59 -50.22 34.44
N HIS E 371 -19.05 -51.42 34.20
CA HIS E 371 -17.99 -51.59 33.21
C HIS E 371 -18.48 -51.33 31.80
N THR E 372 -19.69 -51.80 31.47
CA THR E 372 -20.24 -51.51 30.15
C THR E 372 -20.48 -50.01 29.98
N HIS E 373 -20.78 -49.30 31.06
CA HIS E 373 -21.05 -47.87 30.97
C HIS E 373 -19.81 -47.12 30.51
N VAL E 374 -18.67 -47.31 31.19
CA VAL E 374 -17.48 -46.57 30.78
C VAL E 374 -17.02 -46.96 29.39
N MET E 375 -17.19 -48.23 29.00
CA MET E 375 -16.73 -48.62 27.67
C MET E 375 -17.59 -47.96 26.60
N GLU E 376 -18.91 -47.95 26.80
CA GLU E 376 -19.76 -47.35 25.79
C GLU E 376 -19.71 -45.82 25.81
N GLU E 377 -19.41 -45.22 26.96
CA GLU E 377 -19.29 -43.78 26.96
C GLU E 377 -17.97 -43.36 26.31
N MET E 378 -16.91 -44.16 26.50
CA MET E 378 -15.69 -43.90 25.73
C MET E 378 -15.90 -44.12 24.24
N LYS E 379 -16.72 -45.11 23.87
CA LYS E 379 -16.97 -45.33 22.45
C LYS E 379 -17.74 -44.17 21.84
N GLU E 380 -18.78 -43.69 22.53
CA GLU E 380 -19.52 -42.52 22.04
C GLU E 380 -18.61 -41.32 21.90
N LEU E 381 -17.75 -41.10 22.89
CA LEU E 381 -16.88 -39.94 22.87
C LEU E 381 -16.00 -39.92 21.61
N ILE E 382 -15.48 -41.07 21.22
CA ILE E 382 -14.55 -41.11 20.09
C ILE E 382 -15.26 -41.10 18.75
N ILE E 383 -16.36 -41.85 18.62
CA ILE E 383 -17.04 -41.91 17.33
C ILE E 383 -17.69 -40.56 17.03
N GLN E 384 -18.27 -39.93 18.04
CA GLN E 384 -18.94 -38.66 17.89
C GLN E 384 -17.97 -37.50 17.76
N ASN E 385 -16.67 -37.69 18.08
CA ASN E 385 -15.72 -36.60 18.06
C ASN E 385 -14.47 -36.89 17.25
N TYR E 386 -14.44 -38.02 16.54
CA TYR E 386 -13.22 -38.46 15.87
C TYR E 386 -12.68 -37.43 14.89
N ASN E 387 -13.54 -36.60 14.29
CA ASN E 387 -13.12 -35.74 13.19
C ASN E 387 -12.58 -34.39 13.64
N HIS E 388 -12.75 -34.00 14.90
CA HIS E 388 -12.29 -32.70 15.38
C HIS E 388 -10.78 -32.61 15.44
N PRO E 389 -10.12 -31.77 14.63
CA PRO E 389 -8.65 -31.66 14.72
C PRO E 389 -8.16 -31.09 16.05
N SER E 390 -8.98 -30.32 16.77
CA SER E 390 -8.52 -29.74 18.03
C SER E 390 -8.27 -30.80 19.09
N ILE E 391 -9.00 -31.92 19.03
CA ILE E 391 -8.83 -33.00 20.01
C ILE E 391 -7.54 -33.75 19.70
N LEU E 392 -6.62 -33.79 20.67
CA LEU E 392 -5.35 -34.49 20.55
C LEU E 392 -5.17 -35.56 21.61
N PHE E 393 -5.90 -35.51 22.72
CA PHE E 393 -5.72 -36.42 23.82
C PHE E 393 -7.06 -36.98 24.27
N TRP E 394 -7.15 -38.31 24.40
CA TRP E 394 -8.30 -38.97 25.02
C TRP E 394 -7.96 -39.29 26.47
N GLY E 395 -8.80 -38.84 27.40
CA GLY E 395 -8.58 -39.04 28.81
C GLY E 395 -9.51 -40.14 29.34
N ILE E 396 -8.93 -41.10 30.04
CA ILE E 396 -9.71 -42.27 30.40
C ILE E 396 -10.25 -42.25 31.83
N SER E 397 -9.67 -41.46 32.73
CA SER E 397 -10.26 -41.31 34.06
C SER E 397 -9.67 -40.10 34.75
N ASN E 398 -10.44 -39.56 35.70
CA ASN E 398 -9.98 -38.46 36.55
C ASN E 398 -10.03 -38.88 38.01
N GLU E 399 -8.88 -38.89 38.67
CA GLU E 399 -8.80 -39.07 40.12
C GLU E 399 -9.49 -40.36 40.56
N ILE E 400 -9.25 -41.44 39.82
CA ILE E 400 -10.02 -42.67 40.05
C ILE E 400 -9.59 -43.40 41.33
N LEU E 401 -8.44 -43.06 41.91
CA LEU E 401 -8.03 -43.71 43.15
C LEU E 401 -8.66 -43.11 44.40
N ILE E 402 -9.52 -42.09 44.29
CA ILE E 402 -10.12 -41.52 45.49
C ILE E 402 -10.88 -42.59 46.26
N GLY E 403 -11.52 -43.51 45.55
CA GLY E 403 -12.24 -44.64 46.11
C GLY E 403 -11.43 -45.90 46.36
N GLY E 404 -10.14 -45.90 46.07
CA GLY E 404 -9.29 -47.04 46.34
C GLY E 404 -8.98 -47.90 45.13
N ILE E 405 -7.72 -48.34 45.03
CA ILE E 405 -7.33 -49.20 43.92
C ILE E 405 -7.90 -50.60 44.11
N SER E 406 -8.23 -51.25 42.99
CA SER E 406 -8.59 -52.66 42.96
C SER E 406 -8.03 -53.25 41.67
N GLN E 407 -7.96 -54.57 41.60
CA GLN E 407 -7.52 -55.18 40.35
C GLN E 407 -8.53 -54.91 39.25
N GLU E 408 -9.83 -54.92 39.58
CA GLU E 408 -10.87 -54.68 38.59
C GLU E 408 -10.82 -53.25 38.05
N LEU E 409 -10.29 -52.30 38.84
CA LEU E 409 -10.08 -50.94 38.37
C LEU E 409 -8.89 -50.87 37.42
N VAL E 410 -7.81 -51.59 37.72
CA VAL E 410 -6.65 -51.56 36.83
C VAL E 410 -6.94 -52.27 35.52
N ASP E 411 -7.77 -53.32 35.56
CA ASP E 411 -8.15 -53.99 34.32
C ASP E 411 -8.97 -53.06 33.44
N THR E 412 -9.94 -52.37 34.05
CA THR E 412 -10.82 -51.49 33.29
C THR E 412 -10.02 -50.40 32.59
N HIS E 413 -8.92 -49.94 33.21
CA HIS E 413 -8.08 -48.97 32.53
C HIS E 413 -7.35 -49.59 31.35
N HIS E 414 -6.88 -50.83 31.49
CA HIS E 414 -6.27 -51.50 30.35
C HIS E 414 -7.30 -51.70 29.23
N ASP E 415 -8.56 -51.94 29.58
CA ASP E 415 -9.61 -52.06 28.58
C ASP E 415 -9.85 -50.75 27.84
N LEU E 416 -9.85 -49.63 28.57
CA LEU E 416 -10.09 -48.35 27.92
C LEU E 416 -8.91 -47.97 27.03
N GLN E 417 -7.68 -48.19 27.50
CA GLN E 417 -6.50 -47.97 26.67
C GLN E 417 -6.60 -48.74 25.36
N LYS E 418 -6.90 -50.03 25.44
CA LYS E 418 -7.01 -50.87 24.25
C LYS E 418 -8.14 -50.39 23.35
N LEU E 419 -9.26 -49.96 23.94
CA LEU E 419 -10.39 -49.49 23.15
C LEU E 419 -10.06 -48.18 22.44
N CYS E 420 -9.35 -47.28 23.11
CA CYS E 420 -8.92 -46.03 22.47
C CYS E 420 -7.99 -46.31 21.29
N LYS E 421 -6.99 -47.18 21.47
CA LYS E 421 -6.07 -47.44 20.38
C LYS E 421 -6.69 -48.31 19.28
N GLU E 422 -7.73 -49.09 19.59
CA GLU E 422 -8.41 -49.83 18.52
C GLU E 422 -9.25 -48.89 17.67
N LEU E 423 -9.99 -47.97 18.30
CA LEU E 423 -10.85 -47.05 17.55
C LEU E 423 -10.08 -45.90 16.93
N ASP E 424 -8.98 -45.46 17.54
CA ASP E 424 -8.30 -44.24 17.12
C ASP E 424 -6.80 -44.32 17.44
N PRO E 425 -6.04 -45.05 16.62
CA PRO E 425 -4.59 -45.07 16.83
C PRO E 425 -3.91 -43.72 16.55
N THR E 426 -4.63 -42.74 16.02
CA THR E 426 -4.01 -41.47 15.66
C THR E 426 -3.88 -40.50 16.83
N ARG E 427 -4.43 -40.82 18.01
CA ARG E 427 -4.41 -39.89 19.12
C ARG E 427 -3.76 -40.52 20.36
N LEU E 428 -3.25 -39.66 21.22
CA LEU E 428 -2.58 -40.06 22.46
C LEU E 428 -3.58 -40.15 23.61
N THR E 429 -3.46 -41.19 24.42
CA THR E 429 -4.27 -41.32 25.61
C THR E 429 -3.57 -40.69 26.82
N THR E 430 -4.39 -40.22 27.77
CA THR E 430 -3.88 -39.56 28.96
C THR E 430 -4.78 -39.92 30.13
N ILE E 431 -4.38 -39.44 31.30
CA ILE E 431 -5.05 -39.78 32.54
C ILE E 431 -4.73 -38.67 33.53
N ALA E 432 -5.65 -38.44 34.47
CA ALA E 432 -5.44 -37.46 35.55
C ALA E 432 -5.43 -38.17 36.92
N HIS E 433 -4.26 -38.22 37.55
CA HIS E 433 -4.12 -38.83 38.86
C HIS E 433 -4.47 -37.87 39.99
N VAL E 434 -5.16 -38.38 41.02
CA VAL E 434 -5.31 -37.62 42.26
C VAL E 434 -3.92 -37.36 42.85
N SER E 435 -3.82 -36.29 43.65
CA SER E 435 -2.52 -35.75 44.07
C SER E 435 -1.64 -36.80 44.74
N HIS E 436 -2.25 -37.70 45.50
CA HIS E 436 -1.57 -38.57 46.43
C HIS E 436 -1.39 -39.97 45.86
N THR E 437 -1.69 -40.14 44.57
CA THR E 437 -1.40 -41.36 43.82
C THR E 437 0.06 -41.74 43.96
N PRO E 438 0.38 -43.00 44.27
CA PRO E 438 1.79 -43.41 44.34
C PRO E 438 2.47 -43.16 43.01
N THR E 439 3.73 -42.71 43.06
CA THR E 439 4.47 -42.40 41.84
C THR E 439 4.89 -43.66 41.09
N SER E 440 4.86 -44.81 41.74
CA SER E 440 5.07 -46.08 41.08
C SER E 440 3.81 -46.91 41.24
N GLY E 441 3.65 -47.88 40.36
CA GLY E 441 2.53 -48.76 40.51
C GLY E 441 1.73 -48.86 39.25
N PRO E 442 0.60 -49.56 39.34
CA PRO E 442 -0.11 -49.97 38.12
C PRO E 442 -0.87 -48.85 37.43
N MET E 443 -1.15 -47.73 38.10
CA MET E 443 -1.83 -46.63 37.41
C MET E 443 -0.92 -45.96 36.38
N HIS E 444 0.40 -46.02 36.55
CA HIS E 444 1.34 -45.41 35.61
C HIS E 444 1.69 -46.35 34.45
N ARG E 445 2.03 -45.73 33.31
CA ARG E 445 2.55 -46.39 32.12
C ARG E 445 1.49 -47.21 31.37
N ILE E 446 0.22 -46.97 31.67
CA ILE E 446 -0.88 -47.46 30.85
C ILE E 446 -1.06 -46.57 29.61
N THR E 447 -1.27 -45.28 29.83
CA THR E 447 -1.58 -44.30 28.79
C THR E 447 -0.29 -43.71 28.21
N ASP E 448 -0.42 -43.09 27.02
CA ASP E 448 0.74 -42.55 26.32
C ASP E 448 1.40 -41.43 27.12
N VAL E 449 0.59 -40.55 27.72
CA VAL E 449 1.07 -39.48 28.59
C VAL E 449 0.26 -39.53 29.90
N GLU E 450 0.76 -38.82 30.91
CA GLU E 450 0.11 -38.84 32.22
C GLU E 450 0.14 -37.47 32.86
N SER E 451 -0.84 -37.24 33.74
CA SER E 451 -0.93 -35.98 34.45
C SER E 451 -1.36 -36.16 35.90
N TYR E 452 -1.02 -35.16 36.70
CA TYR E 452 -1.31 -35.10 38.12
C TYR E 452 -2.15 -33.88 38.44
N ASN E 453 -3.06 -34.03 39.40
CA ASN E 453 -3.84 -32.93 39.96
C ASN E 453 -3.21 -32.53 41.28
N HIS E 454 -2.48 -31.41 41.31
CA HIS E 454 -1.88 -30.94 42.54
C HIS E 454 -2.45 -29.61 42.96
N TYR E 455 -2.61 -29.43 44.26
CA TYR E 455 -3.08 -28.20 44.87
C TYR E 455 -2.17 -27.79 46.04
N PHE E 456 -0.85 -27.93 45.85
CA PHE E 456 0.10 -27.55 46.88
C PHE E 456 0.08 -26.04 47.06
N GLY E 457 -0.18 -25.59 48.26
CA GLY E 457 -0.40 -24.19 48.52
C GLY E 457 -1.85 -23.82 48.66
N TRP E 458 -2.78 -24.73 48.33
CA TRP E 458 -4.20 -24.51 48.59
C TRP E 458 -4.80 -25.55 49.52
N TYR E 459 -4.82 -26.84 49.16
CA TYR E 459 -5.39 -27.88 50.04
C TYR E 459 -4.39 -28.42 51.07
N GLY E 460 -3.20 -27.86 51.15
CA GLY E 460 -2.15 -28.30 52.04
C GLY E 460 -0.81 -27.93 51.45
N GLY E 461 0.22 -27.92 52.32
CA GLY E 461 1.55 -27.60 51.83
C GLY E 461 1.67 -26.15 51.38
N LYS E 462 2.82 -25.84 50.78
CA LYS E 462 3.16 -24.48 50.38
C LYS E 462 3.22 -24.37 48.86
N ILE E 463 3.02 -23.14 48.37
CA ILE E 463 3.15 -22.85 46.94
C ILE E 463 4.47 -23.35 46.39
N GLU E 464 5.58 -23.02 47.07
CA GLU E 464 6.95 -23.29 46.60
C GLU E 464 7.33 -24.77 46.60
N GLN E 465 6.47 -25.67 47.09
CA GLN E 465 6.73 -27.10 46.95
C GLN E 465 6.36 -27.66 45.58
N ASN E 466 5.63 -26.91 44.74
CA ASN E 466 5.18 -27.44 43.46
C ASN E 466 6.35 -27.71 42.53
N GLY E 467 7.20 -26.71 42.31
CA GLY E 467 8.37 -26.83 41.48
C GLY E 467 9.21 -28.04 41.79
N PRO E 468 9.61 -28.20 43.06
CA PRO E 468 10.42 -29.38 43.44
C PRO E 468 9.74 -30.71 43.17
N TRP E 469 8.44 -30.82 43.45
CA TRP E 469 7.71 -32.05 43.18
C TRP E 469 7.88 -32.46 41.72
N LEU E 470 7.65 -31.50 40.81
CA LEU E 470 7.83 -31.79 39.39
C LEU E 470 9.24 -32.28 39.10
N ASP E 471 10.24 -31.60 39.66
CA ASP E 471 11.62 -31.99 39.40
C ASP E 471 11.91 -33.38 39.94
N LYS E 472 11.30 -33.75 41.07
CA LYS E 472 11.53 -35.06 41.66
C LYS E 472 10.95 -36.17 40.80
N PHE E 473 9.66 -36.05 40.45
CA PHE E 473 9.01 -37.04 39.62
C PHE E 473 9.76 -37.24 38.31
N HIS E 474 10.14 -36.14 37.65
CA HIS E 474 10.85 -36.20 36.38
C HIS E 474 12.18 -36.92 36.51
N ALA E 475 12.94 -36.62 37.55
CA ALA E 475 14.22 -37.31 37.76
C ALA E 475 14.00 -38.79 38.02
N GLU E 476 12.92 -39.13 38.71
CA GLU E 476 12.66 -40.53 39.08
C GLU E 476 12.02 -41.33 37.95
N ASN E 477 11.25 -40.69 37.08
CA ASN E 477 10.56 -41.39 36.00
C ASN E 477 10.89 -40.73 34.66
N PRO E 478 12.16 -40.78 34.25
CA PRO E 478 12.57 -40.04 33.04
C PRO E 478 11.93 -40.54 31.77
N ASP E 479 11.20 -41.66 31.83
CA ASP E 479 10.46 -42.20 30.70
C ASP E 479 9.00 -41.75 30.64
N ILE E 480 8.51 -41.05 31.65
CA ILE E 480 7.11 -40.67 31.66
C ILE E 480 6.99 -39.23 31.20
N CYS E 481 6.00 -38.97 30.34
CA CYS E 481 5.64 -37.64 29.91
C CYS E 481 4.71 -37.04 30.95
N LEU E 482 5.22 -36.10 31.74
CA LEU E 482 4.49 -35.59 32.89
C LEU E 482 3.81 -34.26 32.58
N GLY E 483 2.52 -34.18 32.89
CA GLY E 483 1.82 -32.92 32.86
C GLY E 483 1.08 -32.71 34.18
N ILE E 484 0.55 -31.50 34.35
CA ILE E 484 -0.25 -31.15 35.52
C ILE E 484 -1.64 -30.79 35.01
N SER E 485 -2.59 -31.71 35.18
CA SER E 485 -3.93 -31.56 34.62
C SER E 485 -4.87 -30.75 35.48
N GLU E 486 -4.55 -30.59 36.76
CA GLU E 486 -5.26 -29.68 37.65
C GLU E 486 -4.24 -29.02 38.57
N TYR E 487 -4.38 -27.71 38.74
CA TYR E 487 -3.74 -26.98 39.82
C TYR E 487 -4.50 -25.67 39.94
N GLY E 488 -4.70 -25.21 41.17
CA GLY E 488 -5.55 -24.06 41.33
C GLY E 488 -5.57 -23.56 42.75
N CYS E 489 -6.49 -22.64 42.99
CA CYS E 489 -6.52 -21.88 44.24
C CYS E 489 -7.81 -21.11 44.29
N GLU E 490 -8.52 -21.12 45.41
CA GLU E 490 -9.79 -20.39 45.45
C GLU E 490 -9.52 -18.90 45.51
N GLY E 491 -10.38 -18.13 44.86
CA GLY E 491 -10.26 -16.69 44.87
C GLY E 491 -11.62 -16.05 44.84
N ILE E 492 -11.96 -15.34 45.90
CA ILE E 492 -13.27 -14.71 46.06
C ILE E 492 -13.01 -13.21 46.21
N ILE E 493 -13.54 -12.40 45.29
CA ILE E 493 -12.92 -11.10 45.03
C ILE E 493 -13.49 -10.00 45.90
N ASN E 494 -14.34 -10.34 46.86
CA ASN E 494 -14.63 -9.35 47.89
C ASN E 494 -13.66 -9.42 49.08
N TRP E 495 -12.77 -10.44 49.15
CA TRP E 495 -11.80 -10.59 50.23
C TRP E 495 -10.42 -10.12 49.81
N HIS E 496 -9.80 -9.30 50.64
CA HIS E 496 -8.52 -8.69 50.28
C HIS E 496 -7.65 -8.61 51.51
N SER E 497 -6.39 -8.98 51.35
CA SER E 497 -5.48 -9.08 52.49
C SER E 497 -4.17 -8.37 52.18
N ASN E 498 -3.63 -7.69 53.19
CA ASN E 498 -2.30 -7.11 53.08
C ASN E 498 -1.22 -8.13 53.32
N THR E 499 -1.58 -9.28 53.90
CA THR E 499 -0.66 -10.37 54.20
C THR E 499 -1.26 -11.66 53.67
N PRO E 500 -1.38 -11.80 52.35
CA PRO E 500 -2.19 -12.89 51.79
C PRO E 500 -1.68 -14.26 52.18
N GLN E 501 -2.60 -15.10 52.66
CA GLN E 501 -2.21 -16.42 53.14
C GLN E 501 -3.31 -17.42 52.83
N CYS E 502 -2.91 -18.69 52.81
CA CYS E 502 -3.82 -19.80 52.56
C CYS E 502 -5.06 -19.74 53.47
N LYS E 503 -6.24 -19.93 52.86
CA LYS E 503 -7.55 -19.99 53.50
C LYS E 503 -8.12 -18.64 53.96
N ASP E 504 -7.56 -17.49 53.56
CA ASP E 504 -8.32 -16.24 53.61
C ASP E 504 -9.19 -16.03 52.37
N TYR E 505 -9.02 -16.87 51.34
CA TYR E 505 -9.81 -16.86 50.11
C TYR E 505 -9.66 -15.56 49.33
N SER E 506 -8.56 -14.83 49.56
CA SER E 506 -8.45 -13.50 48.98
C SER E 506 -8.00 -13.59 47.53
N GLU E 507 -8.36 -12.55 46.77
CA GLU E 507 -7.90 -12.46 45.39
C GLU E 507 -6.39 -12.33 45.32
N GLU E 508 -5.78 -11.72 46.35
CA GLU E 508 -4.34 -11.53 46.34
C GLU E 508 -3.59 -12.84 46.53
N TYR E 509 -4.16 -13.76 47.29
CA TYR E 509 -3.42 -14.98 47.51
C TYR E 509 -3.55 -15.91 46.31
N GLN E 510 -4.73 -15.98 45.71
CA GLN E 510 -4.87 -16.73 44.47
C GLN E 510 -3.90 -16.21 43.41
N ALA E 511 -3.74 -14.89 43.32
CA ALA E 511 -2.78 -14.31 42.39
C ALA E 511 -1.36 -14.78 42.69
N LEU E 512 -0.99 -14.82 43.97
CA LEU E 512 0.36 -15.24 44.36
C LEU E 512 0.60 -16.69 43.97
N TYR E 513 -0.37 -17.56 44.22
CA TYR E 513 -0.30 -18.94 43.78
C TYR E 513 0.02 -19.03 42.29
N HIS E 514 -0.76 -18.33 41.45
CA HIS E 514 -0.60 -18.45 40.01
C HIS E 514 0.62 -17.68 39.47
N GLU E 515 1.03 -16.60 40.15
CA GLU E 515 2.29 -15.95 39.78
C GLU E 515 3.43 -16.96 39.81
N TYR E 516 3.45 -17.82 40.82
CA TYR E 516 4.49 -18.81 40.93
C TYR E 516 4.30 -19.92 39.91
N MET E 517 3.08 -20.45 39.81
CA MET E 517 2.84 -21.59 38.93
C MET E 517 3.09 -21.24 37.46
N ALA E 518 2.73 -20.02 37.04
CA ALA E 518 3.03 -19.62 35.67
C ALA E 518 4.54 -19.65 35.40
N GLN E 519 5.33 -19.11 36.33
CA GLN E 519 6.78 -19.17 36.19
C GLN E 519 7.28 -20.61 36.23
N ALA E 520 6.67 -21.46 37.06
CA ALA E 520 7.19 -22.82 37.23
C ALA E 520 6.95 -23.64 35.96
N PHE E 521 5.82 -23.42 35.29
CA PHE E 521 5.60 -24.17 34.06
C PHE E 521 6.40 -23.60 32.91
N GLU E 522 6.69 -22.29 32.94
CA GLU E 522 7.59 -21.75 31.93
C GLU E 522 9.00 -22.28 32.11
N ASP E 523 9.41 -22.51 33.35
CA ASP E 523 10.75 -23.02 33.56
C ASP E 523 10.91 -24.46 33.14
N ARG E 524 9.83 -25.14 32.75
CA ARG E 524 9.86 -26.58 32.52
C ARG E 524 9.19 -26.95 31.21
N PRO E 525 9.87 -26.78 30.08
CA PRO E 525 9.23 -27.11 28.79
C PRO E 525 8.96 -28.58 28.63
N TRP E 526 9.60 -29.44 29.44
CA TRP E 526 9.33 -30.87 29.42
C TRP E 526 8.02 -31.25 30.11
N ILE E 527 7.36 -30.31 30.80
CA ILE E 527 5.97 -30.51 31.20
C ILE E 527 5.10 -30.34 29.95
N TRP E 528 4.46 -31.42 29.50
CA TRP E 528 3.84 -31.36 28.17
C TRP E 528 2.61 -30.46 28.17
N ALA E 529 1.81 -30.49 29.24
CA ALA E 529 0.65 -29.60 29.33
C ALA E 529 0.39 -29.28 30.79
N SER E 530 0.03 -28.03 31.06
CA SER E 530 -0.44 -27.58 32.35
C SER E 530 -1.81 -26.95 32.18
N HIS E 531 -2.77 -27.34 33.03
CA HIS E 531 -4.14 -26.88 32.91
C HIS E 531 -4.59 -26.28 34.23
N VAL E 532 -4.82 -24.95 34.23
CA VAL E 532 -5.38 -24.31 35.41
C VAL E 532 -6.75 -24.88 35.71
N TRP E 533 -6.97 -25.31 36.94
CA TRP E 533 -8.32 -25.54 37.45
C TRP E 533 -8.74 -24.26 38.19
N ASN E 534 -9.63 -23.48 37.60
CA ASN E 534 -10.36 -23.76 36.38
C ASN E 534 -10.50 -22.39 35.69
N MET E 535 -10.86 -22.36 34.40
CA MET E 535 -10.99 -21.07 33.71
C MET E 535 -12.05 -20.19 34.36
N PHE E 536 -13.21 -20.77 34.66
CA PHE E 536 -14.33 -20.05 35.23
C PHE E 536 -14.75 -20.69 36.55
N ASP E 537 -15.29 -19.86 37.44
CA ASP E 537 -16.03 -20.39 38.58
C ASP E 537 -17.16 -21.28 38.07
N PHE E 538 -17.46 -22.35 38.81
CA PHE E 538 -18.51 -23.25 38.34
C PHE E 538 -19.33 -23.74 39.51
N GLY E 539 -20.43 -24.43 39.18
CA GLY E 539 -21.43 -24.82 40.15
C GLY E 539 -21.21 -26.16 40.81
N CYS E 540 -21.07 -26.18 42.13
N CYS E 540 -21.15 -26.16 42.15
CA CYS E 540 -21.10 -27.43 42.90
CA CYS E 540 -21.05 -27.37 42.96
C CYS E 540 -22.02 -27.25 44.09
C CYS E 540 -22.02 -27.22 44.13
N ALA E 541 -23.21 -27.83 44.00
CA ALA E 541 -24.22 -27.69 45.05
C ALA E 541 -23.71 -28.10 46.44
N ALA E 542 -22.69 -28.96 46.55
CA ALA E 542 -22.26 -29.41 47.86
C ALA E 542 -21.28 -28.45 48.54
N ARG E 543 -20.63 -27.57 47.78
CA ARG E 543 -19.60 -26.70 48.33
C ARG E 543 -20.18 -25.65 49.27
N SER E 544 -19.39 -25.32 50.31
CA SER E 544 -19.74 -24.24 51.23
C SER E 544 -18.46 -23.81 51.93
N GLU E 545 -17.90 -22.67 51.54
CA GLU E 545 -16.63 -22.19 52.11
C GLU E 545 -16.32 -20.79 51.60
N GLY E 546 -15.42 -20.12 52.32
CA GLY E 546 -15.01 -18.78 51.96
C GLY E 546 -16.13 -17.77 51.93
N GLY E 547 -17.23 -18.04 52.63
CA GLY E 547 -18.36 -17.14 52.60
C GLY E 547 -19.30 -17.35 51.44
N VAL E 548 -19.10 -18.36 50.62
CA VAL E 548 -19.94 -18.58 49.45
C VAL E 548 -20.43 -20.03 49.44
N LYS E 549 -21.67 -20.22 48.98
CA LYS E 549 -22.26 -21.55 48.92
C LYS E 549 -22.60 -21.93 47.48
N GLY E 550 -22.36 -23.19 47.16
CA GLY E 550 -22.75 -23.71 45.85
C GLY E 550 -21.77 -23.49 44.72
N ARG E 551 -20.52 -23.15 45.02
CA ARG E 551 -19.58 -22.67 44.02
C ARG E 551 -18.18 -23.25 44.25
N ASN E 552 -17.53 -23.63 43.16
CA ASN E 552 -16.08 -23.73 43.12
C ASN E 552 -15.55 -22.41 42.58
N ASN E 553 -14.81 -21.69 43.41
CA ASN E 553 -14.40 -20.35 43.05
C ASN E 553 -12.92 -20.28 42.67
N LYS E 554 -12.38 -21.35 42.10
CA LYS E 554 -10.99 -21.39 41.66
C LYS E 554 -10.80 -20.81 40.27
N GLY E 555 -11.83 -20.13 39.73
CA GLY E 555 -11.78 -19.65 38.37
C GLY E 555 -10.84 -18.46 38.20
N LEU E 556 -10.28 -18.35 36.99
CA LEU E 556 -9.60 -17.12 36.62
C LEU E 556 -10.61 -16.03 36.37
N VAL E 557 -11.82 -16.42 35.98
CA VAL E 557 -12.90 -15.56 35.54
C VAL E 557 -14.18 -16.03 36.23
N THR E 558 -15.05 -15.10 36.58
CA THR E 558 -16.26 -15.43 37.31
C THR E 558 -17.24 -16.23 36.45
N ILE E 559 -18.22 -16.84 37.13
CA ILE E 559 -19.14 -17.81 36.52
C ILE E 559 -20.11 -17.16 35.54
N ASP E 560 -20.32 -15.85 35.66
CA ASP E 560 -21.11 -15.11 34.71
C ASP E 560 -20.28 -14.61 33.53
N ARG E 561 -18.98 -14.91 33.49
CA ARG E 561 -18.06 -14.54 32.42
C ARG E 561 -17.79 -13.04 32.35
N LYS E 562 -18.08 -12.29 33.40
CA LYS E 562 -18.00 -10.83 33.32
C LYS E 562 -16.75 -10.23 33.96
N THR E 563 -16.17 -10.88 34.96
CA THR E 563 -15.09 -10.28 35.74
C THR E 563 -13.86 -11.19 35.66
N ARG E 564 -12.75 -10.61 35.20
CA ARG E 564 -11.48 -11.32 35.15
C ARG E 564 -10.72 -11.03 36.44
N LYS E 565 -10.41 -12.06 37.19
CA LYS E 565 -9.69 -11.80 38.42
C LYS E 565 -8.25 -11.47 38.10
N ASP E 566 -7.54 -10.94 39.10
CA ASP E 566 -6.14 -10.57 38.89
C ASP E 566 -5.34 -11.77 38.38
N SER E 567 -5.70 -12.98 38.82
CA SER E 567 -5.05 -14.19 38.33
C SER E 567 -5.13 -14.33 36.82
N PHE E 568 -6.24 -13.87 36.23
CA PHE E 568 -6.36 -13.96 34.78
C PHE E 568 -5.26 -13.14 34.10
N TYR E 569 -4.89 -12.00 34.67
CA TYR E 569 -3.89 -11.16 34.05
C TYR E 569 -2.48 -11.69 34.26
N VAL E 570 -2.24 -12.45 35.33
CA VAL E 570 -0.96 -13.16 35.46
C VAL E 570 -0.70 -13.98 34.21
N TYR E 571 -1.63 -14.86 33.87
CA TYR E 571 -1.44 -15.72 32.71
C TYR E 571 -1.49 -14.95 31.41
N GLN E 572 -2.30 -13.89 31.34
CA GLN E 572 -2.29 -13.09 30.12
C GLN E 572 -0.89 -12.50 29.89
N ALA E 573 -0.26 -12.00 30.96
CA ALA E 573 1.09 -11.45 30.82
C ALA E 573 2.08 -12.54 30.40
N TYR E 574 1.91 -13.77 30.90
CA TYR E 574 2.83 -14.86 30.55
C TYR E 574 2.56 -15.47 29.18
N TRP E 575 1.33 -15.40 28.66
CA TRP E 575 0.95 -16.17 27.49
C TRP E 575 0.60 -15.34 26.27
N ALA E 576 -0.18 -14.28 26.45
CA ALA E 576 -0.74 -13.56 25.31
C ALA E 576 0.32 -12.72 24.63
N LYS E 577 0.11 -12.48 23.34
CA LYS E 577 1.07 -11.73 22.53
C LYS E 577 0.76 -10.24 22.42
N ASP E 578 -0.50 -9.83 22.47
CA ASP E 578 -0.76 -8.40 22.33
C ASP E 578 -0.28 -7.67 23.57
N PRO E 579 0.39 -6.53 23.42
CA PRO E 579 0.89 -5.81 24.59
C PRO E 579 -0.25 -5.50 25.57
N MET E 580 0.02 -5.75 26.86
CA MET E 580 -0.96 -5.44 27.88
C MET E 580 -0.20 -5.05 29.15
N VAL E 581 -0.91 -4.38 30.06
CA VAL E 581 -0.39 -3.99 31.36
C VAL E 581 -1.59 -3.83 32.29
N HIS E 582 -1.45 -4.33 33.51
CA HIS E 582 -2.57 -4.45 34.43
C HIS E 582 -2.09 -4.20 35.85
N ILE E 583 -2.63 -3.17 36.48
CA ILE E 583 -2.43 -2.99 37.92
C ILE E 583 -3.37 -3.95 38.65
N ALA E 584 -2.80 -4.76 39.53
CA ALA E 584 -3.64 -5.66 40.32
C ALA E 584 -4.23 -4.92 41.53
N GLY E 585 -5.22 -5.57 42.15
CA GLY E 585 -5.77 -5.07 43.39
C GLY E 585 -6.72 -3.89 43.28
N ARG E 586 -7.34 -3.65 42.12
CA ARG E 586 -8.35 -2.61 42.05
C ARG E 586 -9.49 -2.85 43.04
N ARG E 587 -9.83 -4.11 43.32
CA ARG E 587 -10.88 -4.38 44.31
C ARG E 587 -10.39 -4.27 45.75
N HIS E 588 -9.08 -4.23 45.97
CA HIS E 588 -8.51 -3.75 47.23
C HIS E 588 -8.52 -2.22 47.19
N ALA E 589 -9.72 -1.65 47.08
CA ALA E 589 -9.84 -0.25 46.70
C ALA E 589 -9.46 0.71 47.81
N GLN E 590 -9.45 0.27 49.07
CA GLN E 590 -9.13 1.12 50.21
C GLN E 590 -7.93 0.52 50.93
N ARG E 591 -6.77 1.16 50.81
CA ARG E 591 -5.51 0.63 51.32
C ARG E 591 -5.13 1.36 52.60
N ALA E 592 -4.88 0.60 53.64
CA ALA E 592 -4.30 1.15 54.86
C ALA E 592 -2.80 0.90 54.85
N GLY E 593 -2.08 1.70 55.63
CA GLY E 593 -0.64 1.58 55.76
C GLY E 593 0.12 2.81 55.33
N GLU E 594 1.32 3.00 55.86
CA GLU E 594 2.11 4.14 55.41
C GLU E 594 2.57 3.95 53.97
N THR E 595 2.92 2.73 53.60
CA THR E 595 3.08 2.34 52.21
C THR E 595 2.18 1.14 51.93
N THR E 596 1.84 0.99 50.65
CA THR E 596 1.06 -0.13 50.15
C THR E 596 1.80 -0.73 48.95
N GLU E 597 1.63 -2.03 48.74
CA GLU E 597 2.22 -2.64 47.56
C GLU E 597 1.28 -2.53 46.38
N VAL E 598 1.81 -2.05 45.26
CA VAL E 598 1.09 -2.02 44.00
C VAL E 598 1.76 -3.01 43.07
N LYS E 599 1.05 -4.06 42.70
CA LYS E 599 1.55 -5.03 41.75
C LYS E 599 1.03 -4.75 40.35
N VAL E 600 1.90 -4.95 39.37
CA VAL E 600 1.55 -4.77 37.97
C VAL E 600 1.97 -6.02 37.21
N TYR E 601 1.10 -6.50 36.32
CA TYR E 601 1.44 -7.57 35.38
C TYR E 601 1.51 -7.00 33.97
N SER E 602 2.49 -7.47 33.19
CA SER E 602 2.67 -6.99 31.84
C SER E 602 3.50 -7.98 31.03
N ASN E 603 3.25 -8.02 29.73
CA ASN E 603 4.16 -8.73 28.83
C ASN E 603 5.21 -7.80 28.19
N GLN E 604 5.16 -6.50 28.48
CA GLN E 604 6.33 -5.63 28.34
C GLN E 604 7.24 -5.81 29.56
N ASP E 605 8.51 -5.48 29.40
CA ASP E 605 9.45 -5.72 30.50
C ASP E 605 9.76 -4.50 31.37
N THR E 606 9.34 -3.30 30.99
CA THR E 606 9.65 -2.13 31.79
C THR E 606 8.34 -1.43 32.10
N VAL E 607 8.06 -1.24 33.39
CA VAL E 607 6.88 -0.54 33.86
C VAL E 607 7.34 0.65 34.68
N THR E 608 6.88 1.84 34.33
CA THR E 608 7.02 3.02 35.18
C THR E 608 5.67 3.25 35.85
N LEU E 609 5.69 3.51 37.16
CA LEU E 609 4.45 3.69 37.93
C LEU E 609 4.33 5.13 38.42
N TYR E 610 3.17 5.72 38.24
CA TYR E 610 2.91 7.06 38.74
C TYR E 610 1.79 7.03 39.76
N CYS E 611 1.95 7.83 40.80
CA CYS E 611 0.91 8.09 41.80
C CYS E 611 0.61 9.57 41.79
N ASN E 612 -0.63 9.91 41.47
CA ASN E 612 -1.08 11.30 41.32
C ASN E 612 -0.10 12.13 40.49
N GLY E 613 0.29 11.59 39.33
CA GLY E 613 1.21 12.27 38.43
C GLY E 613 2.68 12.18 38.79
N LYS E 614 3.04 11.74 39.98
CA LYS E 614 4.42 11.70 40.40
C LYS E 614 4.99 10.30 40.18
N GLU E 615 6.17 10.24 39.57
CA GLU E 615 6.78 8.94 39.33
C GLU E 615 7.13 8.22 40.63
N VAL E 616 6.66 6.98 40.77
CA VAL E 616 6.95 6.18 41.94
C VAL E 616 8.20 5.33 41.71
N GLY E 617 8.41 4.86 40.49
CA GLY E 617 9.52 3.98 40.20
C GLY E 617 9.43 3.46 38.78
N THR E 618 10.55 2.88 38.36
CA THR E 618 10.63 2.12 37.12
C THR E 618 11.31 0.80 37.44
N GLN E 619 10.79 -0.28 36.90
CA GLN E 619 11.34 -1.60 37.11
C GLN E 619 11.41 -2.33 35.79
N THR E 620 12.44 -3.14 35.63
CA THR E 620 12.52 -4.11 34.55
C THR E 620 12.49 -5.48 35.19
N ALA E 621 11.36 -6.16 35.04
CA ALA E 621 11.15 -7.49 35.59
C ALA E 621 10.53 -8.35 34.50
N HIS E 622 10.49 -9.65 34.75
CA HIS E 622 9.84 -10.57 33.83
C HIS E 622 8.40 -10.79 34.33
N ARG E 623 7.44 -10.07 33.73
CA ARG E 623 5.99 -10.28 33.88
C ARG E 623 5.38 -9.66 35.14
N VAL E 624 6.00 -9.87 36.30
CA VAL E 624 5.46 -9.43 37.58
C VAL E 624 6.31 -8.29 38.13
N PHE E 625 5.65 -7.17 38.45
CA PHE E 625 6.28 -5.96 38.96
C PHE E 625 5.62 -5.59 40.29
N LYS E 626 6.42 -5.35 41.32
CA LYS E 626 5.88 -4.96 42.62
C LYS E 626 6.50 -3.63 43.02
N PHE E 627 5.66 -2.67 43.42
CA PHE E 627 6.10 -1.32 43.81
C PHE E 627 5.64 -1.00 45.22
N ASP E 628 6.49 -0.32 45.98
CA ASP E 628 6.07 0.22 47.27
C ASP E 628 5.70 1.68 47.08
N VAL E 629 4.44 1.97 47.31
CA VAL E 629 3.91 3.31 47.11
C VAL E 629 3.45 3.86 48.45
N ALA E 630 3.90 5.06 48.78
CA ALA E 630 3.31 5.80 49.89
C ALA E 630 2.22 6.68 49.28
N LEU E 631 0.97 6.28 49.48
CA LEU E 631 -0.15 7.01 48.87
C LEU E 631 -0.34 8.36 49.53
N ASP E 632 -0.70 9.35 48.73
CA ASP E 632 -1.22 10.59 49.28
C ASP E 632 -2.45 10.33 50.14
N GLU E 633 -2.77 11.28 51.00
CA GLU E 633 -4.07 11.25 51.65
C GLU E 633 -5.16 11.35 50.60
N GLY E 634 -6.27 10.66 50.85
CA GLY E 634 -7.40 10.73 49.95
C GLY E 634 -7.33 9.79 48.76
N PHE E 635 -7.74 10.26 47.60
CA PHE E 635 -7.80 9.42 46.42
C PHE E 635 -6.54 9.54 45.58
N ASN E 636 -6.13 8.42 44.99
CA ASN E 636 -4.83 8.29 44.34
C ASN E 636 -5.04 7.67 42.98
N VAL E 637 -4.55 8.33 41.95
CA VAL E 637 -4.52 7.75 40.61
C VAL E 637 -3.22 6.96 40.47
N LEU E 638 -3.34 5.67 40.28
CA LEU E 638 -2.20 4.83 39.99
C LEU E 638 -2.19 4.56 38.48
N MET E 639 -1.15 5.04 37.80
CA MET E 639 -1.02 4.82 36.36
C MET E 639 0.24 4.01 36.11
N ALA E 640 0.10 2.91 35.39
CA ALA E 640 1.22 2.08 34.98
C ALA E 640 1.47 2.29 33.49
N VAL E 641 2.72 2.58 33.13
CA VAL E 641 3.12 2.89 31.76
C VAL E 641 4.13 1.83 31.34
N ALA E 642 3.75 0.98 30.40
CA ALA E 642 4.68 0.01 29.84
C ALA E 642 5.27 0.68 28.61
N ASP E 643 5.39 -0.01 27.49
CA ASP E 643 5.89 0.73 26.34
C ASP E 643 4.75 1.45 25.64
N THR E 644 3.98 0.70 24.87
CA THR E 644 2.89 1.23 24.06
C THR E 644 1.53 1.13 24.74
N VAL E 645 1.47 0.64 25.98
CA VAL E 645 0.19 0.44 26.66
C VAL E 645 0.27 1.10 28.02
N LYS E 646 -0.88 1.49 28.55
CA LYS E 646 -0.98 2.13 29.85
C LYS E 646 -2.20 1.61 30.57
N ASP E 647 -2.15 1.64 31.89
CA ASP E 647 -3.32 1.26 32.70
C ASP E 647 -3.47 2.28 33.82
N SER E 648 -4.67 2.34 34.38
CA SER E 648 -4.96 3.33 35.40
C SER E 648 -6.08 2.82 36.30
N ILE E 649 -5.88 2.88 37.61
CA ILE E 649 -6.92 2.61 38.59
C ILE E 649 -6.86 3.72 39.62
N THR E 650 -7.88 3.76 40.49
CA THR E 650 -7.93 4.74 41.57
C THR E 650 -8.01 4.00 42.89
N LEU E 651 -7.15 4.40 43.83
CA LEU E 651 -7.12 3.84 45.17
C LEU E 651 -7.33 4.96 46.18
N GLU E 652 -7.76 4.56 47.38
CA GLU E 652 -8.02 5.49 48.46
C GLU E 652 -7.15 5.08 49.63
N LYS E 653 -6.47 6.06 50.23
CA LYS E 653 -5.77 5.80 51.48
C LYS E 653 -6.75 5.90 52.64
N VAL E 654 -6.68 4.94 53.55
CA VAL E 654 -7.56 4.89 54.72
C VAL E 654 -6.73 4.54 55.95
N GLU E 655 -7.22 4.93 57.12
CA GLU E 655 -6.51 4.59 58.34
C GLU E 655 -6.66 3.11 58.67
N THR E 656 -7.89 2.63 58.66
CA THR E 656 -8.17 1.24 58.87
C THR E 656 -9.04 0.74 57.71
N GLU E 657 -8.71 -0.46 57.20
CA GLU E 657 -9.41 -1.01 56.05
C GLU E 657 -10.75 -1.60 56.47
N PRO E 658 -11.72 -1.64 55.55
CA PRO E 658 -13.07 -2.03 55.95
C PRO E 658 -13.11 -3.47 56.43
N ALA E 659 -14.07 -3.75 57.30
CA ALA E 659 -14.23 -5.10 57.82
C ALA E 659 -14.63 -6.07 56.71
N CYS E 660 -15.39 -5.59 55.71
CA CYS E 660 -15.87 -6.46 54.65
C CYS E 660 -14.75 -6.99 53.74
N TYR E 661 -13.49 -6.60 53.92
CA TYR E 661 -12.38 -7.25 53.23
C TYR E 661 -11.92 -8.54 53.90
N THR E 662 -12.41 -8.90 55.07
CA THR E 662 -11.95 -10.11 55.72
C THR E 662 -13.11 -11.06 56.00
N LEU E 663 -12.87 -12.34 55.70
CA LEU E 663 -13.79 -13.40 56.09
C LEU E 663 -14.07 -13.29 57.58
N PRO E 664 -15.34 -13.39 58.00
CA PRO E 664 -15.75 -13.40 59.42
C PRO E 664 -15.03 -14.47 60.23
N ASN F 22 42.45 0.39 3.07
CA ASN F 22 42.07 -0.64 4.07
C ASN F 22 43.05 -0.74 5.24
N ALA F 23 42.83 0.06 6.30
CA ALA F 23 43.77 0.15 7.43
C ALA F 23 45.08 0.67 6.84
N MET F 24 46.23 0.12 7.20
CA MET F 24 47.49 0.61 6.65
C MET F 24 47.86 -0.04 5.33
N ARG F 25 47.07 -0.99 4.83
CA ARG F 25 47.25 -1.51 3.47
C ARG F 25 46.74 -0.50 2.45
N GLU F 26 47.57 -0.25 1.43
CA GLU F 26 47.32 0.75 0.40
C GLU F 26 47.56 0.09 -0.95
N ILE F 27 46.51 -0.02 -1.76
CA ILE F 27 46.60 -0.62 -3.08
C ILE F 27 46.61 0.49 -4.12
N ILE F 28 47.65 0.54 -4.95
CA ILE F 28 47.81 1.56 -5.98
C ILE F 28 47.77 0.89 -7.34
N SER F 29 46.89 1.37 -8.21
CA SER F 29 46.87 0.88 -9.59
C SER F 29 48.06 1.44 -10.35
N LEU F 30 48.72 0.57 -11.12
CA LEU F 30 49.84 0.94 -11.98
C LEU F 30 49.50 0.76 -13.44
N ASN F 31 48.25 1.04 -13.81
CA ASN F 31 47.83 0.71 -15.17
C ASN F 31 48.29 1.73 -16.20
N GLU F 32 48.73 2.91 -15.78
CA GLU F 32 49.06 3.96 -16.73
C GLU F 32 50.56 4.12 -16.93
N GLY F 33 50.90 4.88 -17.98
CA GLY F 33 52.25 5.38 -18.14
C GLY F 33 53.27 4.39 -18.61
N TRP F 34 52.87 3.39 -19.38
CA TRP F 34 53.77 2.34 -19.83
C TRP F 34 54.26 2.60 -21.25
N THR F 35 55.48 2.13 -21.50
CA THR F 35 56.05 1.98 -22.83
C THR F 35 56.20 0.49 -23.09
N LEU F 36 55.90 0.07 -24.32
CA LEU F 36 55.95 -1.34 -24.70
C LEU F 36 56.91 -1.50 -25.86
N ARG F 37 57.95 -2.32 -25.68
CA ARG F 37 58.93 -2.53 -26.73
C ARG F 37 58.95 -3.99 -27.13
N PHE F 38 59.51 -4.27 -28.30
CA PHE F 38 59.71 -5.66 -28.72
C PHE F 38 61.19 -5.85 -29.02
N PRO F 39 61.93 -6.57 -28.16
CA PRO F 39 63.36 -6.86 -28.40
C PRO F 39 63.67 -7.19 -29.86
N LYS F 40 63.00 -8.23 -30.39
CA LYS F 40 63.11 -8.71 -31.76
C LYS F 40 62.56 -7.75 -32.79
N GLY F 41 62.08 -6.57 -32.42
CA GLY F 41 61.83 -5.50 -33.38
C GLY F 41 60.66 -5.67 -34.32
N GLU F 42 59.70 -6.56 -34.03
CA GLU F 42 58.54 -6.69 -34.90
C GLU F 42 57.67 -5.45 -34.92
N ARG F 43 57.79 -4.57 -33.92
CA ARG F 43 56.98 -3.36 -33.86
C ARG F 43 57.81 -2.24 -33.27
N ALA F 44 57.39 -1.02 -33.56
CA ALA F 44 58.00 0.15 -32.95
C ALA F 44 57.55 0.27 -31.50
N ALA F 45 58.37 0.96 -30.71
CA ALA F 45 58.00 1.26 -29.34
C ALA F 45 56.73 2.09 -29.31
N GLU F 46 55.81 1.73 -28.41
CA GLU F 46 54.54 2.40 -28.25
C GLU F 46 54.27 2.59 -26.76
N THR F 47 53.63 3.69 -26.41
CA THR F 47 53.14 3.88 -25.06
C THR F 47 51.73 3.30 -24.96
N VAL F 48 51.48 2.54 -23.88
CA VAL F 48 50.23 1.83 -23.71
C VAL F 48 49.71 2.06 -22.30
N THR F 49 48.41 1.79 -22.14
CA THR F 49 47.72 1.78 -20.86
C THR F 49 47.23 0.36 -20.60
N LEU F 50 47.35 -0.08 -19.36
CA LEU F 50 46.77 -1.38 -19.05
C LEU F 50 45.30 -1.21 -18.67
N PRO F 51 44.47 -2.25 -18.87
CA PRO F 51 44.83 -3.58 -19.42
C PRO F 51 45.09 -3.55 -20.93
N HIS F 52 46.09 -4.32 -21.35
CA HIS F 52 46.55 -4.21 -22.72
C HIS F 52 46.98 -5.58 -23.21
N THR F 53 46.79 -5.79 -24.52
CA THR F 53 47.38 -6.93 -25.20
C THR F 53 47.78 -6.48 -26.60
N TRP F 54 48.93 -6.94 -27.06
CA TRP F 54 49.39 -6.57 -28.40
C TRP F 54 48.67 -7.37 -29.47
N ASN F 55 47.83 -8.33 -29.08
CA ASN F 55 47.04 -9.12 -30.00
C ASN F 55 45.56 -8.71 -29.98
N ALA F 56 45.29 -7.46 -29.61
CA ALA F 56 43.91 -6.97 -29.59
C ALA F 56 43.27 -7.05 -30.96
N VAL F 57 44.01 -6.73 -32.02
CA VAL F 57 43.45 -6.73 -33.36
C VAL F 57 43.86 -7.98 -34.15
N ASP F 58 45.16 -8.26 -34.26
CA ASP F 58 45.57 -9.37 -35.11
C ASP F 58 45.17 -10.74 -34.56
N GLY F 59 44.72 -10.82 -33.31
CA GLY F 59 44.24 -12.08 -32.75
C GLY F 59 42.82 -12.46 -33.15
N MET F 60 42.11 -11.58 -33.87
CA MET F 60 40.76 -11.93 -34.29
C MET F 60 40.35 -11.28 -35.61
N ASP F 61 41.24 -10.63 -36.36
CA ASP F 61 40.87 -10.02 -37.63
C ASP F 61 41.03 -10.96 -38.83
N GLY F 62 41.47 -12.19 -38.63
CA GLY F 62 41.53 -13.11 -39.76
C GLY F 62 42.59 -12.81 -40.80
N ASN F 63 43.62 -12.03 -40.46
CA ASN F 63 44.78 -11.88 -41.35
C ASN F 63 45.48 -13.19 -41.62
N GLY F 64 45.35 -14.18 -40.74
CA GLY F 64 45.99 -15.46 -40.96
C GLY F 64 46.80 -15.98 -39.78
N SER F 65 47.29 -15.08 -38.93
CA SER F 65 48.14 -15.47 -37.81
C SER F 65 48.09 -14.39 -36.75
N TYR F 66 48.77 -14.64 -35.61
CA TYR F 66 48.91 -13.62 -34.58
C TYR F 66 50.32 -13.63 -34.00
N LEU F 67 50.78 -12.46 -33.58
CA LEU F 67 52.16 -12.28 -33.15
C LEU F 67 52.39 -12.93 -31.78
N ARG F 68 53.27 -13.93 -31.75
CA ARG F 68 53.71 -14.55 -30.50
C ARG F 68 55.20 -14.28 -30.34
N THR F 69 55.55 -13.39 -29.42
CA THR F 69 56.94 -12.94 -29.25
C THR F 69 57.14 -12.51 -27.80
N THR F 70 58.18 -11.74 -27.54
CA THR F 70 58.41 -11.12 -26.25
C THR F 70 58.10 -9.64 -26.34
N GLY F 71 57.19 -9.17 -25.51
CA GLY F 71 56.94 -7.75 -25.31
C GLY F 71 57.46 -7.33 -23.95
N VAL F 72 58.05 -6.16 -23.89
CA VAL F 72 58.65 -5.66 -22.66
C VAL F 72 57.95 -4.36 -22.30
N TYR F 73 57.18 -4.39 -21.22
CA TYR F 73 56.49 -3.23 -20.69
C TYR F 73 57.38 -2.57 -19.65
N SER F 74 57.27 -1.25 -19.54
CA SER F 74 58.21 -0.52 -18.72
C SER F 74 57.60 0.81 -18.31
N ARG F 75 57.63 1.11 -17.02
CA ARG F 75 57.22 2.41 -16.51
C ARG F 75 58.01 2.72 -15.24
N THR F 76 57.85 3.95 -14.76
CA THR F 76 58.47 4.38 -13.52
C THR F 76 57.37 4.62 -12.47
N PHE F 77 57.70 4.35 -11.21
CA PHE F 77 56.76 4.50 -10.10
C PHE F 77 57.48 5.06 -8.88
N LYS F 78 56.70 5.61 -7.95
CA LYS F 78 57.26 6.14 -6.72
C LYS F 78 57.13 5.10 -5.61
N LYS F 79 58.18 4.96 -4.80
CA LYS F 79 58.14 4.06 -3.65
C LYS F 79 57.05 4.53 -2.69
N PRO F 80 56.07 3.70 -2.37
CA PRO F 80 55.05 4.11 -1.38
C PRO F 80 55.66 4.19 0.01
N VAL F 81 55.04 5.02 0.85
CA VAL F 81 55.54 5.30 2.18
C VAL F 81 54.51 4.88 3.23
N GLN F 82 54.96 4.12 4.21
CA GLN F 82 54.22 3.73 5.40
C GLN F 82 54.55 4.69 6.53
N PRO F 83 53.59 5.02 7.39
CA PRO F 83 53.87 5.97 8.48
C PRO F 83 54.79 5.39 9.56
N LEU F 84 54.88 4.07 9.70
CA LEU F 84 55.74 3.40 10.67
C LEU F 84 56.90 2.70 9.96
N THR F 85 57.99 2.51 10.71
CA THR F 85 59.12 1.75 10.21
C THR F 85 58.70 0.33 9.85
N GLY F 86 59.33 -0.21 8.82
CA GLY F 86 59.14 -1.59 8.44
C GLY F 86 58.33 -1.79 7.19
N GLY F 87 57.99 -0.70 6.50
CA GLY F 87 57.09 -0.79 5.36
C GLY F 87 57.63 -1.73 4.29
N ARG F 88 56.70 -2.46 3.67
CA ARG F 88 57.02 -3.39 2.61
C ARG F 88 56.32 -2.98 1.31
N VAL F 89 56.91 -3.36 0.19
CA VAL F 89 56.37 -3.05 -1.13
C VAL F 89 56.27 -4.34 -1.93
N TYR F 90 55.07 -4.62 -2.46
CA TYR F 90 54.84 -5.75 -3.35
C TYR F 90 54.36 -5.20 -4.68
N VAL F 91 54.63 -5.94 -5.75
CA VAL F 91 54.02 -5.71 -7.05
C VAL F 91 53.11 -6.87 -7.32
N GLU F 92 51.90 -6.57 -7.82
CA GLU F 92 50.84 -7.56 -8.07
C GLU F 92 50.50 -7.51 -9.56
N VAL F 93 50.82 -8.58 -10.27
CA VAL F 93 50.46 -8.74 -11.69
C VAL F 93 49.23 -9.63 -11.73
N LEU F 94 48.12 -9.09 -12.23
CA LEU F 94 46.86 -9.84 -12.21
C LEU F 94 46.85 -10.95 -13.25
N ALA F 95 47.56 -10.77 -14.36
CA ALA F 95 47.82 -11.87 -15.27
C ALA F 95 48.90 -11.44 -16.26
N ALA F 96 49.65 -12.43 -16.75
CA ALA F 96 50.62 -12.16 -17.81
C ALA F 96 50.66 -13.38 -18.73
N ALA F 97 50.13 -13.23 -19.94
CA ALA F 97 50.03 -14.35 -20.88
C ALA F 97 51.24 -14.36 -21.81
N LEU F 98 52.06 -15.42 -21.74
CA LEU F 98 51.86 -16.60 -20.90
C LEU F 98 52.99 -16.81 -19.88
N ASP F 99 54.08 -16.06 -20.03
CA ASP F 99 55.31 -16.22 -19.28
C ASP F 99 55.82 -14.83 -18.99
N ALA F 100 56.34 -14.59 -17.78
CA ALA F 100 56.78 -13.24 -17.46
C ALA F 100 57.97 -13.26 -16.51
N THR F 101 58.72 -12.16 -16.58
CA THR F 101 59.81 -11.87 -15.67
C THR F 101 59.63 -10.41 -15.23
N VAL F 102 59.64 -10.19 -13.92
CA VAL F 102 59.48 -8.86 -13.34
C VAL F 102 60.85 -8.40 -12.87
N LYS F 103 61.24 -7.20 -13.29
CA LYS F 103 62.45 -6.56 -12.81
C LYS F 103 62.09 -5.24 -12.16
N VAL F 104 62.76 -4.89 -11.06
CA VAL F 104 62.72 -3.54 -10.51
C VAL F 104 64.14 -3.03 -10.51
N ASN F 105 64.35 -1.86 -11.13
CA ASN F 105 65.68 -1.28 -11.33
C ASN F 105 66.70 -2.29 -11.86
N GLY F 106 66.27 -3.10 -12.84
CA GLY F 106 67.14 -4.05 -13.50
C GLY F 106 67.34 -5.37 -12.78
N THR F 107 66.96 -5.47 -11.52
CA THR F 107 67.12 -6.70 -10.76
C THR F 107 65.85 -7.53 -10.89
N VAL F 108 66.00 -8.78 -11.33
CA VAL F 108 64.86 -9.67 -11.39
C VAL F 108 64.22 -9.75 -10.01
N ALA F 109 62.91 -9.47 -9.94
CA ALA F 109 62.14 -9.67 -8.73
C ALA F 109 61.46 -11.03 -8.70
N THR F 110 60.98 -11.52 -9.85
CA THR F 110 60.29 -12.80 -9.89
C THR F 110 60.04 -13.19 -11.34
N THR F 111 59.73 -14.48 -11.54
CA THR F 111 59.27 -15.02 -12.81
C THR F 111 57.98 -15.81 -12.57
N HIS F 112 57.13 -15.90 -13.60
CA HIS F 112 55.88 -16.63 -13.51
C HIS F 112 55.60 -17.37 -14.81
N GLU F 113 54.99 -18.55 -14.69
CA GLU F 113 54.46 -19.32 -15.82
C GLU F 113 52.95 -19.51 -15.66
N GLY F 114 52.24 -19.48 -16.78
CA GLY F 114 50.78 -19.45 -16.73
C GLY F 114 50.23 -18.06 -16.95
N GLY F 115 49.28 -17.92 -17.88
CA GLY F 115 48.85 -16.61 -18.34
C GLY F 115 47.54 -16.11 -17.77
N PHE F 116 47.00 -16.77 -16.74
CA PHE F 116 45.64 -16.48 -16.31
C PHE F 116 45.49 -16.38 -14.80
N SER F 117 46.58 -16.21 -14.05
CA SER F 117 46.49 -16.19 -12.60
C SER F 117 47.39 -15.10 -12.04
N ILE F 118 47.01 -14.61 -10.84
CA ILE F 118 47.75 -13.54 -10.16
C ILE F 118 49.09 -14.06 -9.64
N PHE F 119 50.11 -13.21 -9.70
CA PHE F 119 51.38 -13.52 -9.05
C PHE F 119 51.95 -12.22 -8.49
N ARG F 120 52.67 -12.33 -7.39
CA ARG F 120 53.20 -11.15 -6.73
C ARG F 120 54.69 -11.32 -6.45
N ALA F 121 55.34 -10.20 -6.17
CA ALA F 121 56.75 -10.20 -5.78
C ALA F 121 56.95 -9.16 -4.70
N ASP F 122 57.65 -9.54 -3.62
CA ASP F 122 58.08 -8.57 -2.61
C ASP F 122 59.29 -7.82 -3.16
N ILE F 123 59.10 -6.54 -3.48
CA ILE F 123 60.17 -5.79 -4.12
C ILE F 123 60.74 -4.75 -3.17
N THR F 124 60.60 -4.96 -1.85
CA THR F 124 60.96 -3.91 -0.88
C THR F 124 62.42 -3.51 -1.01
N ASP F 125 63.31 -4.48 -1.16
CA ASP F 125 64.73 -4.20 -1.18
C ASP F 125 65.24 -3.71 -2.53
N LEU F 126 64.54 -4.02 -3.63
CA LEU F 126 64.87 -3.47 -4.94
C LEU F 126 64.50 -2.01 -5.09
N CYS F 127 63.79 -1.45 -4.12
CA CYS F 127 63.24 -0.11 -4.22
C CYS F 127 64.15 0.91 -3.56
N ARG F 128 64.33 2.04 -4.22
CA ARG F 128 64.91 3.22 -3.61
C ARG F 128 63.84 4.29 -3.46
N ASP F 129 64.13 5.32 -2.69
CA ASP F 129 63.17 6.40 -2.52
C ASP F 129 62.95 7.12 -3.85
N GLY F 130 61.79 7.73 -3.98
CA GLY F 130 61.48 8.45 -5.20
C GLY F 130 61.24 7.48 -6.35
N ASP F 131 61.73 7.89 -7.52
CA ASP F 131 61.44 7.20 -8.76
C ASP F 131 62.18 5.88 -8.85
N ASN F 132 61.46 4.82 -9.24
CA ASN F 132 62.03 3.52 -9.55
C ASN F 132 61.51 3.09 -10.92
N GLU F 133 62.20 2.14 -11.53
CA GLU F 133 61.82 1.66 -12.84
C GLU F 133 61.36 0.21 -12.73
N LEU F 134 60.22 -0.10 -13.37
CA LEU F 134 59.60 -1.42 -13.32
C LEU F 134 59.49 -1.99 -14.74
N THR F 135 60.03 -3.18 -14.94
CA THR F 135 60.06 -3.86 -16.23
C THR F 135 59.40 -5.20 -16.09
N ILE F 136 58.57 -5.55 -17.07
CA ILE F 136 57.90 -6.84 -17.10
C ILE F 136 57.99 -7.38 -18.51
N GLU F 137 58.80 -8.42 -18.70
CA GLU F 137 58.96 -9.08 -19.99
C GLU F 137 57.90 -10.16 -20.09
N VAL F 138 57.05 -10.08 -21.10
CA VAL F 138 55.99 -11.05 -21.28
C VAL F 138 56.15 -11.70 -22.64
N SER F 139 56.06 -13.00 -22.68
CA SER F 139 56.13 -13.75 -23.91
C SER F 139 54.95 -14.70 -23.98
N ASN F 140 54.31 -14.80 -25.16
CA ASN F 140 53.23 -15.75 -25.37
C ASN F 140 53.58 -16.83 -26.39
N GLU F 141 54.86 -17.21 -26.48
CA GLU F 141 55.30 -18.29 -27.36
C GLU F 141 55.27 -19.63 -26.64
N ASP F 142 55.26 -20.71 -27.41
CA ASP F 142 55.21 -22.02 -26.80
C ASP F 142 56.53 -22.33 -26.08
N THR F 143 56.45 -23.14 -25.04
CA THR F 143 57.61 -23.64 -24.30
C THR F 143 57.31 -25.09 -23.96
N PRO F 144 58.35 -25.88 -23.66
CA PRO F 144 58.09 -27.31 -23.41
C PRO F 144 57.12 -27.55 -22.28
N SER F 145 57.01 -26.62 -21.32
CA SER F 145 56.11 -26.80 -20.18
C SER F 145 54.76 -26.12 -20.36
N MET F 146 54.58 -25.26 -21.37
CA MET F 146 53.43 -24.36 -21.42
C MET F 146 52.12 -25.06 -21.77
N TYR F 147 51.09 -24.79 -20.97
CA TYR F 147 49.69 -24.87 -21.33
C TYR F 147 49.09 -23.48 -21.17
N PRO F 148 48.19 -23.06 -22.08
CA PRO F 148 47.71 -23.82 -23.24
C PRO F 148 48.73 -23.93 -24.39
N ALA F 149 48.63 -24.97 -25.23
CA ALA F 149 49.52 -25.08 -26.38
C ALA F 149 48.77 -25.43 -27.66
N SER F 150 47.78 -26.31 -27.59
CA SER F 150 47.00 -26.76 -28.74
C SER F 150 45.54 -26.50 -28.41
N ALA F 151 44.98 -25.41 -28.96
CA ALA F 151 43.62 -25.06 -28.59
C ALA F 151 42.99 -24.20 -29.66
N ASP F 152 41.66 -24.17 -29.65
CA ASP F 152 40.84 -23.42 -30.60
C ASP F 152 40.47 -22.05 -30.02
N PHE F 153 41.49 -21.26 -29.69
CA PHE F 153 41.28 -19.89 -29.26
C PHE F 153 42.64 -19.19 -29.20
N THR F 154 42.59 -17.87 -29.31
CA THR F 154 43.79 -17.09 -29.50
C THR F 154 44.47 -16.88 -28.16
N PHE F 155 45.77 -17.15 -28.11
CA PHE F 155 46.55 -16.93 -26.90
C PHE F 155 47.05 -15.49 -26.87
N TYR F 156 46.12 -14.57 -26.60
CA TYR F 156 46.45 -13.15 -26.54
C TYR F 156 47.59 -12.93 -25.55
N GLY F 157 48.58 -12.15 -25.95
CA GLY F 157 49.75 -11.93 -25.11
C GLY F 157 49.72 -10.56 -24.45
N GLY F 158 50.23 -10.51 -23.21
CA GLY F 158 50.47 -9.22 -22.58
C GLY F 158 49.87 -9.16 -21.21
N LEU F 159 49.70 -7.93 -20.75
CA LEU F 159 49.20 -7.60 -19.41
C LEU F 159 47.73 -7.21 -19.50
N TYR F 160 46.89 -8.21 -19.71
CA TYR F 160 45.53 -7.95 -20.16
C TYR F 160 44.55 -7.76 -19.01
N ARG F 161 45.02 -7.84 -17.75
CA ARG F 161 44.26 -7.52 -16.56
C ARG F 161 44.80 -6.36 -15.72
N GLY F 162 46.03 -5.89 -15.95
CA GLY F 162 46.56 -4.75 -15.20
C GLY F 162 47.53 -5.17 -14.11
N VAL F 163 48.06 -4.15 -13.41
CA VAL F 163 49.15 -4.32 -12.44
C VAL F 163 48.91 -3.40 -11.25
N ASN F 164 49.18 -3.89 -10.03
CA ASN F 164 49.04 -3.08 -8.82
C ASN F 164 50.32 -3.07 -8.00
N LEU F 165 50.44 -2.00 -7.22
CA LEU F 165 51.48 -1.82 -6.22
C LEU F 165 50.82 -1.91 -4.86
N ILE F 166 51.36 -2.75 -3.96
CA ILE F 166 50.75 -2.95 -2.65
C ILE F 166 51.75 -2.56 -1.56
N SER F 167 51.35 -1.64 -0.69
CA SER F 167 52.14 -1.17 0.44
C SER F 167 51.50 -1.68 1.73
N VAL F 168 52.24 -2.45 2.53
CA VAL F 168 51.73 -2.96 3.80
C VAL F 168 52.76 -2.73 4.90
N PRO F 169 52.32 -2.73 6.16
CA PRO F 169 53.26 -2.82 7.29
C PRO F 169 54.01 -4.15 7.31
N ASN F 170 55.02 -4.23 8.19
CA ASN F 170 55.86 -5.41 8.27
C ASN F 170 55.08 -6.64 8.66
N ALA F 171 54.14 -6.51 9.59
CA ALA F 171 53.15 -7.54 9.84
C ALA F 171 51.89 -7.22 9.01
N HIS F 172 51.45 -8.20 8.21
CA HIS F 172 50.37 -8.03 7.24
C HIS F 172 49.84 -9.40 6.88
N PHE F 173 48.64 -9.43 6.30
CA PHE F 173 48.12 -10.70 5.80
C PHE F 173 48.93 -11.16 4.59
N ASP F 174 49.16 -12.48 4.52
CA ASP F 174 50.10 -13.07 3.57
C ASP F 174 49.84 -12.64 2.12
N LEU F 175 50.91 -12.16 1.46
CA LEU F 175 50.85 -11.79 0.06
C LEU F 175 51.72 -12.69 -0.82
N ASP F 176 52.37 -13.70 -0.23
CA ASP F 176 53.43 -14.45 -0.88
C ASP F 176 53.04 -15.87 -1.25
N TYR F 177 51.81 -16.27 -1.00
CA TYR F 177 51.38 -17.65 -1.23
C TYR F 177 50.43 -17.72 -2.44
N TYR F 178 51.00 -17.81 -3.63
CA TYR F 178 50.28 -18.24 -4.82
C TYR F 178 49.24 -17.20 -5.27
N GLY F 179 49.56 -15.92 -5.12
CA GLY F 179 48.63 -14.86 -5.47
C GLY F 179 47.33 -14.92 -4.70
N GLY F 180 47.31 -15.60 -3.55
CA GLY F 180 46.11 -15.79 -2.79
C GLY F 180 45.65 -14.55 -2.06
N PRO F 181 44.42 -14.59 -1.56
CA PRO F 181 43.88 -13.40 -0.88
C PRO F 181 44.34 -13.26 0.55
N GLY F 182 44.95 -14.29 1.13
CA GLY F 182 45.41 -14.22 2.49
C GLY F 182 44.44 -14.75 3.51
N ILE F 183 43.27 -15.23 3.07
CA ILE F 183 42.24 -15.75 3.96
C ILE F 183 41.42 -16.76 3.17
N MET F 184 40.98 -17.80 3.85
CA MET F 184 40.06 -18.77 3.25
C MET F 184 38.85 -18.91 4.17
N VAL F 185 37.69 -19.07 3.55
CA VAL F 185 36.42 -19.09 4.27
C VAL F 185 35.58 -20.22 3.71
N THR F 186 35.14 -21.10 4.59
CA THR F 186 34.30 -22.23 4.19
C THR F 186 32.97 -22.11 4.90
N PRO F 187 31.95 -21.55 4.24
CA PRO F 187 30.61 -21.47 4.87
C PRO F 187 29.84 -22.75 4.63
N LYS F 188 29.17 -23.21 5.67
CA LYS F 188 28.31 -24.39 5.55
C LYS F 188 27.01 -24.16 6.32
N PRO F 189 25.86 -24.51 5.75
CA PRO F 189 24.60 -24.44 6.50
C PRO F 189 24.53 -25.49 7.59
N THR F 190 23.88 -25.13 8.69
CA THR F 190 23.60 -26.02 9.80
C THR F 190 22.11 -26.39 9.81
N ALA F 191 21.78 -27.43 10.57
CA ALA F 191 20.42 -27.96 10.59
C ALA F 191 19.43 -27.01 11.27
N ASP F 192 19.87 -26.18 12.20
CA ASP F 192 18.94 -25.29 12.87
C ASP F 192 18.69 -23.98 12.10
N GLY F 193 18.97 -23.92 10.79
CA GLY F 193 18.75 -22.72 10.03
C GLY F 193 19.89 -21.72 10.03
N GLY F 194 20.98 -22.00 10.70
CA GLY F 194 22.14 -21.13 10.72
C GLY F 194 23.20 -21.55 9.72
N ALA F 195 24.40 -20.99 9.90
CA ALA F 195 25.54 -21.28 9.05
C ALA F 195 26.80 -21.21 9.91
N THR F 196 27.74 -22.11 9.64
CA THR F 196 29.07 -22.00 10.19
C THR F 196 30.01 -21.47 9.12
N PHE F 197 30.90 -20.57 9.53
CA PHE F 197 31.95 -20.02 8.67
C PHE F 197 33.26 -20.49 9.30
N GLU F 198 33.86 -21.52 8.72
CA GLU F 198 35.20 -21.93 9.11
C GLU F 198 36.21 -21.03 8.43
N ILE F 199 37.01 -20.33 9.22
CA ILE F 199 37.84 -19.25 8.72
C ILE F 199 39.29 -19.55 9.06
N LYS F 200 40.17 -19.38 8.07
CA LYS F 200 41.60 -19.34 8.34
C LYS F 200 42.22 -18.20 7.55
N SER F 201 42.99 -17.36 8.25
CA SER F 201 43.78 -16.31 7.64
C SER F 201 45.26 -16.59 7.87
N PHE F 202 46.09 -15.92 7.11
CA PHE F 202 47.51 -16.23 7.09
C PHE F 202 48.29 -14.94 7.24
N VAL F 203 49.04 -14.84 8.34
CA VAL F 203 49.69 -13.61 8.76
C VAL F 203 51.19 -13.77 8.61
N THR F 204 51.81 -12.81 7.91
CA THR F 204 53.25 -12.74 7.73
C THR F 204 53.87 -11.93 8.86
N ASN F 205 54.90 -12.49 9.49
CA ASN F 205 55.52 -11.98 10.70
C ASN F 205 54.49 -11.86 11.81
N PRO F 206 53.79 -12.95 12.16
CA PRO F 206 52.89 -12.88 13.30
C PRO F 206 53.68 -12.63 14.58
N ASP F 207 52.96 -12.41 15.66
CA ASP F 207 53.58 -11.91 16.87
C ASP F 207 52.53 -11.82 17.99
N ASP F 208 52.95 -11.92 19.26
CA ASP F 208 51.97 -12.00 20.33
C ASP F 208 51.23 -10.68 20.58
N SER F 209 51.77 -9.55 20.10
CA SER F 209 51.07 -8.28 20.23
C SER F 209 50.03 -8.06 19.14
N PHE F 210 50.00 -8.92 18.13
CA PHE F 210 49.03 -8.83 17.05
C PHE F 210 47.97 -9.91 17.23
N THR F 211 46.70 -9.50 17.16
CA THR F 211 45.57 -10.42 17.07
C THR F 211 44.84 -10.18 15.74
N VAL F 212 44.14 -11.22 15.29
CA VAL F 212 43.27 -11.12 14.14
C VAL F 212 41.84 -11.01 14.65
N MET F 213 41.14 -9.95 14.26
CA MET F 213 39.76 -9.74 14.68
C MET F 213 38.86 -10.02 13.49
N TYR F 214 38.02 -11.05 13.62
CA TYR F 214 37.12 -11.43 12.54
C TYR F 214 35.72 -10.88 12.78
N SER F 215 35.09 -10.44 11.69
CA SER F 215 33.75 -9.88 11.70
C SER F 215 33.01 -10.41 10.49
N ILE F 216 31.73 -10.73 10.67
CA ILE F 216 30.88 -11.14 9.55
C ILE F 216 29.73 -10.14 9.44
N GLU F 217 29.66 -9.44 8.31
CA GLU F 217 28.56 -8.54 7.97
C GLU F 217 27.54 -9.27 7.12
N ASP F 218 26.26 -9.00 7.36
CA ASP F 218 25.16 -9.64 6.64
C ASP F 218 24.93 -8.93 5.31
N PRO F 219 24.04 -9.43 4.44
CA PRO F 219 23.86 -8.80 3.12
C PRO F 219 23.67 -7.30 3.18
N TYR F 220 23.07 -6.79 4.25
CA TYR F 220 22.72 -5.39 4.40
C TYR F 220 23.80 -4.58 5.11
N GLY F 221 24.97 -5.15 5.35
CA GLY F 221 26.09 -4.42 5.94
C GLY F 221 26.19 -4.48 7.45
N CYS F 222 25.28 -5.17 8.12
CA CYS F 222 25.28 -5.22 9.58
C CYS F 222 26.09 -6.39 10.12
N GLU F 223 26.88 -6.11 11.15
CA GLU F 223 27.64 -7.17 11.83
C GLU F 223 26.67 -8.14 12.49
N VAL F 224 26.84 -9.44 12.22
CA VAL F 224 26.01 -10.46 12.85
C VAL F 224 26.80 -11.44 13.70
N ALA F 225 28.13 -11.40 13.66
CA ALA F 225 28.96 -12.41 14.33
C ALA F 225 30.43 -11.96 14.31
N SER F 226 31.21 -12.44 15.27
CA SER F 226 32.61 -12.05 15.37
C SER F 226 33.37 -13.06 16.20
N ALA F 227 34.70 -13.03 16.04
CA ALA F 227 35.63 -13.81 16.86
C ALA F 227 37.04 -13.24 16.72
N VAL F 228 37.91 -13.61 17.65
CA VAL F 228 39.25 -13.06 17.73
C VAL F 228 40.23 -14.19 18.00
N ARG F 229 41.41 -14.11 17.40
CA ARG F 229 42.38 -15.18 17.53
C ARG F 229 43.77 -14.60 17.67
N PRO F 230 44.72 -15.35 18.26
CA PRO F 230 46.14 -14.98 18.15
C PRO F 230 46.57 -14.97 16.69
N SER F 231 47.56 -14.13 16.37
CA SER F 231 47.98 -14.06 14.97
C SER F 231 48.90 -15.20 14.56
N ASP F 232 49.34 -16.04 15.51
CA ASP F 232 50.08 -17.25 15.16
C ASP F 232 49.19 -18.49 15.24
N ASN F 233 47.88 -18.28 15.25
CA ASN F 233 46.91 -19.35 15.48
C ASN F 233 45.51 -18.84 15.17
N THR F 234 45.17 -18.71 13.88
CA THR F 234 44.05 -17.92 13.39
C THR F 234 42.80 -18.71 13.04
N ALA F 235 42.83 -20.04 13.09
CA ALA F 235 41.67 -20.78 12.61
C ALA F 235 40.56 -20.65 13.63
N ILE F 236 39.32 -20.53 13.14
CA ILE F 236 38.18 -20.36 14.01
C ILE F 236 36.93 -20.69 13.21
N SER F 237 35.91 -21.18 13.90
CA SER F 237 34.58 -21.37 13.36
C SER F 237 33.64 -20.35 13.99
N ILE F 238 32.95 -19.58 13.14
CA ILE F 238 32.00 -18.55 13.59
C ILE F 238 30.59 -18.91 13.11
N TYR F 239 29.66 -18.97 14.05
CA TYR F 239 28.28 -19.32 13.75
C TYR F 239 27.44 -18.07 13.52
N VAL F 240 26.66 -18.07 12.45
CA VAL F 240 25.67 -17.04 12.15
C VAL F 240 24.28 -17.66 12.24
N PRO F 241 23.40 -17.17 13.11
CA PRO F 241 22.03 -17.68 13.15
C PRO F 241 21.18 -17.11 12.02
N ASP F 242 20.14 -17.85 11.70
CA ASP F 242 19.13 -17.45 10.71
C ASP F 242 19.79 -17.04 9.39
N ALA F 243 20.66 -17.92 8.90
CA ALA F 243 21.50 -17.60 7.75
C ALA F 243 20.67 -17.44 6.47
N GLU F 244 21.05 -16.47 5.67
CA GLU F 244 20.46 -16.29 4.35
C GLU F 244 21.28 -17.07 3.33
N LEU F 245 20.65 -18.04 2.68
CA LEU F 245 21.38 -18.96 1.82
C LEU F 245 21.71 -18.30 0.48
N TRP F 246 22.78 -18.80 -0.15
CA TRP F 246 23.15 -18.39 -1.51
C TRP F 246 22.58 -19.37 -2.52
N SER F 247 21.99 -18.85 -3.60
CA SER F 247 21.57 -19.67 -4.73
C SER F 247 21.56 -18.82 -5.99
N MET F 248 21.46 -19.46 -7.16
CA MET F 248 21.44 -18.71 -8.41
C MET F 248 20.26 -17.75 -8.47
N ASP F 249 19.10 -18.15 -7.94
CA ASP F 249 17.95 -17.27 -7.93
C ASP F 249 18.02 -16.19 -6.85
N GLU F 250 18.61 -16.50 -5.69
CA GLU F 250 18.71 -15.58 -4.55
C GLU F 250 20.14 -15.57 -4.02
N PRO F 251 21.08 -14.91 -4.74
CA PRO F 251 22.52 -14.95 -4.38
C PRO F 251 22.89 -14.06 -3.19
N ASN F 252 22.36 -14.40 -2.02
CA ASN F 252 22.72 -13.63 -0.82
C ASN F 252 24.19 -13.80 -0.49
N LEU F 253 24.85 -12.68 -0.17
CA LEU F 253 26.28 -12.63 0.12
C LEU F 253 26.55 -12.04 1.50
N TYR F 254 27.38 -12.73 2.28
CA TYR F 254 27.99 -12.22 3.51
C TYR F 254 29.41 -11.71 3.23
N THR F 255 29.83 -10.76 4.05
CA THR F 255 31.18 -10.20 3.97
C THR F 255 31.94 -10.62 5.23
N VAL F 256 32.98 -11.42 5.06
CA VAL F 256 33.89 -11.70 6.17
C VAL F 256 35.03 -10.71 6.11
N VAL F 257 35.32 -10.09 7.25
CA VAL F 257 36.33 -9.05 7.36
C VAL F 257 37.35 -9.50 8.40
N ALA F 258 38.63 -9.36 8.08
CA ALA F 258 39.71 -9.72 8.99
C ALA F 258 40.64 -8.53 9.17
N ARG F 259 41.04 -8.28 10.43
CA ARG F 259 41.89 -7.16 10.77
C ARG F 259 43.05 -7.61 11.64
N LEU F 260 44.27 -7.23 11.25
CA LEU F 260 45.46 -7.40 12.07
C LEU F 260 45.53 -6.24 13.06
N GLN F 261 45.37 -6.54 14.36
CA GLN F 261 45.17 -5.54 15.39
C GLN F 261 46.34 -5.50 16.37
N ARG F 262 46.76 -4.29 16.73
CA ARG F 262 47.72 -4.14 17.81
C ARG F 262 47.30 -3.00 18.71
N ASN F 263 47.27 -3.25 20.02
CA ASN F 263 46.71 -2.27 20.93
C ASN F 263 45.39 -1.75 20.35
N ASN F 264 45.26 -0.45 20.11
CA ASN F 264 43.98 0.06 19.63
C ASN F 264 44.03 0.57 18.19
N GLU F 265 44.62 -0.21 17.29
CA GLU F 265 45.11 0.30 16.01
C GLU F 265 45.13 -0.87 15.03
N ALA F 266 44.45 -0.71 13.90
CA ALA F 266 44.44 -1.76 12.87
C ALA F 266 45.65 -1.58 11.95
N PHE F 267 46.40 -2.67 11.77
CA PHE F 267 47.60 -2.67 10.96
C PHE F 267 47.33 -3.12 9.53
N ASP F 268 46.45 -4.10 9.35
CA ASP F 268 46.11 -4.62 8.03
C ASP F 268 44.66 -5.12 8.07
N GLU F 269 44.06 -5.20 6.87
CA GLU F 269 42.64 -5.46 6.70
C GLU F 269 42.40 -6.10 5.34
N ILE F 270 41.79 -7.28 5.34
CA ILE F 270 41.37 -7.96 4.13
C ILE F 270 39.93 -8.41 4.34
N TYR F 271 39.29 -8.81 3.26
CA TYR F 271 37.88 -9.19 3.36
C TYR F 271 37.51 -10.07 2.17
N ALA F 272 36.42 -10.80 2.34
CA ALA F 272 35.92 -11.67 1.29
C ALA F 272 34.40 -11.68 1.31
N ASN F 273 33.80 -11.59 0.13
CA ASN F 273 32.36 -11.84 -0.03
C ASN F 273 32.16 -13.33 -0.25
N VAL F 274 31.25 -13.92 0.52
CA VAL F 274 31.00 -15.35 0.51
C VAL F 274 29.50 -15.58 0.58
N GLY F 275 29.09 -16.80 0.22
CA GLY F 275 27.69 -17.18 0.28
C GLY F 275 27.56 -18.55 0.91
N VAL F 276 26.37 -18.84 1.41
CA VAL F 276 26.12 -20.08 2.15
C VAL F 276 25.27 -20.97 1.25
N ARG F 277 25.86 -22.05 0.76
CA ARG F 277 25.12 -23.04 -0.03
C ARG F 277 25.72 -24.42 0.19
N SER F 278 24.89 -25.42 0.04
CA SER F 278 25.32 -26.80 -0.11
C SER F 278 24.63 -27.38 -1.35
N TYR F 279 25.23 -28.39 -1.94
CA TYR F 279 24.72 -28.88 -3.22
C TYR F 279 25.16 -30.31 -3.43
N THR F 280 24.42 -31.01 -4.28
CA THR F 280 24.68 -32.40 -4.58
C THR F 280 24.44 -32.64 -6.07
N VAL F 281 25.15 -33.64 -6.60
CA VAL F 281 24.84 -34.23 -7.90
C VAL F 281 24.71 -35.74 -7.71
N THR F 282 23.64 -36.31 -8.26
CA THR F 282 23.45 -37.75 -8.32
C THR F 282 23.23 -38.17 -9.76
N PRO F 283 23.56 -39.41 -10.12
CA PRO F 283 23.43 -39.82 -11.53
C PRO F 283 21.99 -39.80 -12.01
N ASP F 284 21.02 -40.08 -11.15
CA ASP F 284 19.63 -40.14 -11.56
C ASP F 284 18.83 -38.90 -11.16
N GLY F 285 19.39 -38.06 -10.29
CA GLY F 285 18.70 -36.85 -9.87
C GLY F 285 19.28 -35.57 -10.43
N GLY F 286 20.48 -35.62 -11.03
CA GLY F 286 21.10 -34.38 -11.46
C GLY F 286 21.47 -33.47 -10.30
N PHE F 287 21.37 -32.17 -10.53
CA PHE F 287 21.91 -31.17 -9.62
C PHE F 287 20.84 -30.65 -8.64
N SER F 288 21.27 -30.44 -7.40
CA SER F 288 20.43 -29.84 -6.38
C SER F 288 21.27 -28.82 -5.64
N ILE F 289 20.66 -27.72 -5.27
CA ILE F 289 21.30 -26.75 -4.41
C ILE F 289 20.32 -26.45 -3.28
N ASN F 290 20.85 -26.39 -2.06
CA ASN F 290 20.06 -26.17 -0.84
C ASN F 290 18.84 -27.08 -0.76
N GLY F 291 19.01 -28.33 -1.17
CA GLY F 291 17.94 -29.31 -1.05
C GLY F 291 16.83 -29.23 -2.08
N GLU F 292 17.03 -28.51 -3.17
CA GLU F 292 16.03 -28.44 -4.23
C GLU F 292 16.66 -28.80 -5.56
N ALA F 293 16.06 -29.76 -6.24
CA ALA F 293 16.50 -30.15 -7.58
C ALA F 293 16.40 -28.97 -8.54
N THR F 294 17.48 -28.71 -9.26
CA THR F 294 17.64 -27.48 -10.03
C THR F 294 18.58 -27.79 -11.18
N PRO F 295 18.07 -28.31 -12.28
CA PRO F 295 18.97 -28.66 -13.40
C PRO F 295 19.75 -27.43 -13.85
N LEU F 296 21.05 -27.61 -14.02
CA LEU F 296 21.89 -26.53 -14.53
C LEU F 296 21.81 -26.50 -16.05
N ARG F 297 21.34 -25.38 -16.60
CA ARG F 297 21.18 -25.19 -18.03
C ARG F 297 21.77 -23.83 -18.36
N GLY F 298 22.83 -23.82 -19.18
CA GLY F 298 23.54 -22.58 -19.36
C GLY F 298 24.59 -22.62 -20.45
N VAL F 299 25.66 -21.84 -20.29
CA VAL F 299 26.50 -21.43 -21.40
C VAL F 299 27.95 -21.38 -20.95
N SER F 300 28.85 -21.44 -21.93
CA SER F 300 30.26 -21.18 -21.73
C SER F 300 30.55 -19.76 -22.15
N ARG F 301 31.73 -19.28 -21.81
CA ARG F 301 32.09 -17.89 -22.03
C ARG F 301 33.59 -17.78 -22.18
N HIS F 302 34.06 -17.13 -23.24
CA HIS F 302 35.46 -16.75 -23.33
C HIS F 302 35.64 -15.30 -22.86
N GLN F 303 36.90 -14.88 -22.68
CA GLN F 303 37.18 -13.61 -22.02
C GLN F 303 37.64 -12.54 -23.00
N ASP F 304 37.25 -12.65 -24.26
CA ASP F 304 37.64 -11.63 -25.25
C ASP F 304 36.42 -10.84 -25.73
N LYS F 305 36.70 -9.81 -26.51
CA LYS F 305 35.66 -8.91 -27.00
C LYS F 305 36.23 -8.16 -28.20
N LEU F 306 35.32 -7.70 -29.07
CA LEU F 306 35.65 -7.28 -30.43
C LEU F 306 36.74 -6.21 -30.50
N TYR F 307 37.90 -6.61 -31.00
CA TYR F 307 39.12 -5.81 -31.16
C TYR F 307 39.69 -5.30 -29.83
N LYS F 308 39.17 -5.75 -28.70
CA LYS F 308 39.79 -5.52 -27.41
C LYS F 308 40.76 -6.63 -27.04
N GLY F 309 40.89 -7.66 -27.87
CA GLY F 309 41.52 -8.88 -27.41
C GLY F 309 40.85 -9.34 -26.12
N ASN F 310 41.67 -9.71 -25.14
CA ASN F 310 41.16 -10.06 -23.83
C ASN F 310 41.45 -8.97 -22.79
N ALA F 311 41.79 -7.76 -23.25
CA ALA F 311 41.95 -6.61 -22.38
C ALA F 311 40.58 -6.00 -22.07
N LEU F 312 39.82 -6.72 -21.26
CA LEU F 312 38.47 -6.32 -20.91
C LEU F 312 38.48 -5.50 -19.63
N THR F 313 37.57 -4.53 -19.55
CA THR F 313 37.37 -3.75 -18.33
C THR F 313 36.32 -4.44 -17.44
N VAL F 314 36.19 -3.92 -16.21
CA VAL F 314 35.21 -4.49 -15.28
C VAL F 314 33.80 -4.34 -15.83
N GLU F 315 33.52 -3.24 -16.54
CA GLU F 315 32.23 -3.10 -17.18
C GLU F 315 31.99 -4.18 -18.21
N ASP F 316 33.03 -4.55 -18.97
CA ASP F 316 32.86 -5.62 -19.94
C ASP F 316 32.46 -6.92 -19.26
N HIS F 317 33.08 -7.19 -18.11
CA HIS F 317 32.77 -8.44 -17.41
C HIS F 317 31.33 -8.44 -16.89
N TYR F 318 30.91 -7.38 -16.19
CA TYR F 318 29.54 -7.31 -15.68
C TYR F 318 28.52 -7.28 -16.81
N GLN F 319 28.87 -6.67 -17.94
CA GLN F 319 27.95 -6.65 -19.07
C GLN F 319 27.70 -8.06 -19.61
N ASP F 320 28.76 -8.87 -19.75
CA ASP F 320 28.57 -10.27 -20.16
C ASP F 320 27.67 -11.01 -19.18
N ALA F 321 27.92 -10.84 -17.88
CA ALA F 321 27.12 -11.51 -16.86
C ALA F 321 25.66 -11.08 -16.92
N GLN F 322 25.42 -9.79 -17.15
CA GLN F 322 24.04 -9.31 -17.23
C GLN F 322 23.32 -9.90 -18.44
N ILE F 323 24.02 -10.01 -19.57
CA ILE F 323 23.39 -10.57 -20.78
C ILE F 323 23.04 -12.04 -20.55
N ILE F 324 23.93 -12.77 -19.88
CA ILE F 324 23.66 -14.18 -19.64
C ILE F 324 22.53 -14.33 -18.61
N LYS F 325 22.46 -13.41 -17.63
CA LYS F 325 21.32 -13.41 -16.71
C LYS F 325 19.99 -13.20 -17.44
N GLU F 326 19.91 -12.23 -18.38
CA GLU F 326 18.66 -12.03 -19.11
C GLU F 326 18.29 -13.26 -19.93
N LEU F 327 19.28 -13.98 -20.44
CA LEU F 327 19.04 -15.20 -21.19
C LEU F 327 18.28 -16.23 -20.36
N GLY F 328 18.46 -16.17 -19.04
CA GLY F 328 17.89 -17.16 -18.18
C GLY F 328 18.78 -18.33 -17.83
N ALA F 329 20.07 -18.29 -18.20
CA ALA F 329 21.01 -19.31 -17.76
C ALA F 329 21.18 -19.27 -16.24
N ASN F 330 21.35 -20.45 -15.63
CA ASN F 330 21.73 -20.51 -14.23
C ASN F 330 23.11 -21.14 -14.03
N THR F 331 23.88 -21.31 -15.10
CA THR F 331 25.20 -21.91 -14.98
C THR F 331 26.10 -21.34 -16.07
N ILE F 332 27.36 -21.11 -15.73
CA ILE F 332 28.32 -20.64 -16.71
C ILE F 332 29.60 -21.44 -16.55
N ARG F 333 30.03 -22.06 -17.64
CA ARG F 333 31.32 -22.74 -17.67
C ARG F 333 32.35 -21.74 -18.15
N LEU F 334 33.30 -21.43 -17.28
CA LEU F 334 34.33 -20.44 -17.58
C LEU F 334 35.54 -21.16 -18.17
N ALA F 335 35.43 -21.51 -19.44
CA ALA F 335 36.51 -22.15 -20.16
C ALA F 335 37.46 -21.08 -20.71
N HIS F 336 38.68 -21.47 -21.07
CA HIS F 336 39.31 -22.75 -20.79
C HIS F 336 40.43 -22.56 -19.76
N TYR F 337 40.25 -21.60 -18.85
CA TYR F 337 41.35 -21.08 -18.04
C TYR F 337 40.73 -20.37 -16.83
N GLN F 338 41.58 -19.73 -16.04
CA GLN F 338 41.09 -18.95 -14.92
C GLN F 338 40.64 -17.58 -15.42
N HIS F 339 39.39 -17.21 -15.16
CA HIS F 339 38.90 -15.92 -15.62
C HIS F 339 39.28 -14.83 -14.61
N SER F 340 38.83 -13.60 -14.85
CA SER F 340 39.22 -12.49 -13.98
C SER F 340 38.37 -12.47 -12.72
N GLN F 341 38.92 -11.88 -11.65
CA GLN F 341 38.15 -11.79 -10.42
C GLN F 341 36.86 -11.00 -10.63
N ASP F 342 36.90 -10.00 -11.51
CA ASP F 342 35.70 -9.24 -11.85
C ASP F 342 34.55 -10.14 -12.29
N PHE F 343 34.82 -11.10 -13.17
CA PHE F 343 33.72 -11.95 -13.60
C PHE F 343 33.29 -12.94 -12.52
N TYR F 344 34.24 -13.50 -11.77
CA TYR F 344 33.84 -14.37 -10.66
C TYR F 344 32.97 -13.60 -9.68
N ASP F 345 33.36 -12.36 -9.37
CA ASP F 345 32.52 -11.52 -8.52
C ASP F 345 31.13 -11.36 -9.14
N ALA F 346 31.07 -11.04 -10.44
CA ALA F 346 29.78 -10.88 -11.11
C ALA F 346 28.91 -12.12 -10.97
N CYS F 347 29.51 -13.32 -11.03
CA CYS F 347 28.74 -14.55 -10.82
C CYS F 347 28.32 -14.72 -9.36
N ASP F 348 29.17 -14.36 -8.40
CA ASP F 348 28.75 -14.38 -7.01
C ASP F 348 27.55 -13.45 -6.79
N GLU F 349 27.59 -12.25 -7.39
CA GLU F 349 26.57 -11.24 -7.14
C GLU F 349 25.28 -11.48 -7.92
N LEU F 350 25.38 -11.91 -9.18
CA LEU F 350 24.21 -12.13 -10.02
C LEU F 350 23.66 -13.54 -9.91
N GLY F 351 24.49 -14.49 -9.48
CA GLY F 351 24.02 -15.83 -9.21
C GLY F 351 24.06 -16.77 -10.40
N PHE F 352 25.19 -17.46 -10.57
CA PHE F 352 25.33 -18.57 -11.51
C PHE F 352 26.14 -19.67 -10.84
N ALA F 353 25.80 -20.91 -11.16
CA ALA F 353 26.66 -22.05 -10.84
C ALA F 353 27.85 -22.07 -11.80
N VAL F 354 29.07 -21.88 -11.28
CA VAL F 354 30.24 -21.74 -12.12
C VAL F 354 31.08 -23.02 -12.13
N TRP F 355 31.49 -23.44 -13.32
CA TRP F 355 32.50 -24.47 -13.53
C TRP F 355 33.80 -23.75 -13.91
N ALA F 356 34.83 -23.86 -13.07
CA ALA F 356 36.12 -23.21 -13.32
C ALA F 356 37.19 -24.25 -13.61
N GLU F 357 38.14 -23.90 -14.49
CA GLU F 357 39.10 -24.89 -14.99
C GLU F 357 40.46 -24.27 -15.33
N ILE F 358 41.46 -25.13 -15.50
CA ILE F 358 42.81 -24.74 -15.90
C ILE F 358 42.96 -25.05 -17.39
N PRO F 359 43.92 -24.46 -18.12
CA PRO F 359 44.03 -24.70 -19.57
C PRO F 359 44.84 -25.95 -19.93
N PHE F 360 44.40 -27.09 -19.40
CA PHE F 360 45.04 -28.39 -19.61
C PHE F 360 44.26 -29.07 -20.74
N ILE F 361 44.62 -28.71 -21.97
CA ILE F 361 43.67 -28.85 -23.08
C ILE F 361 44.30 -29.58 -24.26
N SER F 362 43.57 -30.55 -24.81
CA SER F 362 43.85 -31.20 -26.10
C SER F 362 45.00 -32.20 -26.07
N VAL F 363 46.23 -31.73 -25.89
CA VAL F 363 47.42 -32.55 -26.06
C VAL F 363 48.23 -32.57 -24.77
N PHE F 364 48.37 -33.75 -24.19
CA PHE F 364 49.23 -33.94 -23.02
C PHE F 364 50.70 -33.78 -23.40
N LYS F 365 51.40 -32.90 -22.69
CA LYS F 365 52.85 -32.79 -22.80
C LYS F 365 53.50 -33.63 -21.70
N SER F 366 54.44 -34.49 -22.08
CA SER F 366 55.10 -35.33 -21.09
C SER F 366 56.29 -34.59 -20.48
N GLY F 367 56.73 -35.08 -19.34
CA GLY F 367 57.86 -34.45 -18.70
C GLY F 367 57.47 -33.74 -17.42
N LYS F 368 58.49 -33.46 -16.61
CA LYS F 368 58.30 -32.98 -15.25
C LYS F 368 57.90 -31.51 -15.21
N ASP F 369 58.47 -30.70 -16.11
CA ASP F 369 58.13 -29.28 -16.11
C ASP F 369 56.67 -29.05 -16.50
N ALA F 370 56.17 -29.82 -17.49
CA ALA F 370 54.78 -29.70 -17.88
C ALA F 370 53.85 -30.16 -16.77
N HIS F 371 54.19 -31.27 -16.11
CA HIS F 371 53.44 -31.75 -14.96
C HIS F 371 53.44 -30.72 -13.83
N THR F 372 54.60 -30.12 -13.56
CA THR F 372 54.67 -29.04 -12.59
C THR F 372 53.81 -27.85 -13.01
N HIS F 373 53.74 -27.59 -14.31
CA HIS F 373 52.94 -26.45 -14.76
C HIS F 373 51.48 -26.65 -14.41
N VAL F 374 50.95 -27.85 -14.68
CA VAL F 374 49.53 -28.11 -14.48
C VAL F 374 49.18 -28.16 -13.00
N MET F 375 50.04 -28.79 -12.19
CA MET F 375 49.80 -28.83 -10.74
C MET F 375 49.82 -27.43 -10.13
N GLU F 376 50.78 -26.58 -10.54
CA GLU F 376 50.84 -25.23 -9.99
C GLU F 376 49.69 -24.36 -10.50
N GLU F 377 49.34 -24.50 -11.78
CA GLU F 377 48.23 -23.70 -12.29
C GLU F 377 46.93 -24.09 -11.59
N MET F 378 46.72 -25.38 -11.35
CA MET F 378 45.55 -25.81 -10.59
C MET F 378 45.56 -25.20 -9.20
N LYS F 379 46.73 -25.24 -8.54
CA LYS F 379 46.85 -24.71 -7.19
C LYS F 379 46.52 -23.21 -7.16
N GLU F 380 47.05 -22.45 -8.11
CA GLU F 380 46.70 -21.05 -8.22
C GLU F 380 45.20 -20.86 -8.43
N LEU F 381 44.56 -21.74 -9.22
CA LEU F 381 43.13 -21.62 -9.43
C LEU F 381 42.33 -21.76 -8.13
N ILE F 382 42.72 -22.70 -7.28
CA ILE F 382 41.95 -22.97 -6.08
C ILE F 382 42.23 -21.91 -5.02
N ILE F 383 43.48 -21.50 -4.84
CA ILE F 383 43.79 -20.59 -3.74
C ILE F 383 43.24 -19.20 -4.04
N GLN F 384 43.32 -18.76 -5.29
CA GLN F 384 42.88 -17.43 -5.64
C GLN F 384 41.37 -17.32 -5.71
N ASN F 385 40.65 -18.46 -5.82
CA ASN F 385 39.20 -18.45 -6.00
C ASN F 385 38.45 -19.28 -4.97
N TYR F 386 39.10 -19.68 -3.88
CA TYR F 386 38.46 -20.57 -2.92
C TYR F 386 37.22 -19.95 -2.28
N ASN F 387 37.18 -18.62 -2.15
CA ASN F 387 36.08 -18.01 -1.39
C ASN F 387 34.84 -17.68 -2.21
N HIS F 388 34.92 -17.76 -3.54
CA HIS F 388 33.82 -17.45 -4.45
C HIS F 388 32.69 -18.46 -4.32
N PRO F 389 31.53 -18.09 -3.79
CA PRO F 389 30.44 -19.08 -3.66
C PRO F 389 29.86 -19.53 -5.00
N SER F 390 30.03 -18.73 -6.07
CA SER F 390 29.52 -19.16 -7.37
C SER F 390 30.22 -20.41 -7.89
N ILE F 391 31.52 -20.57 -7.63
CA ILE F 391 32.25 -21.73 -8.13
C ILE F 391 31.79 -22.99 -7.38
N LEU F 392 31.24 -23.95 -8.13
CA LEU F 392 30.84 -25.23 -7.58
C LEU F 392 31.65 -26.41 -8.08
N PHE F 393 32.37 -26.24 -9.20
CA PHE F 393 32.99 -27.33 -9.92
C PHE F 393 34.39 -26.96 -10.34
N TRP F 394 35.38 -27.77 -9.97
CA TRP F 394 36.74 -27.63 -10.47
C TRP F 394 36.93 -28.59 -11.65
N GLY F 395 37.36 -28.06 -12.78
CA GLY F 395 37.60 -28.87 -13.98
C GLY F 395 39.08 -29.09 -14.21
N ILE F 396 39.46 -30.35 -14.45
CA ILE F 396 40.88 -30.66 -14.49
C ILE F 396 41.46 -30.69 -15.90
N SER F 397 40.66 -31.06 -16.91
CA SER F 397 41.21 -31.06 -18.26
C SER F 397 40.08 -30.94 -19.28
N ASN F 398 40.40 -30.39 -20.45
CA ASN F 398 39.44 -30.31 -21.55
C ASN F 398 39.96 -31.08 -22.76
N GLU F 399 39.22 -32.10 -23.18
CA GLU F 399 39.50 -32.81 -24.43
C GLU F 399 40.94 -33.32 -24.47
N ILE F 400 41.42 -33.83 -23.33
CA ILE F 400 42.84 -34.10 -23.17
C ILE F 400 43.29 -35.32 -23.98
N LEU F 401 42.36 -36.17 -24.44
CA LEU F 401 42.66 -37.35 -25.27
C LEU F 401 42.77 -37.04 -26.76
N ILE F 402 42.74 -35.77 -27.17
CA ILE F 402 42.94 -35.46 -28.58
C ILE F 402 44.32 -35.92 -29.03
N GLY F 403 45.31 -35.82 -28.14
CA GLY F 403 46.68 -36.25 -28.43
C GLY F 403 47.02 -37.67 -28.01
N GLY F 404 46.02 -38.49 -27.80
CA GLY F 404 46.18 -39.89 -27.40
C GLY F 404 46.35 -40.04 -25.91
N ILE F 405 45.87 -41.18 -25.40
CA ILE F 405 46.01 -41.51 -23.99
C ILE F 405 47.40 -42.08 -23.74
N SER F 406 47.99 -41.70 -22.61
CA SER F 406 49.18 -42.39 -22.11
C SER F 406 48.98 -42.73 -20.65
N GLN F 407 49.80 -43.67 -20.18
CA GLN F 407 49.90 -43.93 -18.74
C GLN F 407 50.17 -42.64 -17.96
N GLU F 408 50.97 -41.74 -18.52
CA GLU F 408 51.40 -40.56 -17.80
C GLU F 408 50.28 -39.51 -17.74
N LEU F 409 49.48 -39.42 -18.81
CA LEU F 409 48.27 -38.60 -18.79
C LEU F 409 47.32 -39.03 -17.67
N VAL F 410 47.06 -40.33 -17.56
CA VAL F 410 46.14 -40.83 -16.55
C VAL F 410 46.69 -40.57 -15.15
N ASP F 411 48.01 -40.65 -14.99
CA ASP F 411 48.61 -40.36 -13.70
C ASP F 411 48.42 -38.89 -13.34
N THR F 412 48.75 -37.98 -14.27
CA THR F 412 48.58 -36.56 -14.04
C THR F 412 47.14 -36.22 -13.65
N HIS F 413 46.16 -36.94 -14.22
CA HIS F 413 44.77 -36.69 -13.85
C HIS F 413 44.47 -37.11 -12.41
N HIS F 414 45.04 -38.24 -11.96
CA HIS F 414 44.84 -38.63 -10.57
C HIS F 414 45.57 -37.69 -9.62
N ASP F 415 46.74 -37.16 -10.02
CA ASP F 415 47.39 -36.11 -9.23
C ASP F 415 46.52 -34.89 -9.08
N LEU F 416 45.83 -34.49 -10.16
CA LEU F 416 44.98 -33.32 -10.11
C LEU F 416 43.77 -33.56 -9.22
N GLN F 417 43.17 -34.76 -9.30
CA GLN F 417 42.06 -35.10 -8.41
C GLN F 417 42.50 -35.04 -6.95
N LYS F 418 43.66 -35.62 -6.63
CA LYS F 418 44.18 -35.60 -5.25
C LYS F 418 44.43 -34.17 -4.79
N LEU F 419 45.03 -33.35 -5.65
CA LEU F 419 45.29 -31.95 -5.33
C LEU F 419 44.00 -31.19 -5.08
N CYS F 420 42.98 -31.42 -5.89
CA CYS F 420 41.69 -30.76 -5.66
C CYS F 420 41.11 -31.10 -4.29
N LYS F 421 41.13 -32.38 -3.93
CA LYS F 421 40.51 -32.81 -2.68
C LYS F 421 41.39 -32.52 -1.46
N GLU F 422 42.71 -32.38 -1.64
CA GLU F 422 43.53 -31.89 -0.53
C GLU F 422 43.28 -30.40 -0.31
N LEU F 423 43.36 -29.61 -1.37
CA LEU F 423 43.14 -28.16 -1.25
C LEU F 423 41.71 -27.83 -0.88
N ASP F 424 40.72 -28.52 -1.45
CA ASP F 424 39.33 -28.08 -1.36
C ASP F 424 38.35 -29.26 -1.40
N PRO F 425 38.18 -29.96 -0.29
CA PRO F 425 37.20 -31.05 -0.29
C PRO F 425 35.76 -30.57 -0.47
N THR F 426 35.47 -29.27 -0.29
CA THR F 426 34.09 -28.78 -0.31
C THR F 426 33.52 -28.64 -1.72
N ARG F 427 34.32 -28.87 -2.77
CA ARG F 427 33.82 -28.73 -4.12
C ARG F 427 33.96 -30.02 -4.89
N LEU F 428 33.20 -30.11 -5.98
CA LEU F 428 33.16 -31.27 -6.87
C LEU F 428 34.10 -31.04 -8.04
N THR F 429 34.85 -32.08 -8.37
CA THR F 429 35.72 -32.07 -9.54
C THR F 429 34.96 -32.56 -10.77
N THR F 430 35.38 -32.07 -11.93
CA THR F 430 34.74 -32.43 -13.20
C THR F 430 35.79 -32.44 -14.30
N ILE F 431 35.40 -32.98 -15.45
CA ILE F 431 36.28 -33.09 -16.62
C ILE F 431 35.42 -33.02 -17.89
N ALA F 432 36.04 -32.53 -18.97
CA ALA F 432 35.39 -32.41 -20.27
C ALA F 432 36.07 -33.37 -21.25
N HIS F 433 35.33 -34.40 -21.65
CA HIS F 433 35.80 -35.42 -22.60
C HIS F 433 35.60 -34.99 -24.06
N VAL F 434 36.64 -35.17 -24.88
CA VAL F 434 36.46 -35.04 -26.33
C VAL F 434 35.41 -36.07 -26.78
N SER F 435 34.74 -35.76 -27.91
CA SER F 435 33.55 -36.50 -28.32
C SER F 435 33.81 -37.99 -28.43
N HIS F 436 34.89 -38.39 -29.10
CA HIS F 436 35.15 -39.80 -29.36
C HIS F 436 35.77 -40.55 -28.17
N THR F 437 35.89 -39.91 -27.00
CA THR F 437 36.42 -40.55 -25.81
C THR F 437 35.65 -41.84 -25.52
N PRO F 438 36.33 -42.98 -25.43
CA PRO F 438 35.65 -44.23 -25.11
C PRO F 438 34.75 -44.10 -23.89
N THR F 439 33.50 -44.55 -24.03
CA THR F 439 32.53 -44.49 -22.95
C THR F 439 32.87 -45.41 -21.79
N SER F 440 33.99 -46.11 -21.85
CA SER F 440 34.51 -46.94 -20.78
C SER F 440 36.00 -46.65 -20.60
N GLY F 441 36.51 -46.99 -19.42
CA GLY F 441 37.94 -47.01 -19.27
C GLY F 441 38.48 -45.97 -18.32
N PRO F 442 39.78 -45.71 -18.44
CA PRO F 442 40.50 -45.02 -17.37
C PRO F 442 40.14 -43.54 -17.22
N MET F 443 39.59 -42.90 -18.24
CA MET F 443 39.26 -41.48 -18.09
C MET F 443 37.97 -41.26 -17.30
N HIS F 444 37.17 -42.30 -17.09
CA HIS F 444 35.97 -42.20 -16.27
C HIS F 444 36.23 -42.59 -14.81
N ARG F 445 35.39 -42.02 -13.94
CA ARG F 445 35.35 -42.29 -12.50
C ARG F 445 36.58 -41.76 -11.77
N ILE F 446 37.32 -40.84 -12.40
CA ILE F 446 38.34 -40.08 -11.70
C ILE F 446 37.70 -38.95 -10.89
N THR F 447 36.95 -38.09 -11.57
CA THR F 447 36.33 -36.91 -10.97
C THR F 447 34.95 -37.28 -10.39
N ASP F 448 34.41 -36.37 -9.57
CA ASP F 448 33.09 -36.60 -8.96
C ASP F 448 31.99 -36.61 -10.00
N VAL F 449 32.07 -35.72 -11.00
CA VAL F 449 31.12 -35.68 -12.11
C VAL F 449 31.93 -35.56 -13.41
N GLU F 450 31.24 -35.80 -14.54
CA GLU F 450 31.89 -35.91 -15.84
C GLU F 450 31.05 -35.28 -16.94
N SER F 451 31.72 -34.71 -17.95
CA SER F 451 31.01 -34.17 -19.10
C SER F 451 31.67 -34.59 -20.39
N TYR F 452 30.86 -34.55 -21.45
CA TYR F 452 31.30 -34.78 -22.82
C TYR F 452 31.05 -33.55 -23.66
N ASN F 453 31.98 -33.26 -24.59
CA ASN F 453 31.81 -32.26 -25.62
C ASN F 453 31.27 -32.93 -26.90
N HIS F 454 29.99 -32.74 -27.21
CA HIS F 454 29.42 -33.34 -28.43
C HIS F 454 29.00 -32.29 -29.43
N TYR F 455 29.15 -32.62 -30.71
CA TYR F 455 28.73 -31.76 -31.79
C TYR F 455 28.00 -32.55 -32.88
N PHE F 456 27.22 -33.56 -32.49
CA PHE F 456 26.38 -34.29 -33.42
C PHE F 456 25.42 -33.35 -34.14
N GLY F 457 25.52 -33.30 -35.46
CA GLY F 457 24.76 -32.36 -36.25
C GLY F 457 25.54 -31.13 -36.67
N TRP F 458 26.82 -31.04 -36.35
CA TRP F 458 27.60 -29.95 -36.90
C TRP F 458 28.95 -30.43 -37.43
N TYR F 459 29.74 -31.16 -36.64
CA TYR F 459 30.99 -31.75 -37.14
C TYR F 459 30.79 -33.15 -37.70
N GLY F 460 29.56 -33.62 -37.80
CA GLY F 460 29.31 -34.98 -38.22
C GLY F 460 28.02 -35.49 -37.60
N GLY F 461 27.52 -36.57 -38.17
CA GLY F 461 26.27 -37.10 -37.69
C GLY F 461 25.08 -36.16 -37.88
N LYS F 462 23.98 -36.51 -37.23
CA LYS F 462 22.74 -35.75 -37.33
C LYS F 462 22.33 -35.24 -35.96
N ILE F 463 21.58 -34.13 -35.97
CA ILE F 463 21.04 -33.55 -34.75
C ILE F 463 20.37 -34.61 -33.89
N GLU F 464 19.60 -35.50 -34.51
CA GLU F 464 18.74 -36.42 -33.78
C GLU F 464 19.49 -37.58 -33.15
N GLN F 465 20.83 -37.63 -33.27
CA GLN F 465 21.63 -38.63 -32.58
C GLN F 465 21.93 -38.26 -31.13
N ASN F 466 21.88 -36.96 -30.77
CA ASN F 466 22.29 -36.49 -29.45
C ASN F 466 21.47 -37.16 -28.35
N GLY F 467 20.14 -37.04 -28.44
CA GLY F 467 19.22 -37.65 -27.51
C GLY F 467 19.53 -39.11 -27.20
N PRO F 468 19.54 -39.97 -28.24
CA PRO F 468 19.84 -41.41 -28.00
C PRO F 468 21.22 -41.66 -27.40
N TRP F 469 22.24 -40.93 -27.85
CA TRP F 469 23.55 -41.04 -27.25
C TRP F 469 23.47 -40.87 -25.73
N LEU F 470 22.95 -39.72 -25.28
CA LEU F 470 22.76 -39.49 -23.86
C LEU F 470 22.06 -40.66 -23.20
N ASP F 471 20.98 -41.16 -23.81
CA ASP F 471 20.25 -42.23 -23.15
C ASP F 471 21.06 -43.53 -23.08
N LYS F 472 21.96 -43.75 -24.04
CA LYS F 472 22.73 -44.98 -24.02
C LYS F 472 23.78 -44.93 -22.93
N PHE F 473 24.47 -43.78 -22.82
CA PHE F 473 25.52 -43.66 -21.81
C PHE F 473 24.94 -43.80 -20.42
N HIS F 474 23.79 -43.16 -20.18
CA HIS F 474 23.13 -43.22 -18.88
C HIS F 474 22.65 -44.63 -18.57
N ALA F 475 22.10 -45.32 -19.56
CA ALA F 475 21.73 -46.72 -19.40
C ALA F 475 22.94 -47.57 -19.06
N GLU F 476 24.08 -47.33 -19.73
CA GLU F 476 25.27 -48.15 -19.54
C GLU F 476 26.09 -47.74 -18.32
N ASN F 477 26.06 -46.48 -17.92
CA ASN F 477 26.84 -46.01 -16.78
C ASN F 477 25.93 -45.34 -15.77
N PRO F 478 25.05 -46.10 -15.12
CA PRO F 478 24.09 -45.49 -14.19
C PRO F 478 24.69 -44.97 -12.89
N ASP F 479 26.01 -45.07 -12.73
CA ASP F 479 26.73 -44.53 -11.59
C ASP F 479 27.52 -43.28 -11.95
N ILE F 480 27.51 -42.86 -13.20
CA ILE F 480 28.21 -41.64 -13.58
C ILE F 480 27.20 -40.51 -13.66
N CYS F 481 27.58 -39.34 -13.16
CA CYS F 481 26.81 -38.13 -13.35
C CYS F 481 27.19 -37.53 -14.69
N LEU F 482 26.31 -37.67 -15.67
CA LEU F 482 26.62 -37.21 -17.02
C LEU F 482 26.12 -35.79 -17.25
N GLY F 483 27.04 -34.90 -17.65
CA GLY F 483 26.70 -33.61 -18.18
C GLY F 483 27.23 -33.49 -19.60
N ILE F 484 26.85 -32.41 -20.27
CA ILE F 484 27.34 -32.07 -21.60
C ILE F 484 28.02 -30.72 -21.47
N SER F 485 29.35 -30.72 -21.52
CA SER F 485 30.10 -29.47 -21.29
C SER F 485 30.27 -28.62 -22.53
N GLU F 486 30.09 -29.17 -23.72
CA GLU F 486 30.11 -28.42 -24.96
C GLU F 486 29.09 -28.99 -25.93
N TYR F 487 28.32 -28.11 -26.55
CA TYR F 487 27.55 -28.46 -27.73
C TYR F 487 27.20 -27.15 -28.43
N GLY F 488 27.03 -27.24 -29.74
CA GLY F 488 26.75 -26.02 -30.48
C GLY F 488 26.93 -26.24 -31.96
N CYS F 489 26.90 -25.13 -32.69
CA CYS F 489 26.68 -25.10 -34.12
C CYS F 489 26.95 -23.69 -34.59
N GLU F 490 27.64 -23.55 -35.72
CA GLU F 490 28.04 -22.22 -36.17
C GLU F 490 26.85 -21.50 -36.78
N GLY F 491 26.73 -20.22 -36.45
CA GLY F 491 25.69 -19.39 -37.03
C GLY F 491 26.25 -18.05 -37.45
N ILE F 492 26.32 -17.83 -38.75
CA ILE F 492 26.77 -16.56 -39.31
C ILE F 492 25.53 -15.89 -39.91
N ILE F 493 25.22 -14.68 -39.44
CA ILE F 493 23.84 -14.18 -39.52
C ILE F 493 23.57 -13.36 -40.78
N ASN F 494 24.53 -13.30 -41.70
CA ASN F 494 24.16 -12.84 -43.03
C ASN F 494 23.75 -13.98 -43.97
N TRP F 495 23.91 -15.25 -43.57
CA TRP F 495 23.48 -16.39 -44.37
C TRP F 495 22.12 -16.86 -43.91
N HIS F 496 21.20 -17.05 -44.85
CA HIS F 496 19.84 -17.49 -44.54
C HIS F 496 19.39 -18.50 -45.58
N SER F 497 18.63 -19.49 -45.13
CA SER F 497 18.24 -20.57 -46.02
C SER F 497 16.77 -20.95 -45.80
N ASN F 498 16.08 -21.27 -46.91
CA ASN F 498 14.73 -21.83 -46.85
C ASN F 498 14.74 -23.32 -46.57
N THR F 499 15.89 -23.97 -46.76
CA THR F 499 16.06 -25.39 -46.48
C THR F 499 17.32 -25.57 -45.65
N PRO F 500 17.32 -25.08 -44.41
CA PRO F 500 18.56 -25.04 -43.62
C PRO F 500 19.20 -26.41 -43.46
N GLN F 501 20.51 -26.47 -43.67
CA GLN F 501 21.23 -27.72 -43.57
C GLN F 501 22.63 -27.45 -43.08
N CYS F 502 23.25 -28.49 -42.52
CA CYS F 502 24.65 -28.47 -42.10
C CYS F 502 25.59 -27.84 -43.13
N LYS F 503 26.44 -26.94 -42.67
CA LYS F 503 27.48 -26.28 -43.46
C LYS F 503 26.98 -25.22 -44.45
N ASP F 504 25.70 -24.84 -44.43
CA ASP F 504 25.36 -23.53 -45.01
C ASP F 504 25.65 -22.38 -44.05
N TYR F 505 25.94 -22.68 -42.78
CA TYR F 505 26.31 -21.69 -41.76
C TYR F 505 25.18 -20.70 -41.45
N SER F 506 23.95 -21.06 -41.79
CA SER F 506 22.87 -20.09 -41.74
C SER F 506 22.39 -19.92 -40.32
N GLU F 507 21.80 -18.75 -40.05
CA GLU F 507 21.22 -18.51 -38.74
C GLU F 507 20.07 -19.47 -38.46
N GLU F 508 19.34 -19.88 -39.51
CA GLU F 508 18.19 -20.75 -39.32
C GLU F 508 18.62 -22.14 -38.88
N TYR F 509 19.76 -22.61 -39.38
CA TYR F 509 20.17 -23.96 -39.06
C TYR F 509 20.72 -24.05 -37.65
N GLN F 510 21.46 -23.01 -37.22
CA GLN F 510 21.93 -23.01 -35.85
C GLN F 510 20.75 -22.97 -34.88
N ALA F 511 19.66 -22.31 -35.29
CA ALA F 511 18.46 -22.28 -34.45
C ALA F 511 17.79 -23.65 -34.35
N LEU F 512 17.63 -24.34 -35.50
CA LEU F 512 17.07 -25.69 -35.49
C LEU F 512 17.85 -26.59 -34.54
N TYR F 513 19.18 -26.54 -34.65
CA TYR F 513 20.04 -27.29 -33.75
C TYR F 513 19.66 -27.03 -32.28
N HIS F 514 19.65 -25.76 -31.86
CA HIS F 514 19.40 -25.47 -30.46
C HIS F 514 17.93 -25.67 -30.06
N GLU F 515 17.00 -25.64 -31.01
CA GLU F 515 15.64 -26.02 -30.70
C GLU F 515 15.58 -27.47 -30.23
N TYR F 516 16.27 -28.37 -30.94
CA TYR F 516 16.28 -29.77 -30.52
C TYR F 516 17.01 -29.92 -29.20
N MET F 517 18.18 -29.31 -29.08
CA MET F 517 19.02 -29.53 -27.91
C MET F 517 18.35 -29.01 -26.65
N ALA F 518 17.73 -27.84 -26.71
CA ALA F 518 17.08 -27.30 -25.52
C ALA F 518 16.00 -28.24 -25.00
N GLN F 519 15.19 -28.77 -25.92
CA GLN F 519 14.19 -29.75 -25.53
C GLN F 519 14.83 -31.05 -25.08
N ALA F 520 16.01 -31.37 -25.61
CA ALA F 520 16.70 -32.60 -25.22
C ALA F 520 17.09 -32.58 -23.75
N PHE F 521 17.64 -31.45 -23.29
CA PHE F 521 18.06 -31.35 -21.90
C PHE F 521 16.89 -31.09 -20.97
N GLU F 522 15.84 -30.42 -21.44
CA GLU F 522 14.66 -30.33 -20.61
C GLU F 522 14.10 -31.73 -20.34
N ASP F 523 14.14 -32.61 -21.34
CA ASP F 523 13.63 -33.97 -21.16
C ASP F 523 14.47 -34.79 -20.20
N ARG F 524 15.68 -34.37 -19.86
CA ARG F 524 16.60 -35.19 -19.07
C ARG F 524 17.13 -34.42 -17.88
N PRO F 525 16.33 -34.30 -16.81
CA PRO F 525 16.81 -33.61 -15.59
C PRO F 525 17.98 -34.28 -14.95
N TRP F 526 18.29 -35.53 -15.32
CA TRP F 526 19.45 -36.22 -14.79
C TRP F 526 20.75 -35.80 -15.47
N ILE F 527 20.70 -35.09 -16.60
CA ILE F 527 21.88 -34.35 -17.04
C ILE F 527 22.10 -33.24 -16.03
N TRP F 528 23.23 -33.30 -15.31
CA TRP F 528 23.39 -32.36 -14.20
C TRP F 528 23.68 -30.97 -14.72
N ALA F 529 24.33 -30.85 -15.87
CA ALA F 529 24.61 -29.53 -16.43
C ALA F 529 24.83 -29.67 -17.92
N SER F 530 24.19 -28.79 -18.69
CA SER F 530 24.48 -28.58 -20.10
C SER F 530 25.03 -27.17 -20.30
N HIS F 531 26.11 -27.05 -21.07
CA HIS F 531 26.72 -25.76 -21.37
C HIS F 531 26.84 -25.56 -22.88
N VAL F 532 26.07 -24.58 -23.41
CA VAL F 532 26.17 -24.18 -24.80
C VAL F 532 27.56 -23.64 -25.09
N TRP F 533 28.21 -24.21 -26.10
CA TRP F 533 29.41 -23.63 -26.69
C TRP F 533 28.95 -22.81 -27.90
N ASN F 534 29.07 -21.49 -27.85
CA ASN F 534 29.54 -20.68 -26.73
C ASN F 534 28.48 -19.54 -26.56
N MET F 535 28.54 -18.74 -25.48
CA MET F 535 27.60 -17.62 -25.33
C MET F 535 27.84 -16.53 -26.37
N PHE F 536 29.10 -16.21 -26.65
CA PHE F 536 29.51 -15.18 -27.59
C PHE F 536 30.41 -15.81 -28.64
N ASP F 537 30.43 -15.22 -29.83
CA ASP F 537 31.51 -15.50 -30.75
C ASP F 537 32.84 -15.11 -30.09
N PHE F 538 33.90 -15.87 -30.38
CA PHE F 538 35.21 -15.51 -29.84
C PHE F 538 36.29 -15.60 -30.92
N GLY F 539 37.45 -15.03 -30.61
CA GLY F 539 38.56 -14.98 -31.54
C GLY F 539 39.40 -16.25 -31.62
N CYS F 540 39.55 -16.82 -32.82
N CYS F 540 39.60 -16.74 -32.85
CA CYS F 540 40.54 -17.87 -33.06
CA CYS F 540 40.47 -17.89 -33.14
C CYS F 540 41.27 -17.53 -34.35
C CYS F 540 41.27 -17.52 -34.39
N ALA F 541 42.54 -17.12 -34.21
CA ALA F 541 43.34 -16.68 -35.35
C ALA F 541 43.44 -17.74 -36.45
N ALA F 542 43.37 -19.02 -36.09
CA ALA F 542 43.58 -20.09 -37.05
C ALA F 542 42.36 -20.37 -37.93
N ARG F 543 41.18 -19.82 -37.61
CA ARG F 543 39.97 -20.29 -38.25
C ARG F 543 39.65 -19.51 -39.53
N SER F 544 39.06 -20.23 -40.49
CA SER F 544 38.65 -19.63 -41.77
C SER F 544 37.59 -20.54 -42.40
N GLU F 545 36.32 -20.14 -42.28
CA GLU F 545 35.23 -20.99 -42.75
C GLU F 545 33.93 -20.21 -42.75
N GLY F 546 32.99 -20.64 -43.57
CA GLY F 546 31.70 -19.98 -43.68
C GLY F 546 31.79 -18.53 -44.09
N GLY F 547 32.87 -18.15 -44.78
CA GLY F 547 33.03 -16.79 -45.22
C GLY F 547 33.54 -15.83 -44.17
N VAL F 548 33.94 -16.31 -43.01
CA VAL F 548 34.48 -15.45 -41.96
C VAL F 548 35.82 -16.01 -41.51
N LYS F 549 36.80 -15.13 -41.35
CA LYS F 549 38.14 -15.51 -40.90
C LYS F 549 38.40 -14.95 -39.50
N GLY F 550 39.10 -15.74 -38.69
CA GLY F 550 39.53 -15.34 -37.36
C GLY F 550 38.53 -15.56 -36.23
N ARG F 551 37.47 -16.34 -36.46
CA ARG F 551 36.34 -16.38 -35.55
C ARG F 551 35.82 -17.79 -35.35
N ASN F 552 35.45 -18.10 -34.13
CA ASN F 552 34.54 -19.19 -33.83
C ASN F 552 33.17 -18.53 -33.71
N ASN F 553 32.24 -18.90 -34.59
CA ASN F 553 30.98 -18.19 -34.69
C ASN F 553 29.81 -19.03 -34.17
N LYS F 554 30.05 -19.85 -33.15
CA LYS F 554 29.00 -20.64 -32.51
C LYS F 554 28.27 -19.88 -31.40
N GLY F 555 28.43 -18.54 -31.31
CA GLY F 555 27.80 -17.78 -30.24
C GLY F 555 26.29 -17.66 -30.38
N LEU F 556 25.62 -17.57 -29.23
CA LEU F 556 24.24 -17.10 -29.22
C LEU F 556 24.18 -15.60 -29.46
N VAL F 557 25.28 -14.90 -29.19
CA VAL F 557 25.38 -13.45 -29.29
C VAL F 557 26.71 -13.17 -29.98
N THR F 558 26.75 -12.09 -30.76
CA THR F 558 27.92 -11.74 -31.55
C THR F 558 29.08 -11.29 -30.64
N ILE F 559 30.28 -11.22 -31.24
CA ILE F 559 31.48 -10.97 -30.44
C ILE F 559 31.53 -9.54 -29.89
N ASP F 560 30.73 -8.62 -30.40
CA ASP F 560 30.68 -7.27 -29.86
C ASP F 560 29.56 -7.09 -28.82
N ARG F 561 28.92 -8.17 -28.38
CA ARG F 561 27.84 -8.18 -27.38
C ARG F 561 26.59 -7.43 -27.83
N LYS F 562 26.47 -7.12 -29.11
CA LYS F 562 25.43 -6.23 -29.60
C LYS F 562 24.20 -6.93 -30.17
N THR F 563 24.36 -8.12 -30.77
CA THR F 563 23.29 -8.74 -31.53
C THR F 563 23.03 -10.14 -31.01
N ARG F 564 21.80 -10.38 -30.57
CA ARG F 564 21.39 -11.69 -30.10
C ARG F 564 20.92 -12.47 -31.33
N LYS F 565 21.53 -13.64 -31.57
CA LYS F 565 21.07 -14.47 -32.68
C LYS F 565 19.74 -15.14 -32.30
N ASP F 566 19.08 -15.71 -33.30
CA ASP F 566 17.79 -16.33 -33.03
C ASP F 566 17.96 -17.49 -32.07
N SER F 567 19.11 -18.16 -32.13
CA SER F 567 19.47 -19.18 -31.14
C SER F 567 19.34 -18.66 -29.71
N PHE F 568 19.68 -17.39 -29.48
CA PHE F 568 19.59 -16.83 -28.15
C PHE F 568 18.16 -16.86 -27.63
N TYR F 569 17.16 -16.58 -28.48
CA TYR F 569 15.75 -16.50 -28.07
C TYR F 569 15.12 -17.85 -27.88
N VAL F 570 15.64 -18.90 -28.54
CA VAL F 570 15.28 -20.27 -28.19
C VAL F 570 15.54 -20.51 -26.71
N TYR F 571 16.77 -20.29 -26.28
CA TYR F 571 17.09 -20.55 -24.88
C TYR F 571 16.35 -19.60 -23.96
N GLN F 572 16.09 -18.36 -24.40
CA GLN F 572 15.37 -17.43 -23.55
C GLN F 572 13.94 -17.92 -23.29
N ALA F 573 13.25 -18.34 -24.35
CA ALA F 573 11.95 -18.98 -24.19
C ALA F 573 12.02 -20.19 -23.25
N TYR F 574 13.09 -20.98 -23.34
CA TYR F 574 13.12 -22.22 -22.57
C TYR F 574 13.49 -21.98 -21.11
N TRP F 575 14.24 -20.91 -20.82
CA TRP F 575 14.83 -20.68 -19.52
C TRP F 575 14.30 -19.47 -18.77
N ALA F 576 14.09 -18.35 -19.45
CA ALA F 576 13.82 -17.11 -18.74
C ALA F 576 12.39 -17.07 -18.20
N LYS F 577 12.20 -16.32 -17.12
CA LYS F 577 10.86 -16.23 -16.55
C LYS F 577 10.07 -15.01 -17.00
N ASP F 578 10.71 -13.89 -17.32
CA ASP F 578 9.95 -12.72 -17.75
C ASP F 578 9.26 -13.05 -19.08
N PRO F 579 7.96 -12.79 -19.23
CA PRO F 579 7.30 -13.11 -20.49
C PRO F 579 8.02 -12.47 -21.66
N MET F 580 8.24 -13.26 -22.72
CA MET F 580 8.84 -12.77 -23.95
C MET F 580 8.19 -13.48 -25.12
N VAL F 581 8.34 -12.88 -26.30
CA VAL F 581 7.88 -13.46 -27.56
C VAL F 581 8.76 -12.90 -28.67
N HIS F 582 9.29 -13.78 -29.51
CA HIS F 582 10.27 -13.43 -30.52
C HIS F 582 9.94 -14.09 -31.84
N ILE F 583 9.82 -13.27 -32.88
CA ILE F 583 9.72 -13.77 -34.25
C ILE F 583 11.14 -13.98 -34.78
N ALA F 584 11.46 -15.22 -35.09
CA ALA F 584 12.75 -15.56 -35.65
C ALA F 584 12.84 -15.15 -37.11
N GLY F 585 14.07 -15.03 -37.60
CA GLY F 585 14.30 -14.79 -39.01
C GLY F 585 14.14 -13.38 -39.52
N ARG F 586 14.27 -12.36 -38.65
CA ARG F 586 14.21 -10.97 -39.14
C ARG F 586 15.33 -10.65 -40.13
N ARG F 587 16.48 -11.32 -40.03
CA ARG F 587 17.56 -11.08 -41.00
C ARG F 587 17.38 -11.89 -42.29
N HIS F 588 16.52 -12.91 -42.28
CA HIS F 588 15.92 -13.43 -43.52
C HIS F 588 14.84 -12.45 -44.01
N ALA F 589 15.28 -11.24 -44.37
CA ALA F 589 14.39 -10.09 -44.55
C ALA F 589 13.63 -10.11 -45.87
N GLN F 590 14.15 -10.78 -46.89
CA GLN F 590 13.47 -10.89 -48.18
C GLN F 590 13.21 -12.37 -48.43
N ARG F 591 11.95 -12.72 -48.68
CA ARG F 591 11.53 -14.11 -48.67
C ARG F 591 10.83 -14.46 -49.97
N ALA F 592 11.19 -15.60 -50.55
CA ALA F 592 10.63 -16.05 -51.81
C ALA F 592 9.78 -17.30 -51.56
N GLY F 593 8.75 -17.46 -52.38
CA GLY F 593 7.85 -18.60 -52.26
C GLY F 593 6.40 -18.22 -52.18
N GLU F 594 5.53 -19.15 -52.59
CA GLU F 594 4.11 -18.95 -52.39
C GLU F 594 3.80 -18.76 -50.91
N THR F 595 4.50 -19.49 -50.05
CA THR F 595 4.41 -19.31 -48.61
C THR F 595 5.82 -19.32 -48.02
N THR F 596 5.94 -18.73 -46.84
CA THR F 596 7.17 -18.77 -46.07
C THR F 596 6.82 -19.19 -44.66
N GLU F 597 7.79 -19.79 -43.98
CA GLU F 597 7.63 -20.13 -42.57
C GLU F 597 8.09 -18.97 -41.68
N VAL F 598 7.18 -18.50 -40.84
CA VAL F 598 7.48 -17.53 -39.79
C VAL F 598 7.53 -18.30 -38.49
N LYS F 599 8.71 -18.38 -37.88
CA LYS F 599 8.86 -19.09 -36.62
C LYS F 599 8.87 -18.11 -35.46
N VAL F 600 8.19 -18.46 -34.38
CA VAL F 600 8.13 -17.64 -33.18
C VAL F 600 8.56 -18.48 -31.97
N TYR F 601 9.36 -17.87 -31.09
CA TYR F 601 9.72 -18.46 -29.81
C TYR F 601 9.06 -17.68 -28.68
N SER F 602 8.56 -18.39 -27.67
CA SER F 602 7.92 -17.73 -26.54
C SER F 602 7.90 -18.64 -25.31
N ASN F 603 7.94 -18.02 -24.12
CA ASN F 603 7.68 -18.75 -22.89
C ASN F 603 6.22 -18.60 -22.44
N GLN F 604 5.38 -17.98 -23.26
CA GLN F 604 3.95 -18.19 -23.25
C GLN F 604 3.62 -19.33 -24.19
N ASP F 605 2.45 -19.94 -24.00
CA ASP F 605 2.10 -21.14 -24.75
C ASP F 605 1.13 -20.91 -25.90
N THR F 606 0.46 -19.76 -25.97
CA THR F 606 -0.45 -19.49 -27.07
C THR F 606 0.01 -18.23 -27.79
N VAL F 607 0.22 -18.36 -29.11
CA VAL F 607 0.70 -17.27 -29.97
C VAL F 607 -0.30 -17.09 -31.12
N THR F 608 -0.74 -15.86 -31.34
CA THR F 608 -1.51 -15.51 -32.53
C THR F 608 -0.63 -14.66 -33.45
N LEU F 609 -0.48 -15.10 -34.71
CA LEU F 609 0.32 -14.39 -35.68
C LEU F 609 -0.58 -13.63 -36.65
N TYR F 610 -0.24 -12.39 -36.92
CA TYR F 610 -0.93 -11.56 -37.90
C TYR F 610 0.03 -11.14 -39.00
N CYS F 611 -0.48 -11.10 -40.22
CA CYS F 611 0.27 -10.61 -41.36
C CYS F 611 -0.52 -9.43 -41.93
N ASN F 612 0.04 -8.24 -41.81
CA ASN F 612 -0.60 -7.00 -42.25
C ASN F 612 -2.01 -6.85 -41.68
N GLY F 613 -2.14 -7.11 -40.38
CA GLY F 613 -3.42 -7.01 -39.71
C GLY F 613 -4.33 -8.22 -39.84
N LYS F 614 -4.06 -9.12 -40.77
CA LYS F 614 -4.93 -10.26 -40.99
C LYS F 614 -4.39 -11.44 -40.19
N GLU F 615 -5.25 -12.08 -39.41
CA GLU F 615 -4.81 -13.23 -38.64
C GLU F 615 -4.39 -14.39 -39.54
N VAL F 616 -3.24 -14.97 -39.23
CA VAL F 616 -2.72 -16.13 -39.95
C VAL F 616 -3.07 -17.42 -39.24
N GLY F 617 -2.98 -17.43 -37.92
CA GLY F 617 -3.35 -18.58 -37.15
C GLY F 617 -3.02 -18.36 -35.69
N THR F 618 -3.54 -19.28 -34.87
CA THR F 618 -3.27 -19.34 -33.44
C THR F 618 -2.80 -20.75 -33.13
N GLN F 619 -1.72 -20.86 -32.35
CA GLN F 619 -1.15 -22.14 -31.96
C GLN F 619 -0.87 -22.18 -30.47
N THR F 620 -1.08 -23.35 -29.87
CA THR F 620 -0.66 -23.63 -28.50
C THR F 620 0.43 -24.68 -28.60
N ALA F 621 1.68 -24.26 -28.37
CA ALA F 621 2.84 -25.11 -28.50
C ALA F 621 3.73 -24.92 -27.28
N HIS F 622 4.72 -25.79 -27.15
CA HIS F 622 5.70 -25.65 -26.09
C HIS F 622 6.93 -24.96 -26.69
N ARG F 623 7.01 -23.63 -26.53
CA ARG F 623 8.20 -22.80 -26.79
C ARG F 623 8.40 -22.41 -28.24
N VAL F 624 8.15 -23.34 -29.16
CA VAL F 624 8.44 -23.13 -30.57
C VAL F 624 7.13 -23.17 -31.34
N PHE F 625 6.93 -22.18 -32.20
CA PHE F 625 5.72 -22.02 -32.99
C PHE F 625 6.13 -21.84 -34.45
N LYS F 626 5.54 -22.62 -35.35
CA LYS F 626 5.83 -22.50 -36.76
C LYS F 626 4.54 -22.17 -37.51
N PHE F 627 4.54 -21.09 -38.27
CA PHE F 627 3.38 -20.69 -39.04
C PHE F 627 3.74 -20.69 -40.52
N ASP F 628 2.79 -21.11 -41.36
CA ASP F 628 2.98 -21.01 -42.79
C ASP F 628 2.20 -19.81 -43.28
N VAL F 629 2.91 -18.84 -43.83
CA VAL F 629 2.32 -17.56 -44.16
C VAL F 629 2.44 -17.34 -45.67
N ALA F 630 1.32 -16.99 -46.29
CA ALA F 630 1.33 -16.46 -47.65
C ALA F 630 1.43 -14.94 -47.53
N LEU F 631 2.61 -14.39 -47.81
CA LEU F 631 2.81 -12.96 -47.70
C LEU F 631 2.12 -12.23 -48.84
N ASP F 632 1.70 -11.01 -48.56
CA ASP F 632 1.24 -10.09 -49.61
C ASP F 632 2.42 -9.62 -50.44
N GLU F 633 2.15 -9.27 -51.68
CA GLU F 633 3.18 -8.63 -52.48
C GLU F 633 3.66 -7.39 -51.73
N GLY F 634 4.97 -7.20 -51.70
CA GLY F 634 5.52 -6.03 -51.06
C GLY F 634 5.95 -6.27 -49.63
N PHE F 635 5.70 -5.28 -48.77
CA PHE F 635 6.17 -5.29 -47.40
C PHE F 635 5.09 -5.79 -46.46
N ASN F 636 5.51 -6.51 -45.42
CA ASN F 636 4.57 -7.28 -44.62
C ASN F 636 4.92 -7.06 -43.17
N VAL F 637 3.92 -6.67 -42.40
CA VAL F 637 4.07 -6.52 -40.95
C VAL F 637 3.68 -7.86 -40.32
N LEU F 638 4.65 -8.54 -39.75
CA LEU F 638 4.40 -9.77 -39.01
C LEU F 638 4.34 -9.41 -37.52
N MET F 639 3.18 -9.63 -36.91
CA MET F 639 3.00 -9.36 -35.49
C MET F 639 2.61 -10.65 -34.79
N ALA F 640 3.31 -10.96 -33.70
CA ALA F 640 3.03 -12.15 -32.90
C ALA F 640 2.52 -11.68 -31.55
N VAL F 641 1.37 -12.21 -31.15
CA VAL F 641 0.68 -11.80 -29.93
C VAL F 641 0.66 -13.00 -29.00
N ALA F 642 1.34 -12.88 -27.86
CA ALA F 642 1.30 -13.89 -26.83
C ALA F 642 0.29 -13.43 -25.79
N ASP F 643 0.47 -13.79 -24.53
CA ASP F 643 -0.55 -13.40 -23.56
C ASP F 643 -0.40 -11.92 -23.28
N THR F 644 0.67 -11.53 -22.57
CA THR F 644 0.89 -10.13 -22.21
C THR F 644 1.96 -9.43 -23.05
N VAL F 645 2.61 -10.10 -23.99
CA VAL F 645 3.67 -9.49 -24.77
C VAL F 645 3.35 -9.63 -26.26
N LYS F 646 4.00 -8.79 -27.07
CA LYS F 646 3.82 -8.81 -28.52
C LYS F 646 5.16 -8.54 -29.18
N ASP F 647 5.32 -9.05 -30.42
CA ASP F 647 6.50 -8.77 -31.22
C ASP F 647 6.07 -8.44 -32.64
N SER F 648 6.88 -7.61 -33.31
CA SER F 648 6.57 -7.13 -34.66
C SER F 648 7.85 -7.00 -35.46
N ILE F 649 7.82 -7.48 -36.72
CA ILE F 649 8.92 -7.36 -37.66
C ILE F 649 8.35 -7.08 -39.04
N THR F 650 9.20 -6.63 -39.96
CA THR F 650 8.78 -6.37 -41.33
C THR F 650 9.54 -7.27 -42.28
N LEU F 651 8.80 -7.90 -43.18
CA LEU F 651 9.32 -8.81 -44.18
C LEU F 651 8.90 -8.34 -45.57
N GLU F 652 9.72 -8.63 -46.55
CA GLU F 652 9.43 -8.28 -47.93
C GLU F 652 9.27 -9.56 -48.74
N LYS F 653 8.21 -9.62 -49.54
CA LYS F 653 8.08 -10.69 -50.52
C LYS F 653 8.84 -10.34 -51.79
N VAL F 654 9.67 -11.28 -52.27
CA VAL F 654 10.47 -11.14 -53.48
C VAL F 654 10.26 -12.37 -54.34
N GLU F 655 10.59 -12.25 -55.62
CA GLU F 655 10.54 -13.42 -56.51
C GLU F 655 11.74 -14.32 -56.26
N THR F 656 12.94 -13.75 -56.29
CA THR F 656 14.18 -14.45 -56.01
C THR F 656 14.83 -13.84 -54.77
N GLU F 657 15.27 -14.70 -53.86
CA GLU F 657 15.94 -14.19 -52.68
C GLU F 657 17.34 -13.71 -53.07
N PRO F 658 17.91 -12.79 -52.29
CA PRO F 658 19.22 -12.21 -52.67
C PRO F 658 20.29 -13.28 -52.81
N ALA F 659 21.22 -13.02 -53.73
CA ALA F 659 22.43 -13.83 -53.82
C ALA F 659 23.17 -13.87 -52.48
N CYS F 660 23.32 -12.70 -51.83
CA CYS F 660 24.09 -12.61 -50.59
C CYS F 660 23.41 -13.34 -49.37
N TYR F 661 22.37 -14.16 -49.48
CA TYR F 661 21.98 -15.03 -48.38
C TYR F 661 22.67 -16.39 -48.43
N THR F 662 23.44 -16.70 -49.48
CA THR F 662 24.09 -18.00 -49.58
C THR F 662 25.60 -17.83 -49.68
N LEU F 663 26.31 -18.64 -48.91
CA LEU F 663 27.75 -18.81 -49.06
C LEU F 663 28.09 -19.04 -50.51
N PRO F 664 29.09 -18.33 -51.06
CA PRO F 664 29.58 -18.49 -52.44
C PRO F 664 29.99 -19.92 -52.78
N1 FMN G . 20.64 12.07 -48.26
C2 FMN G . 21.85 11.62 -47.90
O2 FMN G . 22.64 11.21 -48.74
N3 FMN G . 22.25 11.60 -46.65
C4 FMN G . 21.51 12.00 -45.67
O4 FMN G . 21.89 11.98 -44.50
C4A FMN G . 20.21 12.48 -45.97
N5 FMN G . 19.47 12.90 -44.98
C5A FMN G . 18.25 13.36 -45.21
C6 FMN G . 17.50 13.79 -44.14
C7 FMN G . 16.26 14.25 -44.33
C7M FMN G . 15.46 14.71 -43.17
C8 FMN G . 15.72 14.33 -45.69
C8M FMN G . 14.35 14.86 -45.91
C9 FMN G . 16.48 13.90 -46.75
C9A FMN G . 17.73 13.40 -46.56
N10 FMN G . 18.51 13.00 -47.63
C10 FMN G . 19.78 12.51 -47.36
C1' FMN G . 17.89 13.05 -48.95
C2' FMN G . 18.37 13.96 -50.06
O2' FMN G . 17.66 15.14 -49.79
C3' FMN G . 17.92 13.52 -51.43
O3' FMN G . 17.56 12.15 -51.39
C4' FMN G . 18.98 13.61 -52.51
O4' FMN G . 20.18 13.14 -51.92
C5' FMN G . 19.16 15.01 -53.09
O5' FMN G . 20.22 15.71 -52.47
P FMN G . 20.45 17.27 -52.61
O1P FMN G . 21.92 17.37 -52.52
O2P FMN G . 19.84 17.65 -53.92
O3P FMN G . 19.74 17.98 -51.49
N1 FMN H . -30.10 10.34 43.61
C2 FMN H . -30.62 9.06 43.62
O2 FMN H . -31.00 8.51 44.68
N3 FMN H . -30.73 8.33 42.44
C4 FMN H . -30.32 8.87 41.24
O4 FMN H . -30.43 8.21 40.19
C4A FMN H . -29.80 10.16 41.24
N5 FMN H . -29.40 10.69 40.05
C5A FMN H . -28.87 11.95 39.97
C6 FMN H . -28.50 12.39 38.71
C7 FMN H . -27.96 13.65 38.54
C7M FMN H . -27.57 14.08 37.16
C8 FMN H . -27.81 14.48 39.66
C8M FMN H . -27.23 15.86 39.46
C9 FMN H . -28.19 14.02 40.94
C9A FMN H . -28.74 12.74 41.13
N10 FMN H . -29.16 12.23 42.39
C10 FMN H . -29.68 10.92 42.41
C1' FMN H . -29.03 12.96 43.74
C2' FMN H . -29.86 14.23 43.99
O2' FMN H . -29.22 15.33 43.35
C3' FMN H . -30.07 14.68 45.47
O3' FMN H . -28.85 15.10 46.07
C4' FMN H . -30.83 13.75 46.43
O4' FMN H . -31.27 12.53 45.84
C5' FMN H . -32.01 14.51 47.06
O5' FMN H . -33.22 14.32 46.32
P FMN H . -34.08 15.58 45.76
O1P FMN H . -35.43 15.15 45.23
O2P FMN H . -34.19 16.59 46.88
O3P FMN H . -33.39 16.23 44.58
N1 FMN I . 29.58 43.64 10.97
C2 FMN I . 30.16 43.89 9.74
O2 FMN I . 30.51 45.05 9.45
N3 FMN I . 30.34 42.83 8.87
C4 FMN I . 29.94 41.55 9.20
O4 FMN I . 30.11 40.62 8.40
C4A FMN I . 29.36 41.31 10.44
N5 FMN I . 28.96 40.02 10.78
C5A FMN I . 28.39 39.77 12.03
C6 FMN I . 27.98 38.49 12.39
C7 FMN I . 27.40 38.28 13.65
C7M FMN I . 26.96 36.90 14.04
C8 FMN I . 27.22 39.35 14.54
C8M FMN I . 26.60 39.17 15.90
C9 FMN I . 27.63 40.63 14.16
C9A FMN I . 28.20 40.84 12.92
N10 FMN I . 28.61 42.12 12.58
C10 FMN I . 29.18 42.36 11.34
C1' FMN I . 28.34 43.23 13.57
C2' FMN I . 29.53 43.99 14.13
O2' FMN I . 29.81 43.46 15.42
C3' FMN I . 29.20 45.50 14.13
O3' FMN I . 29.73 46.08 12.95
C4' FMN I . 29.72 46.25 15.37
O4' FMN I . 28.84 47.28 15.74
C5' FMN I . 31.12 46.80 15.10
O5' FMN I . 32.02 46.45 16.15
P FMN I . 33.52 45.95 15.79
O1P FMN I . 33.87 46.54 14.45
O2P FMN I . 34.51 46.42 16.83
O3P FMN I . 33.56 44.43 15.73
N1 FMN J . -49.66 2.93 -21.12
C2 FMN J . -50.30 3.08 -19.91
O2 FMN J . -51.42 3.63 -19.85
N3 FMN J . -49.72 2.63 -18.74
C4 FMN J . -48.48 2.02 -18.78
O4 FMN J . -48.00 1.63 -17.70
C4A FMN J . -47.83 1.86 -20.02
N5 FMN J . -46.60 1.24 -20.03
C5A FMN J . -45.91 1.06 -21.22
C6 FMN J . -44.67 0.44 -21.20
C7 FMN J . -43.96 0.26 -22.39
C7M FMN J . -42.63 -0.42 -22.35
C8 FMN J . -44.51 0.68 -23.60
C8M FMN J . -43.76 0.48 -24.89
C9 FMN J . -45.76 1.31 -23.61
C9A FMN J . -46.48 1.51 -22.43
N10 FMN J . -47.73 2.16 -22.47
C10 FMN J . -48.40 2.31 -21.22
C1' FMN J . -48.21 2.55 -23.88
C2' FMN J . -49.56 3.24 -24.19
O2' FMN J . -50.54 2.95 -23.22
C3' FMN J . -50.14 2.88 -25.58
O3' FMN J . -49.57 3.72 -26.56
C4' FMN J . -51.68 3.00 -25.71
O4' FMN J . -52.34 2.99 -24.45
C5' FMN J . -52.27 1.93 -26.64
O5' FMN J . -53.26 1.13 -26.02
P FMN J . -53.23 -0.50 -26.02
O1P FMN J . -52.12 -0.97 -25.09
O2P FMN J . -54.53 -1.09 -25.51
O3P FMN J . -52.97 -1.08 -27.40
N1 FMN K . -19.75 -48.35 11.62
C2 FMN K . -21.06 -48.10 11.22
O2 FMN K . -21.79 -49.03 10.85
N3 FMN K . -21.55 -46.81 11.23
C4 FMN K . -20.76 -45.75 11.63
O4 FMN K . -21.22 -44.58 11.64
C4A FMN K . -19.45 -46.00 12.05
N5 FMN K . -18.67 -44.93 12.45
C5A FMN K . -17.37 -45.13 12.85
C6 FMN K . -16.62 -44.03 13.26
C7 FMN K . -15.30 -44.24 13.67
C7M FMN K . -14.52 -43.04 14.11
C8 FMN K . -14.75 -45.53 13.68
C8M FMN K . -13.33 -45.77 14.12
C9 FMN K . -15.52 -46.62 13.27
C9A FMN K . -16.84 -46.44 12.86
N10 FMN K . -17.61 -47.53 12.46
C10 FMN K . -18.93 -47.30 12.04
C1' FMN K . -17.02 -48.93 12.41
C2' FMN K . -17.33 -49.87 13.57
O2' FMN K . -16.76 -49.31 14.74
C3' FMN K . -16.81 -51.31 13.33
O3' FMN K . -15.95 -51.38 12.20
C4' FMN K . -17.91 -52.34 13.12
O4' FMN K . -18.54 -52.11 11.88
C5' FMN K . -18.93 -52.25 14.24
O5' FMN K . -19.23 -53.51 14.82
P FMN K . -19.65 -53.57 16.38
O1P FMN K . -19.44 -52.23 17.04
O2P FMN K . -18.79 -54.62 17.08
O3P FMN K . -21.12 -53.91 16.47
N1 FMN L . 49.40 -21.15 3.61
C2 FMN L . 50.15 -20.00 3.81
O2 FMN L . 51.24 -20.07 4.40
N3 FMN L . 49.69 -18.77 3.35
C4 FMN L . 48.48 -18.69 2.69
O4 FMN L . 48.07 -17.60 2.29
C4A FMN L . 47.71 -19.85 2.47
N5 FMN L . 46.50 -19.77 1.81
C5A FMN L . 45.73 -20.90 1.60
C6 FMN L . 44.50 -20.80 0.92
C7 FMN L . 43.73 -21.95 0.72
C7M FMN L . 42.42 -21.83 -0.01
C8 FMN L . 44.19 -23.20 1.18
C8M FMN L . 43.43 -24.49 0.99
C9 FMN L . 45.42 -23.28 1.85
C9A FMN L . 46.18 -22.13 2.06
N10 FMN L . 47.40 -22.24 2.73
C10 FMN L . 48.17 -21.09 2.95
C1' FMN L . 47.79 -23.62 3.21
C2' FMN L . 49.16 -24.14 2.81
O2' FMN L . 48.94 -25.17 1.88
C3' FMN L . 49.97 -24.62 4.02
O3' FMN L . 50.76 -23.55 4.53
C4' FMN L . 50.90 -25.79 3.67
O4' FMN L . 51.33 -26.51 4.81
C5' FMN L . 52.12 -25.25 2.92
O5' FMN L . 52.66 -26.29 2.14
P FMN L . 53.69 -25.94 0.94
O1P FMN L . 54.69 -24.94 1.47
O2P FMN L . 52.95 -25.39 -0.26
O3P FMN L . 54.41 -27.22 0.54
#